data_4PEM
#
_entry.id   4PEM
#
_cell.length_a   54.000
_cell.length_b   124.561
_cell.length_c   135.139
_cell.angle_alpha   104.05
_cell.angle_beta   101.37
_cell.angle_gamma   96.51
#
_symmetry.space_group_name_H-M   'P 1'
#
loop_
_entity.id
_entity.type
_entity.pdbx_description
1 polymer 'Penicillin G acylase Alpha'
2 polymer 'Penicillin G acylase Beta'
3 non-polymer 'CALCIUM ION'
4 water water
#
loop_
_entity_poly.entity_id
_entity_poly.type
_entity_poly.pdbx_seq_one_letter_code
_entity_poly.pdbx_strand_id
1 'polypeptide(L)'
;MKNRNRMIVNGIVTSLICCSSLSALAASPPTEVKIVRDEYGMPHIYADDTYRLFYGYGYVVAQDRLFQMEMARRSTQGTV
SEVLGKAFVSFDKDIRQNYWPDSIRAQIASLSAEDKSILQGYADGMNAWIDKVNASPDKLLPQQFSTFGFKPKHWEPFDV
AMIFVGTMANRFSDSTSEIDNLALLTALKDKYGKQQGMAVFNQLKWLVNPSAPTTIAARESAYPLKFDLQNTQTAALLPR
YDQPAPMLDRPAKGTDGALLALTADQNRETIAAQFAQSGANGLAGY
;
A,C,E,G
2 'polypeptide(L)'
;PTTGNMWVIGKNKAQDAKAIMVNGPQFGWYAPAYTYGIGLHGAGYDVTGNTPFAYPGLVFGHNGTISWGSTAGFGDDVDI
FAEKLSAEKPGYYQHNGEWVKMLSRKETIAVKDGQPETFTVWRTLHGNVIKTDTATQTAYAKARAWDGKEVASLLAWTHQ
MKAKNWPEWTQQAAKQALTINWYYADVNGNIGYVHTGAYPDRQPGHDPRLPVPGTGKWDWKGLLSFDLNPKVYNPQSGYI
ANWNNSPQKDYPASDLFAFLWGGADRVTEIDTILDKQPRFTADQAWDVIRQTSRRDLNLRLFLPALKDATANLAENDPRR
QLVDKLASWDGENLVNDDGKTYQQPGSAILNAWLTSMLKRTVVAAVPAPFGKWYSASGYETTQDGPTGSLNISVGAKILY
EALQGDKSPIPQAVDLFGGKPQQEVILAALDDAWQTLSKRYGNDVTGWKTPAMALTFRANNFFGVPQAAAKEARHQAEYQ
NRGTENDMIVFSPTSGNRPVLAWDVVAPGQSGFIAPDGKADKHYDDQLKMYESFGRKSLWLTPQDVDEHKESQEVLQVQR
LEHHHHHH
;
B,D,F,H
#
# COMPACT_ATOMS: atom_id res chain seq x y z
N PRO A 29 -9.98 6.26 -29.72
CA PRO A 29 -10.95 5.20 -30.04
C PRO A 29 -12.09 5.28 -29.04
N PRO A 30 -13.34 5.14 -29.53
CA PRO A 30 -14.56 5.27 -28.72
C PRO A 30 -14.74 4.08 -27.78
N THR A 31 -14.30 2.90 -28.22
CA THR A 31 -14.43 1.66 -27.47
C THR A 31 -13.37 1.48 -26.37
N GLU A 32 -12.46 2.43 -26.26
CA GLU A 32 -11.35 2.32 -25.34
C GLU A 32 -11.79 2.64 -23.93
N VAL A 33 -11.26 1.89 -22.97
CA VAL A 33 -11.37 2.23 -21.55
C VAL A 33 -9.98 2.20 -20.94
N ILE A 35 -7.69 2.24 -17.81
CA ILE A 35 -7.44 2.08 -16.38
C ILE A 35 -6.03 2.48 -15.99
N VAL A 36 -5.90 3.38 -15.00
CA VAL A 36 -4.60 3.72 -14.41
C VAL A 36 -4.66 3.50 -12.88
N ARG A 37 -3.59 3.02 -12.25
CA ARG A 37 -3.57 2.85 -10.77
C ARG A 37 -2.50 3.68 -10.10
N ASP A 38 -2.78 4.13 -8.87
CA ASP A 38 -1.87 5.06 -8.17
C ASP A 38 -0.92 4.33 -7.23
N TYR A 40 -0.76 3.65 -4.26
CA TYR A 40 -1.38 2.81 -3.23
C TYR A 40 -2.42 1.85 -3.82
N GLY A 41 -2.49 1.76 -5.14
CA GLY A 41 -3.27 0.72 -5.80
C GLY A 41 -4.59 1.14 -6.30
N MET A 42 -4.94 2.40 -6.00
CA MET A 42 -6.29 2.93 -6.29
C MET A 42 -6.51 3.20 -7.77
N PRO A 43 -7.52 2.55 -8.38
CA PRO A 43 -7.73 2.67 -9.82
C PRO A 43 -8.47 3.92 -10.24
N HIS A 44 -8.11 4.47 -11.37
CA HIS A 44 -8.87 5.49 -12.02
C HIS A 44 -9.30 5.00 -13.37
N ILE A 45 -10.57 5.19 -13.72
CA ILE A 45 -11.14 4.60 -14.94
C ILE A 45 -11.38 5.73 -15.90
N TYR A 46 -11.03 5.53 -17.18
CA TYR A 46 -11.30 6.50 -18.25
C TYR A 46 -12.10 5.88 -19.41
N ALA A 47 -13.31 6.41 -19.60
CA ALA A 47 -14.20 6.01 -20.66
C ALA A 47 -15.13 7.15 -21.04
N ASP A 48 -15.72 7.06 -22.25
CA ASP A 48 -16.51 8.15 -22.84
C ASP A 48 -17.99 7.81 -22.97
N ASP A 49 -18.45 6.83 -22.20
CA ASP A 49 -19.87 6.49 -22.12
C ASP A 49 -20.18 5.69 -20.84
N TYR A 51 -21.76 3.00 -20.04
CA TYR A 51 -21.65 1.55 -19.99
C TYR A 51 -20.21 1.18 -19.81
N LEU A 53 -17.82 2.97 -18.70
CA LEU A 53 -17.24 3.64 -17.52
C LEU A 53 -17.34 2.72 -16.31
N PHE A 54 -18.54 2.18 -16.11
CA PHE A 54 -18.80 1.26 -15.00
C PHE A 54 -18.33 -0.15 -15.31
N TYR A 55 -18.06 -0.43 -16.57
CA TYR A 55 -17.45 -1.69 -16.96
C TYR A 55 -16.03 -1.67 -16.39
N GLY A 56 -15.32 -0.57 -16.62
CA GLY A 56 -14.03 -0.35 -15.98
C GLY A 56 -14.11 -0.55 -14.48
N TYR A 57 -15.06 0.09 -13.86
CA TYR A 57 -15.25 -0.10 -12.44
C TYR A 57 -15.39 -1.58 -12.09
N GLY A 58 -16.34 -2.26 -12.73
CA GLY A 58 -16.60 -3.66 -12.43
C GLY A 58 -15.34 -4.49 -12.56
N TYR A 59 -14.58 -4.22 -13.62
CA TYR A 59 -13.31 -4.89 -13.86
C TYR A 59 -12.34 -4.78 -12.65
N VAL A 60 -12.02 -3.58 -12.23
CA VAL A 60 -10.95 -3.40 -11.24
C VAL A 60 -11.33 -3.99 -9.89
N VAL A 61 -12.62 -3.92 -9.59
CA VAL A 61 -13.19 -4.52 -8.38
C VAL A 61 -13.01 -6.03 -8.38
N ALA A 62 -13.29 -6.68 -9.51
CA ALA A 62 -13.13 -8.16 -9.60
C ALA A 62 -11.68 -8.56 -9.50
N GLN A 63 -10.76 -7.66 -9.83
CA GLN A 63 -9.36 -7.94 -9.60
C GLN A 63 -9.03 -7.79 -8.11
N ASP A 64 -9.54 -6.77 -7.45
CA ASP A 64 -9.07 -6.45 -6.10
C ASP A 64 -9.81 -7.22 -5.01
N ARG A 65 -11.11 -7.43 -5.21
CA ARG A 65 -11.98 -7.93 -4.15
C ARG A 65 -12.93 -9.08 -4.58
N LEU A 66 -12.54 -9.88 -5.56
CA LEU A 66 -13.46 -10.87 -6.12
C LEU A 66 -14.06 -11.79 -5.07
N PHE A 67 -13.29 -12.19 -4.05
CA PHE A 67 -13.83 -13.11 -3.07
C PHE A 67 -14.74 -12.42 -2.10
N GLN A 68 -14.33 -11.25 -1.60
CA GLN A 68 -15.15 -10.45 -0.69
C GLN A 68 -16.48 -10.13 -1.34
N MET A 69 -16.43 -9.77 -2.61
CA MET A 69 -17.63 -9.37 -3.37
C MET A 69 -18.56 -10.50 -3.67
N GLU A 70 -18.02 -11.68 -3.90
CA GLU A 70 -18.81 -12.90 -4.06
C GLU A 70 -19.52 -13.27 -2.76
N MET A 71 -18.88 -13.10 -1.61
CA MET A 71 -19.51 -13.42 -0.31
C MET A 71 -20.44 -12.30 0.18
N ALA A 72 -20.39 -11.12 -0.43
CA ALA A 72 -21.42 -10.10 -0.18
C ALA A 72 -22.65 -10.46 -1.03
N ARG A 73 -22.43 -10.96 -2.26
CA ARG A 73 -23.53 -11.38 -3.12
C ARG A 73 -24.31 -12.52 -2.51
N ARG A 74 -23.63 -13.47 -1.89
CA ARG A 74 -24.29 -14.60 -1.23
C ARG A 74 -25.00 -14.21 0.06
N SER A 75 -24.42 -13.23 0.75
CA SER A 75 -24.99 -12.73 1.98
C SER A 75 -26.24 -11.90 1.73
N THR A 76 -26.22 -11.03 0.73
CA THR A 76 -27.36 -10.16 0.45
C THR A 76 -28.55 -10.90 -0.15
N GLN A 77 -28.30 -12.08 -0.69
CA GLN A 77 -29.35 -12.89 -1.30
C GLN A 77 -29.68 -14.16 -0.53
N GLY A 78 -28.98 -14.38 0.58
CA GLY A 78 -29.18 -15.59 1.35
C GLY A 78 -28.90 -16.91 0.60
N THR A 79 -27.77 -16.94 -0.10
CA THR A 79 -27.25 -18.18 -0.69
C THR A 79 -25.94 -18.71 -0.05
N VAL A 80 -25.62 -18.30 1.18
CA VAL A 80 -24.32 -18.60 1.79
C VAL A 80 -24.12 -20.12 2.04
N SER A 81 -25.21 -20.83 2.34
CA SER A 81 -25.13 -22.25 2.70
C SER A 81 -24.93 -23.15 1.49
N GLU A 82 -25.16 -22.62 0.29
CA GLU A 82 -24.82 -23.31 -0.96
C GLU A 82 -23.36 -23.69 -1.05
N VAL A 83 -22.50 -22.90 -0.40
CA VAL A 83 -21.07 -23.21 -0.39
C VAL A 83 -20.50 -23.49 0.98
N LEU A 84 -21.12 -22.98 2.03
CA LEU A 84 -20.60 -23.05 3.40
C LEU A 84 -21.32 -24.04 4.29
N GLY A 85 -22.38 -24.68 3.81
CA GLY A 85 -23.05 -25.75 4.54
C GLY A 85 -24.10 -25.31 5.56
N ALA A 87 -24.66 -24.53 8.68
CA ALA A 87 -24.63 -23.62 9.85
C ALA A 87 -25.27 -22.30 9.50
N PHE A 88 -25.49 -22.07 8.21
CA PHE A 88 -25.95 -20.78 7.71
C PHE A 88 -27.38 -20.82 7.18
N VAL A 89 -28.11 -21.88 7.50
CA VAL A 89 -29.48 -22.02 7.04
C VAL A 89 -30.39 -21.00 7.74
N PHE A 91 -29.59 -18.19 8.90
CA PHE A 91 -29.18 -16.90 8.37
C PHE A 91 -29.75 -16.75 6.98
N ASP A 92 -29.60 -17.79 6.18
CA ASP A 92 -30.10 -17.75 4.80
C ASP A 92 -31.60 -17.44 4.79
N LYS A 93 -32.36 -18.13 5.66
CA LYS A 93 -33.80 -17.89 5.78
C LYS A 93 -34.11 -16.46 6.19
N ILE A 95 -32.59 -13.70 5.82
CA ILE A 95 -32.34 -12.81 4.67
C ILE A 95 -33.46 -12.87 3.63
N ARG A 96 -33.86 -14.06 3.23
CA ARG A 96 -34.90 -14.21 2.16
C ARG A 96 -36.32 -13.80 2.56
N ASN A 98 -36.77 -11.42 4.58
CA ASN A 98 -36.69 -9.97 4.83
C ASN A 98 -36.74 -9.12 3.57
N TYR A 99 -37.02 -9.72 2.42
CA TYR A 99 -37.28 -8.92 1.25
C TYR A 99 -38.07 -9.64 0.15
N TRP A 100 -38.44 -8.87 -0.88
CA TRP A 100 -39.25 -9.36 -2.01
C TRP A 100 -38.50 -9.10 -3.33
N PRO A 101 -37.71 -10.09 -3.80
CA PRO A 101 -36.83 -9.83 -4.93
C PRO A 101 -37.57 -9.40 -6.20
N ASP A 102 -38.82 -9.86 -6.39
CA ASP A 102 -39.55 -9.49 -7.58
C ASP A 102 -39.83 -7.99 -7.66
N SER A 103 -39.96 -7.34 -6.51
CA SER A 103 -40.06 -5.89 -6.44
C SER A 103 -38.81 -5.26 -7.08
N ILE A 104 -37.65 -5.68 -6.59
CA ILE A 104 -36.36 -5.14 -7.03
C ILE A 104 -36.09 -5.50 -8.50
N ARG A 105 -36.45 -6.71 -8.91
CA ARG A 105 -36.44 -7.09 -10.33
C ARG A 105 -37.20 -6.10 -11.15
N ALA A 106 -38.44 -5.86 -10.76
CA ALA A 106 -39.32 -4.97 -11.51
C ALA A 106 -38.80 -3.53 -11.52
N GLN A 107 -38.15 -3.09 -10.46
CA GLN A 107 -37.62 -1.73 -10.43
C GLN A 107 -36.54 -1.58 -11.50
N ILE A 108 -35.71 -2.62 -11.62
CA ILE A 108 -34.60 -2.61 -12.54
C ILE A 108 -35.13 -2.60 -13.97
N ALA A 109 -36.25 -3.30 -14.19
CA ALA A 109 -36.80 -3.47 -15.52
C ALA A 109 -37.36 -2.16 -16.08
N SER A 110 -37.77 -1.26 -15.19
CA SER A 110 -38.39 0.00 -15.61
C SER A 110 -37.41 1.16 -15.63
N LEU A 111 -36.12 0.86 -15.60
CA LEU A 111 -35.11 1.90 -15.69
C LEU A 111 -34.95 2.37 -17.13
N SER A 112 -34.54 3.63 -17.25
CA SER A 112 -34.08 4.21 -18.50
C SER A 112 -32.87 3.43 -18.99
N ALA A 113 -32.62 3.45 -20.29
CA ALA A 113 -31.47 2.75 -20.87
C ALA A 113 -30.15 3.21 -20.26
N GLU A 114 -30.06 4.49 -19.93
CA GLU A 114 -28.83 5.04 -19.39
C GLU A 114 -28.60 4.60 -17.94
N ASP A 115 -29.62 4.70 -17.12
CA ASP A 115 -29.56 4.17 -15.76
C ASP A 115 -29.17 2.66 -15.73
N LYS A 116 -29.81 1.89 -16.61
CA LYS A 116 -29.57 0.47 -16.74
C LYS A 116 -28.12 0.16 -17.13
N SER A 117 -27.53 1.02 -17.96
CA SER A 117 -26.11 0.89 -18.36
C SER A 117 -25.13 0.84 -17.19
N ILE A 118 -25.43 1.58 -16.12
CA ILE A 118 -24.59 1.51 -14.95
C ILE A 118 -24.55 0.07 -14.51
N LEU A 119 -25.71 -0.48 -14.21
CA LEU A 119 -25.77 -1.84 -13.65
C LEU A 119 -25.27 -2.91 -14.62
N GLN A 120 -25.76 -2.85 -15.87
CA GLN A 120 -25.30 -3.75 -16.93
C GLN A 120 -23.78 -3.75 -17.12
N GLY A 121 -23.17 -2.55 -17.12
CA GLY A 121 -21.74 -2.40 -17.37
C GLY A 121 -20.87 -2.87 -16.23
N TYR A 122 -21.24 -2.48 -15.02
CA TYR A 122 -20.56 -2.97 -13.82
C TYR A 122 -20.53 -4.50 -13.83
N ALA A 123 -21.68 -5.13 -14.08
CA ALA A 123 -21.75 -6.60 -14.14
C ALA A 123 -20.85 -7.20 -15.22
N ASP A 124 -20.87 -6.60 -16.40
CA ASP A 124 -20.06 -7.10 -17.52
C ASP A 124 -18.57 -6.89 -17.25
N GLY A 125 -18.22 -5.74 -16.68
CA GLY A 125 -16.86 -5.50 -16.18
C GLY A 125 -16.40 -6.63 -15.29
N MET A 126 -17.20 -6.96 -14.30
CA MET A 126 -16.84 -8.02 -13.34
C MET A 126 -16.63 -9.34 -14.03
N ASN A 127 -17.61 -9.72 -14.84
CA ASN A 127 -17.55 -10.94 -15.67
C ASN A 127 -16.34 -11.09 -16.58
N ALA A 128 -15.91 -10.01 -17.21
CA ALA A 128 -14.75 -10.06 -18.09
C ALA A 128 -13.52 -10.58 -17.34
N TRP A 129 -13.25 -10.03 -16.15
CA TRP A 129 -12.12 -10.49 -15.32
C TRP A 129 -12.34 -11.83 -14.62
N ASP A 131 -13.92 -14.36 -16.21
CA ASP A 131 -13.59 -15.20 -17.38
C ASP A 131 -12.10 -15.48 -17.49
N LYS A 132 -11.29 -14.47 -17.20
CA LYS A 132 -9.84 -14.62 -17.16
C LYS A 132 -9.38 -15.42 -15.93
N VAL A 133 -10.10 -15.30 -14.83
CA VAL A 133 -9.74 -16.04 -13.65
C VAL A 133 -10.03 -17.50 -13.87
N ASN A 134 -11.16 -17.77 -14.50
CA ASN A 134 -11.52 -19.14 -14.85
C ASN A 134 -10.68 -19.76 -15.93
N ALA A 135 -10.08 -18.94 -16.79
CA ALA A 135 -9.21 -19.46 -17.85
C ALA A 135 -7.80 -19.79 -17.33
N SER A 136 -7.43 -19.27 -16.16
CA SER A 136 -6.09 -19.43 -15.59
C SER A 136 -6.09 -19.39 -14.06
N PRO A 137 -6.71 -20.38 -13.42
CA PRO A 137 -6.90 -20.44 -11.98
C PRO A 137 -5.64 -20.72 -11.16
N LEU A 140 -4.57 -16.88 -11.17
CA LEU A 140 -5.40 -15.70 -10.95
C LEU A 140 -6.51 -15.92 -9.92
N LEU A 141 -6.95 -17.15 -9.73
CA LEU A 141 -8.00 -17.46 -8.76
C LEU A 141 -7.56 -17.12 -7.31
N PRO A 142 -8.27 -16.18 -6.65
CA PRO A 142 -7.94 -15.91 -5.26
C PRO A 142 -7.86 -17.18 -4.41
N GLN A 143 -6.87 -17.23 -3.51
CA GLN A 143 -6.61 -18.41 -2.71
C GLN A 143 -7.87 -18.84 -2.01
N GLN A 144 -8.62 -17.86 -1.53
CA GLN A 144 -9.81 -18.13 -0.71
C GLN A 144 -10.81 -19.05 -1.37
N PHE A 145 -10.98 -18.95 -2.69
CA PHE A 145 -11.91 -19.83 -3.40
C PHE A 145 -11.49 -21.28 -3.20
N SER A 146 -10.19 -21.54 -3.39
CA SER A 146 -9.57 -22.85 -3.15
C SER A 146 -9.78 -23.34 -1.69
N THR A 147 -9.45 -22.49 -0.72
CA THR A 147 -9.61 -22.80 0.69
C THR A 147 -11.07 -23.19 0.99
N PHE A 148 -12.02 -22.42 0.46
CA PHE A 148 -13.45 -22.63 0.74
C PHE A 148 -14.13 -23.55 -0.26
N GLY A 149 -13.51 -23.83 -1.39
CA GLY A 149 -13.93 -24.92 -2.26
C GLY A 149 -15.00 -24.66 -3.31
N PHE A 150 -15.08 -23.46 -3.82
CA PHE A 150 -15.98 -23.17 -4.96
C PHE A 150 -15.36 -22.14 -5.91
N PRO A 152 -15.89 -18.71 -8.37
CA PRO A 152 -16.76 -17.62 -8.80
C PRO A 152 -17.62 -17.84 -10.09
N LYS A 153 -18.75 -17.15 -10.14
CA LYS A 153 -19.68 -17.23 -11.23
C LYS A 153 -19.89 -15.82 -11.73
N HIS A 154 -20.53 -15.69 -12.88
CA HIS A 154 -20.81 -14.38 -13.43
C HIS A 154 -21.86 -13.59 -12.61
N TRP A 155 -21.96 -12.30 -12.91
CA TRP A 155 -22.90 -11.42 -12.24
C TRP A 155 -23.98 -10.92 -13.20
N GLU A 156 -25.04 -10.35 -12.61
CA GLU A 156 -26.10 -9.66 -13.33
C GLU A 156 -26.35 -8.28 -12.69
N PRO A 157 -27.12 -7.43 -13.38
CA PRO A 157 -27.47 -6.15 -12.77
C PRO A 157 -28.21 -6.30 -11.43
N PHE A 158 -29.03 -7.36 -11.31
CA PHE A 158 -29.73 -7.68 -10.06
C PHE A 158 -28.76 -7.90 -8.87
N ASP A 159 -27.72 -8.69 -9.11
CA ASP A 159 -26.71 -8.99 -8.13
C ASP A 159 -26.05 -7.69 -7.68
N VAL A 160 -25.77 -6.82 -8.63
CA VAL A 160 -25.05 -5.59 -8.34
C VAL A 160 -25.93 -4.71 -7.48
N ALA A 161 -27.14 -4.46 -7.97
CA ALA A 161 -28.15 -3.75 -7.20
C ALA A 161 -28.27 -4.34 -5.81
N MET A 162 -28.41 -5.67 -5.78
CA MET A 162 -28.61 -6.38 -4.54
C MET A 162 -27.52 -6.15 -3.52
N ILE A 163 -26.32 -5.79 -3.97
CA ILE A 163 -25.21 -5.56 -3.06
C ILE A 163 -25.50 -4.33 -2.19
N PHE A 164 -26.08 -3.32 -2.83
CA PHE A 164 -26.54 -2.07 -2.18
C PHE A 164 -27.80 -2.31 -1.35
N VAL A 165 -28.77 -2.98 -1.95
CA VAL A 165 -30.05 -3.13 -1.29
C VAL A 165 -29.93 -4.06 -0.08
N GLY A 166 -29.07 -5.06 -0.19
CA GLY A 166 -28.86 -5.99 0.90
C GLY A 166 -28.19 -5.34 2.10
N THR A 167 -27.43 -4.29 1.86
CA THR A 167 -26.63 -3.64 2.88
C THR A 167 -27.22 -2.32 3.37
N MET A 168 -27.28 -1.30 2.51
CA MET A 168 -27.82 0.02 2.89
C MET A 168 -29.29 -0.02 3.27
N ALA A 169 -30.08 -0.81 2.56
CA ALA A 169 -31.52 -0.76 2.73
C ALA A 169 -32.04 -1.83 3.70
N ASN A 170 -31.89 -3.11 3.31
CA ASN A 170 -32.47 -4.23 4.06
C ASN A 170 -31.78 -4.42 5.40
N ARG A 171 -30.58 -3.84 5.55
CA ARG A 171 -29.87 -3.92 6.80
C ARG A 171 -29.88 -2.64 7.62
N PHE A 172 -29.40 -1.57 7.02
CA PHE A 172 -29.08 -0.36 7.76
C PHE A 172 -30.21 0.69 7.79
N SER A 173 -31.10 0.70 6.80
CA SER A 173 -32.21 1.61 6.81
C SER A 173 -33.48 0.93 7.28
N ASP A 174 -33.33 -0.17 8.01
CA ASP A 174 -34.47 -1.02 8.33
C ASP A 174 -34.57 -1.29 9.82
N SER A 175 -34.23 -0.30 10.63
CA SER A 175 -34.03 -0.49 12.05
C SER A 175 -35.36 -0.33 12.77
N THR A 176 -35.93 -1.43 13.24
CA THR A 176 -37.11 -1.38 14.09
C THR A 176 -37.03 -2.45 15.19
N SER A 177 -37.65 -2.18 16.33
CA SER A 177 -37.83 -3.20 17.34
C SER A 177 -39.23 -3.11 17.90
N GLU A 178 -40.19 -2.69 17.08
CA GLU A 178 -41.55 -2.49 17.53
C GLU A 178 -42.10 -3.78 18.16
N ASP A 180 -40.36 -6.17 19.69
CA ASP A 180 -39.63 -6.21 20.97
C ASP A 180 -40.18 -5.15 21.93
N ASN A 181 -40.66 -4.03 21.37
CA ASN A 181 -41.22 -2.94 22.16
C ASN A 181 -42.56 -3.29 22.79
N LEU A 182 -43.39 -3.99 22.01
CA LEU A 182 -44.70 -4.46 22.48
C LEU A 182 -44.60 -5.56 23.55
N ALA A 183 -43.58 -6.40 23.46
CA ALA A 183 -43.25 -7.37 24.50
C ALA A 183 -42.77 -6.71 25.80
N LEU A 184 -41.99 -5.65 25.66
CA LEU A 184 -41.59 -4.84 26.82
C LEU A 184 -42.84 -4.16 27.41
N LEU A 185 -43.73 -3.68 26.54
CA LEU A 185 -44.90 -2.99 27.02
C LEU A 185 -45.82 -3.95 27.76
N THR A 186 -45.99 -5.14 27.19
CA THR A 186 -46.86 -6.13 27.78
C THR A 186 -46.37 -6.40 29.19
N ALA A 187 -45.07 -6.61 29.33
CA ALA A 187 -44.50 -6.96 30.65
C ALA A 187 -44.56 -5.79 31.59
N LEU A 188 -44.36 -4.59 31.06
CA LEU A 188 -44.47 -3.36 31.89
C LEU A 188 -45.86 -3.17 32.48
N LYS A 189 -46.88 -3.57 31.72
CA LYS A 189 -48.27 -3.42 32.17
C LYS A 189 -48.66 -4.51 33.16
N ASP A 190 -48.07 -5.70 33.02
CA ASP A 190 -48.28 -6.81 33.92
C ASP A 190 -47.61 -6.56 35.29
N LYS A 191 -46.77 -5.55 35.38
CA LYS A 191 -46.08 -5.24 36.62
C LYS A 191 -46.61 -3.97 37.26
N TYR A 192 -46.92 -2.95 36.45
CA TYR A 192 -47.41 -1.65 36.97
C TYR A 192 -48.89 -1.38 36.74
N GLY A 193 -49.54 -2.18 35.90
CA GLY A 193 -50.90 -1.89 35.46
C GLY A 193 -50.92 -1.17 34.13
N LYS A 194 -52.08 -1.10 33.49
CA LYS A 194 -52.16 -0.54 32.15
C LYS A 194 -51.65 0.90 32.06
N GLN A 195 -52.16 1.77 32.93
CA GLN A 195 -51.84 3.18 32.88
C GLN A 195 -50.37 3.42 33.23
N GLN A 196 -49.93 2.93 34.37
CA GLN A 196 -48.58 3.23 34.86
C GLN A 196 -47.52 2.50 34.03
N GLY A 197 -47.89 1.35 33.46
CA GLY A 197 -47.02 0.66 32.55
C GLY A 197 -46.67 1.54 31.36
N MET A 198 -47.69 2.13 30.73
CA MET A 198 -47.49 2.96 29.55
C MET A 198 -46.70 4.24 29.92
N ALA A 199 -46.88 4.73 31.15
CA ALA A 199 -46.05 5.85 31.62
C ALA A 199 -44.61 5.47 31.81
N VAL A 200 -44.34 4.23 32.21
CA VAL A 200 -42.95 3.77 32.36
C VAL A 200 -42.33 3.50 30.98
N PHE A 201 -43.13 2.97 30.04
CA PHE A 201 -42.66 2.83 28.66
C PHE A 201 -42.21 4.13 28.01
N ASN A 202 -42.90 5.23 28.30
CA ASN A 202 -42.51 6.57 27.84
C ASN A 202 -41.26 7.10 28.54
N GLN A 203 -40.96 6.59 29.73
CA GLN A 203 -39.74 6.97 30.47
C GLN A 203 -38.49 6.26 29.88
N LEU A 204 -38.69 5.07 29.28
CA LEU A 204 -37.58 4.22 28.77
C LEU A 204 -37.31 4.34 27.26
N LYS A 205 -38.36 4.70 26.52
CA LYS A 205 -38.32 4.82 25.08
C LYS A 205 -39.14 6.05 24.78
N TRP A 206 -38.57 7.22 25.05
CA TRP A 206 -39.31 8.46 24.96
C TRP A 206 -39.59 8.80 23.49
N LEU A 207 -40.73 9.45 23.25
CA LEU A 207 -41.17 9.73 21.89
C LEU A 207 -40.36 10.87 21.29
N VAL A 208 -40.14 11.92 22.06
CA VAL A 208 -39.23 13.01 21.72
C VAL A 208 -38.61 13.62 22.97
N ASN A 209 -37.43 14.18 22.81
CA ASN A 209 -36.77 14.79 23.93
C ASN A 209 -36.20 16.10 23.41
N PRO A 210 -36.78 17.24 23.84
CA PRO A 210 -36.31 18.56 23.42
C PRO A 210 -34.93 18.99 23.97
N SER A 211 -34.32 18.23 24.88
CA SER A 211 -32.96 18.59 25.37
C SER A 211 -31.82 17.94 24.58
N ALA A 212 -32.16 17.22 23.51
CA ALA A 212 -31.20 16.50 22.67
C ALA A 212 -30.39 17.41 21.73
N PRO A 213 -29.04 17.26 21.68
CA PRO A 213 -28.24 18.02 20.71
C PRO A 213 -28.56 17.64 19.26
N THR A 214 -28.70 18.66 18.42
CA THR A 214 -29.18 18.53 17.07
C THR A 214 -28.19 19.18 16.10
N THR A 215 -27.97 18.58 14.93
CA THR A 215 -26.95 19.11 13.99
C THR A 215 -27.39 20.46 13.49
N ILE A 216 -28.64 20.56 13.03
CA ILE A 216 -29.28 21.85 12.74
C ILE A 216 -29.66 22.56 14.04
N ALA A 217 -29.11 23.73 14.26
CA ALA A 217 -29.34 24.44 15.51
C ALA A 217 -30.79 24.78 15.56
N ALA A 218 -31.33 24.91 16.78
CA ALA A 218 -32.75 25.17 16.95
C ALA A 218 -33.17 26.51 16.35
N ARG A 219 -32.26 27.47 16.26
CA ARG A 219 -32.59 28.74 15.67
C ARG A 219 -32.59 28.71 14.15
N SER A 221 -34.03 26.30 12.43
CA SER A 221 -35.35 25.71 12.15
C SER A 221 -35.70 24.63 13.20
N ALA A 222 -36.93 24.13 13.16
CA ALA A 222 -37.38 23.00 13.99
C ALA A 222 -38.32 22.10 13.17
N TYR A 223 -38.57 20.90 13.67
CA TYR A 223 -39.41 19.93 12.98
C TYR A 223 -40.90 20.21 13.26
N PRO A 224 -41.65 20.56 12.20
CA PRO A 224 -43.00 21.12 12.36
C PRO A 224 -44.07 20.10 12.76
N LEU A 225 -43.84 18.83 12.48
CA LEU A 225 -44.79 17.78 12.81
C LEU A 225 -44.73 17.43 14.29
N LYS A 226 -45.69 17.92 15.06
CA LYS A 226 -45.75 17.67 16.49
C LYS A 226 -46.81 16.63 16.83
N THR A 234 -52.78 4.76 19.91
CA THR A 234 -53.19 3.48 19.38
C THR A 234 -52.61 2.28 20.13
N ALA A 235 -51.76 2.54 21.12
CA ALA A 235 -51.09 1.51 21.91
C ALA A 235 -52.08 0.66 22.69
N ALA A 236 -53.20 1.26 23.09
CA ALA A 236 -54.25 0.55 23.82
C ALA A 236 -55.20 -0.25 22.91
N LEU A 237 -54.88 -0.39 21.62
CA LEU A 237 -55.65 -1.25 20.72
C LEU A 237 -54.94 -2.58 20.43
N LEU A 238 -53.78 -2.79 21.06
CA LEU A 238 -52.89 -3.87 20.68
C LEU A 238 -53.07 -5.11 21.53
N PRO A 239 -52.99 -6.29 20.90
CA PRO A 239 -52.95 -7.53 21.68
C PRO A 239 -51.73 -7.57 22.58
N ARG A 240 -51.60 -8.64 23.36
CA ARG A 240 -50.45 -8.88 24.22
C ARG A 240 -49.36 -9.58 23.41
N TYR A 241 -48.10 -9.39 23.83
CA TYR A 241 -47.00 -10.15 23.25
C TYR A 241 -46.31 -10.96 24.33
N ASP A 242 -46.71 -12.23 24.42
CA ASP A 242 -46.21 -13.08 25.48
C ASP A 242 -45.06 -13.95 25.00
N PRO A 244 -41.22 -14.85 23.57
CA PRO A 244 -39.87 -14.26 23.55
C PRO A 244 -39.74 -13.14 22.53
N ALA A 245 -39.13 -12.03 22.95
CA ALA A 245 -38.89 -10.88 22.05
C ALA A 245 -38.07 -11.31 20.83
N PRO A 246 -38.50 -10.96 19.60
CA PRO A 246 -37.77 -11.32 18.38
C PRO A 246 -36.28 -11.01 18.37
N MET A 247 -35.88 -9.94 19.09
CA MET A 247 -34.46 -9.59 19.18
C MET A 247 -33.60 -10.72 19.71
N LEU A 248 -34.22 -11.69 20.38
CA LEU A 248 -33.50 -12.88 20.87
C LEU A 248 -33.26 -13.93 19.79
N ASP A 249 -34.01 -13.89 18.68
CA ASP A 249 -33.84 -14.89 17.59
C ASP A 249 -32.93 -14.44 16.46
N ARG A 250 -32.21 -13.34 16.67
CA ARG A 250 -31.18 -12.90 15.76
C ARG A 250 -29.97 -13.79 15.87
N ALA A 252 -26.69 -15.26 16.73
CA ALA A 252 -25.58 -14.72 17.53
C ALA A 252 -24.24 -14.92 16.84
N LYS A 253 -23.33 -13.98 17.07
CA LYS A 253 -21.99 -13.99 16.48
C LYS A 253 -20.93 -14.10 17.57
N GLY A 254 -19.85 -14.82 17.28
CA GLY A 254 -18.72 -14.93 18.22
C GLY A 254 -17.75 -13.73 18.18
N THR A 255 -16.67 -13.80 18.94
CA THR A 255 -15.78 -12.63 19.13
C THR A 255 -15.04 -12.27 17.83
N ASP A 256 -14.89 -13.25 16.94
CA ASP A 256 -14.23 -13.02 15.65
C ASP A 256 -15.22 -12.46 14.62
N GLY A 257 -16.48 -12.35 15.02
CA GLY A 257 -17.51 -11.81 14.15
C GLY A 257 -18.19 -12.87 13.30
N ALA A 258 -17.86 -14.13 13.49
CA ALA A 258 -18.54 -15.19 12.76
C ALA A 258 -19.87 -15.65 13.40
N LEU A 259 -20.83 -16.08 12.55
CA LEU A 259 -22.08 -16.70 13.03
C LEU A 259 -21.84 -17.98 13.81
N LEU A 260 -22.55 -18.16 14.92
CA LEU A 260 -22.24 -19.23 15.88
C LEU A 260 -22.91 -20.59 15.68
N ALA A 261 -23.93 -20.74 14.86
CA ALA A 261 -24.53 -22.09 14.72
C ALA A 261 -24.85 -22.75 16.10
N LEU A 262 -25.61 -22.04 16.93
CA LEU A 262 -26.14 -22.56 18.17
C LEU A 262 -27.54 -23.17 17.92
N THR A 263 -28.11 -23.79 18.95
CA THR A 263 -29.51 -24.17 18.92
C THR A 263 -30.40 -22.94 19.15
N ALA A 264 -31.69 -23.08 18.84
CA ALA A 264 -32.60 -21.95 18.95
C ALA A 264 -32.65 -21.50 20.40
N ASP A 265 -32.77 -22.45 21.32
CA ASP A 265 -32.71 -22.11 22.76
C ASP A 265 -31.40 -21.40 23.06
N GLN A 266 -30.31 -22.07 22.71
CA GLN A 266 -28.99 -21.59 23.08
C GLN A 266 -28.76 -20.21 22.54
N ASN A 267 -29.18 -20.01 21.29
CA ASN A 267 -29.00 -18.74 20.62
C ASN A 267 -29.67 -17.62 21.39
N ARG A 268 -30.89 -17.89 21.83
CA ARG A 268 -31.63 -16.92 22.59
C ARG A 268 -30.87 -16.63 23.89
N GLU A 269 -30.33 -17.67 24.53
CA GLU A 269 -29.66 -17.48 25.79
C GLU A 269 -28.42 -16.63 25.61
N THR A 270 -27.77 -16.83 24.47
CA THR A 270 -26.55 -16.13 24.16
C THR A 270 -26.79 -14.67 23.88
N ILE A 271 -27.64 -14.38 22.89
CA ILE A 271 -28.12 -13.01 22.57
C ILE A 271 -28.51 -12.23 23.84
N ALA A 272 -29.33 -12.82 24.67
CA ALA A 272 -29.62 -12.26 25.95
C ALA A 272 -28.32 -11.90 26.66
N ALA A 273 -27.49 -12.92 26.91
CA ALA A 273 -26.30 -12.76 27.76
C ALA A 273 -25.38 -11.65 27.30
N GLN A 274 -25.12 -11.59 26.00
CA GLN A 274 -24.16 -10.60 25.53
C GLN A 274 -24.78 -9.22 25.38
N PHE A 275 -26.07 -9.14 25.11
CA PHE A 275 -26.69 -7.83 25.08
C PHE A 275 -26.69 -7.23 26.49
N ALA A 276 -26.87 -8.10 27.48
CA ALA A 276 -26.91 -7.68 28.84
C ALA A 276 -25.61 -7.07 29.28
N GLN A 277 -24.53 -7.58 28.70
CA GLN A 277 -23.18 -7.17 29.07
C GLN A 277 -22.69 -5.93 28.30
N SER A 278 -22.94 -5.91 26.99
CA SER A 278 -22.34 -4.96 26.05
C SER A 278 -23.31 -3.99 25.38
N GLY A 279 -24.56 -4.41 25.19
CA GLY A 279 -25.61 -3.52 24.66
C GLY A 279 -25.57 -3.27 23.16
N ALA A 280 -26.14 -2.13 22.75
CA ALA A 280 -26.26 -1.78 21.32
C ALA A 280 -24.92 -1.68 20.62
N ASN A 281 -23.85 -1.49 21.39
CA ASN A 281 -22.52 -1.47 20.82
C ASN A 281 -21.74 -2.75 21.08
N GLY A 282 -22.42 -3.89 21.22
CA GLY A 282 -21.77 -5.18 21.44
C GLY A 282 -22.12 -6.20 20.37
N LEU A 283 -21.63 -7.43 20.53
CA LEU A 283 -21.81 -8.45 19.53
C LEU A 283 -23.24 -8.67 19.09
N ALA A 284 -24.18 -8.34 19.95
CA ALA A 284 -25.59 -8.44 19.65
C ALA A 284 -26.25 -7.08 19.41
N GLY A 285 -25.47 -6.01 19.50
CA GLY A 285 -25.97 -4.70 19.21
C GLY A 285 -26.44 -4.61 17.80
N TYR A 286 -26.62 -3.41 17.33
CA TYR A 286 -27.18 -3.16 16.02
C TYR A 286 -26.20 -2.42 15.11
N THR B 2 -22.69 2.25 9.51
CA THR B 2 -23.98 1.98 10.11
C THR B 2 -24.16 2.76 11.37
N THR B 3 -23.32 3.76 11.53
CA THR B 3 -23.31 4.78 12.56
C THR B 3 -22.24 5.72 11.99
N GLY B 4 -21.34 6.28 12.78
CA GLY B 4 -20.27 7.07 12.21
C GLY B 4 -20.39 8.56 12.30
N ASN B 5 -19.31 9.28 12.09
CA ASN B 5 -19.32 10.72 12.33
C ASN B 5 -18.90 11.67 11.20
N MET B 6 -19.18 12.96 11.34
CA MET B 6 -18.85 13.92 10.32
C MET B 6 -18.73 15.28 10.91
N TRP B 7 -17.85 16.11 10.42
CA TRP B 7 -17.85 17.54 10.70
C TRP B 7 -17.43 18.33 9.49
N VAL B 8 -18.38 19.05 8.92
CA VAL B 8 -18.13 19.92 7.80
C VAL B 8 -17.87 21.29 8.38
N ILE B 9 -16.91 22.00 7.81
CA ILE B 9 -16.47 23.26 8.34
C ILE B 9 -16.47 24.29 7.23
N GLY B 10 -17.34 25.31 7.35
CA GLY B 10 -17.48 26.35 6.34
C GLY B 10 -16.50 27.53 6.51
N ASN B 12 -16.33 30.49 7.49
CA ASN B 12 -16.22 31.19 8.78
C ASN B 12 -15.41 30.47 9.85
N LYS B 13 -15.34 29.14 9.74
CA LYS B 13 -14.63 28.32 10.70
C LYS B 13 -13.37 27.68 10.13
N ALA B 14 -13.18 27.79 8.82
CA ALA B 14 -11.97 27.27 8.16
C ALA B 14 -10.84 28.31 8.17
N GLN B 15 -9.61 27.81 8.28
CA GLN B 15 -8.39 28.62 8.27
C GLN B 15 -7.50 28.19 7.12
N ASP B 16 -7.08 29.13 6.28
CA ASP B 16 -6.24 28.82 5.10
C ASP B 16 -6.96 27.96 4.06
N ALA B 17 -8.28 27.89 4.17
CA ALA B 17 -9.08 27.22 3.17
C ALA B 17 -10.47 27.83 3.21
N LYS B 18 -11.31 27.48 2.24
CA LYS B 18 -12.73 27.90 2.30
C LYS B 18 -13.69 26.88 2.97
N ALA B 19 -13.35 25.59 2.89
CA ALA B 19 -14.13 24.56 3.58
C ALA B 19 -13.32 23.30 3.79
N ILE B 20 -13.68 22.55 4.83
CA ILE B 20 -13.03 21.30 5.19
C ILE B 20 -14.06 20.27 5.61
N MET B 21 -14.24 19.20 4.82
CA MET B 21 -15.19 18.14 5.17
C MET B 21 -14.42 16.92 5.69
N VAL B 22 -14.63 16.54 6.94
CA VAL B 22 -13.97 15.37 7.52
C VAL B 22 -15.01 14.30 7.86
N ASN B 23 -14.99 13.18 7.16
CA ASN B 23 -16.00 12.17 7.33
C ASN B 23 -15.37 10.91 7.90
N GLY B 24 -16.10 10.23 8.78
CA GLY B 24 -15.63 9.01 9.48
C GLY B 24 -16.76 8.01 9.74
N PRO B 25 -17.22 7.31 8.70
CA PRO B 25 -18.30 6.37 8.79
C PRO B 25 -17.81 5.20 9.55
N GLN B 26 -18.66 4.65 10.42
CA GLN B 26 -18.28 3.53 11.29
C GLN B 26 -19.15 2.31 11.02
N PHE B 27 -18.63 1.38 10.22
CA PHE B 27 -19.34 0.13 9.96
C PHE B 27 -18.64 -1.08 10.55
N GLY B 28 -17.69 -0.86 11.44
CA GLY B 28 -16.84 -1.95 11.91
C GLY B 28 -15.59 -2.07 11.05
N TRP B 29 -14.66 -2.93 11.48
CA TRP B 29 -13.38 -3.05 10.83
C TRP B 29 -13.17 -4.42 10.26
N TYR B 30 -12.84 -4.48 8.98
CA TYR B 30 -12.84 -5.75 8.26
C TYR B 30 -11.61 -6.00 7.40
N ALA B 31 -11.45 -7.27 7.04
CA ALA B 31 -10.35 -7.71 6.20
C ALA B 31 -10.91 -8.63 5.08
N PRO B 32 -10.87 -8.18 3.83
CA PRO B 32 -10.32 -6.91 3.38
C PRO B 32 -11.24 -5.72 3.73
N ALA B 33 -10.76 -4.52 3.45
CA ALA B 33 -11.40 -3.29 3.92
C ALA B 33 -12.82 -3.20 3.46
N TYR B 34 -13.64 -2.58 4.29
CA TYR B 34 -15.08 -2.44 4.00
C TYR B 34 -15.34 -1.57 2.77
N THR B 35 -14.61 -0.45 2.70
CA THR B 35 -14.71 0.47 1.62
C THR B 35 -13.71 0.17 0.51
N TYR B 36 -13.95 0.74 -0.66
CA TYR B 36 -13.16 0.51 -1.86
C TYR B 36 -12.84 1.83 -2.55
N GLY B 37 -11.56 2.10 -2.78
CA GLY B 37 -11.14 3.30 -3.48
C GLY B 37 -11.38 3.19 -4.98
N ILE B 38 -11.84 4.28 -5.58
CA ILE B 38 -12.10 4.31 -7.01
C ILE B 38 -12.18 5.77 -7.52
N GLY B 39 -11.64 5.99 -8.71
CA GLY B 39 -11.81 7.25 -9.48
C GLY B 39 -12.48 7.00 -10.84
N LEU B 40 -13.47 7.83 -11.18
CA LEU B 40 -14.26 7.67 -12.40
C LEU B 40 -14.25 8.96 -13.21
N HIS B 41 -13.87 8.83 -14.48
CA HIS B 41 -13.55 9.98 -15.31
C HIS B 41 -14.08 9.75 -16.71
N GLY B 42 -15.04 10.57 -17.08
CA GLY B 42 -15.73 10.46 -18.35
C GLY B 42 -17.23 10.26 -18.20
N ALA B 43 -17.91 10.41 -19.32
CA ALA B 43 -19.33 10.13 -19.43
C ALA B 43 -20.16 10.98 -18.49
N GLY B 44 -19.65 12.17 -18.17
CA GLY B 44 -20.31 13.05 -17.22
C GLY B 44 -19.63 13.08 -15.85
N TYR B 45 -18.97 11.98 -15.44
CA TYR B 45 -18.41 11.89 -14.07
C TYR B 45 -17.00 12.43 -14.01
N ASP B 46 -16.56 12.82 -12.82
CA ASP B 46 -15.20 13.32 -12.64
C ASP B 46 -14.93 13.30 -11.13
N VAL B 47 -14.90 12.09 -10.60
CA VAL B 47 -14.94 11.87 -9.16
C VAL B 47 -13.77 11.04 -8.69
N THR B 48 -13.45 11.24 -7.43
CA THR B 48 -12.50 10.40 -6.71
C THR B 48 -13.03 10.23 -5.27
N GLY B 49 -12.78 9.07 -4.68
CA GLY B 49 -13.21 8.79 -3.32
C GLY B 49 -13.15 7.30 -3.00
N ASN B 50 -13.94 6.91 -1.99
CA ASN B 50 -14.07 5.50 -1.60
C ASN B 50 -15.48 5.19 -1.16
N THR B 51 -15.90 3.95 -1.40
CA THR B 51 -17.32 3.62 -1.27
C THR B 51 -17.47 2.19 -0.72
N PRO B 52 -18.36 1.98 0.25
CA PRO B 52 -18.66 0.66 0.75
C PRO B 52 -19.03 -0.33 -0.34
N PHE B 53 -18.52 -1.56 -0.23
CA PHE B 53 -18.86 -2.65 -1.14
C PHE B 53 -18.86 -2.24 -2.60
N ALA B 54 -18.06 -1.22 -2.94
CA ALA B 54 -17.85 -0.84 -4.30
C ALA B 54 -19.11 -0.48 -5.04
N TYR B 55 -20.07 0.11 -4.32
CA TYR B 55 -21.30 0.59 -4.94
C TYR B 55 -20.94 1.42 -6.13
N PRO B 56 -21.76 1.36 -7.20
CA PRO B 56 -21.57 2.28 -8.32
C PRO B 56 -21.50 3.76 -7.88
N GLY B 57 -22.24 4.10 -6.83
CA GLY B 57 -22.23 5.44 -6.31
C GLY B 57 -21.19 5.59 -5.21
N LEU B 58 -20.50 6.72 -5.18
CA LEU B 58 -19.43 6.94 -4.21
C LEU B 58 -19.99 7.63 -2.98
N VAL B 59 -20.25 6.85 -1.96
CA VAL B 59 -20.80 7.38 -0.70
C VAL B 59 -19.88 8.45 -0.10
N PHE B 60 -18.57 8.41 -0.38
CA PHE B 60 -17.68 9.45 0.10
C PHE B 60 -16.68 9.92 -0.95
N GLY B 61 -16.82 11.15 -1.41
CA GLY B 61 -15.91 11.67 -2.42
C GLY B 61 -16.04 13.16 -2.73
N HIS B 62 -15.52 13.54 -3.90
CA HIS B 62 -15.64 14.88 -4.39
C HIS B 62 -15.44 14.86 -5.91
N ASN B 63 -15.85 15.93 -6.60
CA ASN B 63 -15.74 16.01 -8.05
C ASN B 63 -15.06 17.29 -8.52
N GLY B 64 -14.39 17.98 -7.62
CA GLY B 64 -13.59 19.14 -7.96
C GLY B 64 -14.30 20.39 -7.50
N ILE B 66 -17.67 20.17 -5.66
CA ILE B 66 -18.32 19.83 -4.41
C ILE B 66 -17.86 18.49 -3.84
N SER B 67 -17.94 18.34 -2.52
CA SER B 67 -17.70 17.06 -1.85
C SER B 67 -18.92 16.62 -1.01
N TRP B 68 -18.94 15.34 -0.66
CA TRP B 68 -20.06 14.80 0.03
C TRP B 68 -19.70 13.65 0.92
N GLY B 69 -20.63 13.31 1.80
CA GLY B 69 -20.43 12.22 2.75
C GLY B 69 -21.76 11.84 3.35
N SER B 70 -21.77 10.80 4.18
CA SER B 70 -22.98 10.30 4.79
C SER B 70 -22.71 9.80 6.21
N THR B 71 -23.72 9.91 7.06
CA THR B 71 -23.81 9.11 8.29
C THR B 71 -25.18 8.48 8.34
N ALA B 72 -25.36 7.56 9.28
CA ALA B 72 -26.61 6.89 9.49
C ALA B 72 -27.61 7.87 10.09
N GLY B 73 -28.75 7.97 9.43
CA GLY B 73 -29.82 8.92 9.80
C GLY B 73 -30.58 8.53 11.06
N PHE B 74 -31.07 7.29 11.09
CA PHE B 74 -31.83 6.77 12.22
C PHE B 74 -33.12 7.53 12.43
N GLY B 75 -33.96 7.57 11.40
CA GLY B 75 -35.31 8.09 11.51
C GLY B 75 -36.31 6.94 11.49
N ASP B 76 -37.50 7.18 12.01
CA ASP B 76 -38.53 6.16 11.95
C ASP B 76 -39.15 6.17 10.54
N ASP B 77 -38.65 5.28 9.68
CA ASP B 77 -39.16 5.09 8.31
C ASP B 77 -39.74 3.71 8.15
N VAL B 78 -39.97 3.06 9.28
CA VAL B 78 -40.45 1.68 9.30
C VAL B 78 -41.41 1.50 10.46
N ASP B 79 -42.58 0.98 10.15
CA ASP B 79 -43.62 0.71 11.12
C ASP B 79 -44.17 -0.70 10.89
N ILE B 80 -44.74 -1.26 11.93
CA ILE B 80 -45.18 -2.62 11.90
C ILE B 80 -46.69 -2.71 12.01
N PHE B 81 -47.30 -3.34 11.02
CA PHE B 81 -48.75 -3.49 10.98
C PHE B 81 -49.22 -4.82 11.55
N ALA B 82 -49.98 -4.78 12.65
CA ALA B 82 -50.48 -6.01 13.30
C ALA B 82 -51.69 -6.51 12.58
N GLU B 83 -51.52 -7.45 11.67
CA GLU B 83 -52.63 -7.95 10.85
C GLU B 83 -53.63 -8.71 11.70
N LEU B 85 -55.95 -12.04 11.67
CA LEU B 85 -56.00 -13.34 11.00
C LEU B 85 -57.19 -14.19 11.42
N ALA B 87 -58.26 -18.48 12.08
CA ALA B 87 -57.71 -19.83 12.18
C ALA B 87 -58.42 -20.73 11.19
N LYS B 89 -59.26 -19.42 8.26
CA LYS B 89 -58.87 -18.88 6.95
C LYS B 89 -57.35 -18.59 6.88
N PRO B 90 -56.52 -19.63 6.66
CA PRO B 90 -55.06 -19.50 6.61
C PRO B 90 -54.57 -18.69 5.41
N GLY B 91 -53.63 -17.78 5.65
CA GLY B 91 -53.05 -16.96 4.59
C GLY B 91 -53.97 -15.83 4.15
N TYR B 92 -54.95 -15.50 4.98
CA TYR B 92 -55.84 -14.38 4.74
C TYR B 92 -55.79 -13.41 5.93
N TYR B 93 -55.98 -12.13 5.64
CA TYR B 93 -56.04 -11.12 6.70
C TYR B 93 -57.17 -10.16 6.41
N GLN B 94 -57.64 -9.50 7.47
CA GLN B 94 -58.81 -8.63 7.37
C GLN B 94 -58.41 -7.19 7.18
N HIS B 95 -58.81 -6.62 6.04
CA HIS B 95 -58.53 -5.22 5.74
C HIS B 95 -59.76 -4.51 5.16
N GLY B 97 -62.67 -4.28 6.28
CA GLY B 97 -63.83 -5.14 6.44
C GLY B 97 -63.90 -6.19 5.37
N GLU B 98 -62.78 -6.84 5.06
CA GLU B 98 -62.81 -7.96 4.12
C GLU B 98 -61.57 -8.81 4.23
N TRP B 99 -61.71 -10.08 3.89
CA TRP B 99 -60.60 -11.03 4.03
C TRP B 99 -59.77 -11.04 2.75
N VAL B 100 -58.64 -10.34 2.80
CA VAL B 100 -57.69 -10.21 1.68
C VAL B 100 -56.70 -11.39 1.71
N MET B 102 -53.18 -13.09 1.47
CA MET B 102 -51.75 -12.80 1.44
C MET B 102 -50.99 -13.18 0.17
N LEU B 103 -49.96 -12.41 -0.11
CA LEU B 103 -49.00 -12.75 -1.15
C LEU B 103 -47.93 -13.68 -0.54
N SER B 104 -47.62 -14.75 -1.25
CA SER B 104 -46.61 -15.70 -0.78
C SER B 104 -45.67 -16.03 -1.90
N ARG B 105 -44.41 -16.26 -1.55
CA ARG B 105 -43.45 -16.91 -2.46
C ARG B 105 -42.82 -18.07 -1.72
N LYS B 106 -42.51 -19.10 -2.47
CA LYS B 106 -41.83 -20.26 -1.94
C LYS B 106 -40.34 -20.22 -2.22
N GLU B 107 -39.55 -20.45 -1.16
CA GLU B 107 -38.08 -20.40 -1.25
C GLU B 107 -37.47 -21.71 -0.75
N THR B 108 -36.60 -22.31 -1.56
CA THR B 108 -35.83 -23.49 -1.14
C THR B 108 -34.35 -23.09 -1.02
N ILE B 109 -33.71 -23.56 0.03
CA ILE B 109 -32.32 -23.21 0.31
C ILE B 109 -31.42 -24.41 0.06
N ALA B 110 -30.50 -24.29 -0.89
CA ALA B 110 -29.55 -25.36 -1.20
C ALA B 110 -28.50 -25.38 -0.11
N VAL B 111 -28.07 -26.57 0.27
CA VAL B 111 -27.10 -26.76 1.35
C VAL B 111 -25.97 -27.67 0.89
N LYS B 112 -24.72 -27.25 1.13
CA LYS B 112 -23.59 -27.99 0.60
C LYS B 112 -23.51 -29.45 1.08
N ASP B 113 -23.34 -29.66 2.38
CA ASP B 113 -23.14 -31.02 2.88
C ASP B 113 -24.39 -31.56 3.60
N GLY B 114 -25.56 -31.12 3.15
CA GLY B 114 -26.82 -31.44 3.85
C GLY B 114 -28.03 -31.41 2.94
N GLN B 115 -29.21 -31.31 3.55
CA GLN B 115 -30.47 -31.44 2.81
C GLN B 115 -31.17 -30.07 2.59
N PRO B 116 -31.83 -29.92 1.42
CA PRO B 116 -32.49 -28.65 1.08
C PRO B 116 -33.56 -28.26 2.06
N THR B 118 -36.73 -25.93 2.76
CA THR B 118 -37.81 -25.27 2.01
C THR B 118 -38.73 -24.55 2.96
N PHE B 119 -39.09 -23.33 2.63
CA PHE B 119 -40.08 -22.59 3.43
C PHE B 119 -40.88 -21.56 2.61
N THR B 120 -41.83 -20.88 3.27
CA THR B 120 -42.60 -19.84 2.60
C THR B 120 -42.43 -18.49 3.30
N VAL B 121 -42.46 -17.42 2.51
CA VAL B 121 -42.44 -16.04 3.04
C VAL B 121 -43.74 -15.36 2.60
N TRP B 122 -44.39 -14.68 3.55
CA TRP B 122 -45.72 -14.10 3.33
C TRP B 122 -45.62 -12.59 3.31
N ARG B 123 -46.34 -11.97 2.39
CA ARG B 123 -46.39 -10.53 2.26
C ARG B 123 -47.84 -10.09 2.27
N THR B 124 -48.13 -9.03 3.02
CA THR B 124 -49.43 -8.36 2.95
C THR B 124 -49.30 -7.07 2.17
N LEU B 125 -50.41 -6.34 2.04
CA LEU B 125 -50.39 -5.04 1.42
C LEU B 125 -49.55 -4.05 2.25
N HIS B 126 -49.25 -4.39 3.51
CA HIS B 126 -48.31 -3.58 4.33
C HIS B 126 -46.85 -4.03 4.20
N GLY B 127 -46.64 -5.24 3.69
CA GLY B 127 -45.28 -5.76 3.49
C GLY B 127 -45.09 -7.18 4.01
N ASN B 128 -43.83 -7.62 3.98
CA ASN B 128 -43.44 -8.94 4.47
C ASN B 128 -43.86 -9.23 5.89
N VAL B 129 -44.34 -10.44 6.13
CA VAL B 129 -44.72 -10.89 7.46
C VAL B 129 -43.50 -11.34 8.24
N ILE B 130 -43.13 -10.55 9.24
CA ILE B 130 -42.04 -10.89 10.17
C ILE B 130 -42.41 -12.06 11.06
N LYS B 131 -43.57 -12.01 11.68
CA LYS B 131 -43.95 -13.02 12.66
C LYS B 131 -45.44 -13.24 12.81
N THR B 132 -45.83 -14.50 12.98
CA THR B 132 -47.18 -14.88 13.28
C THR B 132 -47.32 -15.35 14.72
N ASP B 133 -47.99 -14.57 15.57
CA ASP B 133 -48.33 -15.04 16.91
C ASP B 133 -49.72 -15.67 16.90
N THR B 134 -49.76 -16.99 16.98
CA THR B 134 -51.01 -17.74 16.78
C THR B 134 -51.99 -17.59 17.95
N ALA B 135 -51.45 -17.40 19.15
CA ALA B 135 -52.26 -17.27 20.37
C ALA B 135 -53.17 -16.04 20.34
N THR B 136 -52.87 -15.09 19.45
CA THR B 136 -53.63 -13.85 19.35
C THR B 136 -54.09 -13.65 17.91
N THR B 138 -52.77 -13.09 15.31
CA THR B 138 -52.08 -11.91 14.81
C THR B 138 -50.85 -12.26 13.96
N ALA B 139 -50.70 -11.54 12.85
CA ALA B 139 -49.46 -11.54 12.05
C ALA B 139 -48.91 -10.12 11.96
N TYR B 140 -47.63 -9.95 12.24
CA TYR B 140 -47.04 -8.62 12.05
C TYR B 140 -46.28 -8.51 10.71
N ALA B 141 -46.55 -7.42 9.97
CA ALA B 141 -45.89 -7.15 8.68
C ALA B 141 -45.07 -5.84 8.64
N ALA B 143 -43.58 -2.59 7.30
CA ALA B 143 -43.83 -1.48 6.40
C ALA B 143 -42.70 -0.46 6.42
N ARG B 144 -42.09 -0.27 5.26
CA ARG B 144 -40.94 0.59 5.10
C ARG B 144 -41.34 1.73 4.23
N ALA B 145 -41.08 2.95 4.69
CA ALA B 145 -41.42 4.13 3.91
C ALA B 145 -40.71 4.11 2.58
N TRP B 146 -39.56 3.45 2.55
CA TRP B 146 -38.74 3.34 1.33
C TRP B 146 -39.01 2.14 0.42
N ASP B 147 -40.02 1.31 0.69
CA ASP B 147 -40.29 0.16 -0.19
C ASP B 147 -40.57 0.60 -1.65
N GLY B 148 -39.98 -0.07 -2.61
CA GLY B 148 -40.19 0.24 -4.01
C GLY B 148 -39.28 1.32 -4.56
N LYS B 149 -38.48 1.94 -3.68
CA LYS B 149 -37.54 3.02 -4.07
C LYS B 149 -36.08 2.67 -3.85
N GLU B 150 -35.75 1.38 -3.73
CA GLU B 150 -34.38 1.00 -3.36
C GLU B 150 -33.36 1.30 -4.47
N VAL B 151 -33.66 0.83 -5.67
CA VAL B 151 -32.82 1.07 -6.83
C VAL B 151 -32.70 2.55 -7.15
N ALA B 152 -33.80 3.28 -7.12
CA ALA B 152 -33.75 4.72 -7.27
C ALA B 152 -32.78 5.34 -6.26
N SER B 153 -32.77 4.84 -5.03
CA SER B 153 -31.86 5.35 -4.00
C SER B 153 -30.39 5.10 -4.38
N LEU B 154 -30.14 3.97 -5.01
CA LEU B 154 -28.84 3.67 -5.57
C LEU B 154 -28.45 4.69 -6.66
N LEU B 155 -29.34 4.91 -7.62
CA LEU B 155 -29.05 5.82 -8.72
C LEU B 155 -29.04 7.27 -8.28
N ALA B 156 -29.67 7.54 -7.15
CA ALA B 156 -29.54 8.88 -6.58
C ALA B 156 -28.11 9.12 -6.10
N TRP B 157 -27.54 8.11 -5.44
CA TRP B 157 -26.20 8.24 -4.86
C TRP B 157 -25.16 8.36 -5.95
N THR B 158 -25.52 7.86 -7.12
CA THR B 158 -24.66 7.89 -8.29
C THR B 158 -24.69 9.22 -9.00
N HIS B 159 -25.90 9.76 -9.16
CA HIS B 159 -26.11 10.97 -9.96
C HIS B 159 -25.63 12.20 -9.23
N GLN B 160 -25.75 12.21 -7.92
CA GLN B 160 -25.23 13.36 -7.13
C GLN B 160 -23.73 13.63 -7.30
N MET B 161 -23.01 12.63 -7.77
CA MET B 161 -21.58 12.78 -8.07
C MET B 161 -21.33 13.81 -9.18
N LYS B 162 -22.27 13.90 -10.12
CA LYS B 162 -22.24 14.87 -11.22
C LYS B 162 -22.74 16.28 -10.88
N ALA B 163 -23.08 16.52 -9.62
CA ALA B 163 -23.70 17.77 -9.25
C ALA B 163 -22.62 18.77 -9.01
N LYS B 164 -22.83 20.01 -9.43
CA LYS B 164 -21.81 21.07 -9.29
C LYS B 164 -22.29 22.30 -8.48
N ASN B 165 -23.48 22.19 -7.88
CA ASN B 165 -24.01 23.24 -7.02
C ASN B 165 -25.08 22.72 -6.06
N TRP B 166 -25.48 23.53 -5.10
CA TRP B 166 -26.47 23.09 -4.09
C TRP B 166 -27.81 22.55 -4.63
N PRO B 167 -28.46 23.27 -5.58
CA PRO B 167 -29.72 22.80 -6.19
C PRO B 167 -29.62 21.47 -6.91
N GLU B 168 -28.62 21.33 -7.78
CA GLU B 168 -28.46 20.09 -8.55
C GLU B 168 -28.22 18.92 -7.60
N TRP B 169 -27.62 19.22 -6.44
CA TRP B 169 -27.35 18.21 -5.42
C TRP B 169 -28.59 17.81 -4.69
N THR B 170 -29.28 18.79 -4.10
CA THR B 170 -30.45 18.52 -3.29
C THR B 170 -31.55 17.81 -4.08
N GLN B 171 -31.70 18.06 -5.38
CA GLN B 171 -32.72 17.31 -6.13
C GLN B 171 -32.39 15.82 -6.32
N GLN B 172 -31.14 15.43 -6.06
CA GLN B 172 -30.75 14.03 -5.98
C GLN B 172 -30.98 13.52 -4.55
N ALA B 173 -30.65 14.35 -3.55
CA ALA B 173 -30.96 14.03 -2.16
C ALA B 173 -32.43 13.65 -1.94
N ALA B 174 -33.33 14.35 -2.61
CA ALA B 174 -34.76 14.08 -2.52
C ALA B 174 -35.23 12.81 -3.27
N LYS B 175 -34.34 12.19 -4.05
CA LYS B 175 -34.62 10.89 -4.68
C LYS B 175 -34.01 9.77 -3.85
N GLN B 176 -33.28 10.14 -2.80
CA GLN B 176 -32.67 9.16 -1.92
C GLN B 176 -33.64 8.85 -0.80
N ALA B 177 -34.14 7.61 -0.79
CA ALA B 177 -35.28 7.21 0.04
C ALA B 177 -34.96 6.59 1.41
N LEU B 178 -33.68 6.30 1.65
CA LEU B 178 -33.27 5.63 2.89
C LEU B 178 -32.96 6.72 3.93
N THR B 179 -33.01 6.38 5.22
CA THR B 179 -32.73 7.34 6.30
C THR B 179 -31.22 7.59 6.53
N ILE B 180 -30.69 8.56 5.80
CA ILE B 180 -29.24 8.78 5.71
C ILE B 180 -28.95 10.24 5.80
N ASN B 181 -28.08 10.63 6.71
CA ASN B 181 -27.58 11.98 6.66
C ASN B 181 -26.68 12.15 5.42
N TRP B 182 -27.00 13.09 4.54
CA TRP B 182 -26.05 13.57 3.51
C TRP B 182 -25.45 14.94 3.85
N TYR B 183 -24.26 15.19 3.35
CA TYR B 183 -23.55 16.42 3.64
C TYR B 183 -22.95 17.01 2.38
N TYR B 184 -22.75 18.32 2.42
CA TYR B 184 -22.36 19.10 1.25
C TYR B 184 -21.28 20.11 1.64
N ALA B 185 -20.32 20.27 0.74
CA ALA B 185 -19.32 21.36 0.80
C ALA B 185 -18.96 21.69 -0.62
N ASP B 186 -18.54 22.93 -0.86
CA ASP B 186 -18.12 23.30 -2.23
C ASP B 186 -16.97 24.30 -2.25
N VAL B 187 -16.42 24.47 -3.46
CA VAL B 187 -15.19 25.25 -3.69
C VAL B 187 -15.22 26.64 -3.08
N ASN B 188 -16.40 27.26 -3.00
CA ASN B 188 -16.56 28.64 -2.50
C ASN B 188 -16.79 28.73 -0.99
N GLY B 189 -16.74 27.59 -0.30
CA GLY B 189 -16.89 27.55 1.15
C GLY B 189 -18.33 27.35 1.64
N ASN B 190 -19.26 27.05 0.71
CA ASN B 190 -20.64 26.70 1.04
C ASN B 190 -20.70 25.27 1.56
N ILE B 191 -21.49 25.06 2.63
CA ILE B 191 -21.70 23.76 3.23
C ILE B 191 -23.17 23.56 3.52
N GLY B 192 -23.62 22.31 3.52
CA GLY B 192 -25.02 21.97 3.70
C GLY B 192 -25.25 20.63 4.37
N TYR B 193 -26.51 20.35 4.67
CA TYR B 193 -26.91 19.11 5.37
C TYR B 193 -28.33 18.73 5.03
N VAL B 194 -28.55 17.49 4.62
CA VAL B 194 -29.91 17.01 4.37
C VAL B 194 -30.12 15.64 4.97
N HIS B 195 -30.85 15.58 6.10
CA HIS B 195 -31.33 14.31 6.66
C HIS B 195 -32.31 13.68 5.68
N THR B 196 -31.80 12.98 4.69
CA THR B 196 -32.62 12.49 3.57
C THR B 196 -33.51 11.31 3.97
N GLY B 197 -34.35 10.86 3.03
CA GLY B 197 -35.17 9.66 3.25
C GLY B 197 -36.65 9.90 3.01
N ALA B 198 -37.33 8.86 2.50
CA ALA B 198 -38.79 8.76 2.47
C ALA B 198 -39.31 8.52 3.90
N TYR B 199 -40.40 9.18 4.25
CA TYR B 199 -41.02 9.01 5.57
C TYR B 199 -42.53 9.01 5.41
N PRO B 200 -43.23 8.25 6.27
CA PRO B 200 -44.67 8.03 6.11
C PRO B 200 -45.47 9.18 6.69
N ASP B 201 -46.56 9.52 6.02
CA ASP B 201 -47.55 10.46 6.55
C ASP B 201 -48.57 9.67 7.36
N ARG B 202 -48.43 9.74 8.68
CA ARG B 202 -49.18 8.88 9.58
C ARG B 202 -50.51 9.50 9.95
N GLN B 203 -51.46 8.65 10.33
CA GLN B 203 -52.72 9.08 10.92
C GLN B 203 -52.48 9.80 12.25
N PRO B 204 -53.37 10.74 12.59
CA PRO B 204 -53.29 11.31 13.94
C PRO B 204 -53.57 10.26 15.01
N GLY B 205 -52.78 10.29 16.09
CA GLY B 205 -52.88 9.25 17.10
C GLY B 205 -51.91 8.09 16.92
N HIS B 206 -51.33 7.93 15.73
CA HIS B 206 -50.36 6.87 15.44
C HIS B 206 -49.10 7.06 16.29
N ASP B 207 -48.93 6.20 17.28
CA ASP B 207 -47.68 6.07 18.01
C ASP B 207 -46.65 5.21 17.25
N PRO B 208 -45.57 5.84 16.73
CA PRO B 208 -44.57 5.15 15.89
C PRO B 208 -43.63 4.19 16.61
N ARG B 209 -43.62 4.21 17.93
CA ARG B 209 -42.80 3.28 18.72
C ARG B 209 -43.42 1.89 18.80
N LEU B 210 -44.69 1.71 18.47
CA LEU B 210 -45.35 0.39 18.65
C LEU B 210 -46.16 0.01 17.40
N PRO B 211 -46.42 -1.30 17.22
CA PRO B 211 -47.17 -1.70 16.02
C PRO B 211 -48.52 -0.98 15.96
N VAL B 212 -49.17 -1.03 14.81
CA VAL B 212 -50.55 -0.54 14.68
C VAL B 212 -51.41 -1.61 14.02
N PRO B 213 -52.73 -1.59 14.26
CA PRO B 213 -53.56 -2.59 13.57
C PRO B 213 -53.52 -2.37 12.07
N GLY B 214 -53.63 -3.44 11.31
CA GLY B 214 -53.60 -3.34 9.86
C GLY B 214 -54.91 -3.71 9.23
N THR B 215 -56.00 -3.23 9.85
CA THR B 215 -57.35 -3.60 9.43
C THR B 215 -57.98 -2.54 8.53
N GLY B 216 -57.37 -1.36 8.51
CA GLY B 216 -57.69 -0.33 7.51
C GLY B 216 -57.54 1.09 8.04
N LYS B 217 -58.05 1.30 9.23
CA LYS B 217 -58.12 2.65 9.80
C LYS B 217 -56.74 3.28 10.09
N TRP B 218 -55.69 2.48 10.18
CA TRP B 218 -54.39 3.04 10.56
C TRP B 218 -53.33 3.13 9.43
N ASP B 219 -53.72 2.76 8.21
CA ASP B 219 -52.86 2.85 7.05
C ASP B 219 -52.25 4.24 6.91
N TRP B 220 -51.01 4.28 6.43
CA TRP B 220 -50.36 5.52 6.12
C TRP B 220 -51.14 6.26 5.02
N LYS B 221 -51.14 7.59 5.11
CA LYS B 221 -51.82 8.42 4.13
C LYS B 221 -51.00 8.55 2.83
N GLY B 222 -49.71 8.22 2.91
CA GLY B 222 -48.73 8.48 1.86
C GLY B 222 -47.43 8.93 2.51
N LEU B 223 -46.61 9.65 1.75
CA LEU B 223 -45.28 10.06 2.23
C LEU B 223 -45.17 11.52 2.55
N LEU B 224 -44.60 11.84 3.70
CA LEU B 224 -44.27 13.20 4.05
C LEU B 224 -43.45 13.87 2.95
N SER B 225 -43.64 15.17 2.80
CA SER B 225 -42.96 15.95 1.75
C SER B 225 -41.49 16.15 2.05
N PHE B 226 -40.69 16.22 1.01
CA PHE B 226 -39.27 16.50 1.15
C PHE B 226 -39.04 17.85 1.84
N ASP B 227 -40.05 18.73 1.79
CA ASP B 227 -39.97 20.00 2.50
C ASP B 227 -39.79 19.78 3.99
N LEU B 228 -40.25 18.62 4.49
CA LEU B 228 -40.17 18.34 5.94
C LEU B 228 -38.86 17.72 6.39
N ASN B 229 -38.15 17.05 5.47
CA ASN B 229 -36.80 16.52 5.71
C ASN B 229 -35.91 17.65 6.23
N PRO B 230 -35.37 17.52 7.45
CA PRO B 230 -34.43 18.48 8.03
C PRO B 230 -33.35 18.95 7.04
N LYS B 231 -33.13 20.25 6.96
CA LYS B 231 -32.13 20.84 6.05
C LYS B 231 -31.51 22.06 6.66
N VAL B 232 -30.26 22.29 6.35
CA VAL B 232 -29.65 23.56 6.65
C VAL B 232 -28.58 23.81 5.60
N TYR B 233 -28.40 25.08 5.26
CA TYR B 233 -27.44 25.51 4.27
C TYR B 233 -26.75 26.77 4.78
N ASN B 234 -25.46 26.71 4.94
CA ASN B 234 -24.67 27.81 5.51
C ASN B 234 -25.19 28.27 6.84
N PRO B 235 -25.30 27.34 7.78
CA PRO B 235 -25.75 27.73 9.11
C PRO B 235 -24.82 28.73 9.79
N GLN B 236 -25.34 29.39 10.81
CA GLN B 236 -24.66 30.53 11.41
C GLN B 236 -23.55 30.10 12.37
N SER B 237 -23.51 28.83 12.75
CA SER B 237 -22.49 28.32 13.69
C SER B 237 -21.19 28.17 12.93
N GLY B 238 -21.31 28.20 11.60
CA GLY B 238 -20.17 28.03 10.72
C GLY B 238 -19.75 26.59 10.61
N TYR B 239 -20.60 25.66 11.05
CA TYR B 239 -20.31 24.24 10.89
C TYR B 239 -21.53 23.35 11.02
N ILE B 240 -21.31 22.06 10.78
CA ILE B 240 -22.34 21.04 10.79
C ILE B 240 -21.72 19.76 11.35
N ALA B 241 -22.00 19.41 12.59
CA ALA B 241 -21.40 18.26 13.21
C ALA B 241 -22.47 17.20 13.47
N ASN B 242 -22.10 15.93 13.41
CA ASN B 242 -23.04 14.86 13.67
C ASN B 242 -22.33 13.58 14.08
N TRP B 243 -22.91 12.85 15.00
CA TRP B 243 -22.45 11.50 15.30
C TRP B 243 -23.68 10.66 15.56
N ASN B 244 -24.52 10.56 14.54
CA ASN B 244 -25.83 9.89 14.62
C ASN B 244 -26.81 10.45 15.65
N ASN B 245 -26.77 11.76 15.81
CA ASN B 245 -27.62 12.47 16.74
C ASN B 245 -28.77 13.10 16.00
N SER B 246 -29.67 13.70 16.77
CA SER B 246 -30.86 14.32 16.22
C SER B 246 -30.49 15.37 15.16
N PRO B 247 -31.08 15.24 13.96
CA PRO B 247 -30.86 16.23 12.96
C PRO B 247 -31.31 17.64 13.35
N GLN B 248 -32.31 17.74 14.21
CA GLN B 248 -33.10 18.96 14.29
C GLN B 248 -34.10 18.91 15.45
N LYS B 249 -34.43 20.08 16.02
CA LYS B 249 -35.36 20.11 17.14
C LYS B 249 -36.69 19.42 16.83
N ASP B 250 -37.24 18.75 17.83
CA ASP B 250 -38.52 18.01 17.74
C ASP B 250 -38.52 16.89 16.70
N TYR B 251 -37.34 16.43 16.30
CA TYR B 251 -37.28 15.39 15.28
C TYR B 251 -37.25 14.08 16.05
N PRO B 252 -38.20 13.20 15.75
CA PRO B 252 -38.35 11.96 16.49
C PRO B 252 -37.48 10.83 15.92
N ALA B 253 -36.83 10.07 16.80
CA ALA B 253 -35.87 9.02 16.43
C ALA B 253 -36.52 7.74 15.90
N SER B 254 -35.68 6.82 15.46
CA SER B 254 -36.14 5.50 15.11
C SER B 254 -36.69 4.82 16.34
N ASP B 255 -37.60 3.88 16.14
CA ASP B 255 -38.31 3.23 17.25
C ASP B 255 -37.50 2.20 18.05
N LEU B 256 -36.23 2.03 17.69
CA LEU B 256 -35.35 1.04 18.30
C LEU B 256 -35.19 1.27 19.78
N PHE B 257 -35.58 0.30 20.60
CA PHE B 257 -35.59 0.50 22.02
C PHE B 257 -34.23 0.94 22.58
N ALA B 258 -33.14 0.44 21.99
CA ALA B 258 -31.79 0.77 22.46
C ALA B 258 -31.28 2.13 21.98
N PHE B 259 -32.09 2.83 21.19
CA PHE B 259 -31.72 4.09 20.54
C PHE B 259 -32.45 5.29 21.14
N LEU B 260 -31.72 6.31 21.56
CA LEU B 260 -32.36 7.47 22.14
C LEU B 260 -31.60 8.77 21.79
N TRP B 261 -32.33 9.87 21.59
CA TRP B 261 -31.74 11.22 21.51
C TRP B 261 -32.11 12.01 22.74
N GLY B 262 -31.22 12.04 23.73
CA GLY B 262 -31.48 12.77 24.97
C GLY B 262 -30.50 13.88 25.21
N GLY B 263 -30.43 14.35 26.44
CA GLY B 263 -29.49 15.40 26.82
C GLY B 263 -28.09 14.87 26.90
N ALA B 264 -27.95 13.59 27.18
CA ALA B 264 -26.64 12.92 27.12
C ALA B 264 -26.37 12.44 25.69
N ASP B 265 -25.38 13.06 25.05
CA ASP B 265 -25.02 12.70 23.68
C ASP B 265 -23.54 12.92 23.37
N ARG B 266 -22.95 11.95 22.70
CA ARG B 266 -21.54 11.91 22.41
C ARG B 266 -21.09 13.02 21.40
N VAL B 267 -22.03 13.58 20.65
CA VAL B 267 -21.71 14.59 19.63
C VAL B 267 -21.30 15.88 20.28
N THR B 268 -21.63 16.02 21.56
CA THR B 268 -21.11 17.14 22.34
C THR B 268 -19.59 17.09 22.37
N GLU B 269 -19.02 15.89 22.33
CA GLU B 269 -17.56 15.74 22.39
C GLU B 269 -16.93 16.32 21.14
N ILE B 270 -17.70 16.36 20.06
CA ILE B 270 -17.26 16.98 18.82
C ILE B 270 -17.48 18.46 18.95
N ASP B 271 -18.70 18.83 19.33
CA ASP B 271 -19.10 20.23 19.47
C ASP B 271 -18.22 21.02 20.41
N THR B 272 -17.87 20.45 21.56
CA THR B 272 -17.02 21.19 22.48
C THR B 272 -15.64 21.52 21.84
N ILE B 273 -15.11 20.61 21.01
CA ILE B 273 -13.84 20.85 20.32
C ILE B 273 -13.97 21.96 19.27
N LEU B 274 -15.03 21.89 18.48
CA LEU B 274 -15.28 22.87 17.44
C LEU B 274 -15.71 24.26 17.93
N ASP B 275 -15.75 24.44 19.24
CA ASP B 275 -16.04 25.74 19.83
C ASP B 275 -14.92 26.26 20.73
N LYS B 276 -13.89 25.46 20.96
CA LYS B 276 -12.80 25.87 21.83
C LYS B 276 -11.93 26.92 21.12
N GLN B 277 -12.01 27.00 19.79
CA GLN B 277 -11.25 28.00 19.06
C GLN B 277 -11.99 28.49 17.81
N PRO B 278 -11.71 29.73 17.40
CA PRO B 278 -12.43 30.36 16.28
C PRO B 278 -12.27 29.69 14.91
N ARG B 279 -11.07 29.25 14.53
CA ARG B 279 -10.90 28.60 13.22
C ARG B 279 -10.02 27.34 13.20
N PHE B 280 -10.14 26.62 12.07
CA PHE B 280 -9.46 25.35 11.88
C PHE B 280 -8.71 25.27 10.55
N THR B 281 -7.45 24.81 10.61
CA THR B 281 -6.69 24.43 9.41
C THR B 281 -7.10 23.02 9.06
N ALA B 282 -6.71 22.55 7.88
CA ALA B 282 -7.02 21.16 7.44
C ALA B 282 -6.37 20.13 8.36
N ASP B 283 -5.27 20.54 9.01
CA ASP B 283 -4.55 19.71 9.98
C ASP B 283 -5.31 19.59 11.27
N GLN B 284 -5.83 20.70 11.78
CA GLN B 284 -6.56 20.69 13.06
C GLN B 284 -7.89 19.94 12.92
N ALA B 285 -8.54 20.10 11.75
CA ALA B 285 -9.79 19.36 11.38
C ALA B 285 -9.56 17.87 11.37
N TRP B 286 -8.44 17.42 10.79
CA TRP B 286 -8.09 16.00 10.81
C TRP B 286 -7.75 15.50 12.20
N ASP B 287 -7.07 16.35 12.96
CA ASP B 287 -6.70 16.07 14.35
C ASP B 287 -7.89 15.81 15.31
N VAL B 288 -9.11 15.94 14.82
CA VAL B 288 -10.29 15.73 15.65
C VAL B 288 -10.57 14.23 15.70
N ILE B 289 -10.22 13.52 14.64
CA ILE B 289 -10.32 12.08 14.63
C ILE B 289 -9.51 11.50 15.78
N ARG B 290 -8.34 12.05 16.04
CA ARG B 290 -7.52 11.58 17.15
C ARG B 290 -8.26 11.85 18.44
N GLN B 291 -8.75 13.09 18.59
CA GLN B 291 -9.28 13.54 19.88
C GLN B 291 -10.50 12.74 20.30
N THR B 292 -11.47 12.66 19.42
CA THR B 292 -12.66 11.89 19.65
C THR B 292 -12.35 10.39 19.78
N SER B 293 -11.31 9.90 19.11
CA SER B 293 -10.98 8.46 19.12
C SER B 293 -10.76 7.89 20.51
N ARG B 294 -10.08 8.67 21.35
CA ARG B 294 -9.57 8.20 22.62
C ARG B 294 -10.34 8.81 23.74
N ARG B 295 -11.45 9.44 23.39
CA ARG B 295 -12.25 10.20 24.34
C ARG B 295 -13.19 9.27 25.08
N ASP B 296 -13.09 9.23 26.41
CA ASP B 296 -14.09 8.54 27.24
C ASP B 296 -15.39 9.33 27.19
N LEU B 297 -16.47 8.64 26.81
CA LEU B 297 -17.74 9.30 26.49
C LEU B 297 -18.66 9.55 27.69
N ASN B 298 -18.38 8.93 28.84
CA ASN B 298 -19.24 9.06 30.02
C ASN B 298 -18.70 9.99 31.12
N LEU B 299 -17.43 10.32 31.10
CA LEU B 299 -16.87 11.14 32.19
C LEU B 299 -17.60 12.49 32.35
N ARG B 300 -17.80 13.17 31.24
CA ARG B 300 -18.50 14.48 31.19
C ARG B 300 -19.92 14.43 31.75
N LEU B 301 -20.61 13.31 31.51
CA LEU B 301 -21.99 13.14 31.94
C LEU B 301 -22.14 12.96 33.46
N PHE B 302 -21.32 12.13 34.10
CA PHE B 302 -21.58 11.72 35.49
C PHE B 302 -20.65 12.31 36.55
N LEU B 303 -19.65 13.06 36.12
CA LEU B 303 -18.67 13.56 37.02
C LEU B 303 -19.20 14.66 37.95
N PRO B 304 -20.12 15.50 37.46
CA PRO B 304 -20.72 16.42 38.44
C PRO B 304 -21.39 15.66 39.60
N ALA B 305 -22.25 14.69 39.28
CA ALA B 305 -22.95 13.89 40.28
C ALA B 305 -22.00 13.16 41.22
N LEU B 306 -20.91 12.58 40.70
CA LEU B 306 -19.99 11.85 41.56
C LEU B 306 -19.26 12.84 42.45
N LYS B 307 -18.97 14.02 41.91
CA LYS B 307 -18.19 15.02 42.64
C LYS B 307 -18.91 15.51 43.91
N ASP B 308 -20.23 15.64 43.83
CA ASP B 308 -20.97 16.22 44.94
C ASP B 308 -21.60 15.17 45.83
N ALA B 309 -21.66 13.93 45.35
CA ALA B 309 -22.10 12.79 46.17
C ALA B 309 -21.01 12.40 47.18
N THR B 310 -19.76 12.73 46.87
CA THR B 310 -18.63 12.39 47.71
C THR B 310 -17.95 13.61 48.32
N ALA B 311 -18.56 14.78 48.16
CA ALA B 311 -17.95 16.02 48.61
C ALA B 311 -17.73 16.03 50.13
N ASN B 312 -18.61 15.31 50.85
CA ASN B 312 -18.61 15.29 52.33
C ASN B 312 -17.79 14.16 52.92
N LEU B 313 -17.29 13.26 52.08
CA LEU B 313 -16.50 12.14 52.56
C LEU B 313 -15.06 12.53 52.81
N ALA B 314 -14.39 11.76 53.64
CA ALA B 314 -12.97 11.97 53.91
C ALA B 314 -12.14 11.40 52.75
N GLU B 315 -10.90 11.87 52.63
CA GLU B 315 -10.00 11.46 51.54
C GLU B 315 -9.59 9.99 51.61
N ASN B 316 -9.43 9.46 52.81
CA ASN B 316 -9.15 8.04 52.97
C ASN B 316 -10.31 7.13 52.54
N ASP B 317 -11.50 7.69 52.34
CA ASP B 317 -12.64 6.92 51.87
C ASP B 317 -12.43 6.55 50.41
N PRO B 318 -12.36 5.24 50.14
CA PRO B 318 -12.19 4.74 48.77
C PRO B 318 -13.17 5.32 47.75
N ARG B 319 -14.41 5.52 48.17
CA ARG B 319 -15.42 6.06 47.29
C ARG B 319 -15.06 7.49 46.88
N ARG B 320 -14.47 8.27 47.79
CA ARG B 320 -13.95 9.57 47.38
C ARG B 320 -12.67 9.43 46.58
N GLN B 321 -11.81 8.49 47.00
CA GLN B 321 -10.53 8.29 46.32
C GLN B 321 -10.78 8.07 44.86
N LEU B 322 -11.69 7.16 44.53
CA LEU B 322 -12.06 6.89 43.15
C LEU B 322 -12.42 8.18 42.44
N VAL B 323 -13.34 8.94 43.02
CA VAL B 323 -13.84 10.18 42.40
C VAL B 323 -12.73 11.25 42.23
N ASP B 324 -11.78 11.32 43.16
CA ASP B 324 -10.65 12.27 43.03
C ASP B 324 -9.75 11.90 41.88
N LYS B 325 -9.65 10.60 41.65
CA LYS B 325 -8.89 10.05 40.53
C LYS B 325 -9.57 10.49 39.22
N LEU B 326 -10.86 10.23 39.10
CA LEU B 326 -11.62 10.75 37.95
C LEU B 326 -11.54 12.27 37.80
N ALA B 327 -11.57 12.99 38.92
CA ALA B 327 -11.48 14.47 38.89
C ALA B 327 -10.12 14.98 38.41
N SER B 328 -9.08 14.18 38.55
CA SER B 328 -7.75 14.58 38.09
C SER B 328 -7.42 14.06 36.66
N TRP B 329 -8.43 13.72 35.88
CA TRP B 329 -8.24 13.01 34.61
C TRP B 329 -8.76 13.87 33.49
N ASP B 330 -8.00 13.98 32.40
CA ASP B 330 -8.44 14.83 31.28
C ASP B 330 -9.44 14.12 30.36
N GLY B 331 -9.76 12.87 30.66
CA GLY B 331 -10.82 12.19 29.97
C GLY B 331 -10.40 11.61 28.63
N GLU B 332 -9.09 11.47 28.41
CA GLU B 332 -8.56 10.84 27.22
C GLU B 332 -7.79 9.57 27.60
N ASN B 333 -8.02 8.49 26.88
CA ASN B 333 -7.33 7.22 27.14
C ASN B 333 -6.12 7.03 26.22
N LEU B 334 -4.96 6.86 26.82
CA LEU B 334 -3.76 6.56 26.05
C LEU B 334 -3.21 5.26 26.56
N VAL B 335 -2.88 4.36 25.63
CA VAL B 335 -2.34 3.03 25.96
C VAL B 335 -0.84 3.12 26.15
N ASN B 336 -0.33 2.38 27.13
CA ASN B 336 1.10 2.32 27.44
C ASN B 336 1.93 1.56 26.39
N ASP B 337 3.25 1.65 26.54
CA ASP B 337 4.19 1.00 25.60
C ASP B 337 4.09 -0.53 25.60
N ASP B 338 3.77 -1.13 26.75
CA ASP B 338 3.49 -2.57 26.78
C ASP B 338 2.36 -2.92 25.81
N GLY B 339 1.51 -1.93 25.51
CA GLY B 339 0.44 -2.08 24.54
C GLY B 339 -0.81 -2.81 25.02
N LYS B 340 -0.91 -3.06 26.33
CA LYS B 340 -2.01 -3.87 26.90
C LYS B 340 -2.78 -3.18 28.02
N THR B 341 -2.39 -1.95 28.38
CA THR B 341 -2.99 -1.25 29.51
C THR B 341 -3.19 0.22 29.18
N TYR B 342 -4.10 0.89 29.89
CA TYR B 342 -4.23 2.34 29.76
C TYR B 342 -3.38 3.06 30.83
N GLN B 343 -2.92 4.26 30.52
CA GLN B 343 -2.19 5.09 31.46
C GLN B 343 -3.02 5.45 32.69
N GLN B 344 -4.33 5.63 32.48
CA GLN B 344 -5.24 6.00 33.56
C GLN B 344 -6.39 4.97 33.69
N PRO B 345 -6.73 4.59 34.94
CA PRO B 345 -7.81 3.64 35.19
C PRO B 345 -9.23 4.21 35.09
N GLY B 346 -9.37 5.46 34.64
CA GLY B 346 -10.66 6.14 34.56
C GLY B 346 -11.80 5.28 33.98
N SER B 347 -11.60 4.71 32.78
CA SER B 347 -12.71 4.02 32.14
C SER B 347 -13.11 2.78 32.93
N ALA B 348 -12.14 2.02 33.37
CA ALA B 348 -12.44 0.85 34.23
C ALA B 348 -13.28 1.26 35.45
N ILE B 349 -12.89 2.37 36.08
CA ILE B 349 -13.63 2.91 37.22
C ILE B 349 -15.09 3.25 36.85
N LEU B 350 -15.26 4.08 35.83
CA LEU B 350 -16.59 4.43 35.38
C LEU B 350 -17.41 3.21 34.92
N ASN B 351 -16.78 2.25 34.26
CA ASN B 351 -17.46 1.00 33.84
C ASN B 351 -18.07 0.24 35.02
N ALA B 352 -17.27 0.10 36.09
CA ALA B 352 -17.68 -0.50 37.34
C ALA B 352 -18.84 0.26 37.95
N TRP B 353 -18.60 1.52 38.25
CA TRP B 353 -19.64 2.35 38.84
C TRP B 353 -20.91 2.29 38.01
N LEU B 354 -20.80 2.60 36.73
CA LEU B 354 -21.97 2.67 35.86
C LEU B 354 -22.73 1.38 35.83
N THR B 355 -22.02 0.26 35.77
CA THR B 355 -22.65 -1.06 35.79
C THR B 355 -23.49 -1.30 37.07
N SER B 356 -22.90 -0.96 38.22
CA SER B 356 -23.58 -1.03 39.50
C SER B 356 -24.80 -0.11 39.56
N MET B 357 -24.65 1.13 39.09
CA MET B 357 -25.75 2.10 39.08
C MET B 357 -26.95 1.61 38.27
N LEU B 358 -26.71 1.10 37.07
CA LEU B 358 -27.80 0.60 36.23
C LEU B 358 -28.51 -0.60 36.86
N LYS B 359 -27.75 -1.44 37.55
CA LYS B 359 -28.30 -2.58 38.24
C LYS B 359 -29.26 -2.15 39.40
N ARG B 360 -29.02 -0.97 39.95
CA ARG B 360 -29.82 -0.44 41.06
C ARG B 360 -31.01 0.42 40.61
N THR B 361 -30.91 1.06 39.45
CA THR B 361 -31.94 1.97 38.98
C THR B 361 -32.75 1.36 37.81
N VAL B 362 -32.33 1.63 36.59
CA VAL B 362 -33.12 1.39 35.40
C VAL B 362 -33.55 -0.06 35.33
N VAL B 363 -32.58 -0.95 35.56
CA VAL B 363 -32.78 -2.38 35.54
C VAL B 363 -33.75 -2.87 36.61
N ALA B 364 -33.59 -2.38 37.83
CA ALA B 364 -34.51 -2.73 38.92
C ALA B 364 -35.95 -2.38 38.58
N ALA B 365 -36.15 -1.25 37.91
CA ALA B 365 -37.50 -0.78 37.59
C ALA B 365 -38.14 -1.53 36.44
N VAL B 366 -37.39 -2.40 35.79
CA VAL B 366 -37.88 -3.09 34.62
C VAL B 366 -38.05 -4.56 35.02
N PRO B 367 -39.20 -5.15 34.65
CA PRO B 367 -39.43 -6.58 34.92
C PRO B 367 -38.43 -7.49 34.19
N ALA B 368 -37.85 -8.43 34.93
CA ALA B 368 -36.94 -9.44 34.37
C ALA B 368 -37.74 -10.29 33.40
N PRO B 369 -37.19 -10.60 32.21
CA PRO B 369 -35.82 -10.50 31.74
C PRO B 369 -35.47 -9.22 30.96
N PHE B 370 -36.36 -8.26 30.89
CA PHE B 370 -36.12 -7.07 30.05
C PHE B 370 -35.09 -6.09 30.63
N GLY B 371 -34.75 -6.27 31.90
CA GLY B 371 -33.65 -5.52 32.52
C GLY B 371 -32.29 -5.79 31.89
N LYS B 372 -32.17 -6.85 31.11
CA LYS B 372 -30.95 -7.09 30.33
C LYS B 372 -30.77 -6.08 29.17
N TRP B 373 -31.83 -5.39 28.82
CA TRP B 373 -31.78 -4.36 27.81
C TRP B 373 -31.12 -3.07 28.28
N TYR B 374 -30.97 -2.90 29.59
CA TYR B 374 -30.55 -1.63 30.20
C TYR B 374 -29.43 -1.85 31.17
N SER B 375 -28.89 -3.07 31.19
CA SER B 375 -27.78 -3.42 32.09
C SER B 375 -26.46 -2.86 31.60
N ALA B 376 -26.27 -2.78 30.27
CA ALA B 376 -24.94 -2.46 29.70
C ALA B 376 -24.41 -1.09 30.13
N SER B 377 -23.16 -1.03 30.55
CA SER B 377 -22.52 0.24 30.87
C SER B 377 -21.84 0.85 29.66
N GLY B 378 -21.92 0.16 28.53
CA GLY B 378 -21.37 0.66 27.28
C GLY B 378 -19.86 0.55 27.12
N TYR B 379 -19.21 -0.20 28.01
CA TYR B 379 -17.75 -0.41 28.00
C TYR B 379 -17.34 -1.86 27.79
N GLU B 380 -18.08 -2.78 28.39
CA GLU B 380 -17.67 -4.17 28.42
C GLU B 380 -17.60 -4.71 27.03
N THR B 381 -16.44 -5.26 26.69
CA THR B 381 -16.30 -5.92 25.43
C THR B 381 -15.35 -7.14 25.50
N THR B 382 -15.51 -7.99 24.50
CA THR B 382 -14.77 -9.22 24.36
C THR B 382 -13.32 -8.98 23.91
N GLN B 383 -12.55 -10.07 23.82
CA GLN B 383 -11.11 -9.99 23.63
C GLN B 383 -10.72 -9.27 22.31
N ASP B 384 -11.44 -9.56 21.22
CA ASP B 384 -11.08 -9.00 19.92
C ASP B 384 -11.43 -7.51 19.82
N GLY B 385 -12.08 -6.95 20.83
CA GLY B 385 -12.38 -5.54 20.85
C GLY B 385 -13.71 -5.20 20.20
N PRO B 386 -14.12 -3.91 20.29
CA PRO B 386 -15.45 -3.53 19.88
C PRO B 386 -15.77 -3.79 18.41
N THR B 387 -17.04 -4.09 18.18
CA THR B 387 -17.54 -4.58 16.91
C THR B 387 -17.75 -3.39 15.99
N GLY B 388 -17.86 -2.21 16.59
CA GLY B 388 -18.14 -0.96 15.86
C GLY B 388 -17.70 0.27 16.71
N SER B 389 -18.52 1.30 16.77
CA SER B 389 -18.15 2.45 17.56
C SER B 389 -18.47 2.23 19.01
N LEU B 390 -18.12 3.20 19.82
CA LEU B 390 -18.55 3.21 21.21
C LEU B 390 -19.49 4.38 21.43
N ASN B 391 -20.48 4.15 22.28
CA ASN B 391 -21.50 5.12 22.51
C ASN B 391 -21.87 5.15 23.97
N ILE B 392 -22.61 6.18 24.33
CA ILE B 392 -23.25 6.23 25.63
C ILE B 392 -24.39 5.20 25.51
N SER B 393 -24.55 4.35 26.51
CA SER B 393 -25.55 3.27 26.43
C SER B 393 -26.94 3.76 26.81
N VAL B 394 -27.94 2.98 26.42
CA VAL B 394 -29.32 3.36 26.62
C VAL B 394 -29.61 3.46 28.09
N GLY B 395 -28.99 2.62 28.88
CA GLY B 395 -29.14 2.68 30.32
C GLY B 395 -28.61 3.99 30.85
N ALA B 396 -27.40 4.32 30.45
CA ALA B 396 -26.73 5.52 30.93
C ALA B 396 -27.52 6.78 30.63
N LYS B 397 -28.19 6.78 29.48
CA LYS B 397 -28.87 7.94 28.97
C LYS B 397 -30.11 8.19 29.79
N ILE B 398 -30.91 7.14 29.96
CA ILE B 398 -32.05 7.16 30.86
C ILE B 398 -31.63 7.60 32.28
N LEU B 399 -30.56 7.04 32.81
CA LEU B 399 -30.08 7.39 34.13
C LEU B 399 -29.76 8.87 34.19
N TYR B 400 -29.11 9.37 33.14
CA TYR B 400 -28.74 10.75 33.05
C TYR B 400 -29.95 11.66 33.16
N GLU B 401 -31.06 11.30 32.52
CA GLU B 401 -32.27 12.11 32.61
C GLU B 401 -32.76 12.13 34.09
N ALA B 402 -32.63 11.00 34.77
CA ALA B 402 -33.08 10.92 36.16
C ALA B 402 -32.17 11.70 37.10
N LEU B 403 -30.89 11.74 36.78
CA LEU B 403 -29.93 12.51 37.55
C LEU B 403 -30.15 14.01 37.37
N GLN B 404 -30.76 14.36 36.26
CA GLN B 404 -31.08 15.74 35.95
C GLN B 404 -32.30 16.18 36.72
N GLY B 405 -33.24 15.27 36.92
CA GLY B 405 -34.44 15.54 37.71
C GLY B 405 -35.39 16.46 36.98
N ASP B 406 -35.71 17.57 37.63
CA ASP B 406 -36.64 18.53 37.05
C ASP B 406 -36.06 19.31 35.88
N LYS B 407 -34.73 19.27 35.71
CA LYS B 407 -34.09 19.83 34.52
C LYS B 407 -34.31 18.94 33.28
N SER B 408 -34.83 17.73 33.46
CA SER B 408 -35.14 16.88 32.31
C SER B 408 -36.56 17.11 31.92
N PRO B 409 -36.84 17.23 30.62
CA PRO B 409 -38.22 17.32 30.14
C PRO B 409 -38.96 16.01 30.19
N ILE B 410 -38.32 14.94 30.67
CA ILE B 410 -38.93 13.63 30.69
C ILE B 410 -39.62 13.31 32.01
N PRO B 411 -40.92 12.96 31.93
CA PRO B 411 -41.72 12.69 33.14
C PRO B 411 -41.27 11.41 33.81
N GLN B 412 -40.87 11.48 35.07
CA GLN B 412 -40.39 10.31 35.82
C GLN B 412 -41.54 9.54 36.45
N ALA B 413 -42.21 8.72 35.64
CA ALA B 413 -43.31 7.87 36.06
C ALA B 413 -42.97 7.01 37.29
N VAL B 414 -41.87 6.27 37.19
CA VAL B 414 -41.30 5.55 38.34
C VAL B 414 -40.00 6.21 38.76
N ASP B 415 -39.83 6.45 40.07
CA ASP B 415 -38.57 6.96 40.56
C ASP B 415 -37.54 5.84 40.47
N LEU B 416 -36.44 6.11 39.77
CA LEU B 416 -35.36 5.16 39.67
C LEU B 416 -34.59 5.03 41.00
N PHE B 417 -34.60 6.06 41.84
CA PHE B 417 -33.82 6.03 43.07
C PHE B 417 -34.56 5.42 44.27
N GLY B 418 -35.72 4.81 44.02
CA GLY B 418 -36.50 4.09 45.04
C GLY B 418 -36.77 4.86 46.34
N GLY B 419 -37.15 6.13 46.20
CA GLY B 419 -37.44 6.95 47.37
C GLY B 419 -36.22 7.48 48.06
N LYS B 420 -35.05 6.94 47.75
CA LYS B 420 -33.80 7.43 48.35
C LYS B 420 -33.21 8.58 47.55
N PRO B 421 -32.40 9.44 48.19
CA PRO B 421 -31.76 10.53 47.46
C PRO B 421 -30.71 10.02 46.48
N GLN B 422 -30.44 10.77 45.41
CA GLN B 422 -29.43 10.37 44.41
C GLN B 422 -28.17 9.92 45.13
N GLN B 423 -27.65 10.81 45.99
CA GLN B 423 -26.32 10.67 46.61
C GLN B 423 -26.14 9.35 47.33
N GLU B 424 -27.24 8.81 47.84
CA GLU B 424 -27.24 7.50 48.52
C GLU B 424 -27.03 6.34 47.52
N VAL B 425 -27.74 6.34 46.40
CA VAL B 425 -27.55 5.29 45.37
C VAL B 425 -26.20 5.43 44.69
N ILE B 426 -25.81 6.65 44.38
CA ILE B 426 -24.49 6.91 43.81
C ILE B 426 -23.41 6.32 44.71
N LEU B 427 -23.47 6.63 46.00
CA LEU B 427 -22.45 6.14 46.96
C LEU B 427 -22.48 4.64 47.12
N ALA B 428 -23.65 4.05 47.05
CA ALA B 428 -23.73 2.59 47.09
C ALA B 428 -23.02 1.94 45.89
N ALA B 429 -23.20 2.48 44.68
CA ALA B 429 -22.56 1.95 43.48
C ALA B 429 -21.05 2.15 43.51
N LEU B 430 -20.59 3.23 44.15
CA LEU B 430 -19.14 3.45 44.30
C LEU B 430 -18.55 2.42 45.23
N ASP B 431 -19.30 2.05 46.27
CA ASP B 431 -18.89 1.00 47.19
C ASP B 431 -18.77 -0.33 46.46
N ASP B 432 -19.75 -0.66 45.60
CA ASP B 432 -19.67 -1.84 44.72
C ASP B 432 -18.44 -1.75 43.84
N ALA B 433 -18.30 -0.62 43.15
CA ALA B 433 -17.17 -0.41 42.25
C ALA B 433 -15.87 -0.66 43.00
N TRP B 434 -15.74 -0.10 44.20
CA TRP B 434 -14.51 -0.28 44.97
C TRP B 434 -14.24 -1.72 45.38
N GLN B 435 -15.28 -2.43 45.79
CA GLN B 435 -15.14 -3.81 46.18
C GLN B 435 -14.59 -4.60 45.01
N THR B 436 -15.27 -4.51 43.85
CA THR B 436 -14.91 -5.32 42.68
C THR B 436 -13.55 -4.92 42.05
N LEU B 437 -13.19 -3.63 42.12
CA LEU B 437 -11.93 -3.14 41.53
C LEU B 437 -10.74 -3.33 42.46
N SER B 438 -10.97 -3.26 43.77
CA SER B 438 -9.88 -3.47 44.72
C SER B 438 -9.49 -4.94 44.76
N LYS B 439 -10.43 -5.81 44.40
CA LYS B 439 -10.17 -7.24 44.33
C LYS B 439 -9.34 -7.57 43.13
N ARG B 440 -9.57 -6.86 42.02
CA ARG B 440 -8.95 -7.22 40.75
C ARG B 440 -7.56 -6.63 40.62
N TYR B 441 -7.40 -5.34 40.86
CA TYR B 441 -6.10 -4.68 40.66
C TYR B 441 -5.41 -4.31 41.96
N GLY B 442 -6.03 -4.63 43.09
CA GLY B 442 -5.40 -4.40 44.39
C GLY B 442 -5.74 -3.08 45.04
N ASN B 443 -5.25 -2.88 46.27
CA ASN B 443 -5.68 -1.75 47.13
C ASN B 443 -4.98 -0.40 46.94
N ASP B 444 -3.92 -0.36 46.15
CA ASP B 444 -3.28 0.90 45.78
C ASP B 444 -3.70 1.33 44.38
N VAL B 445 -4.51 2.38 44.32
CA VAL B 445 -5.02 2.93 43.05
C VAL B 445 -3.92 3.37 42.09
N THR B 446 -2.82 3.92 42.61
CA THR B 446 -1.74 4.42 41.76
C THR B 446 -0.93 3.33 41.05
N GLY B 447 -1.19 2.07 41.39
CA GLY B 447 -0.57 0.96 40.69
C GLY B 447 -1.51 0.26 39.71
N TRP B 448 -2.72 0.78 39.52
CA TRP B 448 -3.72 0.07 38.73
C TRP B 448 -3.41 0.09 37.23
N LYS B 449 -3.24 -1.10 36.67
CA LYS B 449 -2.99 -1.30 35.26
C LYS B 449 -4.21 -1.92 34.60
N THR B 450 -5.11 -1.08 34.13
CA THR B 450 -6.36 -1.58 33.60
C THR B 450 -6.28 -1.92 32.12
N PRO B 451 -6.91 -3.01 31.71
CA PRO B 451 -6.86 -3.45 30.31
C PRO B 451 -7.24 -2.36 29.30
N ALA B 452 -6.34 -2.08 28.36
CA ALA B 452 -6.68 -1.27 27.18
C ALA B 452 -7.49 -2.06 26.15
N MET B 453 -8.38 -1.39 25.44
CA MET B 453 -9.25 -2.01 24.43
C MET B 453 -8.49 -2.19 23.14
N ALA B 454 -8.55 -3.38 22.59
CA ALA B 454 -7.87 -3.67 21.33
C ALA B 454 -8.81 -3.49 20.16
N LEU B 455 -8.26 -3.61 18.94
CA LEU B 455 -9.01 -3.48 17.68
C LEU B 455 -8.63 -4.61 16.73
N THR B 456 -9.56 -5.01 15.87
CA THR B 456 -9.37 -6.14 14.97
C THR B 456 -9.97 -5.84 13.60
N PHE B 457 -9.38 -6.37 12.55
CA PHE B 457 -10.00 -6.29 11.22
C PHE B 457 -10.54 -7.66 10.91
N ARG B 458 -11.78 -7.89 11.29
CA ARG B 458 -12.32 -9.22 11.27
C ARG B 458 -12.39 -9.78 9.86
N ALA B 459 -12.17 -11.08 9.73
CA ALA B 459 -12.26 -11.77 8.44
C ALA B 459 -13.70 -12.10 7.99
N ASN B 460 -14.66 -11.67 8.78
CA ASN B 460 -16.06 -11.92 8.48
C ASN B 460 -16.77 -10.60 8.29
N ASN B 461 -17.66 -10.54 7.30
CA ASN B 461 -18.41 -9.32 7.04
C ASN B 461 -19.45 -9.12 8.14
N PHE B 462 -20.15 -7.99 8.12
CA PHE B 462 -21.05 -7.64 9.22
C PHE B 462 -22.18 -8.70 9.44
N PHE B 463 -22.62 -9.36 8.38
CA PHE B 463 -23.58 -10.46 8.49
C PHE B 463 -23.09 -11.65 9.31
N GLY B 464 -21.80 -11.74 9.50
CA GLY B 464 -21.20 -12.89 10.22
C GLY B 464 -20.72 -13.97 9.29
N VAL B 465 -20.63 -13.61 8.00
CA VAL B 465 -20.25 -14.52 6.90
C VAL B 465 -18.81 -14.19 6.52
N PRO B 466 -17.97 -15.21 6.31
CA PRO B 466 -16.56 -14.97 6.03
C PRO B 466 -16.35 -14.37 4.65
N GLN B 467 -15.42 -13.43 4.58
CA GLN B 467 -15.08 -12.75 3.32
C GLN B 467 -13.59 -12.83 3.12
N ALA B 468 -12.96 -13.77 3.83
CA ALA B 468 -11.51 -13.97 3.82
C ALA B 468 -11.21 -15.16 4.73
N ALA B 469 -9.96 -15.63 4.75
CA ALA B 469 -9.62 -16.75 5.64
C ALA B 469 -9.45 -16.26 7.07
N ALA B 470 -9.76 -17.12 8.02
CA ALA B 470 -9.62 -16.77 9.42
C ALA B 470 -8.26 -16.15 9.76
N LYS B 471 -7.23 -16.59 9.05
CA LYS B 471 -5.85 -16.09 9.21
C LYS B 471 -5.67 -14.60 8.86
N GLU B 472 -6.50 -14.09 7.96
CA GLU B 472 -6.30 -12.75 7.40
C GLU B 472 -6.68 -11.63 8.38
N ALA B 473 -7.26 -12.00 9.51
CA ALA B 473 -7.58 -11.06 10.55
C ALA B 473 -6.35 -10.32 11.03
N ARG B 474 -6.44 -9.00 11.11
CA ARG B 474 -5.32 -8.13 11.50
C ARG B 474 -5.60 -7.49 12.83
N HIS B 475 -4.56 -7.29 13.63
CA HIS B 475 -4.72 -6.76 14.96
C HIS B 475 -4.16 -5.35 15.04
N GLN B 476 -4.61 -4.59 16.03
CA GLN B 476 -4.12 -3.24 16.31
C GLN B 476 -4.28 -3.01 17.81
N ALA B 477 -3.19 -2.72 18.49
CA ALA B 477 -3.21 -2.64 19.93
C ALA B 477 -4.23 -1.63 20.41
N GLU B 478 -4.28 -0.45 19.82
CA GLU B 478 -5.17 0.62 20.32
C GLU B 478 -6.50 0.69 19.53
N TYR B 479 -7.59 0.27 20.18
CA TYR B 479 -8.92 0.60 19.71
C TYR B 479 -9.04 2.12 19.61
N GLN B 480 -9.70 2.57 18.55
CA GLN B 480 -9.90 3.96 18.30
C GLN B 480 -11.34 4.16 17.87
N ASN B 481 -12.02 5.06 18.56
CA ASN B 481 -13.43 5.31 18.31
C ASN B 481 -13.54 6.23 17.13
N ARG B 482 -13.43 5.66 15.94
CA ARG B 482 -13.35 6.44 14.73
C ARG B 482 -13.86 5.65 13.52
N GLY B 483 -13.92 6.33 12.39
CA GLY B 483 -14.48 5.77 11.20
C GLY B 483 -13.71 4.55 10.74
N THR B 484 -14.45 3.58 10.18
CA THR B 484 -13.85 2.45 9.50
C THR B 484 -12.77 2.96 8.56
N GLU B 485 -13.14 3.94 7.75
CA GLU B 485 -12.21 4.78 7.01
C GLU B 485 -12.39 6.23 7.47
N ASN B 486 -11.44 7.07 7.16
CA ASN B 486 -11.59 8.49 7.34
C ASN B 486 -11.23 9.17 6.05
N ASP B 487 -12.04 10.13 5.61
CA ASP B 487 -11.66 10.96 4.46
C ASP B 487 -11.79 12.43 4.81
N MET B 488 -10.95 13.25 4.18
CA MET B 488 -11.00 14.70 4.32
C MET B 488 -10.86 15.36 2.97
N ILE B 489 -11.72 16.34 2.71
CA ILE B 489 -11.62 17.21 1.55
C ILE B 489 -11.43 18.63 2.07
N VAL B 490 -10.51 19.37 1.44
CA VAL B 490 -10.22 20.75 1.78
C VAL B 490 -10.37 21.62 0.55
N PHE B 491 -11.23 22.62 0.60
CA PHE B 491 -11.55 23.43 -0.57
C PHE B 491 -10.85 24.78 -0.55
N SER B 492 -10.35 25.16 -1.73
CA SER B 492 -9.65 26.42 -1.97
C SER B 492 -8.56 26.67 -0.94
N PRO B 493 -7.57 25.76 -0.87
CA PRO B 493 -6.49 25.96 0.09
C PRO B 493 -5.64 27.15 -0.35
N THR B 494 -5.33 28.06 0.59
CA THR B 494 -4.61 29.29 0.25
C THR B 494 -3.23 29.01 -0.37
N SER B 495 -2.57 27.98 0.14
CA SER B 495 -1.26 27.56 -0.38
C SER B 495 -1.45 26.49 -1.44
N GLY B 496 -0.71 26.62 -2.55
CA GLY B 496 -0.68 25.57 -3.56
C GLY B 496 -1.42 25.93 -4.83
N ASN B 497 -1.27 25.07 -5.83
CA ASN B 497 -1.85 25.30 -7.14
C ASN B 497 -3.19 24.60 -7.32
N ARG B 498 -3.57 23.76 -6.34
CA ARG B 498 -4.79 22.97 -6.46
C ARG B 498 -6.01 23.60 -5.80
N PRO B 499 -7.15 23.58 -6.49
CA PRO B 499 -8.38 24.10 -5.91
C PRO B 499 -8.92 23.26 -4.73
N VAL B 500 -8.74 21.94 -4.80
CA VAL B 500 -9.24 21.00 -3.80
C VAL B 500 -8.14 20.00 -3.45
N LEU B 501 -7.98 19.70 -2.16
CA LEU B 501 -7.05 18.70 -1.71
C LEU B 501 -7.82 17.61 -0.95
N ALA B 502 -7.66 16.36 -1.37
CA ALA B 502 -8.36 15.25 -0.72
C ALA B 502 -7.39 14.19 -0.18
N TRP B 503 -7.81 13.56 0.91
CA TRP B 503 -7.05 12.52 1.56
C TRP B 503 -8.04 11.48 2.05
N ASP B 504 -7.54 10.25 2.23
CA ASP B 504 -8.30 9.24 2.94
C ASP B 504 -7.39 8.06 3.33
N VAL B 505 -7.98 7.01 3.88
CA VAL B 505 -7.24 5.87 4.36
C VAL B 505 -8.15 4.63 4.39
N VAL B 506 -7.86 3.68 3.50
CA VAL B 506 -8.61 2.43 3.35
C VAL B 506 -7.75 1.27 3.84
N ALA B 507 -7.81 1.01 5.15
CA ALA B 507 -7.03 -0.05 5.78
C ALA B 507 -7.84 -1.35 5.73
N PRO B 508 -7.16 -2.51 5.62
CA PRO B 508 -5.72 -2.71 5.63
C PRO B 508 -4.99 -2.16 4.39
N GLY B 509 -5.64 -2.29 3.22
CA GLY B 509 -5.15 -1.78 1.96
C GLY B 509 -6.23 -1.88 0.88
N GLN B 510 -5.88 -1.43 -0.32
CA GLN B 510 -6.82 -1.39 -1.44
C GLN B 510 -7.18 -2.80 -1.95
N SER B 511 -6.22 -3.72 -1.95
CA SER B 511 -6.41 -5.08 -2.48
C SER B 511 -6.70 -6.16 -1.43
N GLY B 512 -7.44 -7.17 -1.83
CA GLY B 512 -7.71 -8.34 -0.99
C GLY B 512 -7.20 -9.60 -1.64
N PHE B 513 -6.36 -9.43 -2.64
CA PHE B 513 -5.94 -10.54 -3.49
C PHE B 513 -4.83 -11.35 -2.88
N ILE B 514 -5.02 -12.67 -2.84
CA ILE B 514 -3.99 -13.61 -2.52
C ILE B 514 -3.96 -14.65 -3.62
N ALA B 515 -2.79 -14.83 -4.23
CA ALA B 515 -2.62 -15.76 -5.36
C ALA B 515 -2.68 -17.21 -4.86
N PRO B 516 -2.98 -18.16 -5.74
CA PRO B 516 -3.10 -19.54 -5.30
C PRO B 516 -1.90 -20.02 -4.51
N ASP B 517 -0.71 -19.52 -4.84
CA ASP B 517 0.48 -19.93 -4.12
C ASP B 517 0.59 -19.20 -2.80
N GLY B 518 -0.35 -18.30 -2.56
CA GLY B 518 -0.50 -17.66 -1.29
C GLY B 518 0.26 -16.36 -1.20
N LYS B 519 0.65 -15.85 -2.37
CA LYS B 519 1.38 -14.59 -2.44
C LYS B 519 0.42 -13.40 -2.38
N ALA B 520 0.60 -12.56 -1.38
CA ALA B 520 -0.23 -11.38 -1.19
C ALA B 520 0.14 -10.26 -2.12
N ASP B 521 -0.86 -9.54 -2.63
CA ASP B 521 -0.66 -8.37 -3.51
C ASP B 521 0.14 -7.29 -2.79
N LYS B 522 0.80 -6.46 -3.58
CA LYS B 522 1.61 -5.35 -3.07
C LYS B 522 0.79 -4.44 -2.11
N HIS B 523 -0.50 -4.27 -2.44
CA HIS B 523 -1.42 -3.34 -1.75
C HIS B 523 -2.46 -4.09 -0.92
N TYR B 524 -2.06 -5.25 -0.42
CA TYR B 524 -2.85 -6.02 0.51
C TYR B 524 -2.83 -5.46 1.94
N ASP B 525 -1.84 -4.64 2.27
CA ASP B 525 -1.58 -4.35 3.68
C ASP B 525 -0.91 -3.01 3.96
N ASP B 526 -0.72 -2.18 2.93
CA ASP B 526 0.13 -0.97 2.98
C ASP B 526 -0.51 0.27 3.55
N GLN B 527 -1.78 0.19 3.95
CA GLN B 527 -2.45 1.28 4.67
C GLN B 527 -2.71 0.96 6.13
N LEU B 528 -2.39 -0.27 6.53
CA LEU B 528 -2.69 -0.78 7.86
C LEU B 528 -1.92 -0.13 9.01
N LYS B 529 -0.70 0.29 8.76
CA LYS B 529 0.08 1.03 9.76
C LYS B 529 -0.26 2.49 9.69
N MET B 530 -0.73 2.91 8.51
CA MET B 530 -1.12 4.29 8.27
C MET B 530 -2.36 4.59 9.10
N TYR B 531 -3.34 3.72 9.01
CA TYR B 531 -4.55 3.84 9.81
C TYR B 531 -4.25 4.01 11.32
N GLU B 532 -3.46 3.10 11.87
CA GLU B 532 -3.11 3.08 13.28
C GLU B 532 -2.49 4.40 13.83
N SER B 533 -1.78 5.12 12.97
CA SER B 533 -1.05 6.32 13.36
C SER B 533 -1.76 7.62 12.97
N PHE B 534 -3.02 7.51 12.53
CA PHE B 534 -3.80 8.67 12.06
C PHE B 534 -3.22 9.30 10.79
N GLY B 535 -2.50 8.51 10.03
CA GLY B 535 -1.96 8.97 8.78
C GLY B 535 -3.01 8.94 7.69
N ARG B 536 -2.59 9.32 6.47
CA ARG B 536 -3.50 9.43 5.32
C ARG B 536 -2.74 9.56 4.02
N LYS B 537 -3.35 9.11 2.93
CA LYS B 537 -2.76 9.16 1.61
C LYS B 537 -3.56 10.15 0.82
N SER B 538 -3.00 10.65 -0.28
CA SER B 538 -3.68 11.63 -1.07
C SER B 538 -4.62 10.96 -2.06
N LEU B 539 -5.73 11.62 -2.34
CA LEU B 539 -6.65 11.24 -3.39
C LEU B 539 -6.41 12.17 -4.56
N TRP B 540 -6.29 11.59 -5.76
CA TRP B 540 -5.96 12.34 -6.95
C TRP B 540 -7.19 12.46 -7.78
N LEU B 541 -7.37 13.60 -8.43
CA LEU B 541 -8.52 13.82 -9.30
C LEU B 541 -8.12 14.16 -10.72
N THR B 542 -7.27 15.19 -10.85
CA THR B 542 -6.86 15.71 -12.16
C THR B 542 -5.98 14.72 -12.93
N PRO B 543 -6.07 14.71 -14.28
CA PRO B 543 -5.25 13.81 -15.14
C PRO B 543 -3.72 13.90 -14.98
N GLN B 544 -3.20 15.07 -14.63
CA GLN B 544 -1.79 15.23 -14.31
C GLN B 544 -1.47 14.49 -13.03
N ASP B 545 -2.10 14.88 -11.95
CA ASP B 545 -1.88 14.23 -10.64
C ASP B 545 -1.97 12.68 -10.76
N VAL B 546 -2.96 12.19 -11.50
CA VAL B 546 -3.14 10.75 -11.67
C VAL B 546 -1.98 10.12 -12.42
N ASP B 547 -1.66 10.69 -13.57
CA ASP B 547 -0.55 10.22 -14.41
C ASP B 547 0.82 10.36 -13.72
N GLU B 548 1.01 11.45 -12.97
CA GLU B 548 2.27 11.66 -12.28
C GLU B 548 2.49 10.64 -11.18
N HIS B 549 1.41 10.05 -10.65
CA HIS B 549 1.55 9.02 -9.63
C HIS B 549 1.11 7.64 -10.09
N LYS B 550 1.11 7.40 -11.39
CA LYS B 550 0.69 6.08 -11.92
C LYS B 550 1.69 5.02 -11.49
N GLU B 551 1.21 3.84 -11.14
CA GLU B 551 2.08 2.69 -10.90
C GLU B 551 1.85 1.67 -12.00
N SER B 552 0.65 1.66 -12.60
CA SER B 552 0.32 0.78 -13.70
C SER B 552 -0.73 1.43 -14.57
N GLN B 553 -0.85 0.95 -15.80
CA GLN B 553 -1.76 1.51 -16.77
C GLN B 553 -2.15 0.46 -17.79
N GLU B 554 -3.43 0.21 -17.88
CA GLU B 554 -3.96 -0.82 -18.73
C GLU B 554 -5.01 -0.18 -19.62
N VAL B 555 -5.16 -0.69 -20.82
CA VAL B 555 -6.13 -0.18 -21.76
C VAL B 555 -6.90 -1.39 -22.31
N LEU B 556 -8.21 -1.40 -22.15
CA LEU B 556 -9.04 -2.42 -22.74
C LEU B 556 -9.80 -1.86 -23.95
N GLN B 557 -10.22 -2.76 -24.83
CA GLN B 557 -11.16 -2.43 -25.89
C GLN B 557 -12.40 -3.20 -25.53
N VAL B 558 -13.48 -2.48 -25.26
CA VAL B 558 -14.76 -3.10 -24.89
C VAL B 558 -15.77 -2.91 -26.02
N GLN B 559 -16.38 -4.00 -26.45
CA GLN B 559 -17.32 -3.94 -27.56
C GLN B 559 -18.74 -3.96 -26.97
N ARG B 560 -19.72 -3.50 -27.76
CA ARG B 560 -21.11 -3.44 -27.29
N PRO C 29 6.86 -37.67 -1.85
CA PRO C 29 6.57 -37.91 -3.28
C PRO C 29 7.81 -38.01 -4.17
N PRO C 30 7.66 -38.54 -5.40
CA PRO C 30 8.93 -38.43 -6.08
C PRO C 30 9.05 -37.32 -7.14
N THR C 31 7.97 -37.07 -7.88
CA THR C 31 7.95 -36.08 -8.97
C THR C 31 7.71 -34.62 -8.48
N GLU C 32 7.52 -34.46 -7.19
CA GLU C 32 7.18 -33.17 -6.63
C GLU C 32 8.40 -32.29 -6.56
N VAL C 33 8.22 -31.01 -6.85
CA VAL C 33 9.24 -29.99 -6.55
C VAL C 33 8.54 -28.86 -5.83
N LYS C 34 8.99 -28.58 -4.63
CA LYS C 34 8.37 -27.54 -3.82
C LYS C 34 9.21 -26.29 -3.89
N ILE C 35 8.58 -25.19 -4.24
CA ILE C 35 9.21 -23.87 -4.21
C ILE C 35 8.63 -23.03 -3.08
N VAL C 36 9.48 -22.54 -2.19
CA VAL C 36 9.06 -21.61 -1.14
C VAL C 36 9.87 -20.31 -1.31
N ARG C 37 9.25 -19.16 -1.08
CA ARG C 37 9.98 -17.88 -1.10
C ARG C 37 10.01 -17.22 0.28
N ASP C 38 11.08 -16.47 0.55
CA ASP C 38 11.20 -15.79 1.84
C ASP C 38 10.69 -14.33 1.80
N GLU C 39 10.87 -13.61 2.90
CA GLU C 39 10.29 -12.27 3.06
C GLU C 39 10.90 -11.22 2.12
N TYR C 40 12.03 -11.54 1.48
CA TYR C 40 12.65 -10.66 0.48
C TYR C 40 12.62 -11.25 -0.92
N GLY C 41 11.83 -12.31 -1.10
CA GLY C 41 11.56 -12.84 -2.44
C GLY C 41 12.45 -13.99 -2.85
N MET C 42 13.40 -14.36 -1.97
CA MET C 42 14.43 -15.37 -2.29
C MET C 42 13.87 -16.79 -2.27
N PRO C 43 13.92 -17.47 -3.41
CA PRO C 43 13.33 -18.80 -3.51
C PRO C 43 14.18 -19.92 -2.90
N HIS C 44 13.52 -20.91 -2.31
CA HIS C 44 14.15 -22.14 -1.91
C HIS C 44 13.49 -23.27 -2.66
N ILE C 45 14.29 -24.19 -3.20
CA ILE C 45 13.77 -25.24 -4.05
C ILE C 45 13.90 -26.54 -3.29
N TYR C 46 12.85 -27.40 -3.34
CA TYR C 46 12.86 -28.75 -2.73
C TYR C 46 12.53 -29.83 -3.75
N ALA C 47 13.51 -30.70 -3.98
CA ALA C 47 13.39 -31.83 -4.90
C ALA C 47 14.36 -32.93 -4.50
N ASP C 48 14.07 -34.16 -4.93
CA ASP C 48 14.81 -35.36 -4.48
C ASP C 48 15.62 -36.00 -5.59
N ASP C 49 15.92 -35.23 -6.62
CA ASP C 49 16.82 -35.67 -7.68
C ASP C 49 17.36 -34.46 -8.39
N THR C 50 18.55 -34.62 -8.94
CA THR C 50 19.27 -33.53 -9.60
C THR C 50 18.47 -32.82 -10.68
N TYR C 51 17.84 -33.56 -11.59
CA TYR C 51 17.11 -32.95 -12.68
C TYR C 51 16.00 -32.06 -12.21
N ARG C 52 15.26 -32.53 -11.22
CA ARG C 52 14.15 -31.77 -10.65
C ARG C 52 14.62 -30.60 -9.78
N LEU C 53 15.79 -30.72 -9.20
CA LEU C 53 16.30 -29.69 -8.31
C LEU C 53 16.62 -28.43 -9.10
N PHE C 54 17.36 -28.59 -10.18
CA PHE C 54 17.74 -27.47 -11.04
C PHE C 54 16.62 -27.05 -11.98
N TYR C 55 15.61 -27.90 -12.14
CA TYR C 55 14.40 -27.50 -12.85
C TYR C 55 13.69 -26.41 -12.04
N GLY C 56 13.55 -26.67 -10.74
CA GLY C 56 13.08 -25.65 -9.81
C GLY C 56 13.88 -24.37 -9.97
N TYR C 57 15.20 -24.49 -9.92
CA TYR C 57 16.06 -23.31 -10.06
C TYR C 57 15.74 -22.56 -11.36
N GLY C 58 15.77 -23.28 -12.48
CA GLY C 58 15.45 -22.66 -13.78
C GLY C 58 14.11 -21.93 -13.77
N TYR C 59 13.09 -22.57 -13.23
CA TYR C 59 11.76 -21.99 -13.09
C TYR C 59 11.75 -20.64 -12.38
N VAL C 60 12.31 -20.56 -11.18
CA VAL C 60 12.19 -19.31 -10.39
C VAL C 60 12.97 -18.15 -11.01
N VAL C 61 14.11 -18.48 -11.62
CA VAL C 61 14.90 -17.53 -12.36
C VAL C 61 14.11 -16.93 -13.54
N ALA C 62 13.40 -17.77 -14.33
CA ALA C 62 12.58 -17.26 -15.45
C ALA C 62 11.40 -16.40 -14.98
N GLN C 63 10.94 -16.59 -13.76
CA GLN C 63 9.98 -15.66 -13.20
C GLN C 63 10.65 -14.33 -12.80
N ASP C 64 11.82 -14.39 -12.19
CA ASP C 64 12.40 -13.18 -11.59
C ASP C 64 13.20 -12.31 -12.58
N ARG C 65 13.91 -12.97 -13.49
CA ARG C 65 14.90 -12.29 -14.32
C ARG C 65 14.84 -12.68 -15.80
N LEU C 66 13.67 -13.07 -16.30
CA LEU C 66 13.57 -13.58 -17.67
C LEU C 66 14.18 -12.66 -18.72
N PHE C 67 14.00 -11.35 -18.58
CA PHE C 67 14.54 -10.42 -19.59
C PHE C 67 16.05 -10.24 -19.44
N GLN C 68 16.54 -10.08 -18.21
CA GLN C 68 17.98 -9.94 -17.93
C GLN C 68 18.72 -11.16 -18.40
N MET C 69 18.14 -12.33 -18.16
CA MET C 69 18.74 -13.62 -18.54
C MET C 69 18.73 -13.88 -20.05
N GLU C 70 17.69 -13.42 -20.75
CA GLU C 70 17.64 -13.48 -22.20
C GLU C 70 18.68 -12.56 -22.84
N MET C 71 18.93 -11.39 -22.25
CA MET C 71 19.96 -10.50 -22.77
C MET C 71 21.40 -10.87 -22.34
N ALA C 72 21.54 -11.79 -21.39
CA ALA C 72 22.86 -12.37 -21.11
C ALA C 72 23.10 -13.48 -22.13
N ARG C 73 22.06 -14.23 -22.48
CA ARG C 73 22.17 -15.28 -23.49
C ARG C 73 22.58 -14.70 -24.85
N ARG C 74 22.02 -13.55 -25.22
CA ARG C 74 22.36 -12.92 -26.50
C ARG C 74 23.76 -12.29 -26.50
N SER C 75 24.16 -11.79 -25.32
CA SER C 75 25.47 -11.20 -25.14
C SER C 75 26.59 -12.25 -25.14
N THR C 76 26.40 -13.35 -24.46
CA THR C 76 27.44 -14.39 -24.37
C THR C 76 27.59 -15.16 -25.68
N GLN C 77 26.58 -15.11 -26.55
CA GLN C 77 26.63 -15.78 -27.85
C GLN C 77 26.71 -14.84 -29.05
N GLY C 78 26.74 -13.54 -28.79
CA GLY C 78 26.82 -12.54 -29.87
C GLY C 78 25.65 -12.55 -30.84
N THR C 79 24.42 -12.65 -30.28
CA THR C 79 23.19 -12.52 -31.05
C THR C 79 22.40 -11.23 -30.73
N VAL C 80 23.05 -10.20 -30.16
CA VAL C 80 22.35 -9.00 -29.67
C VAL C 80 21.71 -8.17 -30.78
N SER C 81 22.33 -8.16 -31.94
CA SER C 81 21.85 -7.36 -33.08
C SER C 81 20.63 -7.97 -33.80
N GLU C 82 20.35 -9.24 -33.54
CA GLU C 82 19.11 -9.90 -33.99
C GLU C 82 17.86 -9.22 -33.47
N VAL C 83 17.95 -8.61 -32.30
CA VAL C 83 16.82 -7.85 -31.78
C VAL C 83 17.07 -6.33 -31.62
N LEU C 84 18.32 -5.91 -31.46
CA LEU C 84 18.67 -4.52 -31.17
C LEU C 84 19.23 -3.74 -32.36
N GLY C 85 19.43 -4.39 -33.53
CA GLY C 85 19.84 -3.71 -34.76
C GLY C 85 21.34 -3.50 -34.92
N LYS C 86 21.70 -2.69 -35.91
CA LYS C 86 23.09 -2.63 -36.41
C LYS C 86 24.15 -2.10 -35.42
N ALA C 87 23.78 -1.31 -34.43
CA ALA C 87 24.79 -0.72 -33.53
C ALA C 87 25.63 -1.76 -32.81
N PHE C 88 25.19 -3.01 -32.82
CA PHE C 88 25.81 -4.08 -32.05
C PHE C 88 26.52 -5.12 -32.90
N VAL C 89 26.75 -4.83 -34.18
CA VAL C 89 27.41 -5.78 -35.07
C VAL C 89 28.89 -5.98 -34.66
N SER C 90 29.64 -4.92 -34.50
CA SER C 90 31.03 -5.07 -34.05
C SER C 90 31.08 -5.90 -32.77
N PHE C 91 30.27 -5.52 -31.81
CA PHE C 91 30.18 -6.27 -30.56
C PHE C 91 29.89 -7.73 -30.87
N ASP C 92 28.88 -7.97 -31.70
CA ASP C 92 28.48 -9.35 -32.00
C ASP C 92 29.65 -10.15 -32.59
N LYS C 93 30.33 -9.56 -33.55
CA LYS C 93 31.53 -10.18 -34.12
C LYS C 93 32.61 -10.48 -33.07
N ASP C 94 32.97 -9.50 -32.24
CA ASP C 94 34.02 -9.72 -31.23
C ASP C 94 33.71 -10.94 -30.39
N ILE C 95 32.47 -11.06 -29.95
CA ILE C 95 32.06 -12.19 -29.11
C ILE C 95 32.29 -13.51 -29.83
N ARG C 96 31.84 -13.63 -31.08
CA ARG C 96 31.91 -14.90 -31.81
C ARG C 96 33.34 -15.32 -32.18
N GLN C 97 34.13 -14.33 -32.58
CA GLN C 97 35.56 -14.56 -32.81
C GLN C 97 36.34 -14.91 -31.53
N ASN C 98 35.79 -14.62 -30.36
CA ASN C 98 36.49 -14.91 -29.13
C ASN C 98 36.19 -16.26 -28.53
N TYR C 99 35.50 -17.13 -29.26
CA TYR C 99 35.38 -18.52 -28.79
C TYR C 99 35.01 -19.52 -29.89
N TRP C 100 35.04 -20.80 -29.51
CA TRP C 100 34.80 -21.92 -30.44
C TRP C 100 33.66 -22.79 -29.88
N PRO C 101 32.42 -22.51 -30.32
CA PRO C 101 31.28 -23.16 -29.67
C PRO C 101 31.29 -24.68 -29.77
N ASP C 102 31.86 -25.21 -30.84
CA ASP C 102 31.90 -26.65 -30.99
C ASP C 102 32.71 -27.35 -29.89
N SER C 103 33.74 -26.68 -29.38
CA SER C 103 34.47 -27.14 -28.19
C SER C 103 33.53 -27.33 -26.99
N ILE C 104 32.78 -26.28 -26.69
CA ILE C 104 31.82 -26.29 -25.59
C ILE C 104 30.66 -27.25 -25.83
N ARG C 105 30.14 -27.31 -27.05
CA ARG C 105 29.19 -28.35 -27.44
C ARG C 105 29.71 -29.71 -27.06
N ALA C 106 30.94 -30.01 -27.50
CA ALA C 106 31.51 -31.35 -27.30
C ALA C 106 31.75 -31.63 -25.82
N GLN C 107 32.06 -30.59 -25.05
CA GLN C 107 32.30 -30.79 -23.63
C GLN C 107 31.01 -31.23 -22.96
N ILE C 108 29.91 -30.64 -23.39
CA ILE C 108 28.61 -30.96 -22.84
C ILE C 108 28.19 -32.37 -23.21
N ALA C 109 28.56 -32.80 -24.41
CA ALA C 109 28.15 -34.10 -24.94
C ALA C 109 28.82 -35.25 -24.21
N SER C 110 29.99 -35.01 -23.64
CA SER C 110 30.74 -36.07 -22.96
C SER C 110 30.52 -36.09 -21.46
N LEU C 111 29.50 -35.38 -20.99
CA LEU C 111 29.20 -35.38 -19.58
C LEU C 111 28.49 -36.68 -19.17
N SER C 112 28.68 -37.04 -17.91
CA SER C 112 27.89 -38.07 -17.25
C SER C 112 26.43 -37.66 -17.28
N ALA C 113 25.54 -38.64 -17.16
CA ALA C 113 24.10 -38.37 -17.13
C ALA C 113 23.70 -37.43 -15.99
N GLU C 114 24.37 -37.57 -14.84
CA GLU C 114 24.03 -36.79 -13.67
C GLU C 114 24.48 -35.36 -13.84
N ASP C 115 25.72 -35.15 -14.28
CA ASP C 115 26.20 -33.79 -14.61
C ASP C 115 25.29 -33.08 -15.64
N LYS C 116 24.91 -33.82 -16.68
CA LYS C 116 24.05 -33.32 -17.76
C LYS C 116 22.68 -32.90 -17.24
N SER C 117 22.16 -33.63 -16.24
CA SER C 117 20.90 -33.29 -15.57
C SER C 117 20.84 -31.87 -15.04
N ILE C 118 21.96 -31.38 -14.51
CA ILE C 118 21.98 -30.01 -14.01
C ILE C 118 21.56 -29.12 -15.15
N LEU C 119 22.32 -29.16 -16.24
CA LEU C 119 22.08 -28.28 -17.36
C LEU C 119 20.71 -28.52 -18.01
N GLN C 120 20.40 -29.77 -18.31
CA GLN C 120 19.09 -30.15 -18.89
C GLN C 120 17.90 -29.63 -18.05
N GLY C 121 18.00 -29.79 -16.74
CA GLY C 121 16.91 -29.43 -15.84
C GLY C 121 16.73 -27.93 -15.69
N TYR C 122 17.83 -27.22 -15.52
CA TYR C 122 17.80 -25.75 -15.47
C TYR C 122 17.09 -25.20 -16.73
N ALA C 123 17.50 -25.69 -17.89
CA ALA C 123 16.87 -25.29 -19.16
C ALA C 123 15.38 -25.60 -19.21
N ASP C 124 15.01 -26.79 -18.76
CA ASP C 124 13.62 -27.19 -18.78
C ASP C 124 12.79 -26.38 -17.80
N GLY C 125 13.34 -26.17 -16.61
CA GLY C 125 12.73 -25.25 -15.63
C GLY C 125 12.42 -23.90 -16.23
N MET C 126 13.41 -23.29 -16.89
CA MET C 126 13.21 -22.00 -17.55
C MET C 126 12.10 -22.05 -18.59
N ASN C 127 12.20 -23.02 -19.50
CA ASN C 127 11.16 -23.25 -20.54
C ASN C 127 9.73 -23.48 -20.07
N ALA C 128 9.55 -24.19 -18.96
CA ALA C 128 8.20 -24.40 -18.40
C ALA C 128 7.50 -23.06 -18.11
N TRP C 129 8.20 -22.13 -17.44
CA TRP C 129 7.65 -20.79 -17.16
C TRP C 129 7.52 -19.86 -18.39
N ILE C 130 8.34 -20.11 -19.40
CA ILE C 130 8.26 -19.31 -20.62
C ILE C 130 7.04 -19.73 -21.40
N ASP C 131 6.77 -21.03 -21.43
CA ASP C 131 5.51 -21.57 -22.00
C ASP C 131 4.27 -20.89 -21.40
N LYS C 132 4.31 -20.62 -20.09
CA LYS C 132 3.23 -19.91 -19.42
C LYS C 132 3.23 -18.42 -19.72
N VAL C 133 4.41 -17.85 -19.96
CA VAL C 133 4.50 -16.45 -20.35
C VAL C 133 3.90 -16.30 -21.74
N ASN C 134 4.23 -17.22 -22.63
CA ASN C 134 3.73 -17.17 -24.00
C ASN C 134 2.25 -17.50 -24.11
N ALA C 135 1.71 -18.22 -23.14
CA ALA C 135 0.28 -18.55 -23.11
C ALA C 135 -0.57 -17.40 -22.55
N SER C 136 0.06 -16.44 -21.84
CA SER C 136 -0.65 -15.31 -21.25
C SER C 136 0.23 -14.06 -21.14
N PRO C 137 0.56 -13.44 -22.30
CA PRO C 137 1.50 -12.30 -22.37
C PRO C 137 0.95 -10.96 -21.93
N ASP C 138 -0.38 -10.79 -21.89
CA ASP C 138 -0.97 -9.55 -21.31
C ASP C 138 -0.84 -9.51 -19.80
N LYS C 139 -0.46 -10.63 -19.20
CA LYS C 139 -0.37 -10.71 -17.76
C LYS C 139 1.04 -11.07 -17.25
N LEU C 140 1.82 -11.82 -18.03
CA LEU C 140 3.06 -12.40 -17.54
C LEU C 140 4.32 -11.97 -18.28
N LEU C 141 4.21 -11.59 -19.54
CA LEU C 141 5.36 -11.12 -20.33
C LEU C 141 6.00 -9.86 -19.77
N PRO C 142 7.30 -9.92 -19.39
CA PRO C 142 7.95 -8.72 -18.83
C PRO C 142 7.82 -7.53 -19.76
N GLN C 143 7.56 -6.34 -19.21
CA GLN C 143 7.30 -5.17 -20.01
C GLN C 143 8.42 -4.97 -21.01
N GLN C 144 9.65 -5.23 -20.55
CA GLN C 144 10.81 -4.98 -21.35
C GLN C 144 10.78 -5.64 -22.73
N PHE C 145 10.21 -6.84 -22.83
CA PHE C 145 10.09 -7.50 -24.12
C PHE C 145 9.29 -6.63 -25.10
N SER C 146 8.14 -6.14 -24.63
CA SER C 146 7.28 -5.21 -25.38
C SER C 146 8.00 -3.91 -25.79
N THR C 147 8.66 -3.27 -24.84
CA THR C 147 9.47 -2.11 -25.10
C THR C 147 10.52 -2.35 -26.19
N PHE C 148 11.25 -3.47 -26.10
CA PHE C 148 12.33 -3.77 -27.02
C PHE C 148 11.88 -4.57 -28.23
N GLY C 149 10.67 -5.10 -28.21
CA GLY C 149 10.04 -5.61 -29.43
C GLY C 149 10.34 -7.04 -29.86
N PHE C 150 10.61 -7.94 -28.92
CA PHE C 150 10.72 -9.37 -29.24
C PHE C 150 10.13 -10.25 -28.14
N LYS C 151 9.99 -11.54 -28.42
CA LYS C 151 9.50 -12.51 -27.43
C LYS C 151 10.62 -13.44 -26.97
N PRO C 152 10.54 -13.97 -25.74
CA PRO C 152 11.51 -14.95 -25.28
C PRO C 152 11.35 -16.27 -26.00
N LYS C 153 12.43 -17.03 -26.08
CA LYS C 153 12.46 -18.32 -26.73
C LYS C 153 12.95 -19.32 -25.72
N HIS C 154 12.83 -20.60 -26.04
CA HIS C 154 13.28 -21.64 -25.13
C HIS C 154 14.78 -21.70 -25.01
N TRP C 155 15.24 -22.42 -24.00
CA TRP C 155 16.65 -22.57 -23.74
C TRP C 155 17.10 -24.01 -23.96
N GLU C 156 18.42 -24.17 -24.04
CA GLU C 156 19.08 -25.47 -24.05
C GLU C 156 20.18 -25.52 -22.97
N PRO C 157 20.72 -26.72 -22.71
CA PRO C 157 21.89 -26.82 -21.85
C PRO C 157 23.08 -25.95 -22.31
N PHE C 158 23.26 -25.82 -23.63
CA PHE C 158 24.32 -24.99 -24.22
C PHE C 158 24.21 -23.52 -23.85
N ASP C 159 22.99 -23.00 -23.96
CA ASP C 159 22.68 -21.65 -23.54
C ASP C 159 23.01 -21.42 -22.07
N VAL C 160 22.68 -22.40 -21.23
CA VAL C 160 22.87 -22.28 -19.80
C VAL C 160 24.35 -22.24 -19.51
N ALA C 161 25.05 -23.26 -19.99
CA ALA C 161 26.50 -23.32 -19.92
C ALA C 161 27.12 -22.03 -20.42
N MET C 162 26.68 -21.60 -21.60
CA MET C 162 27.20 -20.40 -22.23
C MET C 162 27.06 -19.15 -21.38
N ILE C 163 26.12 -19.13 -20.44
CA ILE C 163 25.95 -17.96 -19.58
C ILE C 163 27.17 -17.82 -18.67
N PHE C 164 27.66 -18.96 -18.16
CA PHE C 164 28.89 -19.06 -17.35
C PHE C 164 30.15 -18.84 -18.19
N VAL C 165 30.21 -19.51 -19.33
CA VAL C 165 31.43 -19.47 -20.13
C VAL C 165 31.60 -18.10 -20.80
N GLY C 166 30.49 -17.47 -21.16
CA GLY C 166 30.54 -16.14 -21.74
C GLY C 166 31.01 -15.08 -20.77
N THR C 167 30.82 -15.33 -19.47
CA THR C 167 31.11 -14.34 -18.45
C THR C 167 32.36 -14.64 -17.65
N MET C 168 32.34 -15.72 -16.87
CA MET C 168 33.52 -16.10 -16.06
C MET C 168 34.78 -16.40 -16.90
N ALA C 169 34.60 -17.06 -18.05
CA ALA C 169 35.73 -17.58 -18.80
C ALA C 169 36.18 -16.64 -19.90
N ASN C 170 35.31 -16.45 -20.90
CA ASN C 170 35.63 -15.70 -22.09
C ASN C 170 35.82 -14.22 -21.79
N ARG C 171 35.30 -13.77 -20.66
CA ARG C 171 35.45 -12.38 -20.26
C ARG C 171 36.45 -12.17 -19.16
N PHE C 172 36.25 -12.83 -18.05
CA PHE C 172 36.97 -12.50 -16.83
C PHE C 172 38.23 -13.34 -16.55
N SER C 173 38.32 -14.54 -17.11
CA SER C 173 39.53 -15.34 -16.97
C SER C 173 40.38 -15.27 -18.23
N ASP C 174 40.19 -14.21 -19.01
CA ASP C 174 40.81 -14.11 -20.31
C ASP C 174 41.55 -12.81 -20.47
N SER C 175 42.19 -12.34 -19.40
CA SER C 175 42.78 -10.99 -19.37
C SER C 175 44.19 -11.03 -19.89
N THR C 176 44.38 -10.56 -21.13
CA THR C 176 45.71 -10.42 -21.71
C THR C 176 45.80 -9.15 -22.54
N SER C 177 46.97 -8.56 -22.58
CA SER C 177 47.21 -7.43 -23.46
C SER C 177 48.59 -7.59 -24.10
N GLU C 178 49.02 -8.84 -24.28
CA GLU C 178 50.35 -9.12 -24.84
C GLU C 178 50.59 -8.39 -26.19
N ILE C 179 49.60 -8.31 -27.08
CA ILE C 179 49.75 -7.53 -28.32
C ILE C 179 49.83 -6.01 -28.09
N ASP C 180 49.03 -5.49 -27.16
CA ASP C 180 49.21 -4.11 -26.70
C ASP C 180 50.59 -3.93 -26.03
N ASN C 181 51.12 -4.99 -25.41
CA ASN C 181 52.43 -4.97 -24.75
C ASN C 181 53.57 -4.92 -25.75
N LEU C 182 53.42 -5.65 -26.85
CA LEU C 182 54.39 -5.66 -27.96
C LEU C 182 54.45 -4.32 -28.72
N ALA C 183 53.31 -3.67 -28.87
CA ALA C 183 53.21 -2.35 -29.48
C ALA C 183 53.89 -1.32 -28.59
N LEU C 184 53.75 -1.48 -27.28
CA LEU C 184 54.45 -0.61 -26.32
C LEU C 184 55.94 -0.88 -26.41
N LEU C 185 56.29 -2.16 -26.53
CA LEU C 185 57.70 -2.52 -26.60
C LEU C 185 58.35 -1.98 -27.89
N THR C 186 57.64 -2.13 -29.01
CA THR C 186 58.13 -1.65 -30.25
C THR C 186 58.43 -0.16 -30.15
N ALA C 187 57.49 0.61 -29.61
CA ALA C 187 57.67 2.04 -29.49
C ALA C 187 58.75 2.37 -28.48
N LEU C 188 58.86 1.61 -27.41
CA LEU C 188 59.92 1.83 -26.40
C LEU C 188 61.33 1.66 -27.00
N LYS C 189 61.44 0.73 -27.95
CA LYS C 189 62.72 0.43 -28.58
C LYS C 189 63.09 1.44 -29.63
N ASP C 190 62.07 2.01 -30.28
CA ASP C 190 62.23 3.08 -31.26
C ASP C 190 62.65 4.41 -30.62
N LYS C 191 62.55 4.48 -29.31
CA LYS C 191 62.88 5.71 -28.61
C LYS C 191 64.19 5.57 -27.82
N TYR C 192 64.40 4.41 -27.21
CA TYR C 192 65.58 4.16 -26.36
C TYR C 192 66.60 3.22 -26.99
N GLY C 193 66.23 2.53 -28.06
CA GLY C 193 67.07 1.47 -28.62
C GLY C 193 66.67 0.10 -28.08
N LYS C 194 67.18 -0.97 -28.66
CA LYS C 194 66.73 -2.31 -28.31
C LYS C 194 66.95 -2.65 -26.84
N GLN C 195 68.19 -2.47 -26.38
CA GLN C 195 68.57 -2.83 -25.01
C GLN C 195 67.84 -1.98 -23.98
N GLN C 196 67.94 -0.66 -24.10
CA GLN C 196 67.37 0.21 -23.07
C GLN C 196 65.83 0.22 -23.13
N GLY C 197 65.28 0.01 -24.31
CA GLY C 197 63.84 -0.14 -24.47
C GLY C 197 63.31 -1.29 -23.63
N MET C 198 63.94 -2.45 -23.72
CA MET C 198 63.52 -3.60 -22.96
C MET C 198 63.73 -3.39 -21.47
N ALA C 199 64.75 -2.64 -21.08
CA ALA C 199 64.93 -2.28 -19.67
C ALA C 199 63.83 -1.35 -19.17
N VAL C 200 63.33 -0.48 -20.03
CA VAL C 200 62.23 0.39 -19.62
C VAL C 200 60.92 -0.39 -19.58
N PHE C 201 60.73 -1.33 -20.50
CA PHE C 201 59.55 -2.21 -20.47
C PHE C 201 59.45 -3.00 -19.17
N ASN C 202 60.59 -3.41 -18.60
CA ASN C 202 60.63 -4.09 -17.29
C ASN C 202 60.36 -3.15 -16.12
N GLN C 203 60.55 -1.86 -16.32
CA GLN C 203 60.27 -0.86 -15.29
C GLN C 203 58.79 -0.52 -15.23
N LEU C 204 58.08 -0.71 -16.35
CA LEU C 204 56.65 -0.38 -16.45
C LEU C 204 55.70 -1.55 -16.23
N LYS C 205 56.19 -2.73 -16.54
CA LYS C 205 55.39 -3.96 -16.51
C LYS C 205 56.32 -5.02 -16.00
N TRP C 206 56.60 -4.96 -14.70
CA TRP C 206 57.62 -5.80 -14.10
C TRP C 206 57.14 -7.22 -14.05
N LEU C 207 58.06 -8.16 -14.18
CA LEU C 207 57.71 -9.57 -14.23
C LEU C 207 57.33 -10.10 -12.85
N VAL C 208 58.09 -9.71 -11.83
CA VAL C 208 57.75 -9.96 -10.43
C VAL C 208 58.27 -8.85 -9.54
N ASN C 209 57.61 -8.66 -8.42
CA ASN C 209 58.02 -7.63 -7.47
C ASN C 209 57.91 -8.25 -6.08
N PRO C 210 59.05 -8.54 -5.45
CA PRO C 210 59.06 -9.21 -4.15
C PRO C 210 58.61 -8.32 -2.96
N SER C 211 58.35 -7.03 -3.18
CA SER C 211 57.80 -6.16 -2.09
C SER C 211 56.27 -6.13 -2.04
N ALA C 212 55.61 -6.90 -2.92
CA ALA C 212 54.16 -6.90 -3.03
C ALA C 212 53.47 -7.66 -1.89
N PRO C 213 52.46 -7.04 -1.20
CA PRO C 213 51.62 -7.76 -0.24
C PRO C 213 50.82 -8.96 -0.82
N THR C 214 50.90 -10.08 -0.11
CA THR C 214 50.44 -11.36 -0.59
C THR C 214 49.47 -11.95 0.44
N THR C 215 48.41 -12.61 0.00
CA THR C 215 47.42 -13.13 0.94
C THR C 215 48.08 -14.19 1.78
N ILE C 216 48.76 -15.13 1.13
CA ILE C 216 49.57 -16.11 1.87
C ILE C 216 50.84 -15.43 2.31
N ALA C 217 51.09 -15.44 3.62
CA ALA C 217 52.28 -14.77 4.15
C ALA C 217 53.48 -15.52 3.65
N ALA C 218 54.59 -14.80 3.50
CA ALA C 218 55.79 -15.38 2.93
C ALA C 218 56.35 -16.52 3.79
N ARG C 219 56.08 -16.51 5.08
CA ARG C 219 56.58 -17.59 5.94
C ARG C 219 55.78 -18.86 5.83
N GLU C 220 54.56 -18.77 5.29
CA GLU C 220 53.77 -19.99 5.13
C GLU C 220 54.33 -20.78 3.96
N SER C 221 54.57 -20.08 2.86
CA SER C 221 55.15 -20.69 1.68
C SER C 221 55.55 -19.63 0.67
N ALA C 222 56.20 -20.05 -0.42
CA ALA C 222 56.52 -19.18 -1.55
C ALA C 222 56.34 -19.95 -2.85
N TYR C 223 56.27 -19.21 -3.96
CA TYR C 223 56.03 -19.81 -5.25
C TYR C 223 57.37 -20.30 -5.79
N PRO C 224 57.49 -21.62 -5.97
CA PRO C 224 58.76 -22.25 -6.29
C PRO C 224 59.29 -22.02 -7.70
N LEU C 225 58.43 -21.70 -8.66
CA LEU C 225 58.90 -21.40 -10.01
C LEU C 225 59.50 -20.00 -10.00
N LYS C 226 60.78 -19.90 -10.33
CA LYS C 226 61.50 -18.62 -10.36
C LYS C 226 61.87 -18.19 -11.78
N PHE C 227 61.22 -17.11 -12.21
CA PHE C 227 61.48 -16.44 -13.47
C PHE C 227 62.62 -15.48 -13.11
N ASP C 228 63.68 -15.47 -13.91
CA ASP C 228 64.70 -14.39 -13.77
C ASP C 228 65.26 -13.88 -15.13
N LEU C 229 65.72 -12.63 -15.14
CA LEU C 229 65.72 -11.80 -16.36
C LEU C 229 66.82 -12.05 -17.40
N GLN C 230 68.01 -12.46 -16.96
CA GLN C 230 69.11 -12.66 -17.92
C GLN C 230 68.82 -13.84 -18.85
N ASN C 231 67.95 -14.75 -18.37
CA ASN C 231 67.55 -15.99 -19.08
C ASN C 231 66.31 -15.86 -19.97
N THR C 232 65.50 -14.83 -19.75
CA THR C 232 64.29 -14.57 -20.56
C THR C 232 64.70 -13.83 -21.83
N GLN C 233 64.38 -14.38 -22.98
CA GLN C 233 64.87 -13.81 -24.26
C GLN C 233 64.02 -14.24 -25.45
N THR C 234 62.74 -14.46 -25.16
CA THR C 234 61.79 -14.79 -26.23
C THR C 234 61.39 -13.49 -26.91
N ALA C 235 61.54 -12.38 -26.17
CA ALA C 235 61.12 -11.07 -26.64
C ALA C 235 61.91 -10.59 -27.86
N ALA C 236 63.20 -10.91 -27.93
CA ALA C 236 64.04 -10.48 -29.06
C ALA C 236 63.88 -11.36 -30.29
N LEU C 237 62.89 -12.24 -30.29
CA LEU C 237 62.56 -13.03 -31.49
C LEU C 237 61.32 -12.50 -32.23
N LEU C 238 60.74 -11.41 -31.72
CA LEU C 238 59.45 -10.97 -32.15
C LEU C 238 59.51 -9.90 -33.22
N PRO C 239 58.55 -9.94 -34.19
CA PRO C 239 58.44 -8.86 -35.15
C PRO C 239 58.09 -7.57 -34.44
N ARG C 240 57.97 -6.49 -35.21
CA ARG C 240 57.52 -5.19 -34.71
C ARG C 240 55.98 -5.15 -34.73
N TYR C 241 55.40 -4.31 -33.87
CA TYR C 241 53.97 -4.05 -33.93
C TYR C 241 53.76 -2.57 -34.18
N ASP C 242 53.54 -2.25 -35.45
CA ASP C 242 53.39 -0.84 -35.85
C ASP C 242 51.93 -0.42 -35.95
N GLN C 243 51.02 -1.38 -35.74
CA GLN C 243 49.59 -1.09 -35.78
C GLN C 243 49.15 -0.29 -34.56
N PRO C 244 47.94 0.27 -34.63
CA PRO C 244 47.29 0.72 -33.40
C PRO C 244 47.13 -0.44 -32.43
N ALA C 245 47.43 -0.22 -31.15
CA ALA C 245 47.23 -1.26 -30.11
C ALA C 245 45.80 -1.75 -30.09
N PRO C 246 45.59 -3.08 -30.06
CA PRO C 246 44.23 -3.65 -30.05
C PRO C 246 43.30 -3.10 -29.00
N MET C 247 43.86 -2.72 -27.85
CA MET C 247 43.06 -2.15 -26.76
C MET C 247 42.25 -0.93 -27.19
N LEU C 248 42.63 -0.30 -28.29
CA LEU C 248 41.90 0.81 -28.86
C LEU C 248 40.70 0.38 -29.66
N ASP C 249 40.65 -0.87 -30.09
CA ASP C 249 39.48 -1.35 -30.90
C ASP C 249 38.37 -2.02 -30.08
N ARG C 250 38.47 -1.94 -28.77
CA ARG C 250 37.43 -2.42 -27.89
C ARG C 250 36.25 -1.45 -27.96
N PRO C 251 35.01 -1.99 -28.08
CA PRO C 251 33.90 -1.06 -28.26
C PRO C 251 33.70 -0.12 -27.06
N ALA C 252 33.76 1.19 -27.27
CA ALA C 252 33.63 2.16 -26.18
C ALA C 252 32.22 2.22 -25.64
N LYS C 253 32.11 2.49 -24.35
CA LYS C 253 30.83 2.59 -23.65
C LYS C 253 30.64 4.01 -23.09
N GLY C 254 29.40 4.50 -23.11
CA GLY C 254 29.07 5.80 -22.52
C GLY C 254 28.84 5.75 -21.01
N THR C 255 28.45 6.87 -20.41
CA THR C 255 28.45 7.01 -18.93
C THR C 255 27.35 6.13 -18.31
N ASP C 256 26.32 5.81 -19.11
CA ASP C 256 25.27 4.93 -18.63
C ASP C 256 25.66 3.43 -18.76
N GLY C 257 26.83 3.18 -19.32
CA GLY C 257 27.30 1.85 -19.51
C GLY C 257 26.87 1.23 -20.85
N ALA C 258 26.18 1.95 -21.71
CA ALA C 258 25.77 1.39 -23.01
C ALA C 258 26.85 1.55 -24.10
N LEU C 259 26.89 0.59 -25.02
CA LEU C 259 27.79 0.66 -26.17
C LEU C 259 27.48 1.86 -27.01
N LEU C 260 28.54 2.53 -27.50
CA LEU C 260 28.38 3.81 -28.19
C LEU C 260 28.11 3.82 -29.69
N ALA C 261 28.33 2.75 -30.42
CA ALA C 261 28.13 2.82 -31.90
C ALA C 261 28.84 4.01 -32.57
N LEU C 262 30.13 4.13 -32.33
CA LEU C 262 30.98 5.12 -32.99
C LEU C 262 31.57 4.53 -34.27
N THR C 263 32.25 5.36 -35.07
CA THR C 263 33.05 4.85 -36.17
C THR C 263 34.36 4.26 -35.63
N ALA C 264 35.04 3.50 -36.47
CA ALA C 264 36.23 2.81 -36.04
C ALA C 264 37.25 3.84 -35.60
N ASP C 265 37.43 4.89 -36.40
CA ASP C 265 38.34 5.95 -36.03
C ASP C 265 37.90 6.54 -34.70
N GLN C 266 36.64 6.97 -34.64
CA GLN C 266 36.13 7.66 -33.50
C GLN C 266 36.27 6.82 -32.26
N ASN C 267 35.97 5.53 -32.40
CA ASN C 267 36.04 4.61 -31.28
C ASN C 267 37.42 4.55 -30.68
N ARG C 268 38.41 4.48 -31.55
CA ARG C 268 39.79 4.47 -31.13
C ARG C 268 40.11 5.77 -30.39
N GLU C 269 39.62 6.87 -30.92
CA GLU C 269 39.94 8.14 -30.30
C GLU C 269 39.34 8.21 -28.91
N THR C 270 38.14 7.66 -28.78
CA THR C 270 37.39 7.71 -27.53
C THR C 270 38.06 6.87 -26.48
N ILE C 271 38.24 5.57 -26.78
CA ILE C 271 38.97 4.64 -25.95
C ILE C 271 40.28 5.27 -25.43
N ALA C 272 41.07 5.80 -26.34
CA ALA C 272 42.25 6.51 -25.97
C ALA C 272 41.88 7.54 -24.91
N ALA C 273 40.96 8.45 -25.28
CA ALA C 273 40.68 9.61 -24.44
C ALA C 273 40.25 9.25 -23.03
N GLN C 274 39.39 8.26 -22.89
CA GLN C 274 38.88 7.94 -21.56
C GLN C 274 39.82 7.05 -20.77
N PHE C 275 40.65 6.26 -21.44
CA PHE C 275 41.66 5.53 -20.70
C PHE C 275 42.69 6.48 -20.14
N ALA C 276 42.99 7.52 -20.89
CA ALA C 276 43.97 8.49 -20.51
C ALA C 276 43.56 9.21 -19.27
N GLN C 277 42.25 9.39 -19.12
CA GLN C 277 41.66 10.13 -18.01
C GLN C 277 41.42 9.29 -16.74
N SER C 278 40.87 8.09 -16.94
CA SER C 278 40.36 7.26 -15.85
C SER C 278 41.12 5.93 -15.62
N GLY C 279 41.72 5.37 -16.67
CA GLY C 279 42.57 4.19 -16.52
C GLY C 279 41.80 2.89 -16.32
N ALA C 280 42.47 1.92 -15.72
CA ALA C 280 41.93 0.56 -15.58
C ALA C 280 40.64 0.52 -14.80
N ASN C 281 40.39 1.56 -14.01
CA ASN C 281 39.15 1.66 -13.29
C ASN C 281 38.19 2.69 -13.90
N GLY C 282 38.23 2.88 -15.22
CA GLY C 282 37.30 3.78 -15.94
C GLY C 282 36.51 3.09 -17.05
N LEU C 283 35.71 3.85 -17.78
CA LEU C 283 34.81 3.28 -18.79
C LEU C 283 35.47 2.39 -19.79
N ALA C 284 36.77 2.63 -20.06
CA ALA C 284 37.58 1.79 -20.98
C ALA C 284 38.52 0.85 -20.20
N GLY C 285 38.38 0.81 -18.87
CA GLY C 285 39.25 0.05 -18.00
C GLY C 285 38.98 -1.43 -18.09
N TYR C 286 39.40 -2.12 -17.05
CA TYR C 286 39.27 -3.56 -16.93
C TYR C 286 38.69 -3.84 -15.54
N PRO D 1 33.80 -9.59 -13.85
CA PRO D 1 34.48 -9.84 -12.61
C PRO D 1 35.45 -8.75 -12.41
N THR D 2 34.91 -7.58 -12.21
CA THR D 2 35.73 -6.45 -11.94
C THR D 2 36.11 -6.50 -10.43
N THR D 3 36.41 -7.71 -9.92
CA THR D 3 36.39 -7.95 -8.46
C THR D 3 37.37 -6.99 -7.82
N GLY D 4 37.42 -6.96 -6.49
CA GLY D 4 36.76 -7.93 -5.62
C GLY D 4 37.54 -8.12 -4.34
N ASN D 5 36.88 -8.06 -3.18
CA ASN D 5 37.59 -8.27 -1.88
C ASN D 5 36.95 -9.31 -0.95
N MET D 6 37.72 -9.72 0.04
CA MET D 6 37.36 -10.82 0.93
C MET D 6 38.22 -10.76 2.18
N TRP D 7 37.65 -11.12 3.32
CA TRP D 7 38.43 -11.38 4.52
C TRP D 7 37.80 -12.48 5.31
N VAL D 8 38.47 -13.63 5.34
CA VAL D 8 38.05 -14.76 6.14
C VAL D 8 38.79 -14.63 7.47
N ILE D 9 38.09 -14.93 8.57
CA ILE D 9 38.63 -14.73 9.90
C ILE D 9 38.45 -16.01 10.69
N GLY D 10 39.56 -16.65 11.04
CA GLY D 10 39.55 -17.90 11.79
C GLY D 10 39.47 -17.74 13.30
N LYS D 11 39.35 -18.89 13.95
CA LYS D 11 39.19 -19.05 15.39
C LYS D 11 40.01 -18.05 16.19
N ASN D 12 41.25 -17.83 15.80
CA ASN D 12 42.18 -17.02 16.59
C ASN D 12 41.88 -15.55 16.49
N LYS D 13 41.15 -15.17 15.45
CA LYS D 13 40.82 -13.77 15.19
C LYS D 13 39.33 -13.47 15.33
N ALA D 14 38.52 -14.51 15.48
CA ALA D 14 37.08 -14.33 15.69
C ALA D 14 36.75 -14.17 17.19
N GLN D 15 35.72 -13.38 17.47
CA GLN D 15 35.20 -13.12 18.84
C GLN D 15 33.72 -13.53 18.92
N ASP D 16 33.37 -14.38 19.88
CA ASP D 16 32.00 -14.90 20.02
C ASP D 16 31.57 -15.76 18.84
N ALA D 17 32.52 -16.23 18.05
CA ALA D 17 32.23 -17.18 16.98
C ALA D 17 33.51 -17.96 16.70
N LYS D 18 33.42 -19.01 15.89
CA LYS D 18 34.64 -19.73 15.46
C LYS D 18 35.24 -19.22 14.12
N ALA D 19 34.40 -18.71 13.22
CA ALA D 19 34.89 -18.14 11.95
C ALA D 19 33.88 -17.17 11.37
N ILE D 20 34.39 -16.21 10.61
CA ILE D 20 33.57 -15.17 9.97
C ILE D 20 34.09 -14.89 8.58
N MET D 21 33.33 -15.29 7.57
CA MET D 21 33.72 -15.03 6.17
C MET D 21 32.94 -13.83 5.64
N VAL D 22 33.63 -12.75 5.27
CA VAL D 22 32.96 -11.58 4.68
C VAL D 22 33.42 -11.39 3.22
N ASN D 23 32.53 -11.57 2.26
CA ASN D 23 32.89 -11.51 0.85
C ASN D 23 32.22 -10.34 0.17
N GLY D 24 32.94 -9.70 -0.75
CA GLY D 24 32.49 -8.49 -1.44
C GLY D 24 33.00 -8.41 -2.86
N PRO D 25 32.45 -9.26 -3.75
CA PRO D 25 32.84 -9.28 -5.15
C PRO D 25 32.42 -8.01 -5.82
N GLN D 26 33.26 -7.46 -6.70
CA GLN D 26 32.98 -6.18 -7.38
C GLN D 26 32.90 -6.32 -8.89
N PHE D 27 31.69 -6.46 -9.42
CA PHE D 27 31.48 -6.58 -10.86
C PHE D 27 30.75 -5.38 -11.43
N GLY D 28 30.64 -4.31 -10.67
CA GLY D 28 29.85 -3.18 -11.11
C GLY D 28 28.46 -3.31 -10.57
N TRP D 29 27.66 -2.26 -10.74
CA TRP D 29 26.35 -2.17 -10.14
C TRP D 29 25.30 -2.07 -11.19
N TYR D 30 24.33 -2.98 -11.13
CA TYR D 30 23.37 -3.12 -12.23
C TYR D 30 21.92 -3.22 -11.82
N ALA D 31 21.06 -3.05 -12.80
CA ALA D 31 19.62 -3.11 -12.61
C ALA D 31 19.03 -3.94 -13.75
N PRO D 32 18.50 -5.12 -13.43
CA PRO D 32 18.41 -5.70 -12.08
C PRO D 32 19.74 -6.25 -11.59
N ALA D 33 19.78 -6.68 -10.34
CA ALA D 33 21.02 -6.94 -9.65
C ALA D 33 21.81 -7.99 -10.39
N TYR D 34 23.13 -7.89 -10.28
CA TYR D 34 24.04 -8.79 -10.96
C TYR D 34 23.90 -10.20 -10.45
N THR D 35 23.86 -10.33 -9.12
CA THR D 35 23.74 -11.63 -8.46
C THR D 35 22.29 -12.01 -8.22
N TYR D 36 22.06 -13.28 -7.92
CA TYR D 36 20.71 -13.84 -7.76
C TYR D 36 20.67 -14.73 -6.54
N GLY D 37 19.76 -14.46 -5.63
CA GLY D 37 19.60 -15.28 -4.43
C GLY D 37 18.92 -16.60 -4.79
N ILE D 38 19.40 -17.68 -4.18
CA ILE D 38 18.79 -19.01 -4.39
C ILE D 38 19.19 -19.97 -3.27
N GLY D 39 18.23 -20.79 -2.84
CA GLY D 39 18.46 -21.90 -1.89
C GLY D 39 18.07 -23.21 -2.53
N LEU D 40 18.95 -24.22 -2.38
CA LEU D 40 18.77 -25.53 -3.03
C LEU D 40 18.85 -26.64 -2.01
N HIS D 41 17.82 -27.49 -2.00
CA HIS D 41 17.63 -28.44 -0.93
C HIS D 41 17.13 -29.74 -1.48
N GLY D 42 17.95 -30.77 -1.35
CA GLY D 42 17.65 -32.07 -1.87
C GLY D 42 18.71 -32.55 -2.85
N ALA D 43 18.62 -33.84 -3.18
CA ALA D 43 19.46 -34.46 -4.20
C ALA D 43 20.95 -34.32 -3.89
N GLY D 44 21.28 -34.22 -2.60
CA GLY D 44 22.66 -34.04 -2.16
C GLY D 44 22.95 -32.64 -1.67
N TYR D 45 22.26 -31.62 -2.21
CA TYR D 45 22.59 -30.22 -1.89
C TYR D 45 21.85 -29.74 -0.64
N ASP D 46 22.38 -28.70 -0.01
CA ASP D 46 21.75 -28.12 1.16
C ASP D 46 22.38 -26.74 1.38
N VAL D 47 22.13 -25.86 0.43
CA VAL D 47 22.84 -24.59 0.29
C VAL D 47 21.90 -23.40 0.27
N THR D 48 22.47 -22.28 0.65
CA THR D 48 21.84 -21.00 0.53
C THR D 48 22.92 -19.99 0.19
N GLY D 49 22.57 -18.99 -0.59
CA GLY D 49 23.52 -17.93 -0.97
C GLY D 49 23.04 -17.12 -2.16
N ASN D 50 23.98 -16.52 -2.88
CA ASN D 50 23.67 -15.74 -4.10
C ASN D 50 24.79 -15.89 -5.13
N THR D 51 24.43 -15.84 -6.40
CA THR D 51 25.35 -16.22 -7.44
C THR D 51 25.15 -15.36 -8.69
N PRO D 52 26.23 -14.94 -9.34
CA PRO D 52 26.14 -14.12 -10.55
C PRO D 52 25.37 -14.84 -11.67
N PHE D 53 24.55 -14.09 -12.41
CA PHE D 53 23.78 -14.59 -13.56
C PHE D 53 23.15 -15.94 -13.29
N ALA D 54 22.85 -16.23 -12.03
CA ALA D 54 22.09 -17.42 -11.66
C ALA D 54 22.74 -18.69 -12.11
N TYR D 55 24.07 -18.71 -12.09
CA TYR D 55 24.79 -19.94 -12.39
C TYR D 55 24.22 -21.08 -11.56
N PRO D 56 24.14 -22.29 -12.13
CA PRO D 56 23.84 -23.45 -11.31
C PRO D 56 24.70 -23.56 -10.02
N GLY D 57 25.94 -23.12 -10.10
CA GLY D 57 26.81 -23.17 -8.94
C GLY D 57 26.74 -21.87 -8.19
N LEU D 58 26.76 -21.94 -6.85
CA LEU D 58 26.65 -20.75 -6.03
C LEU D 58 28.02 -20.20 -5.69
N VAL D 59 28.44 -19.16 -6.41
CA VAL D 59 29.75 -18.55 -6.22
C VAL D 59 29.91 -18.03 -4.80
N PHE D 60 28.82 -17.69 -4.14
CA PHE D 60 28.90 -17.27 -2.72
C PHE D 60 27.80 -17.89 -1.85
N GLY D 61 28.18 -18.77 -0.94
CA GLY D 61 27.19 -19.37 -0.04
C GLY D 61 27.73 -20.22 1.09
N HIS D 62 26.88 -21.10 1.60
CA HIS D 62 27.29 -22.02 2.64
C HIS D 62 26.32 -23.17 2.64
N ASN D 63 26.68 -24.27 3.28
CA ASN D 63 25.81 -25.46 3.33
C ASN D 63 25.60 -26.00 4.74
N GLY D 64 25.92 -25.19 5.74
CA GLY D 64 25.71 -25.54 7.13
C GLY D 64 27.02 -25.89 7.81
N THR D 65 27.87 -26.58 7.10
CA THR D 65 29.16 -27.04 7.61
C THR D 65 30.31 -26.14 7.15
N ILE D 66 30.33 -25.78 5.86
CA ILE D 66 31.34 -24.90 5.30
C ILE D 66 30.73 -23.77 4.49
N SER D 67 31.47 -22.67 4.38
CA SER D 67 31.12 -21.55 3.49
C SER D 67 32.24 -21.21 2.50
N TRP D 68 31.90 -20.49 1.44
CA TRP D 68 32.86 -20.22 0.41
C TRP D 68 32.60 -18.90 -0.26
N GLY D 69 33.60 -18.46 -1.03
CA GLY D 69 33.53 -17.24 -1.78
C GLY D 69 34.65 -17.19 -2.79
N SER D 70 34.68 -16.15 -3.62
CA SER D 70 35.66 -16.01 -4.68
C SER D 70 36.03 -14.55 -4.89
N THR D 71 37.27 -14.33 -5.31
CA THR D 71 37.66 -13.06 -5.93
C THR D 71 38.40 -13.40 -7.19
N ALA D 72 38.67 -12.39 -7.98
CA ALA D 72 39.38 -12.53 -9.25
C ALA D 72 40.83 -12.80 -8.96
N GLY D 73 41.31 -13.89 -9.55
CA GLY D 73 42.66 -14.37 -9.34
C GLY D 73 43.71 -13.52 -10.01
N PHE D 74 43.56 -13.31 -11.31
CA PHE D 74 44.50 -12.48 -12.09
C PHE D 74 45.88 -13.15 -12.19
N GLY D 75 45.90 -14.39 -12.66
CA GLY D 75 47.15 -15.08 -12.96
C GLY D 75 47.34 -15.12 -14.47
N ASP D 76 48.58 -15.31 -14.91
CA ASP D 76 48.84 -15.43 -16.34
C ASP D 76 48.49 -16.85 -16.76
N ASP D 77 47.27 -17.03 -17.24
CA ASP D 77 46.80 -18.33 -17.78
C ASP D 77 46.51 -18.24 -19.26
N VAL D 78 47.01 -17.16 -19.87
CA VAL D 78 46.75 -16.86 -21.28
C VAL D 78 47.98 -16.25 -21.90
N ASP D 79 48.40 -16.84 -23.01
CA ASP D 79 49.57 -16.40 -23.74
C ASP D 79 49.21 -16.33 -25.21
N ILE D 80 49.97 -15.51 -25.93
CA ILE D 80 49.68 -15.26 -27.30
C ILE D 80 50.78 -15.80 -28.23
N PHE D 81 50.37 -16.69 -29.15
CA PHE D 81 51.31 -17.29 -30.06
C PHE D 81 51.36 -16.55 -31.40
N ALA D 82 52.53 -15.99 -31.72
CA ALA D 82 52.71 -15.26 -32.97
C ALA D 82 52.95 -16.24 -34.13
N GLU D 83 51.89 -16.59 -34.86
CA GLU D 83 51.96 -17.56 -35.95
C GLU D 83 52.72 -17.06 -37.16
N LYS D 84 53.46 -17.95 -37.82
CA LYS D 84 54.17 -17.61 -39.07
C LYS D 84 53.27 -17.91 -40.27
N LEU D 85 53.00 -16.89 -41.08
CA LEU D 85 52.11 -17.05 -42.25
C LEU D 85 52.84 -16.94 -43.58
N SER D 86 52.10 -17.15 -44.66
CA SER D 86 52.62 -16.95 -46.02
C SER D 86 51.58 -16.27 -46.91
N ALA D 87 51.96 -15.20 -47.59
CA ALA D 87 51.03 -14.47 -48.48
C ALA D 87 50.62 -15.29 -49.69
N GLU D 88 51.45 -16.25 -50.05
CA GLU D 88 51.12 -17.20 -51.13
C GLU D 88 50.23 -18.35 -50.62
N LYS D 89 50.25 -18.60 -49.31
CA LYS D 89 49.48 -19.71 -48.71
C LYS D 89 48.50 -19.20 -47.63
N PRO D 90 47.35 -18.66 -48.06
CA PRO D 90 46.34 -18.14 -47.13
C PRO D 90 45.70 -19.20 -46.24
N GLY D 91 45.56 -18.90 -44.95
CA GLY D 91 44.89 -19.80 -43.99
C GLY D 91 45.77 -20.94 -43.57
N TYR D 92 47.08 -20.80 -43.79
CA TYR D 92 48.07 -21.79 -43.39
C TYR D 92 49.09 -21.13 -42.49
N TYR D 93 49.63 -21.89 -41.55
CA TYR D 93 50.70 -21.40 -40.70
C TYR D 93 51.78 -22.47 -40.55
N GLN D 94 52.98 -22.03 -40.21
CA GLN D 94 54.12 -22.93 -40.15
C GLN D 94 54.32 -23.39 -38.71
N HIS D 95 54.23 -24.71 -38.51
CA HIS D 95 54.49 -25.31 -37.23
C HIS D 95 55.34 -26.61 -37.31
N ASN D 96 56.42 -26.68 -36.53
CA ASN D 96 57.40 -27.77 -36.59
C ASN D 96 57.78 -28.03 -38.05
N GLY D 97 58.24 -26.99 -38.72
CA GLY D 97 58.71 -27.09 -40.09
C GLY D 97 57.69 -27.65 -41.06
N GLU D 98 56.44 -27.20 -40.99
CA GLU D 98 55.46 -27.61 -42.00
C GLU D 98 54.27 -26.66 -42.01
N TRP D 99 53.63 -26.54 -43.17
CA TRP D 99 52.51 -25.62 -43.32
C TRP D 99 51.21 -26.30 -42.94
N VAL D 100 50.75 -26.01 -41.72
CA VAL D 100 49.50 -26.56 -41.14
C VAL D 100 48.32 -25.68 -41.54
N LYS D 101 47.23 -26.31 -41.96
CA LYS D 101 46.04 -25.57 -42.34
C LYS D 101 45.23 -25.13 -41.10
N MET D 102 44.75 -23.88 -41.13
CA MET D 102 43.98 -23.31 -40.02
C MET D 102 42.59 -23.86 -39.99
N LEU D 103 42.04 -23.94 -38.78
CA LEU D 103 40.65 -24.28 -38.59
C LEU D 103 39.82 -22.98 -38.73
N SER D 104 38.74 -23.06 -39.50
CA SER D 104 37.87 -21.92 -39.72
C SER D 104 36.43 -22.31 -39.53
N ARG D 105 35.64 -21.38 -39.00
CA ARG D 105 34.19 -21.49 -39.06
C ARG D 105 33.65 -20.21 -39.63
N LYS D 106 32.55 -20.35 -40.36
CA LYS D 106 31.86 -19.20 -40.89
C LYS D 106 30.64 -18.78 -40.03
N GLU D 107 30.56 -17.48 -39.74
CA GLU D 107 29.52 -16.91 -38.86
C GLU D 107 28.80 -15.77 -39.56
N THR D 108 27.48 -15.83 -39.60
CA THR D 108 26.67 -14.75 -40.16
C THR D 108 25.88 -14.13 -39.02
N ILE D 109 25.81 -12.80 -39.01
CA ILE D 109 25.15 -12.05 -37.98
C ILE D 109 23.86 -11.44 -38.50
N ALA D 110 22.72 -11.88 -37.95
CA ALA D 110 21.41 -11.33 -38.31
C ALA D 110 21.28 -9.97 -37.69
N VAL D 111 20.65 -9.06 -38.43
CA VAL D 111 20.50 -7.68 -37.99
C VAL D 111 19.04 -7.29 -38.13
N LYS D 112 18.47 -6.72 -37.07
CA LYS D 112 17.05 -6.39 -37.07
C LYS D 112 16.62 -5.45 -38.21
N ASP D 113 17.12 -4.22 -38.25
CA ASP D 113 16.66 -3.26 -39.25
C ASP D 113 17.69 -3.03 -40.36
N GLY D 114 18.51 -4.03 -40.66
CA GLY D 114 19.64 -3.86 -41.58
C GLY D 114 19.98 -5.14 -42.29
N GLN D 115 21.20 -5.18 -42.84
CA GLN D 115 21.64 -6.31 -43.68
C GLN D 115 22.60 -7.28 -42.96
N PRO D 116 22.47 -8.61 -43.25
CA PRO D 116 23.30 -9.61 -42.57
C PRO D 116 24.77 -9.33 -42.81
N GLU D 117 25.58 -9.47 -41.77
CA GLU D 117 27.01 -9.30 -41.88
C GLU D 117 27.60 -10.70 -41.75
N THR D 118 28.45 -11.09 -42.70
CA THR D 118 29.07 -12.42 -42.70
C THR D 118 30.56 -12.33 -42.58
N PHE D 119 31.16 -13.15 -41.70
CA PHE D 119 32.61 -13.18 -41.59
C PHE D 119 33.16 -14.56 -41.17
N THR D 120 34.48 -14.67 -41.10
CA THR D 120 35.10 -15.93 -40.72
C THR D 120 35.95 -15.74 -39.47
N VAL D 121 36.02 -16.78 -38.66
CA VAL D 121 36.91 -16.79 -37.49
C VAL D 121 37.88 -17.94 -37.65
N TRP D 122 39.16 -17.68 -37.39
CA TRP D 122 40.24 -18.66 -37.63
C TRP D 122 40.82 -19.15 -36.33
N ARG D 123 41.11 -20.45 -36.29
CA ARG D 123 41.71 -21.07 -35.12
C ARG D 123 42.93 -21.85 -35.55
N THR D 124 44.01 -21.71 -34.79
CA THR D 124 45.18 -22.58 -34.95
C THR D 124 45.21 -23.63 -33.84
N LEU D 125 46.24 -24.46 -33.85
CA LEU D 125 46.47 -25.42 -32.78
C LEU D 125 46.76 -24.70 -31.45
N HIS D 126 47.09 -23.41 -31.49
CA HIS D 126 47.24 -22.62 -30.27
C HIS D 126 45.93 -21.94 -29.83
N GLY D 127 44.96 -21.84 -30.75
CA GLY D 127 43.67 -21.24 -30.44
C GLY D 127 43.19 -20.25 -31.49
N ASN D 128 42.10 -19.56 -31.18
CA ASN D 128 41.53 -18.52 -32.04
C ASN D 128 42.49 -17.42 -32.42
N VAL D 129 42.44 -17.01 -33.68
CA VAL D 129 43.25 -15.92 -34.18
C VAL D 129 42.60 -14.58 -33.83
N ILE D 130 43.24 -13.85 -32.91
CA ILE D 130 42.86 -12.48 -32.55
C ILE D 130 43.10 -11.48 -33.69
N LYS D 131 44.31 -11.49 -34.25
CA LYS D 131 44.68 -10.50 -35.24
C LYS D 131 45.75 -10.92 -36.22
N THR D 132 45.57 -10.52 -37.47
CA THR D 132 46.52 -10.76 -38.55
C THR D 132 47.20 -9.49 -38.99
N ASP D 133 48.48 -9.36 -38.66
CA ASP D 133 49.27 -8.22 -39.15
C ASP D 133 49.96 -8.67 -40.44
N THR D 134 49.46 -8.18 -41.58
CA THR D 134 49.93 -8.61 -42.87
C THR D 134 51.34 -8.11 -43.20
N ALA D 135 51.72 -6.94 -42.68
CA ALA D 135 53.02 -6.34 -42.95
C ALA D 135 54.19 -7.18 -42.42
N THR D 136 53.91 -8.13 -41.53
CA THR D 136 54.93 -8.97 -40.92
C THR D 136 54.60 -10.45 -41.11
N GLN D 137 53.63 -10.76 -41.96
CA GLN D 137 53.29 -12.16 -42.24
C GLN D 137 52.88 -12.90 -40.97
N THR D 138 52.30 -12.17 -40.03
CA THR D 138 52.08 -12.69 -38.68
C THR D 138 50.60 -12.74 -38.33
N ALA D 139 50.19 -13.83 -37.72
CA ALA D 139 48.86 -13.95 -37.10
C ALA D 139 49.04 -14.27 -35.61
N TYR D 140 48.38 -13.52 -34.72
CA TYR D 140 48.45 -13.86 -33.28
C TYR D 140 47.21 -14.66 -32.81
N ALA D 141 47.47 -15.77 -32.11
CA ALA D 141 46.39 -16.67 -31.64
C ALA D 141 46.41 -16.75 -30.12
N LYS D 142 45.24 -16.76 -29.53
CA LYS D 142 45.15 -16.75 -28.09
C LYS D 142 45.16 -18.17 -27.59
N ALA D 143 45.99 -18.37 -26.58
CA ALA D 143 46.13 -19.64 -25.93
C ALA D 143 45.77 -19.46 -24.46
N ARG D 144 44.78 -20.23 -24.04
CA ARG D 144 44.25 -20.17 -22.68
C ARG D 144 44.56 -21.48 -22.01
N ALA D 145 45.20 -21.41 -20.85
CA ALA D 145 45.51 -22.62 -20.09
C ALA D 145 44.25 -23.43 -19.79
N TRP D 146 43.12 -22.71 -19.71
CA TRP D 146 41.82 -23.33 -19.42
C TRP D 146 40.97 -23.78 -20.62
N ASP D 147 41.48 -23.73 -21.84
CA ASP D 147 40.65 -24.14 -22.99
C ASP D 147 40.22 -25.61 -22.89
N GLY D 148 38.97 -25.90 -23.20
CA GLY D 148 38.47 -27.27 -23.13
C GLY D 148 37.99 -27.71 -21.75
N LYS D 149 38.23 -26.89 -20.73
CA LYS D 149 37.83 -27.17 -19.35
C LYS D 149 36.77 -26.21 -18.80
N GLU D 150 36.04 -25.52 -19.66
CA GLU D 150 35.12 -24.48 -19.20
C GLU D 150 33.91 -25.08 -18.46
N VAL D 151 33.26 -26.08 -19.08
CA VAL D 151 32.12 -26.74 -18.48
C VAL D 151 32.51 -27.48 -17.20
N ALA D 152 33.64 -28.17 -17.21
CA ALA D 152 34.14 -28.78 -16.00
C ALA D 152 34.30 -27.74 -14.88
N SER D 153 34.75 -26.53 -15.23
CA SER D 153 34.87 -25.45 -14.23
C SER D 153 33.51 -25.06 -13.65
N LEU D 154 32.49 -25.12 -14.48
CA LEU D 154 31.11 -24.89 -14.06
C LEU D 154 30.69 -25.95 -13.04
N LEU D 155 30.88 -27.23 -13.39
CA LEU D 155 30.43 -28.31 -12.54
C LEU D 155 31.31 -28.39 -11.30
N ALA D 156 32.50 -27.81 -11.35
CA ALA D 156 33.32 -27.80 -10.17
C ALA D 156 32.73 -26.86 -9.14
N TRP D 157 32.24 -25.72 -9.62
CA TRP D 157 31.67 -24.70 -8.74
C TRP D 157 30.37 -25.18 -8.13
N THR D 158 29.74 -26.13 -8.81
CA THR D 158 28.50 -26.72 -8.37
C THR D 158 28.70 -27.81 -7.32
N HIS D 159 29.69 -28.67 -7.55
CA HIS D 159 29.91 -29.82 -6.70
C HIS D 159 30.50 -29.44 -5.36
N GLN D 160 31.34 -28.41 -5.34
CA GLN D 160 31.94 -27.95 -4.08
C GLN D 160 30.88 -27.54 -3.02
N MET D 161 29.67 -27.28 -3.49
CA MET D 161 28.59 -26.95 -2.59
C MET D 161 28.26 -28.10 -1.65
N LYS D 162 28.43 -29.33 -2.15
CA LYS D 162 28.18 -30.56 -1.37
C LYS D 162 29.31 -30.95 -0.44
N ALA D 163 30.37 -30.14 -0.38
CA ALA D 163 31.57 -30.55 0.32
C ALA D 163 31.38 -30.23 1.77
N LYS D 164 31.83 -31.11 2.65
CA LYS D 164 31.65 -30.90 4.08
C LYS D 164 32.97 -30.88 4.88
N ASN D 165 34.09 -30.88 4.17
CA ASN D 165 35.40 -30.77 4.82
C ASN D 165 36.48 -30.26 3.85
N TRP D 166 37.64 -29.91 4.37
CA TRP D 166 38.70 -29.35 3.50
C TRP D 166 39.11 -30.20 2.27
N PRO D 167 39.34 -31.54 2.45
CA PRO D 167 39.71 -32.43 1.34
C PRO D 167 38.66 -32.54 0.27
N GLU D 168 37.42 -32.74 0.64
CA GLU D 168 36.37 -32.91 -0.33
C GLU D 168 36.22 -31.59 -1.11
N TRP D 169 36.55 -30.48 -0.45
CA TRP D 169 36.47 -29.15 -1.09
C TRP D 169 37.58 -28.95 -2.09
N THR D 170 38.82 -29.09 -1.62
CA THR D 170 39.97 -28.85 -2.47
C THR D 170 39.96 -29.70 -3.73
N GLN D 171 39.44 -30.92 -3.69
CA GLN D 171 39.46 -31.72 -4.89
C GLN D 171 38.50 -31.22 -5.95
N GLN D 172 37.60 -30.32 -5.56
CA GLN D 172 36.76 -29.62 -6.51
C GLN D 172 37.51 -28.36 -6.99
N ALA D 173 38.20 -27.70 -6.08
CA ALA D 173 39.05 -26.58 -6.43
C ALA D 173 40.03 -26.90 -7.56
N ALA D 174 40.58 -28.11 -7.51
CA ALA D 174 41.55 -28.56 -8.50
C ALA D 174 40.91 -28.93 -9.86
N LYS D 175 39.58 -28.98 -9.93
CA LYS D 175 38.88 -29.16 -11.19
C LYS D 175 38.41 -27.82 -11.74
N GLN D 176 38.63 -26.76 -10.97
CA GLN D 176 38.24 -25.42 -11.41
C GLN D 176 39.44 -24.77 -12.14
N ALA D 177 39.25 -24.55 -13.44
CA ALA D 177 40.34 -24.24 -14.37
C ALA D 177 40.57 -22.75 -14.66
N LEU D 178 39.66 -21.90 -14.22
CA LEU D 178 39.81 -20.45 -14.41
C LEU D 178 40.61 -19.81 -13.26
N THR D 179 41.20 -18.63 -13.49
CA THR D 179 42.06 -17.98 -12.46
C THR D 179 41.23 -17.22 -11.42
N ILE D 180 40.86 -17.94 -10.37
CA ILE D 180 39.91 -17.45 -9.38
C ILE D 180 40.42 -17.77 -7.98
N ASN D 181 40.51 -16.79 -7.12
CA ASN D 181 40.70 -17.08 -5.72
C ASN D 181 39.44 -17.77 -5.13
N TRP D 182 39.57 -18.97 -4.58
CA TRP D 182 38.52 -19.59 -3.73
C TRP D 182 38.88 -19.55 -2.23
N TYR D 183 37.87 -19.52 -1.39
CA TYR D 183 38.07 -19.36 0.02
C TYR D 183 37.16 -20.29 0.79
N TYR D 184 37.59 -20.64 1.99
CA TYR D 184 37.03 -21.72 2.75
C TYR D 184 36.91 -21.24 4.21
N ALA D 185 35.80 -21.61 4.84
CA ALA D 185 35.63 -21.54 6.27
C ALA D 185 34.73 -22.72 6.67
N ASP D 186 34.85 -23.18 7.93
CA ASP D 186 33.95 -24.25 8.42
C ASP D 186 33.57 -24.15 9.89
N VAL D 187 32.58 -24.96 10.27
CA VAL D 187 31.91 -24.89 11.56
C VAL D 187 32.87 -24.89 12.74
N ASN D 188 34.00 -25.55 12.61
CA ASN D 188 34.99 -25.68 13.70
C ASN D 188 36.04 -24.55 13.72
N GLY D 189 35.90 -23.57 12.83
CA GLY D 189 36.79 -22.40 12.81
C GLY D 189 37.98 -22.51 11.87
N ASN D 190 37.97 -23.57 11.05
CA ASN D 190 38.99 -23.78 10.04
C ASN D 190 38.72 -22.87 8.88
N ILE D 191 39.77 -22.26 8.34
CA ILE D 191 39.69 -21.41 7.14
C ILE D 191 40.83 -21.75 6.17
N GLY D 192 40.59 -21.54 4.88
CA GLY D 192 41.56 -21.90 3.82
C GLY D 192 41.54 -20.95 2.64
N TYR D 193 42.49 -21.14 1.72
CA TYR D 193 42.60 -20.31 0.52
C TYR D 193 43.23 -21.08 -0.63
N VAL D 194 42.61 -21.06 -1.80
CA VAL D 194 43.22 -21.72 -2.98
C VAL D 194 43.10 -20.84 -4.20
N HIS D 195 44.21 -20.20 -4.59
CA HIS D 195 44.34 -19.52 -5.89
C HIS D 195 44.21 -20.53 -7.03
N THR D 196 42.99 -20.87 -7.38
CA THR D 196 42.72 -21.99 -8.31
C THR D 196 43.04 -21.64 -9.74
N GLY D 197 42.93 -22.62 -10.63
CA GLY D 197 43.11 -22.40 -12.07
C GLY D 197 44.13 -23.33 -12.69
N ALA D 198 43.89 -23.68 -13.95
CA ALA D 198 44.88 -24.29 -14.87
C ALA D 198 45.91 -23.24 -15.28
N TYR D 199 47.18 -23.64 -15.32
CA TYR D 199 48.25 -22.76 -15.74
C TYR D 199 49.25 -23.56 -16.56
N PRO D 200 49.91 -22.89 -17.53
CA PRO D 200 50.73 -23.57 -18.51
C PRO D 200 52.12 -23.84 -17.98
N ASP D 201 52.68 -24.99 -18.33
CA ASP D 201 54.07 -25.31 -18.07
C ASP D 201 54.88 -24.81 -19.27
N ARG D 202 55.54 -23.68 -19.06
CA ARG D 202 56.20 -22.96 -20.13
C ARG D 202 57.63 -23.46 -20.33
N GLN D 203 58.14 -23.26 -21.55
CA GLN D 203 59.56 -23.48 -21.87
C GLN D 203 60.45 -22.52 -21.09
N PRO D 204 61.67 -22.94 -20.78
CA PRO D 204 62.56 -21.99 -20.13
C PRO D 204 62.89 -20.86 -21.10
N GLY D 205 62.94 -19.63 -20.59
CA GLY D 205 63.14 -18.47 -21.43
C GLY D 205 61.86 -17.77 -21.84
N HIS D 206 60.72 -18.47 -21.70
CA HIS D 206 59.41 -17.94 -22.10
C HIS D 206 59.02 -16.75 -21.23
N ASP D 207 59.10 -15.55 -21.81
CA ASP D 207 58.60 -14.32 -21.17
C ASP D 207 57.08 -14.17 -21.32
N PRO D 208 56.32 -14.34 -20.23
CA PRO D 208 54.85 -14.43 -20.32
C PRO D 208 54.15 -13.09 -20.57
N ARG D 209 54.90 -11.99 -20.49
CA ARG D 209 54.35 -10.68 -20.74
C ARG D 209 54.19 -10.38 -22.21
N LEU D 210 54.81 -11.15 -23.09
CA LEU D 210 54.79 -10.83 -24.53
C LEU D 210 54.53 -12.06 -25.37
N PRO D 211 54.04 -11.88 -26.61
CA PRO D 211 53.77 -13.06 -27.41
C PRO D 211 54.99 -13.95 -27.56
N VAL D 212 54.80 -15.18 -28.03
CA VAL D 212 55.91 -16.05 -28.40
C VAL D 212 55.69 -16.61 -29.82
N PRO D 213 56.77 -17.00 -30.51
CA PRO D 213 56.54 -17.57 -31.82
C PRO D 213 55.74 -18.87 -31.72
N GLY D 214 54.91 -19.16 -32.72
CA GLY D 214 54.14 -20.39 -32.72
C GLY D 214 54.57 -21.35 -33.80
N THR D 215 55.89 -21.48 -33.97
CA THR D 215 56.46 -22.29 -35.05
C THR D 215 56.88 -23.67 -34.56
N GLY D 216 56.97 -23.84 -33.24
CA GLY D 216 57.06 -25.16 -32.62
C GLY D 216 57.86 -25.15 -31.33
N LYS D 217 58.98 -24.47 -31.36
CA LYS D 217 59.91 -24.52 -30.27
C LYS D 217 59.38 -23.93 -28.96
N TRP D 218 58.34 -23.10 -29.03
CA TRP D 218 57.89 -22.40 -27.80
C TRP D 218 56.55 -22.91 -27.19
N ASP D 219 55.99 -23.95 -27.80
CA ASP D 219 54.79 -24.59 -27.31
C ASP D 219 54.87 -24.94 -25.84
N TRP D 220 53.74 -24.85 -25.16
CA TRP D 220 53.65 -25.22 -23.77
C TRP D 220 53.91 -26.70 -23.63
N LYS D 221 54.53 -27.08 -22.52
CA LYS D 221 54.86 -28.49 -22.25
C LYS D 221 53.64 -29.24 -21.72
N GLY D 222 52.64 -28.50 -21.27
CA GLY D 222 51.46 -29.06 -20.62
C GLY D 222 51.06 -28.09 -19.52
N LEU D 223 50.32 -28.59 -18.52
CA LEU D 223 49.84 -27.77 -17.42
C LEU D 223 50.59 -27.98 -16.12
N LEU D 224 50.95 -26.88 -15.46
CA LEU D 224 51.52 -26.93 -14.11
C LEU D 224 50.64 -27.70 -13.18
N SER D 225 51.26 -28.39 -12.25
CA SER D 225 50.52 -29.22 -11.30
C SER D 225 49.75 -28.41 -10.27
N PHE D 226 48.63 -28.96 -9.82
CA PHE D 226 47.82 -28.32 -8.80
C PHE D 226 48.60 -28.15 -7.49
N ASP D 227 49.66 -28.92 -7.33
CA ASP D 227 50.58 -28.75 -6.21
C ASP D 227 51.21 -27.37 -6.22
N LEU D 228 51.32 -26.76 -7.39
CA LEU D 228 51.95 -25.42 -7.49
C LEU D 228 50.99 -24.22 -7.24
N ASN D 229 49.67 -24.42 -7.48
CA ASN D 229 48.63 -23.45 -7.14
C ASN D 229 48.75 -23.03 -5.66
N PRO D 230 48.96 -21.73 -5.40
CA PRO D 230 49.09 -21.18 -4.03
C PRO D 230 47.98 -21.67 -3.10
N LYS D 231 48.35 -22.10 -1.91
CA LYS D 231 47.39 -22.64 -0.95
C LYS D 231 47.83 -22.29 0.46
N VAL D 232 46.86 -22.06 1.32
CA VAL D 232 47.15 -22.03 2.75
C VAL D 232 45.92 -22.57 3.46
N TYR D 233 46.15 -23.19 4.59
CA TYR D 233 45.09 -23.71 5.45
C TYR D 233 45.45 -23.39 6.92
N ASN D 234 44.59 -22.65 7.62
CA ASN D 234 44.82 -22.25 9.00
C ASN D 234 46.11 -21.52 9.19
N PRO D 235 46.32 -20.47 8.41
CA PRO D 235 47.58 -19.73 8.52
C PRO D 235 47.75 -19.12 9.88
N GLN D 236 48.97 -18.76 10.20
CA GLN D 236 49.31 -18.30 11.55
C GLN D 236 48.90 -16.84 11.84
N SER D 237 48.50 -16.10 10.81
CA SER D 237 48.05 -14.71 11.00
C SER D 237 46.64 -14.70 11.54
N GLY D 238 46.01 -15.87 11.47
CA GLY D 238 44.65 -16.05 11.92
C GLY D 238 43.65 -15.49 10.94
N TYR D 239 44.09 -15.15 9.73
CA TYR D 239 43.17 -14.67 8.72
C TYR D 239 43.73 -14.79 7.32
N ILE D 240 42.89 -14.43 6.34
CA ILE D 240 43.19 -14.51 4.92
C ILE D 240 42.50 -13.34 4.20
N ALA D 241 43.26 -12.29 3.86
CA ALA D 241 42.65 -11.12 3.27
C ALA D 241 43.09 -11.02 1.81
N ASN D 242 42.24 -10.48 0.96
CA ASN D 242 42.59 -10.31 -0.44
C ASN D 242 41.77 -9.21 -1.09
N TRP D 243 42.38 -8.41 -1.95
CA TRP D 243 41.62 -7.49 -2.78
C TRP D 243 42.27 -7.52 -4.17
N ASN D 244 42.28 -8.71 -4.77
CA ASN D 244 42.96 -8.98 -6.04
C ASN D 244 44.44 -8.71 -6.04
N ASN D 245 45.07 -9.01 -4.92
CA ASN D 245 46.52 -8.88 -4.77
C ASN D 245 47.20 -10.22 -4.98
N SER D 246 48.53 -10.19 -4.92
CA SER D 246 49.34 -11.39 -5.07
C SER D 246 48.96 -12.47 -4.06
N PRO D 247 48.68 -13.68 -4.55
CA PRO D 247 48.35 -14.76 -3.64
C PRO D 247 49.48 -15.07 -2.68
N GLN D 248 50.73 -14.83 -3.10
CA GLN D 248 51.87 -15.56 -2.52
C GLN D 248 53.21 -15.04 -3.06
N LYS D 249 54.26 -15.13 -2.25
CA LYS D 249 55.58 -14.64 -2.69
C LYS D 249 56.04 -15.24 -4.01
N ASP D 250 56.70 -14.42 -4.83
CA ASP D 250 57.21 -14.80 -6.15
C ASP D 250 56.13 -15.31 -7.15
N TYR D 251 54.87 -14.94 -6.90
CA TYR D 251 53.81 -15.38 -7.77
C TYR D 251 53.64 -14.29 -8.79
N PRO D 252 53.69 -14.65 -10.08
CA PRO D 252 53.72 -13.66 -11.14
C PRO D 252 52.32 -13.35 -11.63
N ALA D 253 52.02 -12.06 -11.85
CA ALA D 253 50.68 -11.59 -12.20
C ALA D 253 50.28 -11.87 -13.65
N SER D 254 49.05 -11.51 -13.99
CA SER D 254 48.61 -11.55 -15.36
C SER D 254 49.41 -10.53 -16.14
N ASP D 255 49.54 -10.78 -17.44
CA ASP D 255 50.38 -9.92 -18.30
C ASP D 255 49.79 -8.54 -18.65
N LEU D 256 48.60 -8.24 -18.13
CA LEU D 256 47.87 -6.99 -18.44
C LEU D 256 48.70 -5.76 -18.08
N PHE D 257 49.00 -4.93 -19.06
CA PHE D 257 49.90 -3.81 -18.80
C PHE D 257 49.43 -2.93 -17.65
N ALA D 258 48.12 -2.78 -17.49
CA ALA D 258 47.58 -1.90 -16.45
C ALA D 258 47.54 -2.53 -15.06
N PHE D 259 47.97 -3.79 -14.98
CA PHE D 259 47.91 -4.58 -13.76
C PHE D 259 49.30 -4.79 -13.16
N LEU D 260 49.46 -4.49 -11.90
CA LEU D 260 50.74 -4.71 -11.24
C LEU D 260 50.54 -5.15 -9.79
N TRP D 261 51.43 -6.01 -9.29
CA TRP D 261 51.56 -6.29 -7.85
C TRP D 261 52.83 -5.69 -7.33
N GLY D 262 52.75 -4.51 -6.75
CA GLY D 262 53.92 -3.83 -6.21
C GLY D 262 53.82 -3.60 -4.73
N GLY D 263 54.69 -2.75 -4.20
CA GLY D 263 54.70 -2.40 -2.77
C GLY D 263 53.53 -1.51 -2.41
N ALA D 264 53.03 -0.76 -3.38
CA ALA D 264 51.80 -0.02 -3.23
C ALA D 264 50.62 -0.94 -3.57
N ASP D 265 49.81 -1.25 -2.56
CA ASP D 265 48.64 -2.09 -2.77
C ASP D 265 47.52 -1.79 -1.78
N ARG D 266 46.31 -1.77 -2.31
CA ARG D 266 45.13 -1.36 -1.55
C ARG D 266 44.74 -2.36 -0.43
N VAL D 267 45.24 -3.60 -0.53
CA VAL D 267 44.86 -4.66 0.42
C VAL D 267 45.48 -4.39 1.78
N THR D 268 46.50 -3.54 1.80
CA THR D 268 47.05 -3.05 3.04
C THR D 268 45.99 -2.31 3.83
N GLU D 269 45.02 -1.69 3.13
CA GLU D 269 43.93 -0.96 3.80
C GLU D 269 43.04 -1.91 4.57
N ILE D 270 43.00 -3.16 4.11
CA ILE D 270 42.28 -4.21 4.81
C ILE D 270 43.16 -4.69 5.96
N ASP D 271 44.39 -5.04 5.62
CA ASP D 271 45.32 -5.60 6.56
C ASP D 271 45.55 -4.71 7.79
N THR D 272 45.69 -3.42 7.57
CA THR D 272 45.95 -2.54 8.69
C THR D 272 44.79 -2.60 9.67
N ILE D 273 43.57 -2.78 9.17
CA ILE D 273 42.36 -2.85 10.02
C ILE D 273 42.35 -4.13 10.82
N LEU D 274 42.64 -5.23 10.14
CA LEU D 274 42.64 -6.55 10.75
C LEU D 274 43.81 -6.80 11.71
N ASP D 275 44.64 -5.78 11.93
CA ASP D 275 45.76 -5.89 12.85
C ASP D 275 45.70 -4.84 13.95
N LYS D 276 44.75 -3.91 13.85
CA LYS D 276 44.65 -2.87 14.84
C LYS D 276 44.11 -3.45 16.16
N GLN D 277 43.43 -4.61 16.09
CA GLN D 277 42.93 -5.24 17.31
C GLN D 277 42.94 -6.76 17.23
N PRO D 278 42.99 -7.42 18.42
CA PRO D 278 43.23 -8.87 18.45
C PRO D 278 42.09 -9.71 17.91
N ARG D 279 40.83 -9.34 18.18
CA ARG D 279 39.70 -10.13 17.66
C ARG D 279 38.54 -9.32 17.09
N PHE D 280 37.69 -10.05 16.36
CA PHE D 280 36.53 -9.48 15.69
C PHE D 280 35.22 -10.24 15.98
N THR D 281 34.16 -9.48 16.32
CA THR D 281 32.79 -10.00 16.35
C THR D 281 32.25 -9.98 14.92
N ALA D 282 31.12 -10.62 14.68
CA ALA D 282 30.49 -10.65 13.34
C ALA D 282 30.08 -9.24 12.89
N ASP D 283 29.86 -8.36 13.87
CA ASP D 283 29.53 -6.96 13.61
C ASP D 283 30.74 -6.17 13.15
N GLN D 284 31.86 -6.35 13.84
CA GLN D 284 33.08 -5.60 13.51
C GLN D 284 33.61 -6.04 12.14
N ALA D 285 33.50 -7.35 11.86
CA ALA D 285 33.88 -7.92 10.55
C ALA D 285 33.07 -7.27 9.41
N TRP D 286 31.77 -7.11 9.62
CA TRP D 286 30.92 -6.48 8.62
C TRP D 286 31.23 -5.03 8.47
N ASP D 287 31.55 -4.39 9.60
CA ASP D 287 31.92 -2.97 9.66
C ASP D 287 33.20 -2.60 8.86
N VAL D 288 33.85 -3.60 8.27
CA VAL D 288 35.05 -3.34 7.48
C VAL D 288 34.60 -2.88 6.07
N ILE D 289 33.45 -3.36 5.62
CA ILE D 289 32.90 -2.93 4.33
C ILE D 289 32.73 -1.43 4.37
N ARG D 290 32.31 -0.89 5.50
CA ARG D 290 32.10 0.54 5.63
C ARG D 290 33.47 1.21 5.52
N GLN D 291 34.42 0.70 6.29
CA GLN D 291 35.74 1.36 6.46
C GLN D 291 36.51 1.46 5.13
N THR D 292 36.67 0.31 4.49
CA THR D 292 37.28 0.25 3.18
C THR D 292 36.49 0.99 2.10
N SER D 293 35.16 1.06 2.23
CA SER D 293 34.30 1.73 1.21
C SER D 293 34.67 3.18 0.94
N ARG D 294 34.97 3.89 2.02
CA ARG D 294 35.14 5.33 1.95
C ARG D 294 36.59 5.73 2.09
N ARG D 295 37.46 4.74 2.00
CA ARG D 295 38.87 4.91 2.28
C ARG D 295 39.53 5.46 1.03
N ASP D 296 40.19 6.61 1.14
CA ASP D 296 41.07 7.11 0.06
C ASP D 296 42.31 6.23 -0.04
N LEU D 297 42.56 5.70 -1.23
CA LEU D 297 43.56 4.64 -1.41
C LEU D 297 44.98 5.14 -1.62
N ASN D 298 45.15 6.42 -1.94
CA ASN D 298 46.48 6.98 -2.22
C ASN D 298 47.11 7.76 -1.08
N LEU D 299 46.34 8.19 -0.09
CA LEU D 299 46.90 9.05 0.96
C LEU D 299 48.08 8.40 1.69
N ARG D 300 47.91 7.14 2.07
CA ARG D 300 48.94 6.36 2.78
C ARG D 300 50.25 6.23 1.98
N LEU D 301 50.11 6.13 0.66
CA LEU D 301 51.25 5.93 -0.22
C LEU D 301 52.12 7.18 -0.36
N PHE D 302 51.52 8.36 -0.58
CA PHE D 302 52.30 9.54 -1.00
C PHE D 302 52.46 10.64 0.07
N LEU D 303 51.87 10.43 1.23
CA LEU D 303 51.92 11.43 2.27
C LEU D 303 53.29 11.57 2.93
N PRO D 304 54.03 10.47 3.09
CA PRO D 304 55.39 10.68 3.57
C PRO D 304 56.19 11.62 2.65
N ALA D 305 56.18 11.32 1.35
CA ALA D 305 56.88 12.13 0.34
C ALA D 305 56.43 13.58 0.28
N LEU D 306 55.12 13.82 0.38
CA LEU D 306 54.62 15.21 0.36
C LEU D 306 55.02 15.92 1.65
N LYS D 307 55.03 15.20 2.76
CA LYS D 307 55.34 15.79 4.07
C LYS D 307 56.76 16.34 4.15
N ASP D 308 57.72 15.65 3.53
CA ASP D 308 59.12 16.02 3.64
C ASP D 308 59.60 16.86 2.47
N ALA D 309 58.84 16.88 1.38
CA ALA D 309 59.11 17.76 0.24
C ALA D 309 58.74 19.22 0.58
N THR D 310 57.83 19.40 1.54
CA THR D 310 57.35 20.71 1.91
C THR D 310 57.74 21.06 3.34
N ALA D 311 58.59 20.24 3.96
CA ALA D 311 58.97 20.47 5.34
C ALA D 311 59.70 21.81 5.55
N ASN D 312 60.40 22.27 4.51
CA ASN D 312 61.19 23.50 4.54
C ASN D 312 60.43 24.77 4.16
N LEU D 313 59.21 24.61 3.64
CA LEU D 313 58.43 25.75 3.17
C LEU D 313 57.73 26.43 4.33
N ALA D 314 57.38 27.69 4.12
CA ALA D 314 56.60 28.45 5.10
C ALA D 314 55.13 28.04 5.01
N GLU D 315 54.38 28.31 6.08
CA GLU D 315 52.97 27.96 6.16
C GLU D 315 52.08 28.69 5.17
N ASN D 316 52.41 29.95 4.90
CA ASN D 316 51.67 30.72 3.90
C ASN D 316 51.87 30.18 2.48
N ASP D 317 52.84 29.29 2.27
CA ASP D 317 53.05 28.68 0.97
C ASP D 317 51.91 27.71 0.69
N PRO D 318 51.14 27.98 -0.36
CA PRO D 318 50.05 27.08 -0.79
C PRO D 318 50.43 25.61 -0.92
N ARG D 319 51.63 25.36 -1.41
CA ARG D 319 52.10 23.99 -1.55
C ARG D 319 52.23 23.30 -0.20
N ARG D 320 52.66 24.02 0.84
CA ARG D 320 52.65 23.45 2.16
C ARG D 320 51.22 23.40 2.71
N GLN D 321 50.44 24.45 2.44
CA GLN D 321 49.06 24.51 2.93
C GLN D 321 48.32 23.27 2.53
N LEU D 322 48.39 22.93 1.24
CA LEU D 322 47.77 21.72 0.73
C LEU D 322 48.19 20.52 1.57
N VAL D 323 49.49 20.34 1.73
CA VAL D 323 50.04 19.17 2.43
C VAL D 323 49.62 19.13 3.93
N ASP D 324 49.52 20.29 4.57
CA ASP D 324 49.06 20.36 5.97
C ASP D 324 47.58 19.95 6.09
N LYS D 325 46.83 20.25 5.05
CA LYS D 325 45.44 19.83 4.97
C LYS D 325 45.38 18.31 4.91
N LEU D 326 46.12 17.72 3.96
CA LEU D 326 46.23 16.26 3.88
C LEU D 326 46.75 15.64 5.18
N ALA D 327 47.73 16.30 5.83
CA ALA D 327 48.28 15.80 7.11
C ALA D 327 47.26 15.81 8.24
N SER D 328 46.24 16.66 8.14
CA SER D 328 45.21 16.73 9.19
C SER D 328 43.95 15.92 8.86
N TRP D 329 44.07 14.94 7.97
CA TRP D 329 42.93 14.20 7.43
C TRP D 329 43.06 12.74 7.83
N ASP D 330 41.97 12.14 8.29
CA ASP D 330 42.01 10.72 8.66
C ASP D 330 41.90 9.77 7.46
N GLY D 331 41.78 10.32 6.25
CA GLY D 331 41.84 9.52 5.04
C GLY D 331 40.55 8.81 4.70
N GLU D 332 39.44 9.23 5.29
CA GLU D 332 38.11 8.67 5.01
C GLU D 332 37.22 9.76 4.43
N ASN D 333 36.51 9.43 3.35
CA ASN D 333 35.64 10.40 2.69
C ASN D 333 34.20 10.23 3.13
N LEU D 334 33.63 11.29 3.66
CA LEU D 334 32.23 11.30 4.01
C LEU D 334 31.58 12.39 3.25
N VAL D 335 30.44 12.09 2.64
CA VAL D 335 29.69 13.07 1.86
C VAL D 335 28.76 13.85 2.79
N ASN D 336 28.60 15.14 2.51
CA ASN D 336 27.74 16.05 3.26
C ASN D 336 26.24 15.81 3.05
N ASP D 337 25.43 16.50 3.86
CA ASP D 337 23.95 16.38 3.76
C ASP D 337 23.37 16.86 2.44
N ASP D 338 23.97 17.86 1.82
CA ASP D 338 23.57 18.26 0.46
C ASP D 338 23.69 17.09 -0.51
N GLY D 339 24.55 16.13 -0.16
CA GLY D 339 24.70 14.90 -0.94
C GLY D 339 25.54 15.00 -2.21
N LYS D 340 26.24 16.11 -2.41
CA LYS D 340 26.98 16.36 -3.66
C LYS D 340 28.44 16.71 -3.44
N THR D 341 28.90 16.75 -2.19
CA THR D 341 30.26 17.19 -1.85
C THR D 341 30.84 16.33 -0.75
N TYR D 342 32.17 16.30 -0.64
CA TYR D 342 32.82 15.63 0.48
C TYR D 342 33.15 16.62 1.59
N GLN D 343 33.17 16.13 2.82
CA GLN D 343 33.51 16.95 3.99
C GLN D 343 34.93 17.49 3.91
N GLN D 344 35.81 16.68 3.31
CA GLN D 344 37.23 17.07 3.17
C GLN D 344 37.66 17.04 1.71
N PRO D 345 38.41 18.06 1.26
CA PRO D 345 38.90 18.14 -0.11
C PRO D 345 40.10 17.21 -0.43
N GLY D 346 40.50 16.35 0.52
CA GLY D 346 41.67 15.48 0.37
C GLY D 346 41.79 14.80 -1.00
N SER D 347 40.76 14.09 -1.42
CA SER D 347 40.86 13.33 -2.67
C SER D 347 41.05 14.24 -3.88
N ALA D 348 40.27 15.29 -3.99
CA ALA D 348 40.47 16.28 -5.06
C ALA D 348 41.91 16.78 -5.09
N ILE D 349 42.48 17.07 -3.92
CA ILE D 349 43.86 17.52 -3.81
C ILE D 349 44.84 16.49 -4.35
N LEU D 350 44.76 15.30 -3.80
CA LEU D 350 45.60 14.19 -4.28
C LEU D 350 45.40 13.91 -5.77
N ASN D 351 44.16 13.99 -6.27
CA ASN D 351 43.87 13.75 -7.70
C ASN D 351 44.62 14.72 -8.59
N ALA D 352 44.57 16.00 -8.21
CA ALA D 352 45.31 17.08 -8.87
C ALA D 352 46.82 16.85 -8.83
N TRP D 353 47.36 16.72 -7.63
CA TRP D 353 48.78 16.45 -7.49
C TRP D 353 49.22 15.22 -8.25
N LEU D 354 48.57 14.09 -7.98
CA LEU D 354 48.94 12.86 -8.65
C LEU D 354 48.90 13.00 -10.17
N THR D 355 47.87 13.63 -10.70
CA THR D 355 47.76 13.80 -12.16
C THR D 355 48.97 14.57 -12.73
N SER D 356 49.35 15.64 -12.05
CA SER D 356 50.49 16.46 -12.43
C SER D 356 51.79 15.68 -12.33
N MET D 357 51.95 14.92 -11.25
CA MET D 357 53.13 14.07 -11.05
C MET D 357 53.32 13.05 -12.18
N LEU D 358 52.26 12.33 -12.54
CA LEU D 358 52.35 11.33 -13.61
C LEU D 358 52.66 11.96 -14.98
N LYS D 359 52.15 13.14 -15.22
CA LYS D 359 52.44 13.88 -16.44
C LYS D 359 53.95 14.27 -16.53
N ARG D 360 54.61 14.43 -15.37
CA ARG D 360 56.02 14.82 -15.31
C ARG D 360 56.99 13.63 -15.26
N THR D 361 56.56 12.49 -14.73
CA THR D 361 57.42 11.32 -14.58
C THR D 361 57.09 10.22 -15.62
N VAL D 362 56.23 9.29 -15.23
CA VAL D 362 56.01 8.03 -15.94
C VAL D 362 55.66 8.31 -17.39
N VAL D 363 54.72 9.22 -17.59
CA VAL D 363 54.21 9.62 -18.91
C VAL D 363 55.29 10.24 -19.79
N ALA D 364 56.08 11.14 -19.20
CA ALA D 364 57.18 11.78 -19.92
C ALA D 364 58.17 10.76 -20.44
N ALA D 365 58.44 9.71 -19.65
CA ALA D 365 59.41 8.69 -20.04
C ALA D 365 58.87 7.71 -21.09
N VAL D 366 57.60 7.79 -21.41
CA VAL D 366 57.01 6.88 -22.35
C VAL D 366 56.70 7.63 -23.64
N PRO D 367 57.02 7.04 -24.80
CA PRO D 367 56.70 7.65 -26.09
C PRO D 367 55.22 7.82 -26.31
N ALA D 368 54.81 9.02 -26.69
CA ALA D 368 53.44 9.31 -27.08
C ALA D 368 53.09 8.47 -28.32
N PRO D 369 51.87 7.87 -28.39
CA PRO D 369 50.69 8.03 -27.54
C PRO D 369 50.55 7.07 -26.33
N PHE D 370 51.58 6.28 -26.02
CA PHE D 370 51.47 5.28 -24.96
C PHE D 370 51.50 5.85 -23.54
N GLY D 371 51.87 7.10 -23.42
CA GLY D 371 51.76 7.83 -22.15
C GLY D 371 50.33 8.00 -21.65
N LYS D 372 49.35 7.78 -22.52
CA LYS D 372 47.94 7.75 -22.09
C LYS D 372 47.59 6.52 -21.24
N TRP D 373 48.45 5.50 -21.30
CA TRP D 373 48.29 4.33 -20.46
C TRP D 373 48.70 4.56 -18.98
N TYR D 374 49.40 5.65 -18.69
CA TYR D 374 49.99 5.90 -17.36
C TYR D 374 49.63 7.28 -16.86
N SER D 375 48.71 7.94 -17.56
CA SER D 375 48.30 9.29 -17.18
C SER D 375 47.32 9.28 -16.00
N ALA D 376 46.46 8.27 -15.92
CA ALA D 376 45.34 8.26 -14.95
C ALA D 376 45.82 8.36 -13.51
N SER D 377 45.18 9.23 -12.74
CA SER D 377 45.49 9.31 -11.30
C SER D 377 44.60 8.36 -10.49
N GLY D 378 43.71 7.63 -11.18
CA GLY D 378 42.82 6.66 -10.54
C GLY D 378 41.59 7.23 -9.85
N TYR D 379 41.31 8.52 -10.07
CA TYR D 379 40.21 9.24 -9.42
C TYR D 379 39.18 9.75 -10.39
N GLU D 380 39.65 10.27 -11.51
CA GLU D 380 38.76 10.96 -12.44
C GLU D 380 37.69 10.04 -12.96
N THR D 381 36.44 10.45 -12.78
CA THR D 381 35.35 9.70 -13.35
C THR D 381 34.20 10.58 -13.83
N THR D 382 33.36 9.99 -14.67
CA THR D 382 32.19 10.63 -15.26
C THR D 382 31.03 10.77 -14.28
N GLN D 383 29.96 11.41 -14.76
CA GLN D 383 28.86 11.85 -13.90
C GLN D 383 28.16 10.66 -13.19
N ASP D 384 27.94 9.55 -13.89
CA ASP D 384 27.21 8.44 -13.30
C ASP D 384 28.07 7.68 -12.27
N GLY D 385 29.32 8.05 -12.12
CA GLY D 385 30.19 7.42 -11.11
C GLY D 385 30.94 6.19 -11.61
N PRO D 386 31.88 5.69 -10.79
CA PRO D 386 32.73 4.59 -11.20
C PRO D 386 31.99 3.33 -11.68
N THR D 387 32.61 2.67 -12.63
CA THR D 387 32.03 1.55 -13.37
C THR D 387 32.20 0.27 -12.54
N GLY D 388 33.12 0.31 -11.60
CA GLY D 388 33.46 -0.84 -10.76
C GLY D 388 34.15 -0.36 -9.49
N SER D 389 35.23 -1.01 -9.08
CA SER D 389 35.93 -0.59 -7.87
C SER D 389 36.86 0.57 -8.14
N LEU D 390 37.47 1.08 -7.06
CA LEU D 390 38.56 2.01 -7.22
C LEU D 390 39.84 1.35 -6.75
N ASN D 391 40.93 1.67 -7.42
CA ASN D 391 42.20 1.07 -7.18
C ASN D 391 43.29 2.11 -7.31
N ILE D 392 44.46 1.75 -6.83
CA ILE D 392 45.64 2.53 -7.05
C ILE D 392 45.92 2.31 -8.54
N SER D 393 46.24 3.37 -9.28
CA SER D 393 46.44 3.25 -10.72
C SER D 393 47.85 2.79 -11.04
N VAL D 394 48.01 2.28 -12.26
CA VAL D 394 49.26 1.74 -12.70
C VAL D 394 50.34 2.80 -12.71
N GLY D 395 49.99 4.01 -13.09
CA GLY D 395 50.92 5.11 -13.01
C GLY D 395 51.40 5.33 -11.58
N ALA D 396 50.46 5.42 -10.64
CA ALA D 396 50.77 5.68 -9.26
C ALA D 396 51.70 4.65 -8.67
N LYS D 397 51.50 3.39 -9.09
CA LYS D 397 52.22 2.26 -8.52
C LYS D 397 53.67 2.30 -8.95
N ILE D 398 53.87 2.49 -10.26
CA ILE D 398 55.20 2.74 -10.82
C ILE D 398 55.89 3.93 -10.14
N LEU D 399 55.17 5.03 -9.97
CA LEU D 399 55.74 6.22 -9.35
C LEU D 399 56.18 5.90 -7.92
N TYR D 400 55.34 5.14 -7.22
CA TYR D 400 55.63 4.75 -5.86
C TYR D 400 56.93 3.99 -5.76
N GLU D 401 57.20 3.10 -6.71
CA GLU D 401 58.47 2.37 -6.71
C GLU D 401 59.63 3.37 -6.86
N ALA D 402 59.45 4.38 -7.70
CA ALA D 402 60.49 5.37 -7.95
C ALA D 402 60.72 6.26 -6.76
N LEU D 403 59.65 6.57 -6.03
CA LEU D 403 59.74 7.34 -4.81
C LEU D 403 60.41 6.57 -3.67
N GLN D 404 60.35 5.24 -3.76
CA GLN D 404 61.03 4.37 -2.82
C GLN D 404 62.54 4.32 -3.10
N GLY D 405 62.92 4.39 -4.37
CA GLY D 405 64.31 4.41 -4.76
C GLY D 405 64.97 3.06 -4.56
N ASP D 406 66.03 3.04 -3.78
CA ASP D 406 66.80 1.81 -3.56
C ASP D 406 66.05 0.83 -2.65
N LYS D 407 65.02 1.30 -1.95
CA LYS D 407 64.14 0.41 -1.20
C LYS D 407 63.21 -0.38 -2.12
N SER D 408 63.18 -0.06 -3.41
CA SER D 408 62.39 -0.84 -4.36
C SER D 408 63.30 -1.86 -4.98
N PRO D 409 62.84 -3.10 -5.08
CA PRO D 409 63.58 -4.13 -5.79
C PRO D 409 63.53 -3.97 -7.31
N ILE D 410 62.87 -2.91 -7.81
CA ILE D 410 62.76 -2.69 -9.26
C ILE D 410 63.88 -1.80 -9.81
N PRO D 411 64.66 -2.33 -10.77
CA PRO D 411 65.74 -1.59 -11.39
C PRO D 411 65.22 -0.39 -12.18
N GLN D 412 65.66 0.80 -11.81
CA GLN D 412 65.26 2.06 -12.47
C GLN D 412 66.11 2.35 -13.71
N ALA D 413 65.78 1.69 -14.82
CA ALA D 413 66.44 1.87 -16.11
C ALA D 413 66.50 3.34 -16.54
N VAL D 414 65.35 3.99 -16.59
CA VAL D 414 65.27 5.45 -16.81
C VAL D 414 64.86 6.13 -15.52
N ASP D 415 65.55 7.20 -15.16
CA ASP D 415 65.15 7.98 -14.01
C ASP D 415 63.87 8.74 -14.38
N LEU D 416 62.82 8.55 -13.58
CA LEU D 416 61.58 9.27 -13.79
C LEU D 416 61.69 10.74 -13.39
N PHE D 417 62.61 11.06 -12.47
CA PHE D 417 62.76 12.44 -12.02
C PHE D 417 63.68 13.32 -12.88
N GLY D 418 64.09 12.81 -14.04
CA GLY D 418 64.87 13.57 -15.05
C GLY D 418 66.10 14.28 -14.51
N GLY D 419 66.86 13.58 -13.67
CA GLY D 419 68.07 14.15 -13.07
C GLY D 419 67.83 15.03 -11.88
N LYS D 420 66.59 15.50 -11.71
CA LYS D 420 66.25 16.39 -10.61
C LYS D 420 65.87 15.57 -9.38
N PRO D 421 66.04 16.16 -8.16
CA PRO D 421 65.68 15.43 -6.93
C PRO D 421 64.18 15.24 -6.82
N GLN D 422 63.72 14.21 -6.11
CA GLN D 422 62.29 13.96 -5.92
C GLN D 422 61.59 15.27 -5.55
N GLN D 423 62.08 15.88 -4.48
CA GLN D 423 61.44 17.03 -3.84
C GLN D 423 61.14 18.16 -4.79
N GLU D 424 61.97 18.30 -5.81
CA GLU D 424 61.76 19.31 -6.85
C GLU D 424 60.54 18.99 -7.73
N VAL D 425 60.43 17.76 -8.21
CA VAL D 425 59.28 17.36 -9.04
C VAL D 425 58.00 17.34 -8.21
N ILE D 426 58.09 16.82 -7.00
CA ILE D 426 56.96 16.83 -6.08
C ILE D 426 56.42 18.26 -5.90
N LEU D 427 57.29 19.21 -5.60
CA LEU D 427 56.90 20.60 -5.41
C LEU D 427 56.34 21.23 -6.66
N ALA D 428 56.86 20.84 -7.82
CA ALA D 428 56.33 21.36 -9.07
C ALA D 428 54.89 20.92 -9.29
N ALA D 429 54.59 19.66 -9.00
CA ALA D 429 53.23 19.14 -9.15
C ALA D 429 52.28 19.76 -8.15
N LEU D 430 52.76 20.11 -6.97
CA LEU D 430 51.93 20.80 -5.97
C LEU D 430 51.58 22.20 -6.45
N ASP D 431 52.53 22.85 -7.11
CA ASP D 431 52.30 24.15 -7.70
C ASP D 431 51.25 24.07 -8.81
N ASP D 432 51.32 23.04 -9.65
CA ASP D 432 50.24 22.77 -10.65
C ASP D 432 48.93 22.56 -9.95
N ALA D 433 48.92 21.66 -8.96
CA ALA D 433 47.71 21.31 -8.23
C ALA D 433 47.10 22.60 -7.65
N TRP D 434 47.92 23.45 -7.05
CA TRP D 434 47.41 24.68 -6.48
C TRP D 434 46.84 25.65 -7.51
N GLN D 435 47.50 25.77 -8.64
CA GLN D 435 47.02 26.65 -9.69
C GLN D 435 45.63 26.19 -10.13
N THR D 436 45.52 24.92 -10.50
CA THR D 436 44.26 24.39 -11.03
C THR D 436 43.11 24.30 -9.98
N LEU D 437 43.45 24.05 -8.71
CA LEU D 437 42.44 23.95 -7.65
C LEU D 437 42.04 25.33 -7.11
N SER D 438 42.96 26.29 -7.09
CA SER D 438 42.63 27.62 -6.59
C SER D 438 41.75 28.35 -7.60
N LYS D 439 41.83 27.93 -8.86
CA LYS D 439 40.98 28.48 -9.92
C LYS D 439 39.58 27.94 -9.80
N ARG D 440 39.45 26.69 -9.40
CA ARG D 440 38.14 26.05 -9.40
C ARG D 440 37.35 26.33 -8.14
N TYR D 441 37.93 26.14 -6.97
CA TYR D 441 37.20 26.30 -5.72
C TYR D 441 37.59 27.56 -4.96
N GLY D 442 38.50 28.36 -5.52
CA GLY D 442 38.85 29.65 -4.92
C GLY D 442 40.03 29.57 -3.97
N ASN D 443 40.46 30.71 -3.45
CA ASN D 443 41.73 30.84 -2.70
C ASN D 443 41.70 30.48 -1.22
N ASP D 444 40.52 30.27 -0.65
CA ASP D 444 40.40 29.81 0.73
C ASP D 444 40.12 28.32 0.75
N VAL D 445 41.10 27.54 1.18
CA VAL D 445 40.99 26.09 1.28
C VAL D 445 39.86 25.60 2.21
N THR D 446 39.60 26.33 3.30
CA THR D 446 38.57 25.90 4.26
C THR D 446 37.15 26.03 3.75
N GLY D 447 36.98 26.65 2.58
CA GLY D 447 35.66 26.75 1.96
C GLY D 447 35.50 25.80 0.79
N TRP D 448 36.47 24.94 0.56
CA TRP D 448 36.43 24.07 -0.62
C TRP D 448 35.37 22.98 -0.50
N LYS D 449 34.43 22.99 -1.45
CA LYS D 449 33.38 22.00 -1.55
C LYS D 449 33.61 21.12 -2.76
N THR D 450 34.35 20.05 -2.61
CA THR D 450 34.75 19.23 -3.76
C THR D 450 33.73 18.14 -4.09
N PRO D 451 33.48 17.89 -5.38
CA PRO D 451 32.46 16.93 -5.81
C PRO D 451 32.60 15.53 -5.21
N ALA D 452 31.59 15.06 -4.51
CA ALA D 452 31.55 13.68 -4.07
C ALA D 452 31.21 12.73 -5.24
N MET D 453 31.76 11.51 -5.20
CA MET D 453 31.52 10.53 -6.23
C MET D 453 30.17 9.84 -6.04
N ALA D 454 29.39 9.76 -7.12
CA ALA D 454 28.10 9.13 -7.04
C ALA D 454 28.17 7.68 -7.49
N LEU D 455 27.06 6.95 -7.31
CA LEU D 455 26.93 5.53 -7.69
C LEU D 455 25.63 5.30 -8.47
N THR D 456 25.64 4.34 -9.38
CA THR D 456 24.48 4.08 -10.27
C THR D 456 24.26 2.59 -10.44
N PHE D 457 23.03 2.16 -10.62
CA PHE D 457 22.77 0.78 -10.93
C PHE D 457 22.39 0.77 -12.40
N ARG D 458 23.38 0.61 -13.26
CA ARG D 458 23.19 0.81 -14.66
C ARG D 458 22.21 -0.20 -15.26
N ALA D 459 21.39 0.25 -16.20
CA ALA D 459 20.42 -0.63 -16.90
C ALA D 459 21.07 -1.52 -17.99
N ASN D 460 22.39 -1.43 -18.11
CA ASN D 460 23.10 -2.19 -19.12
C ASN D 460 24.04 -3.12 -18.43
N ASN D 461 24.16 -4.34 -18.93
CA ASN D 461 25.09 -5.29 -18.36
C ASN D 461 26.52 -4.89 -18.70
N PHE D 462 27.50 -5.62 -18.16
CA PHE D 462 28.90 -5.23 -18.31
C PHE D 462 29.35 -5.18 -19.78
N PHE D 463 28.77 -6.00 -20.65
CA PHE D 463 29.05 -5.95 -22.11
C PHE D 463 28.66 -4.63 -22.75
N GLY D 464 27.81 -3.87 -22.09
CA GLY D 464 27.30 -2.62 -22.65
C GLY D 464 25.98 -2.79 -23.35
N VAL D 465 25.34 -3.95 -23.08
CA VAL D 465 24.08 -4.36 -23.71
C VAL D 465 22.99 -4.15 -22.67
N PRO D 466 21.85 -3.57 -23.06
CA PRO D 466 20.79 -3.31 -22.09
C PRO D 466 20.14 -4.61 -21.56
N GLN D 467 19.85 -4.62 -20.26
CA GLN D 467 19.18 -5.74 -19.60
C GLN D 467 17.95 -5.24 -18.87
N ALA D 468 17.49 -4.05 -19.26
CA ALA D 468 16.37 -3.37 -18.62
C ALA D 468 16.13 -2.08 -19.40
N ALA D 469 15.06 -1.34 -19.10
CA ALA D 469 14.83 -0.05 -19.75
C ALA D 469 15.74 1.02 -19.17
N ALA D 470 16.10 2.00 -20.00
CA ALA D 470 16.96 3.10 -19.54
C ALA D 470 16.45 3.75 -18.26
N LYS D 471 15.12 3.79 -18.09
CA LYS D 471 14.47 4.34 -16.90
C LYS D 471 14.81 3.60 -15.58
N GLU D 472 15.12 2.31 -15.66
CA GLU D 472 15.25 1.45 -14.47
C GLU D 472 16.56 1.66 -13.73
N ALA D 473 17.43 2.49 -14.29
CA ALA D 473 18.64 2.91 -13.61
C ALA D 473 18.32 3.55 -12.29
N ARG D 474 19.01 3.13 -11.24
CA ARG D 474 18.82 3.67 -9.89
C ARG D 474 20.03 4.45 -9.48
N HIS D 475 19.83 5.49 -8.70
CA HIS D 475 20.92 6.34 -8.24
C HIS D 475 21.19 6.16 -6.74
N GLN D 476 22.39 6.55 -6.32
CA GLN D 476 22.80 6.52 -4.91
C GLN D 476 23.84 7.59 -4.72
N ALA D 477 23.60 8.51 -3.80
CA ALA D 477 24.46 9.66 -3.66
C ALA D 477 25.88 9.22 -3.39
N GLU D 478 26.06 8.29 -2.47
CA GLU D 478 27.43 7.94 -2.03
C GLU D 478 27.97 6.71 -2.76
N TYR D 479 28.93 6.90 -3.69
CA TYR D 479 29.77 5.82 -4.16
C TYR D 479 30.48 5.18 -2.99
N GLN D 480 30.55 3.86 -3.03
CA GLN D 480 31.14 3.07 -1.98
C GLN D 480 32.00 2.01 -2.63
N ASN D 481 33.24 1.97 -2.21
CA ASN D 481 34.22 1.08 -2.81
C ASN D 481 34.06 -0.28 -2.19
N ARG D 482 33.07 -1.00 -2.69
CA ARG D 482 32.63 -2.24 -2.06
C ARG D 482 31.99 -3.18 -3.04
N GLY D 483 31.71 -4.38 -2.57
CA GLY D 483 31.19 -5.42 -3.41
C GLY D 483 29.86 -5.04 -4.02
N THR D 484 29.65 -5.50 -5.25
CA THR D 484 28.36 -5.39 -5.89
C THR D 484 27.30 -5.87 -4.92
N GLU D 485 27.55 -7.06 -4.37
CA GLU D 485 26.85 -7.56 -3.20
C GLU D 485 27.85 -7.76 -2.08
N ASN D 486 27.35 -7.89 -0.87
CA ASN D 486 28.19 -8.29 0.27
C ASN D 486 27.50 -9.44 0.96
N ASP D 487 28.24 -10.49 1.26
CA ASP D 487 27.71 -11.58 2.08
C ASP D 487 28.62 -11.86 3.28
N MET D 488 28.03 -12.31 4.38
CA MET D 488 28.78 -12.72 5.60
C MET D 488 28.22 -14.02 6.13
N ILE D 489 29.12 -14.97 6.42
CA ILE D 489 28.78 -16.18 7.14
C ILE D 489 29.55 -16.18 8.46
N VAL D 490 28.88 -16.55 9.55
CA VAL D 490 29.47 -16.61 10.89
C VAL D 490 29.26 -17.99 11.45
N PHE D 491 30.34 -18.67 11.80
CA PHE D 491 30.27 -20.05 12.25
C PHE D 491 30.37 -20.18 13.76
N SER D 492 29.52 -21.08 14.28
CA SER D 492 29.43 -21.41 15.71
C SER D 492 29.34 -20.17 16.59
N PRO D 493 28.28 -19.38 16.39
CA PRO D 493 28.14 -18.17 17.20
C PRO D 493 27.83 -18.56 18.63
N THR D 494 28.52 -17.97 19.61
CA THR D 494 28.34 -18.38 21.01
C THR D 494 26.91 -18.16 21.50
N SER D 495 26.27 -17.08 21.03
CA SER D 495 24.86 -16.83 21.35
C SER D 495 23.95 -17.45 20.30
N GLY D 496 22.89 -18.10 20.75
CA GLY D 496 21.86 -18.55 19.85
C GLY D 496 21.83 -20.05 19.68
N ASN D 497 20.79 -20.50 19.01
CA ASN D 497 20.54 -21.91 18.79
C ASN D 497 21.09 -22.38 17.45
N ARG D 498 21.53 -21.44 16.60
CA ARG D 498 21.97 -21.80 15.25
C ARG D 498 23.48 -22.00 15.12
N PRO D 499 23.90 -23.06 14.42
CA PRO D 499 25.33 -23.32 14.23
C PRO D 499 26.02 -22.30 13.30
N VAL D 500 25.27 -21.82 12.30
CA VAL D 500 25.77 -20.87 11.32
C VAL D 500 24.75 -19.75 11.12
N LEU D 501 25.22 -18.51 11.04
CA LEU D 501 24.36 -17.37 10.74
C LEU D 501 24.84 -16.71 9.46
N ALA D 502 23.96 -16.54 8.48
CA ALA D 502 24.33 -15.92 7.22
C ALA D 502 23.50 -14.68 6.93
N TRP D 503 24.14 -13.73 6.25
CA TRP D 503 23.52 -12.49 5.81
C TRP D 503 24.04 -12.14 4.42
N ASP D 504 23.25 -11.39 3.67
CA ASP D 504 23.74 -10.77 2.43
C ASP D 504 22.83 -9.62 2.01
N VAL D 505 23.11 -9.04 0.84
CA VAL D 505 22.33 -7.94 0.31
C VAL D 505 22.43 -7.88 -1.22
N VAL D 506 21.32 -8.16 -1.88
CA VAL D 506 21.21 -8.20 -3.34
C VAL D 506 20.38 -7.02 -3.81
N ALA D 507 21.05 -5.87 -4.00
CA ALA D 507 20.39 -4.63 -4.44
C ALA D 507 20.38 -4.55 -5.95
N PRO D 508 19.33 -3.94 -6.54
CA PRO D 508 18.20 -3.24 -5.90
C PRO D 508 17.25 -4.16 -5.11
N GLY D 509 17.01 -5.35 -5.68
CA GLY D 509 16.18 -6.38 -5.05
C GLY D 509 16.31 -7.72 -5.76
N GLN D 510 15.59 -8.71 -5.28
CA GLN D 510 15.62 -10.05 -5.83
C GLN D 510 15.01 -10.11 -7.23
N SER D 511 13.95 -9.35 -7.48
CA SER D 511 13.19 -9.44 -8.73
C SER D 511 13.52 -8.32 -9.73
N GLY D 512 13.36 -8.64 -11.00
CA GLY D 512 13.50 -7.65 -12.07
C GLY D 512 12.23 -7.53 -12.89
N PHE D 513 11.15 -8.08 -12.35
CA PHE D 513 9.90 -8.19 -13.09
C PHE D 513 9.10 -6.89 -13.09
N ILE D 514 8.67 -6.49 -14.30
CA ILE D 514 7.72 -5.47 -14.48
C ILE D 514 6.64 -5.99 -15.41
N ALA D 515 5.39 -5.90 -14.96
CA ALA D 515 4.25 -6.44 -15.70
C ALA D 515 3.95 -5.55 -16.92
N PRO D 516 3.25 -6.08 -17.93
CA PRO D 516 2.92 -5.26 -19.10
C PRO D 516 2.30 -3.91 -18.76
N ASP D 517 1.51 -3.83 -17.69
CA ASP D 517 0.89 -2.58 -17.30
C ASP D 517 1.89 -1.73 -16.55
N GLY D 518 3.07 -2.27 -16.31
CA GLY D 518 4.18 -1.51 -15.82
C GLY D 518 4.29 -1.59 -14.32
N LYS D 519 3.58 -2.55 -13.75
CA LYS D 519 3.55 -2.74 -12.31
C LYS D 519 4.76 -3.52 -11.85
N ALA D 520 5.55 -2.89 -11.00
CA ALA D 520 6.77 -3.50 -10.48
C ALA D 520 6.48 -4.50 -9.39
N ASP D 521 7.22 -5.61 -9.37
CA ASP D 521 7.10 -6.65 -8.35
C ASP D 521 7.40 -6.07 -6.95
N LYS D 522 6.85 -6.73 -5.93
CA LYS D 522 7.04 -6.35 -4.54
C LYS D 522 8.53 -6.23 -4.18
N HIS D 523 9.34 -7.12 -4.78
CA HIS D 523 10.77 -7.29 -4.49
C HIS D 523 11.66 -6.79 -5.64
N TYR D 524 11.15 -5.81 -6.36
CA TYR D 524 11.88 -5.10 -7.38
C TYR D 524 12.92 -4.12 -6.80
N ASP D 525 12.77 -3.69 -5.55
CA ASP D 525 13.48 -2.50 -5.07
C ASP D 525 13.73 -2.45 -3.56
N ASP D 526 13.38 -3.52 -2.85
CA ASP D 526 13.33 -3.55 -1.37
C ASP D 526 14.65 -3.80 -0.64
N GLN D 527 15.75 -3.97 -1.40
CA GLN D 527 17.09 -4.03 -0.82
C GLN D 527 17.95 -2.81 -1.16
N LEU D 528 17.41 -1.91 -1.98
CA LEU D 528 18.14 -0.76 -2.51
C LEU D 528 18.52 0.32 -1.50
N LYS D 529 17.69 0.51 -0.49
CA LYS D 529 18.03 1.40 0.65
C LYS D 529 18.86 0.67 1.66
N MET D 530 18.71 -0.64 1.69
CA MET D 530 19.46 -1.49 2.60
C MET D 530 20.92 -1.44 2.19
N TYR D 531 21.17 -1.63 0.91
CA TYR D 531 22.53 -1.55 0.38
C TYR D 531 23.23 -0.24 0.79
N GLU D 532 22.57 0.88 0.51
CA GLU D 532 23.13 2.21 0.75
C GLU D 532 23.57 2.46 2.22
N SER D 533 22.92 1.81 3.17
CA SER D 533 23.14 2.06 4.58
C SER D 533 23.99 1.00 5.24
N PHE D 534 24.59 0.11 4.44
CA PHE D 534 25.39 -1.02 4.95
C PHE D 534 24.54 -2.04 5.72
N GLY D 535 23.25 -2.09 5.41
CA GLY D 535 22.38 -3.07 6.01
C GLY D 535 22.50 -4.42 5.34
N ARG D 536 21.72 -5.37 5.84
CA ARG D 536 21.76 -6.75 5.39
C ARG D 536 20.54 -7.52 5.85
N LYS D 537 20.18 -8.54 5.10
CA LYS D 537 19.05 -9.39 5.42
C LYS D 537 19.63 -10.73 5.77
N SER D 538 18.83 -11.58 6.40
CA SER D 538 19.29 -12.90 6.81
C SER D 538 19.11 -13.88 5.67
N LEU D 539 20.03 -14.83 5.57
CA LEU D 539 19.91 -15.96 4.70
C LEU D 539 19.45 -17.13 5.54
N TRP D 540 18.46 -17.87 5.03
CA TRP D 540 17.88 -19.02 5.74
C TRP D 540 18.36 -20.27 5.11
N LEU D 541 18.65 -21.28 5.93
CA LEU D 541 19.07 -22.58 5.44
C LEU D 541 18.12 -23.71 5.87
N THR D 542 17.88 -23.80 7.18
CA THR D 542 17.09 -24.89 7.77
C THR D 542 15.63 -24.81 7.35
N PRO D 543 14.95 -25.96 7.23
CA PRO D 543 13.51 -26.00 6.90
C PRO D 543 12.55 -25.22 7.81
N GLN D 544 12.87 -25.10 9.10
CA GLN D 544 12.09 -24.28 10.01
C GLN D 544 12.25 -22.84 9.62
N ASP D 545 13.48 -22.34 9.66
CA ASP D 545 13.76 -20.93 9.34
C ASP D 545 13.09 -20.53 8.02
N VAL D 546 13.16 -21.42 7.02
CA VAL D 546 12.56 -21.16 5.70
C VAL D 546 11.05 -21.06 5.76
N ASP D 547 10.43 -22.08 6.36
CA ASP D 547 8.98 -22.12 6.54
C ASP D 547 8.43 -21.01 7.46
N GLU D 548 9.17 -20.68 8.52
CA GLU D 548 8.77 -19.61 9.39
C GLU D 548 8.77 -18.23 8.70
N HIS D 549 9.56 -18.07 7.65
CA HIS D 549 9.61 -16.80 6.93
C HIS D 549 9.07 -16.92 5.49
N LYS D 550 8.25 -17.93 5.22
CA LYS D 550 7.66 -18.10 3.87
C LYS D 550 6.71 -16.96 3.56
N GLU D 551 6.73 -16.48 2.33
CA GLU D 551 5.76 -15.47 1.89
C GLU D 551 4.87 -16.10 0.85
N SER D 552 5.37 -17.10 0.17
CA SER D 552 4.60 -17.86 -0.80
C SER D 552 5.13 -19.27 -0.88
N GLN D 553 4.32 -20.17 -1.42
CA GLN D 553 4.69 -21.59 -1.50
C GLN D 553 3.97 -22.28 -2.64
N GLU D 554 4.74 -22.80 -3.57
CA GLU D 554 4.23 -23.38 -4.82
C GLU D 554 4.76 -24.79 -4.94
N VAL D 555 3.96 -25.67 -5.50
CA VAL D 555 4.34 -27.06 -5.65
C VAL D 555 4.05 -27.44 -7.08
N LEU D 556 5.07 -27.87 -7.80
CA LEU D 556 4.89 -28.40 -9.15
C LEU D 556 5.01 -29.91 -9.16
N GLN D 557 4.41 -30.52 -10.19
CA GLN D 557 4.60 -31.94 -10.46
C GLN D 557 5.33 -31.97 -11.78
N VAL D 558 6.57 -32.47 -11.76
CA VAL D 558 7.43 -32.49 -12.95
C VAL D 558 7.63 -33.93 -13.41
N GLN D 559 7.31 -34.19 -14.67
CA GLN D 559 7.42 -35.52 -15.21
C GLN D 559 8.66 -35.58 -16.06
N ARG D 560 9.13 -36.79 -16.33
CA ARG D 560 10.41 -36.97 -17.04
C ARG D 560 10.61 -38.40 -17.54
N PRO E 29 70.33 17.75 60.65
CA PRO E 29 69.71 18.62 61.67
C PRO E 29 68.18 18.56 61.75
N PRO E 30 67.64 18.80 62.97
CA PRO E 30 66.20 18.97 63.25
C PRO E 30 65.65 20.27 62.63
N THR E 31 66.51 21.29 62.57
CA THR E 31 66.15 22.61 62.06
C THR E 31 66.16 22.69 60.52
N GLU E 32 66.49 21.60 59.86
CA GLU E 32 66.60 21.59 58.42
C GLU E 32 65.24 21.51 57.76
N VAL E 33 65.07 22.26 56.67
CA VAL E 33 63.93 22.09 55.79
C VAL E 33 64.47 21.94 54.39
N LYS E 34 64.16 20.82 53.76
CA LYS E 34 64.66 20.56 52.42
C LYS E 34 63.56 20.83 51.41
N ILE E 35 63.88 21.65 50.42
CA ILE E 35 62.97 21.92 49.29
C ILE E 35 63.51 21.32 48.01
N VAL E 36 62.72 20.48 47.36
CA VAL E 36 63.10 19.90 46.07
C VAL E 36 62.02 20.24 45.07
N ARG E 37 62.40 20.56 43.82
CA ARG E 37 61.40 20.86 42.77
C ARG E 37 61.45 19.84 41.65
N ASP E 38 60.31 19.59 41.04
CA ASP E 38 60.22 18.59 39.95
C ASP E 38 60.37 19.21 38.55
N GLU E 39 60.20 18.39 37.52
CA GLU E 39 60.51 18.80 36.16
C GLU E 39 59.55 19.86 35.61
N TYR E 40 58.44 20.07 36.30
CA TYR E 40 57.51 21.13 35.96
C TYR E 40 57.44 22.24 37.03
N GLY E 41 58.39 22.24 37.95
CA GLY E 41 58.59 23.35 38.86
C GLY E 41 57.93 23.15 40.19
N MET E 42 57.21 22.02 40.35
CA MET E 42 56.38 21.76 41.55
C MET E 42 57.23 21.40 42.76
N PRO E 43 57.18 22.23 43.81
CA PRO E 43 58.01 21.99 45.00
C PRO E 43 57.53 20.84 45.89
N HIS E 44 58.47 20.12 46.47
CA HIS E 44 58.20 19.23 47.58
C HIS E 44 58.97 19.71 48.83
N ILE E 45 58.30 19.77 49.99
CA ILE E 45 58.90 20.36 51.20
C ILE E 45 59.19 19.22 52.16
N TYR E 46 60.37 19.23 52.79
CA TYR E 46 60.75 18.20 53.81
C TYR E 46 61.15 18.87 55.11
N ALA E 47 60.36 18.58 56.13
CA ALA E 47 60.60 19.08 57.49
C ALA E 47 59.96 18.13 58.52
N ASP E 48 60.46 18.19 59.75
CA ASP E 48 60.11 17.23 60.82
C ASP E 48 59.32 17.89 61.96
N ASP E 49 58.69 19.02 61.65
CA ASP E 49 57.74 19.66 62.57
C ASP E 49 56.83 20.59 61.80
N THR E 50 55.61 20.77 62.33
CA THR E 50 54.58 21.58 61.69
C THR E 50 55.07 22.96 61.28
N TYR E 51 55.72 23.67 62.20
CA TYR E 51 56.10 25.05 61.94
C TYR E 51 57.03 25.15 60.77
N ARG E 52 57.99 24.24 60.73
CA ARG E 52 58.99 24.21 59.64
C ARG E 52 58.39 23.71 58.32
N LEU E 53 57.37 22.87 58.40
CA LEU E 53 56.80 22.28 57.23
C LEU E 53 56.11 23.34 56.39
N PHE E 54 55.27 24.14 57.05
CA PHE E 54 54.52 25.20 56.37
C PHE E 54 55.36 26.44 56.14
N TYR E 55 56.49 26.53 56.81
CA TYR E 55 57.46 27.59 56.52
C TYR E 55 57.99 27.34 55.11
N GLY E 56 58.39 26.10 54.85
CA GLY E 56 58.76 25.68 53.53
C GLY E 56 57.70 26.05 52.54
N TYR E 57 56.46 25.68 52.84
CA TYR E 57 55.35 26.02 51.95
C TYR E 57 55.32 27.52 51.67
N GLY E 58 55.28 28.31 52.72
CA GLY E 58 55.23 29.77 52.57
C GLY E 58 56.35 30.29 51.69
N TYR E 59 57.55 29.79 51.92
CA TYR E 59 58.73 30.14 51.14
C TYR E 59 58.52 29.95 49.62
N VAL E 60 58.15 28.74 49.20
CA VAL E 60 58.12 28.44 47.76
C VAL E 60 57.03 29.21 47.05
N VAL E 61 55.95 29.46 47.77
CA VAL E 61 54.84 30.28 47.28
C VAL E 61 55.29 31.71 47.02
N ALA E 62 56.02 32.32 47.96
CA ALA E 62 56.52 33.67 47.78
C ALA E 62 57.52 33.78 46.62
N GLN E 63 58.17 32.69 46.27
CA GLN E 63 59.02 32.69 45.09
C GLN E 63 58.15 32.61 43.84
N ASP E 64 57.12 31.78 43.85
CA ASP E 64 56.38 31.50 42.62
C ASP E 64 55.27 32.53 42.31
N ARG E 65 54.58 32.98 43.35
CA ARG E 65 53.35 33.73 43.19
C ARG E 65 53.27 35.00 44.05
N LEU E 66 54.41 35.60 44.40
CA LEU E 66 54.40 36.71 45.36
C LEU E 66 53.47 37.83 44.97
N PHE E 67 53.37 38.16 43.68
CA PHE E 67 52.51 39.27 43.26
C PHE E 67 51.04 38.89 43.26
N GLN E 68 50.72 37.71 42.72
CA GLN E 68 49.33 37.19 42.75
C GLN E 68 48.83 37.08 44.19
N MET E 69 49.68 36.59 45.07
CA MET E 69 49.32 36.40 46.47
C MET E 69 49.15 37.70 47.24
N GLU E 70 49.94 38.71 46.90
CA GLU E 70 49.79 40.03 47.50
C GLU E 70 48.50 40.67 47.07
N MET E 71 48.08 40.46 45.82
CA MET E 71 46.80 41.00 45.32
C MET E 71 45.57 40.17 45.73
N ALA E 72 45.79 38.97 46.23
CA ALA E 72 44.71 38.25 46.89
C ALA E 72 44.55 38.80 48.31
N ARG E 73 45.67 39.11 48.98
CA ARG E 73 45.64 39.67 50.34
C ARG E 73 44.91 41.00 50.36
N ARG E 74 45.15 41.84 49.35
CA ARG E 74 44.48 43.14 49.27
C ARG E 74 43.01 43.03 48.89
N SER E 75 42.69 42.04 48.07
CA SER E 75 41.32 41.76 47.67
C SER E 75 40.47 41.18 48.82
N THR E 76 41.01 40.25 49.57
CA THR E 76 40.26 39.61 50.66
C THR E 76 40.07 40.52 51.86
N GLN E 77 40.89 41.56 51.97
CA GLN E 77 40.79 42.52 53.06
C GLN E 77 40.32 43.90 52.64
N GLY E 78 40.05 44.09 51.34
CA GLY E 78 39.61 45.38 50.83
C GLY E 78 40.60 46.53 51.04
N THR E 79 41.88 46.26 50.74
CA THR E 79 42.92 47.28 50.67
C THR E 79 43.46 47.57 49.24
N VAL E 80 42.69 47.24 48.18
CA VAL E 80 43.18 47.30 46.79
C VAL E 80 43.44 48.72 46.33
N SER E 81 42.66 49.67 46.83
CA SER E 81 42.79 51.08 46.43
C SER E 81 44.00 51.80 47.06
N GLU E 82 44.58 51.21 48.10
CA GLU E 82 45.85 51.68 48.68
C GLU E 82 46.98 51.71 47.68
N VAL E 83 46.93 50.82 46.70
CA VAL E 83 47.94 50.84 45.64
C VAL E 83 47.40 51.11 44.24
N LEU E 84 46.11 50.84 44.00
CA LEU E 84 45.52 50.95 42.67
C LEU E 84 44.61 52.18 42.47
N GLY E 85 44.40 52.99 43.52
CA GLY E 85 43.65 54.23 43.39
C GLY E 85 42.13 54.12 43.47
N LYS E 86 41.45 55.21 43.15
CA LYS E 86 40.03 55.38 43.47
C LYS E 86 39.03 54.42 42.80
N ALA E 87 39.36 53.85 41.65
CA ALA E 87 38.39 53.00 40.96
C ALA E 87 37.91 51.82 41.78
N PHE E 88 38.61 51.52 42.87
CA PHE E 88 38.38 50.33 43.66
C PHE E 88 37.79 50.63 45.03
N VAL E 89 37.29 51.85 45.23
CA VAL E 89 36.75 52.23 46.54
C VAL E 89 35.45 51.49 46.84
N SER E 90 34.50 51.50 45.93
CA SER E 90 33.27 50.74 46.11
C SER E 90 33.59 49.29 46.43
N PHE E 91 34.43 48.69 45.63
CA PHE E 91 34.86 47.32 45.85
C PHE E 91 35.43 47.19 47.24
N ASP E 92 36.36 48.09 47.60
CA ASP E 92 37.00 48.02 48.94
C ASP E 92 35.97 48.04 50.06
N LYS E 93 35.02 48.97 49.95
CA LYS E 93 33.89 49.03 50.90
C LYS E 93 33.07 47.73 50.98
N ASP E 94 32.64 47.20 49.83
CA ASP E 94 31.82 46.00 49.82
C ASP E 94 32.51 44.90 50.63
N ILE E 95 33.80 44.71 50.37
CA ILE E 95 34.55 43.67 51.02
C ILE E 95 34.49 43.84 52.52
N ARG E 96 34.78 45.05 53.01
CA ARG E 96 34.90 45.27 54.46
C ARG E 96 33.57 45.11 55.17
N GLN E 97 32.53 45.61 54.55
CA GLN E 97 31.19 45.49 55.08
C GLN E 97 30.72 44.04 55.10
N ASN E 98 31.32 43.19 54.28
CA ASN E 98 30.88 41.81 54.20
C ASN E 98 31.56 40.90 55.18
N TYR E 99 32.32 41.43 56.15
CA TYR E 99 32.81 40.56 57.23
C TYR E 99 33.21 41.32 58.50
N TRP E 100 33.52 40.55 59.55
CA TRP E 100 33.88 41.09 60.86
C TRP E 100 35.26 40.53 61.27
N PRO E 101 36.33 41.29 61.00
CA PRO E 101 37.67 40.74 61.21
C PRO E 101 37.98 40.34 62.67
N ASP E 102 37.38 41.02 63.63
CA ASP E 102 37.66 40.70 65.02
C ASP E 102 37.18 39.32 65.40
N SER E 103 36.14 38.83 64.73
CA SER E 103 35.70 37.43 64.86
C SER E 103 36.82 36.48 64.46
N ILE E 104 37.36 36.70 63.25
CA ILE E 104 38.44 35.87 62.73
C ILE E 104 39.73 36.04 63.54
N ARG E 105 40.05 37.24 63.97
CA ARG E 105 41.15 37.49 64.92
C ARG E 105 40.99 36.59 66.12
N ALA E 106 39.81 36.64 66.73
CA ALA E 106 39.54 35.88 67.96
C ALA E 106 39.57 34.37 67.73
N GLN E 107 39.18 33.91 66.54
CA GLN E 107 39.27 32.48 66.23
C GLN E 107 40.72 31.99 66.22
N ILE E 108 41.59 32.82 65.65
CA ILE E 108 43.00 32.51 65.55
C ILE E 108 43.65 32.48 66.92
N ALA E 109 43.20 33.35 67.80
CA ALA E 109 43.79 33.52 69.11
C ALA E 109 43.51 32.32 70.00
N SER E 110 42.42 31.61 69.74
CA SER E 110 42.03 30.48 70.58
C SER E 110 42.47 29.14 70.00
N LEU E 111 43.37 29.18 69.03
CA LEU E 111 43.90 27.95 68.48
C LEU E 111 44.93 27.31 69.42
N SER E 112 45.02 25.97 69.31
CA SER E 112 46.10 25.20 69.91
C SER E 112 47.42 25.65 69.31
N ALA E 113 48.51 25.43 70.05
CA ALA E 113 49.84 25.83 69.60
C ALA E 113 50.20 25.18 68.26
N GLU E 114 49.74 23.94 68.05
CA GLU E 114 50.07 23.19 66.85
C GLU E 114 49.30 23.73 65.65
N ASP E 115 48.00 23.94 65.82
CA ASP E 115 47.20 24.56 64.76
C ASP E 115 47.75 25.93 64.35
N LYS E 116 48.14 26.73 65.35
CA LYS E 116 48.71 28.06 65.15
C LYS E 116 50.02 28.03 64.37
N SER E 117 50.82 26.99 64.59
CA SER E 117 52.07 26.77 63.84
C SER E 117 51.90 26.75 62.34
N ILE E 118 50.80 26.18 61.86
CA ILE E 118 50.55 26.18 60.44
C ILE E 118 50.59 27.62 59.99
N LEU E 119 49.71 28.44 60.54
CA LEU E 119 49.55 29.82 60.08
C LEU E 119 50.81 30.66 60.33
N GLN E 120 51.37 30.58 61.55
CA GLN E 120 52.62 31.26 61.89
C GLN E 120 53.80 30.92 60.95
N GLY E 121 53.93 29.64 60.62
CA GLY E 121 55.03 29.17 59.79
C GLY E 121 54.88 29.59 58.33
N TYR E 122 53.69 29.43 57.78
CA TYR E 122 53.40 29.83 56.42
C TYR E 122 53.79 31.30 56.28
N ALA E 123 53.33 32.13 57.22
CA ALA E 123 53.64 33.56 57.20
C ALA E 123 55.13 33.83 57.26
N ASP E 124 55.82 33.14 58.15
CA ASP E 124 57.27 33.33 58.31
C ASP E 124 58.02 32.85 57.08
N GLY E 125 57.60 31.72 56.51
CA GLY E 125 58.12 31.25 55.22
C GLY E 125 58.02 32.31 54.15
N MET E 126 56.85 32.91 53.99
CA MET E 126 56.65 33.97 53.02
C MET E 126 57.56 35.14 53.25
N ASN E 127 57.57 35.63 54.50
CA ASN E 127 58.45 36.74 54.91
C ASN E 127 59.95 36.54 54.69
N ALA E 128 60.44 35.33 54.92
CA ALA E 128 61.84 35.06 54.71
C ALA E 128 62.26 35.39 53.27
N TRP E 129 61.50 34.92 52.29
CA TRP E 129 61.78 35.19 50.87
C TRP E 129 61.51 36.64 50.44
N ILE E 130 60.62 37.31 51.15
CA ILE E 130 60.34 38.72 50.86
C ILE E 130 61.51 39.59 51.34
N ASP E 131 62.06 39.26 52.50
CA ASP E 131 63.29 39.88 52.99
C ASP E 131 64.42 39.81 51.98
N LYS E 132 64.54 38.69 51.27
CA LYS E 132 65.52 38.54 50.21
C LYS E 132 65.14 39.31 48.95
N VAL E 133 63.85 39.44 48.69
CA VAL E 133 63.39 40.21 47.55
C VAL E 133 63.69 41.68 47.81
N ASN E 134 63.45 42.12 49.04
CA ASN E 134 63.74 43.50 49.42
C ASN E 134 65.21 43.84 49.54
N ALA E 135 66.04 42.83 49.78
CA ALA E 135 67.49 43.01 49.85
C ALA E 135 68.13 43.08 48.44
N SER E 136 67.43 42.60 47.38
CA SER E 136 67.97 42.56 46.03
C SER E 136 66.88 42.67 44.98
N PRO E 137 66.23 43.85 44.90
CA PRO E 137 65.08 44.08 44.01
C PRO E 137 65.38 44.21 42.53
N ASP E 138 66.62 44.52 42.15
CA ASP E 138 66.99 44.53 40.71
C ASP E 138 67.09 43.12 40.13
N LYS E 139 67.07 42.13 41.00
CA LYS E 139 67.23 40.76 40.59
C LYS E 139 66.01 39.87 40.95
N LEU E 140 65.34 40.18 42.07
CA LEU E 140 64.33 39.26 42.61
C LEU E 140 62.90 39.80 42.68
N LEU E 141 62.74 41.13 42.73
CA LEU E 141 61.42 41.73 42.75
C LEU E 141 60.60 41.46 41.48
N PRO E 142 59.42 40.81 41.60
CA PRO E 142 58.62 40.55 40.40
C PRO E 142 58.35 41.84 39.63
N GLN E 143 58.40 41.75 38.31
CA GLN E 143 58.25 42.94 37.45
C GLN E 143 56.99 43.69 37.80
N GLN E 144 55.94 42.93 38.09
CA GLN E 144 54.64 43.51 38.33
C GLN E 144 54.62 44.55 39.45
N PHE E 145 55.42 44.37 40.49
CA PHE E 145 55.48 45.36 41.55
C PHE E 145 55.93 46.71 40.99
N SER E 146 56.98 46.68 40.18
CA SER E 146 57.51 47.84 39.46
C SER E 146 56.43 48.50 38.55
N THR E 147 55.78 47.68 37.73
CA THR E 147 54.72 48.15 36.82
C THR E 147 53.61 48.86 37.62
N PHE E 148 53.18 48.24 38.71
CA PHE E 148 52.07 48.77 39.51
C PHE E 148 52.52 49.71 40.64
N GLY E 149 53.80 49.77 40.96
CA GLY E 149 54.33 50.87 41.73
C GLY E 149 54.29 50.75 43.24
N PHE E 150 54.37 49.55 43.76
CA PHE E 150 54.54 49.35 45.22
C PHE E 150 55.48 48.16 45.53
N LYS E 151 55.86 48.02 46.80
CA LYS E 151 56.68 46.92 47.24
C LYS E 151 55.86 45.96 48.09
N PRO E 152 56.25 44.66 48.13
CA PRO E 152 55.59 43.71 49.04
C PRO E 152 55.96 43.96 50.50
N LYS E 153 55.07 43.56 51.39
CA LYS E 153 55.23 43.76 52.81
C LYS E 153 55.13 42.39 53.45
N HIS E 154 55.48 42.31 54.73
CA HIS E 154 55.40 41.05 55.47
C HIS E 154 53.96 40.60 55.73
N TRP E 155 53.83 39.33 56.08
CA TRP E 155 52.53 38.72 56.31
C TRP E 155 52.39 38.35 57.77
N GLU E 156 51.14 38.09 58.15
CA GLU E 156 50.80 37.54 59.46
C GLU E 156 49.90 36.32 59.30
N PRO E 157 49.68 35.57 60.41
CA PRO E 157 48.70 34.47 60.34
C PRO E 157 47.30 34.90 59.90
N PHE E 158 46.90 36.11 60.30
CA PHE E 158 45.61 36.69 59.89
C PHE E 158 45.45 36.84 58.38
N ASP E 159 46.50 37.36 57.74
CA ASP E 159 46.54 37.52 56.31
C ASP E 159 46.39 36.17 55.64
N VAL E 160 47.07 35.17 56.18
CA VAL E 160 47.08 33.84 55.58
C VAL E 160 45.69 33.23 55.67
N ALA E 161 45.16 33.19 56.89
CA ALA E 161 43.80 32.78 57.13
C ALA E 161 42.87 33.53 56.18
N MET E 162 43.02 34.86 56.13
CA MET E 162 42.13 35.71 55.34
C MET E 162 42.09 35.35 53.88
N ILE E 163 43.14 34.70 53.37
CA ILE E 163 43.18 34.37 51.97
C ILE E 163 42.11 33.32 51.69
N PHE E 164 41.98 32.39 52.63
CA PHE E 164 40.95 31.34 52.59
C PHE E 164 39.59 31.90 52.90
N VAL E 165 39.51 32.70 53.95
CA VAL E 165 38.21 33.19 54.38
C VAL E 165 37.63 34.19 53.38
N GLY E 166 38.50 34.98 52.77
CA GLY E 166 38.06 35.93 51.77
C GLY E 166 37.51 35.27 50.51
N THR E 167 37.96 34.05 50.24
CA THR E 167 37.63 33.36 48.98
C THR E 167 36.61 32.25 49.17
N MET E 168 36.97 31.19 49.89
CA MET E 168 36.05 30.07 50.13
C MET E 168 34.79 30.43 50.90
N ALA E 169 34.93 31.29 51.90
CA ALA E 169 33.82 31.58 52.82
C ALA E 169 33.01 32.81 52.42
N ASN E 170 33.66 33.98 52.46
CA ASN E 170 32.99 35.26 52.24
C ASN E 170 32.51 35.40 50.81
N ARG E 171 33.10 34.62 49.91
CA ARG E 171 32.71 34.68 48.51
C ARG E 171 31.89 33.51 48.07
N PHE E 172 32.41 32.31 48.24
CA PHE E 172 31.83 31.12 47.61
C PHE E 172 30.82 30.34 48.46
N SER E 173 30.91 30.44 49.79
CA SER E 173 29.92 29.78 50.64
C SER E 173 28.89 30.76 51.14
N ASP E 174 28.74 31.88 50.44
CA ASP E 174 27.93 32.97 50.93
C ASP E 174 26.90 33.40 49.91
N SER E 175 26.34 32.43 49.19
CA SER E 175 25.46 32.71 48.04
C SER E 175 24.00 32.86 48.48
N THR E 176 23.52 34.10 48.51
CA THR E 176 22.12 34.38 48.82
C THR E 176 21.64 35.56 47.97
N SER E 177 20.36 35.57 47.63
CA SER E 177 19.78 36.70 46.96
C SER E 177 18.41 36.96 47.56
N GLU E 178 18.24 36.65 48.84
CA GLU E 178 16.93 36.80 49.50
C GLU E 178 16.35 38.23 49.33
N ILE E 179 17.15 39.28 49.46
CA ILE E 179 16.63 40.65 49.23
C ILE E 179 16.26 40.90 47.73
N ASP E 180 17.04 40.37 46.80
CA ASP E 180 16.66 40.36 45.40
C ASP E 180 15.38 39.52 45.21
N ASN E 181 15.20 38.49 46.04
CA ASN E 181 14.02 37.61 45.95
C ASN E 181 12.75 38.31 46.44
N LEU E 182 12.89 39.11 47.50
CA LEU E 182 11.81 39.91 48.05
C LEU E 182 11.36 41.04 47.12
N ALA E 183 12.30 41.64 46.40
CA ALA E 183 12.00 42.62 45.38
C ALA E 183 11.24 42.02 44.18
N LEU E 184 11.63 40.81 43.80
CA LEU E 184 10.88 40.05 42.80
C LEU E 184 9.49 39.72 43.33
N LEU E 185 9.39 39.38 44.61
CA LEU E 185 8.11 38.98 45.18
C LEU E 185 7.17 40.18 45.25
N THR E 186 7.73 41.30 45.65
CA THR E 186 6.96 42.52 45.75
C THR E 186 6.36 42.85 44.40
N ALA E 187 7.18 42.80 43.35
CA ALA E 187 6.71 43.11 42.01
C ALA E 187 5.75 42.07 41.51
N LEU E 188 5.99 40.82 41.84
CA LEU E 188 5.05 39.75 41.44
C LEU E 188 3.63 39.96 42.01
N LYS E 189 3.58 40.48 43.22
CA LYS E 189 2.30 40.66 43.92
C LYS E 189 1.57 41.89 43.40
N ASP E 190 2.34 42.90 42.99
CA ASP E 190 1.81 44.11 42.41
C ASP E 190 1.25 43.86 40.99
N LYS E 191 1.51 42.70 40.42
CA LYS E 191 1.01 42.37 39.11
C LYS E 191 -0.10 41.33 39.18
N TYR E 192 0.05 40.32 40.03
CA TYR E 192 -0.93 39.20 40.14
C TYR E 192 -1.81 39.26 41.39
N GLY E 193 -1.45 40.11 42.36
CA GLY E 193 -2.09 40.11 43.69
C GLY E 193 -1.32 39.30 44.69
N LYS E 194 -1.67 39.38 45.95
CA LYS E 194 -0.91 38.69 46.99
C LYS E 194 -0.83 37.17 46.81
N GLN E 195 -1.99 36.53 46.66
CA GLN E 195 -2.07 35.07 46.58
C GLN E 195 -1.39 34.55 45.32
N GLN E 196 -1.79 35.06 44.17
CA GLN E 196 -1.29 34.53 42.89
C GLN E 196 0.17 34.93 42.65
N GLY E 197 0.58 36.06 43.21
CA GLY E 197 1.98 36.47 43.18
C GLY E 197 2.88 35.43 43.85
N MET E 198 2.50 34.99 45.05
CA MET E 198 3.29 33.99 45.79
C MET E 198 3.27 32.65 45.08
N ALA E 199 2.17 32.32 44.41
CA ALA E 199 2.11 31.12 43.59
C ALA E 199 3.04 31.19 42.38
N VAL E 200 3.21 32.37 41.80
CA VAL E 200 4.13 32.51 40.70
C VAL E 200 5.58 32.48 41.20
N PHE E 201 5.84 33.06 42.37
CA PHE E 201 7.18 32.99 42.99
C PHE E 201 7.67 31.58 43.25
N ASN E 202 6.75 30.69 43.62
CA ASN E 202 7.04 29.26 43.76
C ASN E 202 7.25 28.54 42.42
N GLN E 203 6.73 29.10 41.35
CA GLN E 203 6.94 28.54 39.99
C GLN E 203 8.33 28.91 39.45
N LEU E 204 8.88 30.05 39.89
CA LEU E 204 10.17 30.54 39.41
C LEU E 204 11.39 30.18 40.25
N LYS E 205 11.16 30.00 41.56
CA LYS E 205 12.20 29.72 42.53
C LYS E 205 11.58 28.69 43.46
N TRP E 206 11.49 27.46 42.96
CA TRP E 206 10.78 26.40 43.68
C TRP E 206 11.58 25.98 44.90
N LEU E 207 10.88 25.58 45.95
CA LEU E 207 11.52 25.27 47.21
C LEU E 207 12.22 23.93 47.15
N VAL E 208 11.56 22.94 46.53
CA VAL E 208 12.16 21.64 46.23
C VAL E 208 11.53 21.05 44.98
N ASN E 209 12.30 20.21 44.28
CA ASN E 209 11.81 19.58 43.07
C ASN E 209 12.26 18.13 43.11
N PRO E 210 11.32 17.20 43.35
CA PRO E 210 11.64 15.78 43.43
C PRO E 210 12.03 15.09 42.10
N SER E 211 11.94 15.78 40.95
CA SER E 211 12.44 15.22 39.68
C SER E 211 13.93 15.55 39.35
N ALA E 212 14.63 16.19 40.29
CA ALA E 212 16.02 16.60 40.14
C ALA E 212 17.02 15.44 40.32
N PRO E 213 17.98 15.26 39.37
CA PRO E 213 19.09 14.31 39.59
C PRO E 213 19.98 14.64 40.82
N THR E 214 20.28 13.60 41.59
CA THR E 214 20.96 13.72 42.87
C THR E 214 22.20 12.78 42.89
N THR E 215 23.31 13.21 43.50
CA THR E 215 24.54 12.41 43.43
C THR E 215 24.31 11.13 44.20
N ILE E 216 23.78 11.25 45.41
CA ILE E 216 23.30 10.08 46.16
C ILE E 216 22.00 9.61 45.55
N ALA E 217 21.94 8.36 45.13
CA ALA E 217 20.72 7.84 44.48
C ALA E 217 19.65 7.79 45.52
N ALA E 218 18.42 7.92 45.08
CA ALA E 218 17.29 8.02 45.99
C ALA E 218 17.13 6.76 46.84
N ARG E 219 17.57 5.61 46.32
CA ARG E 219 17.43 4.38 47.06
C ARG E 219 18.48 4.23 48.14
N GLU E 220 19.54 5.01 48.09
CA GLU E 220 20.53 4.94 49.17
C GLU E 220 19.96 5.65 50.38
N SER E 221 19.44 6.85 50.17
CA SER E 221 18.82 7.63 51.24
C SER E 221 18.06 8.81 50.67
N ALA E 222 17.36 9.53 51.54
CA ALA E 222 16.68 10.79 51.18
C ALA E 222 16.81 11.77 52.34
N TYR E 223 16.57 13.04 52.05
CA TYR E 223 16.74 14.09 53.04
C TYR E 223 15.49 14.13 53.92
N PRO E 224 15.68 13.86 55.22
CA PRO E 224 14.52 13.66 56.12
C PRO E 224 13.73 14.91 56.50
N LEU E 225 14.36 16.09 56.41
CA LEU E 225 13.64 17.31 56.70
C LEU E 225 12.77 17.64 55.51
N LYS E 226 11.47 17.69 55.74
CA LYS E 226 10.54 18.01 54.69
C LYS E 226 9.98 19.41 54.93
N PHE E 227 10.43 20.34 54.09
CA PHE E 227 9.94 21.71 54.08
C PHE E 227 8.64 21.56 53.27
N ASP E 228 7.52 22.03 53.84
CA ASP E 228 6.20 21.86 53.23
C ASP E 228 5.46 23.19 53.00
N LEU E 229 4.81 23.28 51.84
CA LEU E 229 4.36 24.54 51.26
C LEU E 229 3.11 25.14 51.93
N GLN E 230 2.26 24.31 52.53
CA GLN E 230 1.08 24.79 53.29
C GLN E 230 1.51 25.42 54.62
N ASN E 231 2.76 25.12 55.02
CA ASN E 231 3.28 25.48 56.34
C ASN E 231 4.04 26.83 56.40
N THR E 232 4.72 27.19 55.31
CA THR E 232 5.53 28.41 55.27
C THR E 232 4.70 29.68 55.28
N GLN E 233 4.68 30.35 56.43
CA GLN E 233 3.86 31.53 56.64
C GLN E 233 4.72 32.76 56.82
N THR E 234 6.03 32.67 56.55
CA THR E 234 6.91 33.75 56.97
C THR E 234 6.94 34.85 55.94
N ALA E 235 6.64 34.51 54.68
CA ALA E 235 6.68 35.46 53.58
C ALA E 235 5.64 36.56 53.69
N ALA E 236 4.47 36.25 54.23
CA ALA E 236 3.39 37.24 54.38
C ALA E 236 3.57 38.14 55.60
N LEU E 237 4.72 38.08 56.27
CA LEU E 237 5.04 39.00 57.37
C LEU E 237 6.01 40.13 56.95
N LEU E 238 6.40 40.13 55.68
CA LEU E 238 7.49 40.94 55.22
C LEU E 238 7.04 42.27 54.64
N PRO E 239 7.82 43.34 54.89
CA PRO E 239 7.55 44.59 54.20
C PRO E 239 7.69 44.44 52.69
N ARG E 240 7.46 45.53 51.97
CA ARG E 240 7.68 45.59 50.53
C ARG E 240 9.13 45.96 50.27
N TYR E 241 9.63 45.56 49.12
CA TYR E 241 10.94 46.03 48.67
C TYR E 241 10.78 46.77 47.36
N ASP E 242 10.72 48.10 47.47
CA ASP E 242 10.49 48.93 46.31
C ASP E 242 11.78 49.47 45.73
N GLN E 243 12.90 49.16 46.38
CA GLN E 243 14.20 49.60 45.89
C GLN E 243 14.64 48.83 44.65
N PRO E 244 15.64 49.34 43.93
CA PRO E 244 16.40 48.50 43.01
C PRO E 244 16.99 47.28 43.71
N ALA E 245 16.84 46.10 43.10
CA ALA E 245 17.40 44.84 43.66
C ALA E 245 18.90 45.00 43.91
N PRO E 246 19.41 44.62 45.11
CA PRO E 246 20.83 44.69 45.41
C PRO E 246 21.76 44.08 44.37
N MET E 247 21.32 43.03 43.69
CA MET E 247 22.13 42.37 42.65
C MET E 247 22.56 43.33 41.55
N LEU E 248 21.88 44.47 41.45
CA LEU E 248 22.26 45.52 40.51
C LEU E 248 23.41 46.38 41.00
N ASP E 249 23.68 46.38 42.30
CA ASP E 249 24.76 47.23 42.84
C ASP E 249 26.11 46.51 43.01
N ARG E 250 26.20 45.30 42.47
CA ARG E 250 27.44 44.58 42.44
C ARG E 250 28.36 45.23 41.41
N PRO E 251 29.63 45.44 41.77
CA PRO E 251 30.49 46.13 40.80
C PRO E 251 30.65 45.37 39.47
N ALA E 252 30.25 45.99 38.36
CA ALA E 252 30.32 45.32 37.05
C ALA E 252 31.76 45.15 36.57
N LYS E 253 32.00 44.07 35.83
CA LYS E 253 33.32 43.74 35.28
C LYS E 253 33.28 43.75 33.77
N GLY E 254 34.37 44.18 33.15
CA GLY E 254 34.50 44.14 31.67
C GLY E 254 34.93 42.78 31.14
N THR E 255 35.15 42.70 29.82
CA THR E 255 35.37 41.40 29.14
C THR E 255 36.72 40.77 29.54
N ASP E 256 37.66 41.61 29.97
CA ASP E 256 38.95 41.12 30.46
C ASP E 256 38.89 40.68 31.94
N GLY E 257 37.73 40.87 32.56
CA GLY E 257 37.54 40.48 33.93
C GLY E 257 37.88 41.56 34.93
N ALA E 258 38.23 42.75 34.47
CA ALA E 258 38.54 43.86 35.37
C ALA E 258 37.29 44.65 35.82
N LEU E 259 37.32 45.15 37.06
CA LEU E 259 36.28 46.06 37.54
C LEU E 259 36.19 47.32 36.73
N LEU E 260 34.95 47.76 36.43
CA LEU E 260 34.71 48.84 35.46
C LEU E 260 34.70 50.27 35.95
N ALA E 261 34.62 50.55 37.24
CA ALA E 261 34.63 51.98 37.67
C ALA E 261 33.58 52.85 36.93
N LEU E 262 32.33 52.39 36.94
CA LEU E 262 31.19 53.13 36.39
C LEU E 262 30.57 53.98 37.50
N THR E 263 29.59 54.81 37.13
CA THR E 263 28.74 55.48 38.12
C THR E 263 27.71 54.50 38.67
N ALA E 264 27.08 54.87 39.79
CA ALA E 264 26.16 53.99 40.46
C ALA E 264 25.02 53.67 39.49
N ASP E 265 24.51 54.71 38.83
CA ASP E 265 23.45 54.52 37.84
C ASP E 265 23.95 53.61 36.77
N GLN E 266 25.07 54.00 36.18
CA GLN E 266 25.58 53.27 35.02
C GLN E 266 25.81 51.81 35.39
N ASN E 267 26.36 51.59 36.58
CA ASN E 267 26.72 50.24 37.03
C ASN E 267 25.49 49.36 37.06
N ARG E 268 24.40 49.94 37.55
CA ARG E 268 23.13 49.24 37.63
C ARG E 268 22.64 48.91 36.22
N GLU E 269 22.78 49.87 35.32
CA GLU E 269 22.29 49.66 33.98
C GLU E 269 23.07 48.54 33.30
N THR E 270 24.36 48.50 33.62
CA THR E 270 25.26 47.53 33.01
C THR E 270 24.94 46.13 33.50
N ILE E 271 25.01 45.95 34.82
CA ILE E 271 24.66 44.71 35.50
C ILE E 271 23.37 44.14 34.94
N ALA E 272 22.36 44.99 34.87
CA ALA E 272 21.11 44.62 34.24
C ALA E 272 21.38 44.07 32.86
N ALA E 273 22.00 44.89 32.03
CA ALA E 273 22.16 44.56 30.60
C ALA E 273 22.87 43.23 30.35
N GLN E 274 23.95 42.98 31.08
CA GLN E 274 24.71 41.77 30.83
C GLN E 274 24.10 40.56 31.51
N PHE E 275 23.39 40.73 32.63
CA PHE E 275 22.71 39.58 33.21
C PHE E 275 21.59 39.14 32.26
N ALA E 276 20.96 40.11 31.61
CA ALA E 276 19.84 39.86 30.74
C ALA E 276 20.27 39.05 29.57
N GLN E 277 21.50 39.27 29.15
CA GLN E 277 22.06 38.61 27.97
C GLN E 277 22.66 37.21 28.29
N SER E 278 23.42 37.12 29.38
CA SER E 278 24.29 35.98 29.67
C SER E 278 23.92 35.18 30.94
N GLY E 279 23.31 35.84 31.92
CA GLY E 279 22.77 35.15 33.08
C GLY E 279 23.83 34.73 34.09
N ALA E 280 23.49 33.68 34.86
CA ALA E 280 24.34 33.24 35.97
C ALA E 280 25.70 32.81 35.51
N ASN E 281 25.82 32.48 34.23
CA ASN E 281 27.11 32.10 33.67
C ASN E 281 27.72 33.21 32.79
N GLY E 282 27.43 34.48 33.10
CA GLY E 282 28.02 35.62 32.39
C GLY E 282 28.78 36.57 33.30
N LEU E 283 29.27 37.67 32.74
CA LEU E 283 30.10 38.60 33.49
C LEU E 283 29.50 39.07 34.79
N ALA E 284 28.17 39.10 34.88
CA ALA E 284 27.44 39.51 36.11
C ALA E 284 26.88 38.31 36.86
N GLY E 285 27.22 37.11 36.39
CA GLY E 285 26.67 35.87 36.92
C GLY E 285 27.25 35.52 38.28
N TYR E 286 27.20 34.24 38.60
CA TYR E 286 27.69 33.70 39.86
C TYR E 286 28.58 32.48 39.59
N PRO F 1 32.89 31.31 41.21
CA PRO F 1 33.40 30.00 40.81
C PRO F 1 32.93 29.41 39.49
N THR F 2 31.65 29.47 39.17
CA THR F 2 31.07 28.65 38.08
C THR F 2 29.86 27.93 38.75
N THR F 3 29.93 26.65 39.13
CA THR F 3 31.13 25.81 39.19
C THR F 3 31.15 24.58 38.25
N GLY F 4 31.37 23.41 38.87
CA GLY F 4 32.50 22.49 38.75
C GLY F 4 32.03 21.09 38.70
N ASN F 5 32.94 20.15 38.48
CA ASN F 5 32.51 18.73 38.41
C ASN F 5 33.49 17.68 38.93
N MET F 6 32.97 16.46 39.08
CA MET F 6 33.70 15.35 39.72
C MET F 6 33.04 14.04 39.34
N TRP F 7 33.84 13.00 39.17
CA TRP F 7 33.31 11.65 39.10
C TRP F 7 34.30 10.70 39.72
N VAL F 8 33.92 10.15 40.87
CA VAL F 8 34.71 9.14 41.54
C VAL F 8 34.15 7.80 41.04
N ILE F 9 35.06 6.85 40.81
CA ILE F 9 34.70 5.57 40.25
C ILE F 9 35.27 4.47 41.12
N GLY F 10 34.38 3.69 41.74
CA GLY F 10 34.78 2.61 42.61
C GLY F 10 35.06 1.29 41.89
N LYS F 11 35.52 0.33 42.71
CA LYS F 11 35.92 -1.02 42.31
C LYS F 11 35.03 -1.62 41.23
N ASN F 12 33.73 -1.47 41.38
CA ASN F 12 32.77 -2.10 40.47
C ASN F 12 32.72 -1.47 39.09
N LYS F 13 33.17 -0.22 38.99
CA LYS F 13 33.15 0.53 37.75
C LYS F 13 34.55 0.83 37.19
N ALA F 14 35.58 0.53 37.97
CA ALA F 14 36.97 0.71 37.52
C ALA F 14 37.49 -0.54 36.80
N GLN F 15 38.36 -0.33 35.81
CA GLN F 15 38.99 -1.38 35.02
C GLN F 15 40.52 -1.26 35.13
N ASP F 16 41.19 -2.34 35.49
CA ASP F 16 42.65 -2.33 35.70
C ASP F 16 43.10 -1.44 36.85
N ALA F 17 42.16 -1.08 37.72
CA ALA F 17 42.48 -0.35 38.93
C ALA F 17 41.37 -0.61 39.95
N LYS F 18 41.55 -0.20 41.19
CA LYS F 18 40.47 -0.31 42.20
C LYS F 18 39.60 0.95 42.34
N ALA F 19 40.16 2.13 42.07
CA ALA F 19 39.37 3.36 42.05
C ALA F 19 40.03 4.43 41.21
N ILE F 20 39.20 5.33 40.66
CA ILE F 20 39.67 6.44 39.83
C ILE F 20 38.90 7.71 40.19
N MET F 21 39.57 8.69 40.79
CA MET F 21 38.93 9.97 41.12
C MET F 21 39.35 11.04 40.10
N VAL F 22 38.39 11.59 39.35
CA VAL F 22 38.68 12.64 38.38
C VAL F 22 37.98 13.93 38.80
N ASN F 23 38.74 14.94 39.17
CA ASN F 23 38.17 16.17 39.68
C ASN F 23 38.46 17.32 38.75
N GLY F 24 37.48 18.23 38.60
CA GLY F 24 37.55 19.35 37.68
C GLY F 24 36.82 20.57 38.21
N PRO F 25 37.40 21.23 39.22
CA PRO F 25 36.83 22.41 39.81
C PRO F 25 36.86 23.55 38.82
N GLN F 26 35.80 24.35 38.78
CA GLN F 26 35.68 25.44 37.79
C GLN F 26 35.58 26.77 38.52
N PHE F 27 36.68 27.49 38.63
CA PHE F 27 36.67 28.84 39.22
C PHE F 27 36.99 29.91 38.19
N GLY F 28 36.93 29.60 36.90
CA GLY F 28 37.40 30.53 35.88
C GLY F 28 38.86 30.32 35.59
N TRP F 29 39.37 30.97 34.55
CA TRP F 29 40.72 30.74 34.07
C TRP F 29 41.56 31.97 34.19
N TYR F 30 42.70 31.85 34.85
CA TYR F 30 43.50 33.00 35.24
C TYR F 30 44.98 32.91 34.95
N ALA F 31 45.62 34.06 34.99
CA ALA F 31 47.05 34.16 34.77
C ALA F 31 47.64 35.07 35.86
N PRO F 32 48.47 34.50 36.76
CA PRO F 32 48.90 33.09 36.79
C PRO F 32 47.80 32.17 37.30
N ALA F 33 48.05 30.87 37.23
CA ALA F 33 46.99 29.88 37.43
C ALA F 33 46.36 30.03 38.78
N TYR F 34 45.08 29.69 38.86
CA TYR F 34 44.29 29.84 40.08
C TYR F 34 44.81 28.94 41.20
N THR F 35 45.09 27.70 40.83
CA THR F 35 45.61 26.69 41.77
C THR F 35 47.12 26.68 41.80
N TYR F 36 47.66 26.05 42.82
CA TYR F 36 49.10 25.99 43.05
C TYR F 36 49.51 24.59 43.40
N GLY F 37 50.46 24.04 42.68
CA GLY F 37 51.02 22.71 43.00
C GLY F 37 51.92 22.74 44.22
N ILE F 38 51.79 21.72 45.07
CA ILE F 38 52.63 21.60 46.26
C ILE F 38 52.62 20.17 46.82
N GLY F 39 53.80 19.72 47.26
CA GLY F 39 53.97 18.46 47.97
C GLY F 39 54.55 18.71 49.37
N LEU F 40 53.93 18.07 50.38
CA LEU F 40 54.32 18.27 51.79
C LEU F 40 54.63 16.94 52.46
N HIS F 41 55.80 16.86 53.07
CA HIS F 41 56.35 15.58 53.52
C HIS F 41 57.03 15.76 54.87
N GLY F 42 56.47 15.12 55.88
CA GLY F 42 56.94 15.24 57.25
C GLY F 42 55.89 15.77 58.22
N ALA F 43 56.23 15.68 59.49
CA ALA F 43 55.40 16.22 60.57
C ALA F 43 53.98 15.67 60.54
N GLY F 44 53.81 14.45 60.02
CA GLY F 44 52.52 13.82 59.90
C GLY F 44 52.02 13.78 58.47
N TYR F 45 52.41 14.74 57.63
CA TYR F 45 51.84 14.86 56.28
C TYR F 45 52.62 14.04 55.27
N ASP F 46 51.98 13.70 54.15
CA ASP F 46 52.61 12.94 53.10
C ASP F 46 51.73 13.04 51.87
N VAL F 47 51.64 14.27 51.37
CA VAL F 47 50.67 14.63 50.36
C VAL F 47 51.31 15.22 49.13
N THR F 48 50.58 15.10 48.04
CA THR F 48 50.88 15.79 46.82
C THR F 48 49.55 16.21 46.19
N GLY F 49 49.55 17.34 45.48
CA GLY F 49 48.34 17.82 44.79
C GLY F 49 48.45 19.28 44.36
N ASN F 50 47.31 19.93 44.20
CA ASN F 50 47.27 21.36 43.92
C ASN F 50 46.07 22.01 44.63
N THR F 51 46.23 23.27 45.00
CA THR F 51 45.25 23.92 45.87
C THR F 51 45.05 25.40 45.50
N PRO F 52 43.82 25.89 45.51
CA PRO F 52 43.55 27.29 45.18
C PRO F 52 44.28 28.24 46.12
N PHE F 53 44.81 29.33 45.55
CA PHE F 53 45.47 30.39 46.32
C PHE F 53 46.43 29.86 47.37
N ALA F 54 46.98 28.67 47.11
CA ALA F 54 48.02 28.11 47.97
C ALA F 54 47.61 27.96 49.42
N TYR F 55 46.32 27.68 49.64
CA TYR F 55 45.84 27.38 50.99
C TYR F 55 46.74 26.35 51.65
N PRO F 56 46.99 26.47 52.97
CA PRO F 56 47.72 25.44 53.69
C PRO F 56 47.12 24.05 53.47
N GLY F 57 45.81 23.96 53.33
CA GLY F 57 45.17 22.70 53.05
C GLY F 57 45.06 22.46 51.54
N LEU F 58 45.24 21.21 51.13
CA LEU F 58 45.19 20.85 49.73
C LEU F 58 43.81 20.43 49.31
N VAL F 59 43.07 21.34 48.68
CA VAL F 59 41.71 21.06 48.25
C VAL F 59 41.66 19.86 47.30
N PHE F 60 42.74 19.61 46.58
CA PHE F 60 42.78 18.47 45.68
C PHE F 60 44.10 17.72 45.78
N GLY F 61 44.06 16.50 46.31
CA GLY F 61 45.28 15.68 46.36
C GLY F 61 45.08 14.25 46.82
N HIS F 62 46.17 13.67 47.30
CA HIS F 62 46.16 12.32 47.82
C HIS F 62 47.37 12.14 48.71
N ASN F 63 47.35 11.12 49.55
CA ASN F 63 48.44 10.89 50.50
C ASN F 63 48.98 9.48 50.46
N GLY F 64 48.62 8.74 49.41
CA GLY F 64 49.13 7.38 49.19
C GLY F 64 48.06 6.36 49.47
N THR F 65 47.26 6.63 50.50
CA THR F 65 46.21 5.74 50.92
C THR F 65 44.82 6.19 50.44
N ILE F 66 44.52 7.48 50.61
CA ILE F 66 43.25 8.08 50.15
C ILE F 66 43.47 9.34 49.33
N SER F 67 42.50 9.63 48.45
CA SER F 67 42.47 10.86 47.69
C SER F 67 41.17 11.64 47.93
N TRP F 68 41.20 12.92 47.58
CA TRP F 68 40.06 13.76 47.87
C TRP F 68 39.92 14.89 46.90
N GLY F 69 38.75 15.50 46.93
CA GLY F 69 38.44 16.61 46.05
C GLY F 69 37.22 17.34 46.56
N SER F 70 36.83 18.42 45.88
CA SER F 70 35.67 19.23 46.26
C SER F 70 34.97 19.79 45.04
N THR F 71 33.65 19.97 45.16
CA THR F 71 32.90 20.87 44.29
C THR F 71 32.11 21.80 45.18
N ALA F 72 31.50 22.82 44.56
CA ALA F 72 30.64 23.76 45.26
C ALA F 72 29.35 23.09 45.64
N GLY F 73 29.02 23.17 46.93
CA GLY F 73 27.85 22.51 47.52
C GLY F 73 26.53 23.16 47.15
N PHE F 74 26.43 24.47 47.38
CA PHE F 74 25.22 25.27 47.05
C PHE F 74 24.04 24.82 47.90
N GLY F 75 24.22 24.82 49.21
CA GLY F 75 23.13 24.61 50.14
C GLY F 75 22.72 25.95 50.73
N ASP F 76 21.49 26.04 51.24
CA ASP F 76 21.08 27.23 51.95
C ASP F 76 21.67 27.22 53.36
N ASP F 77 22.82 27.87 53.51
CA ASP F 77 23.48 28.07 54.83
C ASP F 77 23.53 29.53 55.22
N VAL F 78 22.72 30.33 54.54
CA VAL F 78 22.67 31.76 54.75
C VAL F 78 21.26 32.27 54.60
N ASP F 79 20.81 33.00 55.61
CA ASP F 79 19.48 33.56 55.64
C ASP F 79 19.57 35.02 56.06
N ILE F 80 18.56 35.80 55.69
CA ILE F 80 18.59 37.23 55.91
C ILE F 80 17.52 37.69 56.89
N PHE F 81 17.96 38.32 57.97
CA PHE F 81 17.05 38.75 59.03
C PHE F 81 16.62 40.20 58.84
N ALA F 82 15.33 40.42 58.61
CA ALA F 82 14.81 41.78 58.42
C ALA F 82 14.62 42.48 59.75
N GLU F 83 15.60 43.27 60.17
CA GLU F 83 15.57 43.93 61.48
C GLU F 83 14.56 45.04 61.59
N LYS F 84 13.96 45.22 62.77
CA LYS F 84 13.02 46.31 63.01
C LYS F 84 13.77 47.51 63.58
N LEU F 85 13.69 48.64 62.90
CA LEU F 85 14.41 49.87 63.31
C LEU F 85 13.47 50.97 63.78
N SER F 86 14.08 52.06 64.25
CA SER F 86 13.35 53.26 64.62
C SER F 86 14.10 54.50 64.14
N ALA F 87 13.41 55.39 63.45
CA ALA F 87 14.01 56.64 62.96
C ALA F 87 14.41 57.59 64.11
N GLU F 88 13.76 57.46 65.25
CA GLU F 88 14.11 58.21 66.46
C GLU F 88 15.30 57.56 67.19
N LYS F 89 15.55 56.27 66.96
CA LYS F 89 16.61 55.52 67.65
C LYS F 89 17.61 54.90 66.65
N PRO F 90 18.53 55.71 66.12
CA PRO F 90 19.54 55.24 65.15
C PRO F 90 20.55 54.23 65.70
N GLY F 91 20.80 53.18 64.94
CA GLY F 91 21.73 52.12 65.33
C GLY F 91 21.19 51.17 66.38
N TYR F 92 19.87 51.15 66.53
CA TYR F 92 19.19 50.25 67.46
C TYR F 92 18.18 49.41 66.67
N TYR F 93 17.96 48.18 67.14
CA TYR F 93 16.95 47.34 66.54
C TYR F 93 16.17 46.65 67.64
N GLN F 94 14.97 46.21 67.30
CA GLN F 94 14.07 45.59 68.28
C GLN F 94 14.18 44.09 68.24
N HIS F 95 14.59 43.50 69.36
CA HIS F 95 14.68 42.05 69.50
C HIS F 95 14.15 41.53 70.85
N ASN F 96 13.24 40.55 70.80
CA ASN F 96 12.55 40.04 71.98
C ASN F 96 12.02 41.23 72.81
N GLY F 97 11.24 42.07 72.16
CA GLY F 97 10.59 43.19 72.80
C GLY F 97 11.54 44.13 73.50
N GLU F 98 12.65 44.49 72.87
CA GLU F 98 13.54 45.50 73.43
C GLU F 98 14.48 46.08 72.40
N TRP F 99 14.90 47.33 72.60
CA TRP F 99 15.76 48.01 71.63
C TRP F 99 17.24 47.75 71.91
N VAL F 100 17.80 46.81 71.13
CA VAL F 100 19.19 46.35 71.28
C VAL F 100 20.07 47.25 70.43
N LYS F 101 21.19 47.67 70.99
CA LYS F 101 22.12 48.49 70.24
C LYS F 101 22.99 47.67 69.27
N MET F 102 23.17 48.20 68.05
CA MET F 102 23.96 47.52 67.02
C MET F 102 25.43 47.61 67.31
N LEU F 103 26.15 46.59 66.89
CA LEU F 103 27.60 46.60 66.90
C LEU F 103 28.08 47.30 65.63
N SER F 104 29.05 48.20 65.81
CA SER F 104 29.59 48.96 64.69
C SER F 104 31.09 48.97 64.76
N ARG F 105 31.72 48.95 63.59
CA ARG F 105 33.13 49.31 63.50
C ARG F 105 33.28 50.37 62.45
N LYS F 106 34.27 51.23 62.68
CA LYS F 106 34.59 52.26 61.71
C LYS F 106 35.79 51.87 60.81
N GLU F 107 35.62 52.04 59.51
CA GLU F 107 36.63 51.69 58.53
C GLU F 107 36.96 52.88 57.64
N THR F 108 38.24 53.19 57.50
CA THR F 108 38.70 54.22 56.55
C THR F 108 39.50 53.56 55.43
N ILE F 109 39.25 53.98 54.19
CA ILE F 109 39.89 53.38 53.03
C ILE F 109 40.92 54.31 52.43
N ALA F 110 42.18 53.90 52.44
CA ALA F 110 43.26 54.70 51.89
C ALA F 110 43.18 54.61 50.39
N VAL F 111 43.46 55.71 49.72
CA VAL F 111 43.38 55.78 48.26
C VAL F 111 44.67 56.36 47.70
N LYS F 112 45.24 55.70 46.69
CA LYS F 112 46.56 56.11 46.19
C LYS F 112 46.60 57.55 45.69
N ASP F 113 45.82 57.87 44.66
CA ASP F 113 45.91 59.22 44.07
C ASP F 113 44.69 60.06 44.40
N GLY F 114 44.11 59.82 45.57
CA GLY F 114 42.86 60.49 45.96
C GLY F 114 42.71 60.63 47.46
N GLN F 115 41.48 60.86 47.90
CA GLN F 115 41.20 61.20 49.30
C GLN F 115 40.60 60.02 50.07
N PRO F 116 41.00 59.87 51.35
CA PRO F 116 40.48 58.77 52.18
C PRO F 116 38.98 58.78 52.28
N GLU F 117 38.36 57.61 52.15
CA GLU F 117 36.92 57.45 52.21
C GLU F 117 36.64 56.74 53.51
N THR F 118 35.77 57.29 54.34
CA THR F 118 35.48 56.73 55.67
C THR F 118 34.04 56.31 55.77
N PHE F 119 33.78 55.14 56.34
CA PHE F 119 32.40 54.70 56.54
C PHE F 119 32.24 53.76 57.74
N THR F 120 31.01 53.35 58.02
CA THR F 120 30.74 52.45 59.12
C THR F 120 30.05 51.19 58.62
N VAL F 121 30.35 50.08 59.29
CA VAL F 121 29.70 48.81 59.03
C VAL F 121 29.00 48.36 60.31
N TRP F 122 27.76 47.93 60.17
CA TRP F 122 26.90 47.62 61.31
C TRP F 122 26.65 46.14 61.36
N ARG F 123 26.64 45.61 62.57
CA ARG F 123 26.40 44.20 62.82
C ARG F 123 25.32 44.10 63.90
N THR F 124 24.35 43.21 63.66
CA THR F 124 23.38 42.83 64.69
C THR F 124 23.76 41.47 65.25
N LEU F 125 22.95 41.00 66.20
CA LEU F 125 23.11 39.66 66.72
C LEU F 125 22.86 38.59 65.63
N HIS F 126 22.25 38.97 64.50
CA HIS F 126 22.10 38.07 63.35
C HIS F 126 23.27 38.18 62.37
N GLY F 127 24.04 39.27 62.45
CA GLY F 127 25.20 39.46 61.58
C GLY F 127 25.27 40.83 60.94
N ASN F 128 26.22 40.99 60.04
CA ASN F 128 26.46 42.24 59.32
C ASN F 128 25.23 42.76 58.58
N VAL F 129 25.01 44.08 58.65
CA VAL F 129 23.89 44.72 57.97
C VAL F 129 24.27 44.97 56.51
N ILE F 130 23.61 44.23 55.60
CA ILE F 130 23.75 44.40 54.15
C ILE F 130 23.14 45.69 53.66
N LYS F 131 21.90 45.97 54.08
CA LYS F 131 21.18 47.14 53.59
C LYS F 131 20.14 47.68 54.55
N THR F 132 20.05 49.01 54.60
CA THR F 132 19.01 49.71 55.34
C THR F 132 18.00 50.37 54.39
N ASP F 133 16.77 49.85 54.34
CA ASP F 133 15.70 50.50 53.62
C ASP F 133 14.93 51.39 54.59
N THR F 134 15.13 52.70 54.47
CA THR F 134 14.59 53.67 55.41
C THR F 134 13.06 53.84 55.30
N ALA F 135 12.52 53.65 54.09
CA ALA F 135 11.10 53.81 53.84
C ALA F 135 10.24 52.80 54.59
N THR F 136 10.85 51.73 55.10
CA THR F 136 10.13 50.68 55.80
C THR F 136 10.75 50.43 57.19
N GLN F 137 11.62 51.32 57.65
CA GLN F 137 12.21 51.20 58.99
C GLN F 137 12.98 49.89 59.15
N THR F 138 13.50 49.38 58.05
CA THR F 138 14.01 48.02 58.01
C THR F 138 15.50 48.02 57.70
N ALA F 139 16.24 47.18 58.43
CA ALA F 139 17.64 46.83 58.11
C ALA F 139 17.76 45.33 57.89
N TYR F 140 18.36 44.90 56.78
CA TYR F 140 18.59 43.46 56.58
C TYR F 140 20.01 43.02 56.96
N ALA F 141 20.12 41.97 57.76
CA ALA F 141 21.42 41.47 58.24
C ALA F 141 21.65 40.05 57.75
N LYS F 142 22.87 39.76 57.36
CA LYS F 142 23.18 38.44 56.85
C LYS F 142 23.55 37.49 57.97
N ALA F 143 22.93 36.32 57.93
CA ALA F 143 23.17 35.27 58.90
C ALA F 143 23.70 34.07 58.15
N ARG F 144 24.91 33.66 58.54
CA ARG F 144 25.60 32.54 57.92
C ARG F 144 25.69 31.41 58.92
N ALA F 145 25.22 30.23 58.52
CA ALA F 145 25.29 29.07 59.41
C ALA F 145 26.75 28.82 59.84
N TRP F 146 27.69 29.22 58.99
CA TRP F 146 29.12 29.04 59.27
C TRP F 146 29.85 30.16 60.01
N ASP F 147 29.18 31.20 60.47
CA ASP F 147 29.89 32.29 61.15
C ASP F 147 30.62 31.80 62.41
N GLY F 148 31.85 32.27 62.61
CA GLY F 148 32.63 31.84 63.77
C GLY F 148 33.37 30.52 63.59
N LYS F 149 33.12 29.82 62.48
CA LYS F 149 33.80 28.54 62.16
C LYS F 149 34.72 28.58 60.90
N GLU F 150 35.15 29.77 60.48
CA GLU F 150 35.88 29.89 59.21
C GLU F 150 37.29 29.27 59.29
N VAL F 151 38.04 29.67 60.30
CA VAL F 151 39.37 29.15 60.53
C VAL F 151 39.37 27.65 60.82
N ALA F 152 38.45 27.20 61.65
CA ALA F 152 38.28 25.78 61.84
C ALA F 152 38.07 25.06 60.50
N SER F 153 37.29 25.65 59.59
CA SER F 153 37.08 25.05 58.27
C SER F 153 38.39 24.94 57.47
N LEU F 154 39.27 25.92 57.67
CA LEU F 154 40.61 25.91 57.09
C LEU F 154 41.42 24.75 57.63
N LEU F 155 41.48 24.65 58.96
CA LEU F 155 42.25 23.58 59.60
C LEU F 155 41.61 22.20 59.40
N ALA F 156 40.32 22.16 59.07
CA ALA F 156 39.70 20.89 58.71
C ALA F 156 40.25 20.40 57.39
N TRP F 157 40.38 21.31 56.44
CA TRP F 157 40.83 20.96 55.10
C TRP F 157 42.28 20.53 55.12
N THR F 158 42.99 20.99 56.15
CA THR F 158 44.40 20.67 56.34
C THR F 158 44.58 19.30 56.98
N HIS F 159 43.78 19.02 58.00
CA HIS F 159 43.94 17.80 58.80
C HIS F 159 43.47 16.58 58.05
N GLN F 160 42.45 16.71 57.23
CA GLN F 160 41.99 15.57 56.42
C GLN F 160 43.06 14.98 55.50
N MET F 161 44.09 15.76 55.22
CA MET F 161 45.21 15.26 54.42
C MET F 161 45.92 14.10 55.09
N LYS F 162 45.97 14.13 56.43
CA LYS F 162 46.59 13.07 57.24
C LYS F 162 45.70 11.84 57.45
N ALA F 163 44.53 11.81 56.85
CA ALA F 163 43.57 10.77 57.13
C ALA F 163 43.89 9.58 56.28
N LYS F 164 43.79 8.38 56.84
CA LYS F 164 44.14 7.18 56.11
C LYS F 164 42.98 6.17 56.00
N ASN F 165 41.79 6.56 56.43
CA ASN F 165 40.61 5.72 56.33
C ASN F 165 39.31 6.54 56.40
N TRP F 166 38.19 5.93 56.09
CA TRP F 166 36.91 6.67 56.02
C TRP F 166 36.53 7.42 57.30
N PRO F 167 36.64 6.76 58.48
CA PRO F 167 36.30 7.43 59.76
C PRO F 167 37.17 8.66 60.06
N GLU F 168 38.49 8.50 59.94
CA GLU F 168 39.38 9.58 60.29
C GLU F 168 39.12 10.75 59.34
N TRP F 169 38.66 10.43 58.13
CA TRP F 169 38.32 11.45 57.13
C TRP F 169 37.05 12.20 57.47
N THR F 170 35.95 11.45 57.63
CA THR F 170 34.65 12.04 57.90
C THR F 170 34.64 12.90 59.16
N GLN F 171 35.41 12.57 60.18
CA GLN F 171 35.41 13.44 61.37
C GLN F 171 36.09 14.79 61.13
N GLN F 172 36.82 14.91 60.02
CA GLN F 172 37.34 16.22 59.58
C GLN F 172 36.30 16.92 58.71
N ALA F 173 35.60 16.14 57.87
CA ALA F 173 34.46 16.62 57.09
C ALA F 173 33.42 17.33 57.96
N ALA F 174 33.17 16.77 59.15
CA ALA F 174 32.19 17.33 60.07
C ALA F 174 32.69 18.59 60.81
N LYS F 175 33.97 18.93 60.66
CA LYS F 175 34.51 20.20 61.19
C LYS F 175 34.57 21.25 60.08
N GLN F 176 34.23 20.84 58.85
CA GLN F 176 34.22 21.74 57.71
C GLN F 176 32.82 22.36 57.56
N ALA F 177 32.74 23.68 57.81
CA ALA F 177 31.48 24.37 58.03
C ALA F 177 30.90 25.07 56.80
N LEU F 178 31.66 25.15 55.72
CA LEU F 178 31.18 25.79 54.49
C LEU F 178 30.43 24.76 53.63
N THR F 179 29.57 25.23 52.72
CA THR F 179 28.76 24.32 51.87
C THR F 179 29.56 23.81 50.66
N ILE F 180 30.23 22.68 50.87
CA ILE F 180 31.19 22.13 49.92
C ILE F 180 31.00 20.63 49.79
N ASN F 181 30.84 20.15 48.58
CA ASN F 181 30.90 18.73 48.38
C ASN F 181 32.33 18.23 48.59
N TRP F 182 32.53 17.28 49.49
CA TRP F 182 33.80 16.53 49.58
C TRP F 182 33.67 15.12 49.05
N TYR F 183 34.79 14.59 48.56
CA TYR F 183 34.79 13.27 47.98
C TYR F 183 35.98 12.45 48.45
N TYR F 184 35.82 11.13 48.40
CA TYR F 184 36.72 10.18 49.03
C TYR F 184 36.94 9.03 48.05
N ALA F 185 38.19 8.56 48.01
CA ALA F 185 38.56 7.31 47.36
C ALA F 185 39.74 6.77 48.13
N ASP F 186 39.92 5.45 48.12
CA ASP F 186 41.09 4.86 48.78
C ASP F 186 41.68 3.64 48.08
N VAL F 187 42.87 3.26 48.53
CA VAL F 187 43.67 2.21 47.90
C VAL F 187 42.90 0.90 47.60
N ASN F 188 41.93 0.55 48.45
CA ASN F 188 41.19 -0.71 48.34
C ASN F 188 39.95 -0.60 47.44
N GLY F 189 39.71 0.56 46.85
CA GLY F 189 38.59 0.77 45.93
C GLY F 189 37.31 1.30 46.58
N ASN F 190 37.43 1.70 47.84
CA ASN F 190 36.35 2.37 48.55
C ASN F 190 36.25 3.79 48.07
N ILE F 191 35.01 4.27 47.88
CA ILE F 191 34.73 5.68 47.55
C ILE F 191 33.60 6.22 48.42
N GLY F 192 33.58 7.52 48.64
CA GLY F 192 32.56 8.16 49.49
C GLY F 192 32.19 9.56 49.03
N TYR F 193 31.17 10.13 49.68
CA TYR F 193 30.70 11.49 49.38
C TYR F 193 30.08 12.15 50.62
N VAL F 194 30.48 13.37 50.94
CA VAL F 194 29.87 14.10 52.05
C VAL F 194 29.60 15.55 51.65
N HIS F 195 28.33 15.87 51.38
CA HIS F 195 27.87 17.26 51.25
C HIS F 195 28.06 17.99 52.60
N THR F 196 29.26 18.50 52.85
CA THR F 196 29.61 19.02 54.16
C THR F 196 29.00 20.39 54.38
N GLY F 197 29.20 20.93 55.59
CA GLY F 197 28.75 22.29 55.92
C GLY F 197 27.83 22.38 57.12
N ALA F 198 27.97 23.47 57.88
CA ALA F 198 27.05 23.87 58.94
C ALA F 198 25.76 24.36 58.29
N TYR F 199 24.64 23.99 58.89
CA TYR F 199 23.35 24.44 58.41
C TYR F 199 22.46 24.74 59.61
N PRO F 200 21.54 25.73 59.45
CA PRO F 200 20.73 26.21 60.54
C PRO F 200 19.52 25.31 60.81
N ASP F 201 19.19 25.16 62.08
CA ASP F 201 17.95 24.51 62.50
C ASP F 201 16.89 25.61 62.58
N ARG F 202 16.03 25.64 61.57
CA ARG F 202 15.07 26.71 61.40
C ARG F 202 13.77 26.43 62.14
N GLN F 203 13.06 27.50 62.45
CA GLN F 203 11.71 27.41 63.00
C GLN F 203 10.75 26.80 61.98
N PRO F 204 9.71 26.11 62.47
CA PRO F 204 8.70 25.66 61.50
C PRO F 204 7.99 26.83 60.87
N GLY F 205 7.73 26.75 59.56
CA GLY F 205 7.17 27.86 58.82
C GLY F 205 8.21 28.72 58.15
N HIS F 206 9.47 28.62 58.57
CA HIS F 206 10.58 29.45 58.00
C HIS F 206 10.80 29.11 56.52
N ASP F 207 10.37 30.02 55.65
CA ASP F 207 10.69 29.95 54.23
C ASP F 207 12.11 30.48 53.94
N PRO F 208 13.05 29.58 53.60
CA PRO F 208 14.46 29.94 53.42
C PRO F 208 14.79 30.74 52.15
N ARG F 209 13.85 30.85 51.22
CA ARG F 209 14.04 31.65 50.02
C ARG F 209 13.87 33.17 50.25
N LEU F 210 13.30 33.59 51.38
CA LEU F 210 13.03 35.02 51.62
C LEU F 210 13.42 35.44 53.02
N PRO F 211 13.63 36.76 53.23
CA PRO F 211 14.11 37.16 54.56
C PRO F 211 13.10 36.74 55.61
N VAL F 212 13.50 36.84 56.89
CA VAL F 212 12.57 36.66 58.01
C VAL F 212 12.69 37.82 58.98
N PRO F 213 11.65 38.09 59.77
CA PRO F 213 11.80 39.16 60.75
C PRO F 213 12.85 38.81 61.80
N GLY F 214 13.56 39.81 62.29
CA GLY F 214 14.60 39.57 63.28
C GLY F 214 14.25 40.16 64.62
N THR F 215 12.99 39.98 65.01
CA THR F 215 12.46 40.59 66.24
C THR F 215 12.46 39.60 67.42
N GLY F 216 12.60 38.31 67.11
CA GLY F 216 12.87 37.28 68.12
C GLY F 216 12.28 35.94 67.79
N LYS F 217 11.05 35.94 67.34
CA LYS F 217 10.33 34.70 67.10
C LYS F 217 10.88 33.82 65.97
N TRP F 218 11.70 34.38 65.07
CA TRP F 218 12.18 33.57 63.91
C TRP F 218 13.66 33.16 63.97
N ASP F 219 14.34 33.50 65.06
CA ASP F 219 15.72 33.11 65.29
C ASP F 219 15.95 31.61 65.09
N TRP F 220 17.14 31.26 64.58
CA TRP F 220 17.48 29.89 64.40
C TRP F 220 17.58 29.20 65.76
N LYS F 221 17.23 27.92 65.80
CA LYS F 221 17.27 27.15 67.04
C LYS F 221 18.69 26.69 67.37
N GLY F 222 19.57 26.72 66.37
CA GLY F 222 20.92 26.18 66.47
C GLY F 222 21.24 25.55 65.12
N LEU F 223 22.21 24.64 65.11
CA LEU F 223 22.67 24.00 63.86
C LEU F 223 22.17 22.58 63.71
N LEU F 224 21.70 22.25 62.51
CA LEU F 224 21.36 20.90 62.15
C LEU F 224 22.54 19.96 62.41
N SER F 225 22.22 18.73 62.78
CA SER F 225 23.27 17.75 63.10
C SER F 225 23.98 17.26 61.84
N PHE F 226 25.25 16.90 62.01
CA PHE F 226 26.02 16.32 60.93
C PHE F 226 25.42 15.00 60.44
N ASP F 227 24.60 14.36 61.27
CA ASP F 227 23.85 13.18 60.83
C ASP F 227 22.92 13.49 59.63
N LEU F 228 22.51 14.76 59.49
CA LEU F 228 21.61 15.15 58.41
C LEU F 228 22.30 15.52 57.09
N ASN F 229 23.57 15.95 57.17
CA ASN F 229 24.39 16.19 55.98
C ASN F 229 24.39 14.93 55.10
N PRO F 230 23.96 15.07 53.84
CA PRO F 230 23.93 13.99 52.87
C PRO F 230 25.25 13.22 52.82
N LYS F 231 25.19 11.87 52.81
CA LYS F 231 26.37 11.01 52.80
C LYS F 231 26.10 9.73 52.07
N VAL F 232 27.13 9.23 51.40
CA VAL F 232 27.05 7.89 50.87
C VAL F 232 28.45 7.33 50.89
N TYR F 233 28.55 6.02 51.10
CA TYR F 233 29.80 5.31 51.12
C TYR F 233 29.63 3.98 50.36
N ASN F 234 30.39 3.79 49.31
CA ASN F 234 30.26 2.60 48.46
C ASN F 234 28.88 2.38 47.94
N PRO F 235 28.31 3.41 47.31
CA PRO F 235 26.97 3.25 46.73
C PRO F 235 26.88 2.16 45.69
N GLN F 236 25.67 1.73 45.41
CA GLN F 236 25.42 0.54 44.58
C GLN F 236 25.54 0.84 43.08
N SER F 237 25.64 2.11 42.70
CA SER F 237 25.78 2.50 41.29
C SER F 237 27.21 2.29 40.87
N GLY F 238 28.07 2.14 41.87
CA GLY F 238 29.49 1.98 41.67
C GLY F 238 30.18 3.29 41.32
N TYR F 239 29.49 4.41 41.50
CA TYR F 239 30.11 5.70 41.28
C TYR F 239 29.38 6.83 41.98
N ILE F 240 29.98 8.01 41.90
CA ILE F 240 29.51 9.22 42.55
C ILE F 240 29.79 10.39 41.62
N ALA F 241 28.79 10.88 40.91
CA ALA F 241 28.99 11.94 39.94
C ALA F 241 28.31 13.24 40.43
N ASN F 242 28.90 14.38 40.11
CA ASN F 242 28.33 15.64 40.52
C ASN F 242 28.80 16.79 39.62
N TRP F 243 27.91 17.73 39.33
CA TRP F 243 28.30 18.96 38.65
C TRP F 243 27.48 20.07 39.28
N ASN F 244 27.65 20.23 40.59
CA ASN F 244 26.86 21.15 41.41
C ASN F 244 25.38 20.92 41.38
N ASN F 245 25.00 19.64 41.35
CA ASN F 245 23.60 19.22 41.39
C ASN F 245 23.21 18.81 42.80
N SER F 246 21.94 18.48 42.97
CA SER F 246 21.40 18.07 44.24
C SER F 246 22.15 16.88 44.82
N PRO F 247 22.61 17.02 46.06
CA PRO F 247 23.29 15.89 46.68
C PRO F 247 22.40 14.65 46.81
N GLN F 248 21.11 14.87 46.94
CA GLN F 248 20.25 13.86 47.57
C GLN F 248 18.77 14.23 47.45
N LYS F 249 17.88 13.23 47.37
CA LYS F 249 16.43 13.47 47.28
C LYS F 249 15.89 14.37 48.42
N ASP F 250 14.96 15.27 48.05
CA ASP F 250 14.36 16.25 48.96
C ASP F 250 15.38 17.22 49.62
N TYR F 251 16.55 17.38 49.03
CA TYR F 251 17.52 18.29 49.58
C TYR F 251 17.30 19.63 48.91
N PRO F 252 17.11 20.68 49.72
CA PRO F 252 16.73 21.99 49.20
C PRO F 252 17.96 22.85 48.88
N ALA F 253 17.93 23.53 47.74
CA ALA F 253 19.06 24.31 47.22
C ALA F 253 19.28 25.65 47.91
N SER F 254 20.33 26.35 47.52
CA SER F 254 20.56 27.69 48.00
C SER F 254 19.46 28.57 47.48
N ASP F 255 19.19 29.66 48.17
CA ASP F 255 18.06 30.56 47.85
C ASP F 255 18.31 31.47 46.65
N LEU F 256 19.46 31.33 45.99
CA LEU F 256 19.81 32.15 44.83
C LEU F 256 18.78 32.01 43.71
N PHE F 257 18.16 33.13 43.32
CA PHE F 257 17.09 33.07 42.34
C PHE F 257 17.50 32.42 41.04
N ALA F 258 18.77 32.62 40.63
CA ALA F 258 19.24 32.05 39.36
C ALA F 258 19.63 30.57 39.45
N PHE F 259 19.49 29.97 40.64
CA PHE F 259 19.93 28.61 40.92
C PHE F 259 18.74 27.68 41.13
N LEU F 260 18.70 26.57 40.40
CA LEU F 260 17.61 25.60 40.56
C LEU F 260 18.09 24.16 40.37
N TRP F 261 17.50 23.22 41.10
CA TRP F 261 17.72 21.77 40.89
C TRP F 261 16.45 21.14 40.37
N GLY F 262 16.34 21.05 39.05
CA GLY F 262 15.11 20.55 38.42
C GLY F 262 15.35 19.28 37.64
N GLY F 263 14.40 18.91 36.81
CA GLY F 263 14.54 17.74 35.97
C GLY F 263 15.56 17.96 34.87
N ALA F 264 15.74 19.20 34.46
CA ALA F 264 16.77 19.58 33.50
C ALA F 264 18.06 19.84 34.28
N ASP F 265 19.06 18.99 34.06
CA ASP F 265 20.34 19.13 34.74
C ASP F 265 21.50 18.58 33.92
N ARG F 266 22.60 19.34 33.92
CA ARG F 266 23.75 19.03 33.10
C ARG F 266 24.53 17.77 33.56
N VAL F 267 24.31 17.35 34.81
CA VAL F 267 25.04 16.21 35.38
C VAL F 267 24.57 14.92 34.75
N THR F 268 23.40 14.96 34.13
CA THR F 268 22.96 13.86 33.29
C THR F 268 23.96 13.61 32.17
N GLU F 269 24.65 14.65 31.70
CA GLU F 269 25.62 14.51 30.60
C GLU F 269 26.82 13.69 31.07
N ILE F 270 27.07 13.72 32.38
CA ILE F 270 28.09 12.88 32.98
C ILE F 270 27.53 11.48 33.15
N ASP F 271 26.36 11.40 33.77
CA ASP F 271 25.70 10.14 34.11
C ASP F 271 25.47 9.28 32.88
N THR F 272 25.01 9.86 31.79
CA THR F 272 24.76 9.06 30.61
C THR F 272 26.04 8.40 30.14
N ILE F 273 27.18 9.07 30.28
CA ILE F 273 28.47 8.52 29.85
C ILE F 273 28.89 7.35 30.74
N LEU F 274 28.75 7.56 32.05
CA LEU F 274 29.13 6.58 33.05
C LEU F 274 28.21 5.37 33.11
N ASP F 275 27.22 5.32 32.23
CA ASP F 275 26.30 4.18 32.15
C ASP F 275 26.31 3.53 30.79
N LYS F 276 27.00 4.12 29.83
CA LYS F 276 27.00 3.57 28.48
C LYS F 276 27.86 2.28 28.45
N GLN F 277 28.74 2.12 29.43
CA GLN F 277 29.55 0.91 29.49
C GLN F 277 29.84 0.48 30.93
N PRO F 278 30.10 -0.83 31.11
CA PRO F 278 30.22 -1.38 32.46
C PRO F 278 31.44 -0.89 33.25
N ARG F 279 32.60 -0.75 32.62
CA ARG F 279 33.79 -0.30 33.36
C ARG F 279 34.66 0.73 32.65
N PHE F 280 35.54 1.34 33.44
CA PHE F 280 36.43 2.41 32.99
C PHE F 280 37.89 2.20 33.38
N THR F 281 38.79 2.38 32.42
CA THR F 281 40.23 2.46 32.67
C THR F 281 40.52 3.89 33.07
N ALA F 282 41.73 4.14 33.57
CA ALA F 282 42.12 5.51 33.97
C ALA F 282 42.12 6.46 32.76
N ASP F 283 42.30 5.90 31.57
CA ASP F 283 42.29 6.66 30.32
C ASP F 283 40.90 7.08 29.92
N GLN F 284 39.96 6.15 30.04
CA GLN F 284 38.56 6.44 29.68
C GLN F 284 37.95 7.45 30.67
N ALA F 285 38.31 7.32 31.95
CA ALA F 285 37.88 8.24 33.01
C ALA F 285 38.36 9.66 32.76
N TRP F 286 39.61 9.81 32.35
CA TRP F 286 40.13 11.11 31.96
C TRP F 286 39.49 11.64 30.71
N ASP F 287 39.22 10.74 29.75
CA ASP F 287 38.52 11.06 28.49
C ASP F 287 37.09 11.63 28.64
N VAL F 288 36.58 11.72 29.86
CA VAL F 288 35.24 12.27 30.10
C VAL F 288 35.36 13.81 30.14
N ILE F 289 36.52 14.32 30.57
CA ILE F 289 36.77 15.76 30.54
C ILE F 289 36.63 16.27 29.12
N ARG F 290 37.10 15.50 28.14
CA ARG F 290 36.97 15.88 26.75
C ARG F 290 35.48 15.91 26.40
N GLN F 291 34.79 14.82 26.74
CA GLN F 291 33.42 14.60 26.26
C GLN F 291 32.46 15.68 26.76
N THR F 292 32.46 15.88 28.07
CA THR F 292 31.68 16.91 28.69
C THR F 292 32.12 18.33 28.29
N SER F 293 33.41 18.52 27.99
CA SER F 293 33.92 19.85 27.59
C SER F 293 33.19 20.48 26.41
N ARG F 294 32.90 19.66 25.40
CA ARG F 294 32.43 20.16 24.13
C ARG F 294 30.98 19.82 23.94
N ARG F 295 30.36 19.38 25.03
CA ARG F 295 28.98 18.91 25.00
C ARG F 295 28.01 20.09 25.05
N ASP F 296 27.14 20.24 24.04
CA ASP F 296 26.01 21.19 24.13
C ASP F 296 24.99 20.72 25.15
N LEU F 297 24.68 21.58 26.12
CA LEU F 297 23.93 21.18 27.30
C LEU F 297 22.42 21.23 27.13
N ASN F 298 21.93 21.90 26.09
CA ASN F 298 20.49 22.08 25.89
C ASN F 298 19.88 21.16 24.83
N LEU F 299 20.67 20.57 23.96
CA LEU F 299 20.09 19.75 22.87
C LEU F 299 19.20 18.61 23.41
N ARG F 300 19.70 17.90 24.41
CA ARG F 300 18.99 16.76 25.03
C ARG F 300 17.65 17.16 25.64
N LEU F 301 17.59 18.37 26.19
CA LEU F 301 16.41 18.86 26.86
C LEU F 301 15.26 19.19 25.88
N PHE F 302 15.54 19.89 24.78
CA PHE F 302 14.47 20.50 23.98
C PHE F 302 14.23 19.86 22.61
N LEU F 303 15.03 18.86 22.27
CA LEU F 303 14.92 18.25 20.97
C LEU F 303 13.68 17.39 20.82
N PRO F 304 13.25 16.69 21.89
CA PRO F 304 11.95 16.04 21.72
C PRO F 304 10.85 17.04 21.32
N ALA F 305 10.71 18.12 22.07
CA ALA F 305 9.69 19.15 21.82
C ALA F 305 9.81 19.79 20.44
N LEU F 306 11.03 20.06 19.97
CA LEU F 306 11.20 20.64 18.64
C LEU F 306 10.84 19.60 17.57
N LYS F 307 11.16 18.33 17.85
CA LYS F 307 10.93 17.26 16.88
C LYS F 307 9.45 17.06 16.55
N ASP F 308 8.59 17.18 17.56
CA ASP F 308 7.17 16.90 17.37
C ASP F 308 6.35 18.15 17.09
N ALA F 309 6.93 19.32 17.35
CA ALA F 309 6.29 20.60 17.00
C ALA F 309 6.39 20.84 15.50
N THR F 310 7.38 20.22 14.85
CA THR F 310 7.59 20.41 13.42
C THR F 310 7.35 19.13 12.64
N ALA F 311 6.80 18.10 13.29
CA ALA F 311 6.61 16.80 12.65
C ALA F 311 5.68 16.87 11.45
N ASN F 312 4.75 17.82 11.49
CA ASN F 312 3.73 17.96 10.45
C ASN F 312 4.08 18.95 9.36
N LEU F 313 5.20 19.65 9.51
CA LEU F 313 5.63 20.63 8.52
C LEU F 313 6.33 19.95 7.36
N ALA F 314 6.35 20.62 6.22
CA ALA F 314 7.07 20.14 5.04
C ALA F 314 8.57 20.41 5.23
N GLU F 315 9.38 19.68 4.47
CA GLU F 315 10.85 19.80 4.56
C GLU F 315 11.39 21.15 4.10
N ASN F 316 10.76 21.74 3.10
CA ASN F 316 11.15 23.06 2.64
C ASN F 316 10.87 24.16 3.68
N ASP F 317 10.11 23.84 4.72
CA ASP F 317 9.85 24.80 5.78
C ASP F 317 11.11 24.99 6.62
N PRO F 318 11.64 26.22 6.63
CA PRO F 318 12.83 26.55 7.43
C PRO F 318 12.75 26.08 8.88
N ARG F 319 11.57 26.17 9.47
CA ARG F 319 11.41 25.79 10.87
C ARG F 319 11.66 24.31 11.03
N ARG F 320 11.24 23.51 10.05
CA ARG F 320 11.58 22.09 10.09
C ARG F 320 13.04 21.89 9.72
N GLN F 321 13.52 22.64 8.73
CA GLN F 321 14.89 22.50 8.29
C GLN F 321 15.83 22.65 9.47
N LEU F 322 15.64 23.72 10.25
CA LEU F 322 16.43 23.92 11.47
C LEU F 322 16.41 22.67 12.34
N VAL F 323 15.22 22.17 12.65
CA VAL F 323 15.06 21.02 13.55
C VAL F 323 15.69 19.73 12.97
N ASP F 324 15.64 19.54 11.65
CA ASP F 324 16.28 18.37 11.01
C ASP F 324 17.79 18.43 11.13
N LYS F 325 18.31 19.65 11.12
CA LYS F 325 19.72 19.90 11.30
C LYS F 325 20.09 19.47 12.72
N LEU F 326 19.36 19.97 13.71
CA LEU F 326 19.57 19.54 15.08
C LEU F 326 19.41 18.03 15.27
N ALA F 327 18.42 17.44 14.60
CA ALA F 327 18.19 16.00 14.68
C ALA F 327 19.33 15.18 14.10
N SER F 328 20.11 15.76 13.19
CA SER F 328 21.24 15.03 12.59
C SER F 328 22.58 15.34 13.28
N TRP F 329 22.54 15.81 14.52
CA TRP F 329 23.73 16.32 15.19
C TRP F 329 24.01 15.48 16.41
N ASP F 330 25.26 15.12 16.64
CA ASP F 330 25.59 14.29 17.81
C ASP F 330 25.69 15.09 19.11
N GLY F 331 25.52 16.40 19.03
CA GLY F 331 25.49 17.24 20.20
C GLY F 331 26.85 17.59 20.78
N GLU F 332 27.90 17.42 19.98
CA GLU F 332 29.26 17.80 20.40
C GLU F 332 29.80 18.89 19.49
N ASN F 333 30.40 19.92 20.08
CA ASN F 333 30.93 21.04 19.29
C ASN F 333 32.43 20.92 19.05
N LEU F 334 32.82 20.90 17.79
CA LEU F 334 34.21 20.86 17.45
C LEU F 334 34.48 22.06 16.61
N VAL F 335 35.56 22.76 16.94
CA VAL F 335 35.96 23.95 16.20
C VAL F 335 36.84 23.57 15.01
N ASN F 336 36.64 24.28 13.89
CA ASN F 336 37.37 24.08 12.64
C ASN F 336 38.83 24.53 12.71
N ASP F 337 39.60 24.18 11.67
CA ASP F 337 41.02 24.55 11.60
C ASP F 337 41.28 26.05 11.57
N ASP F 338 40.37 26.82 10.96
CA ASP F 338 40.48 28.28 11.00
C ASP F 338 40.48 28.76 12.43
N GLY F 339 39.91 27.95 13.33
CA GLY F 339 39.92 28.22 14.77
C GLY F 339 38.90 29.23 15.27
N LYS F 340 37.97 29.62 14.41
CA LYS F 340 37.00 30.69 14.74
C LYS F 340 35.53 30.30 14.55
N THR F 341 35.27 29.06 14.12
CA THR F 341 33.92 28.59 13.82
C THR F 341 33.72 27.18 14.33
N TYR F 342 32.47 26.77 14.53
CA TYR F 342 32.15 25.38 14.84
C TYR F 342 31.78 24.61 13.56
N GLN F 343 32.06 23.31 13.56
CA GLN F 343 31.73 22.45 12.43
C GLN F 343 30.22 22.40 12.18
N GLN F 344 29.46 22.47 13.27
CA GLN F 344 27.99 22.42 13.20
C GLN F 344 27.35 23.66 13.85
N PRO F 345 26.33 24.22 13.20
CA PRO F 345 25.64 25.41 13.70
C PRO F 345 24.66 25.14 14.88
N GLY F 346 24.63 23.91 15.39
CA GLY F 346 23.65 23.52 16.40
C GLY F 346 23.48 24.52 17.52
N SER F 347 24.57 24.91 18.17
CA SER F 347 24.44 25.78 19.35
C SER F 347 23.87 27.15 18.99
N ALA F 348 24.37 27.75 17.92
CA ALA F 348 23.81 29.02 17.43
C ALA F 348 22.31 28.90 17.21
N ILE F 349 21.88 27.80 16.59
CA ILE F 349 20.46 27.55 16.36
C ILE F 349 19.66 27.49 17.65
N LEU F 350 20.07 26.61 18.56
CA LEU F 350 19.42 26.52 19.87
C LEU F 350 19.47 27.83 20.66
N ASN F 351 20.58 28.58 20.58
CA ASN F 351 20.68 29.89 21.27
C ASN F 351 19.62 30.87 20.82
N ALA F 352 19.44 30.94 19.50
CA ALA F 352 18.38 31.75 18.86
C ALA F 352 17.00 31.29 19.33
N TRP F 353 16.67 30.05 19.07
CA TRP F 353 15.37 29.53 19.46
C TRP F 353 15.11 29.73 20.94
N LEU F 354 16.02 29.24 21.79
CA LEU F 354 15.85 29.37 23.23
C LEU F 354 15.65 30.83 23.66
N THR F 355 16.43 31.76 23.11
CA THR F 355 16.28 33.19 23.43
C THR F 355 14.85 33.72 23.10
N SER F 356 14.35 33.36 21.93
CA SER F 356 13.01 33.71 21.50
C SER F 356 11.94 33.07 22.39
N MET F 357 12.13 31.80 22.74
CA MET F 357 11.19 31.07 23.62
C MET F 357 11.06 31.72 25.00
N LEU F 358 12.18 32.05 25.61
CA LEU F 358 12.15 32.69 26.93
C LEU F 358 11.49 34.07 26.90
N LYS F 359 11.68 34.79 25.80
CA LYS F 359 11.07 36.11 25.62
C LYS F 359 9.52 35.99 25.54
N ARG F 360 9.03 34.84 25.08
CA ARG F 360 7.59 34.60 24.92
C ARG F 360 6.91 33.96 26.13
N THR F 361 7.68 33.20 26.92
CA THR F 361 7.13 32.49 28.07
C THR F 361 7.55 33.16 29.42
N VAL F 362 8.64 32.68 29.98
CA VAL F 362 9.00 32.98 31.37
C VAL F 362 9.05 34.48 31.59
N VAL F 363 9.72 35.16 30.67
CA VAL F 363 9.93 36.61 30.72
C VAL F 363 8.62 37.38 30.63
N ALA F 364 7.75 36.98 29.71
CA ALA F 364 6.45 37.61 29.56
C ALA F 364 5.64 37.55 30.84
N ALA F 365 5.72 36.42 31.55
CA ALA F 365 4.96 36.24 32.78
C ALA F 365 5.53 37.01 33.97
N VAL F 366 6.70 37.61 33.81
CA VAL F 366 7.33 38.30 34.91
C VAL F 366 7.26 39.80 34.63
N PRO F 367 6.93 40.61 35.65
CA PRO F 367 6.91 42.07 35.50
C PRO F 367 8.28 42.65 35.22
N ALA F 368 8.35 43.50 34.20
CA ALA F 368 9.58 44.26 33.86
C ALA F 368 9.93 45.17 35.03
N PRO F 369 11.20 45.25 35.42
CA PRO F 369 12.44 44.77 34.76
C PRO F 369 12.95 43.38 35.16
N PHE F 370 12.16 42.62 35.92
CA PHE F 370 12.65 41.35 36.48
C PHE F 370 12.69 40.23 35.44
N GLY F 371 12.06 40.44 34.29
CA GLY F 371 12.20 39.54 33.15
C GLY F 371 13.62 39.46 32.58
N LYS F 372 14.49 40.39 32.94
CA LYS F 372 15.93 40.28 32.61
C LYS F 372 16.66 39.15 33.38
N TRP F 373 16.05 38.67 34.45
CA TRP F 373 16.58 37.56 35.20
C TRP F 373 16.38 36.22 34.53
N TYR F 374 15.49 36.15 33.54
CA TYR F 374 15.08 34.89 32.92
C TYR F 374 15.19 34.95 31.40
N SER F 375 15.79 36.04 30.89
CA SER F 375 15.97 36.21 29.46
C SER F 375 17.10 35.34 28.89
N ALA F 376 18.16 35.11 29.66
CA ALA F 376 19.38 34.47 29.14
C ALA F 376 19.11 33.09 28.59
N SER F 377 19.63 32.80 27.42
CA SER F 377 19.56 31.44 26.88
C SER F 377 20.77 30.57 27.33
N GLY F 378 21.68 31.17 28.10
CA GLY F 378 22.84 30.48 28.64
C GLY F 378 24.02 30.29 27.69
N TYR F 379 23.96 30.92 26.51
CA TYR F 379 24.96 30.77 25.44
C TYR F 379 25.69 32.06 25.19
N GLU F 380 24.95 33.17 25.21
CA GLU F 380 25.52 34.43 24.78
C GLU F 380 26.69 34.81 25.66
N THR F 381 27.83 35.06 25.03
CA THR F 381 28.96 35.55 25.75
C THR F 381 29.80 36.55 24.92
N THR F 382 30.60 37.31 25.64
CA THR F 382 31.49 38.32 25.10
C THR F 382 32.72 37.73 24.39
N GLN F 383 33.52 38.62 23.81
CA GLN F 383 34.62 38.22 22.94
C GLN F 383 35.65 37.33 23.65
N ASP F 384 36.01 37.66 24.89
CA ASP F 384 37.05 36.92 25.60
C ASP F 384 36.57 35.53 26.06
N GLY F 385 35.30 35.23 25.86
CA GLY F 385 34.79 33.91 26.19
C GLY F 385 34.29 33.79 27.62
N PRO F 386 33.66 32.64 27.94
CA PRO F 386 32.97 32.50 29.21
C PRO F 386 33.86 32.70 30.43
N THR F 387 33.24 33.22 31.47
CA THR F 387 33.90 33.67 32.68
C THR F 387 34.17 32.47 33.59
N GLY F 388 33.42 31.39 33.36
CA GLY F 388 33.49 30.18 34.16
C GLY F 388 32.90 29.02 33.34
N SER F 389 32.08 28.20 33.97
CA SER F 389 31.50 27.06 33.25
C SER F 389 30.30 27.50 32.46
N LEU F 390 29.76 26.57 31.71
CA LEU F 390 28.49 26.79 31.07
C LEU F 390 27.46 25.87 31.73
N ASN F 391 26.24 26.37 31.82
CA ASN F 391 25.18 25.66 32.44
C ASN F 391 23.88 25.84 31.68
N ILE F 392 22.91 25.02 32.02
CA ILE F 392 21.54 25.25 31.60
C ILE F 392 21.10 26.49 32.39
N SER F 393 20.46 27.46 31.73
CA SER F 393 20.07 28.70 32.41
C SER F 393 18.78 28.51 33.18
N VAL F 394 18.54 29.43 34.10
CA VAL F 394 17.39 29.39 34.96
C VAL F 394 16.12 29.51 34.15
N GLY F 395 16.13 30.32 33.10
CA GLY F 395 15.00 30.42 32.20
C GLY F 395 14.69 29.09 31.53
N ALA F 396 15.73 28.47 30.98
CA ALA F 396 15.59 27.19 30.30
C ALA F 396 15.02 26.11 31.19
N LYS F 397 15.42 26.13 32.46
CA LYS F 397 15.05 25.09 33.42
C LYS F 397 13.59 25.18 33.78
N ILE F 398 13.16 26.39 34.13
CA ILE F 398 11.74 26.70 34.26
C ILE F 398 10.91 26.31 33.01
N LEU F 399 11.36 26.69 31.83
CA LEU F 399 10.64 26.38 30.61
C LEU F 399 10.50 24.89 30.48
N TYR F 400 11.57 24.17 30.78
CA TYR F 400 11.59 22.73 30.66
C TYR F 400 10.51 22.10 31.54
N GLU F 401 10.31 22.62 32.75
CA GLU F 401 9.25 22.10 33.60
C GLU F 401 7.89 22.30 32.91
N ALA F 402 7.72 23.43 32.24
CA ALA F 402 6.46 23.77 31.61
C ALA F 402 6.22 22.90 30.39
N LEU F 403 7.29 22.59 29.70
CA LEU F 403 7.22 21.70 28.55
C LEU F 403 6.89 20.26 28.96
N GLN F 404 7.22 19.92 30.19
CA GLN F 404 6.91 18.62 30.75
C GLN F 404 5.44 18.52 31.12
N GLY F 405 4.86 19.64 31.56
CA GLY F 405 3.46 19.68 31.92
C GLY F 405 3.17 18.90 33.19
N ASP F 406 2.26 17.93 33.08
CA ASP F 406 1.83 17.16 34.27
C ASP F 406 2.91 16.17 34.72
N LYS F 407 3.91 15.94 33.88
CA LYS F 407 5.07 15.14 34.27
C LYS F 407 6.01 15.94 35.19
N SER F 408 5.76 17.24 35.36
CA SER F 408 6.55 18.01 36.30
C SER F 408 5.82 18.04 37.61
N PRO F 409 6.52 17.84 38.72
CA PRO F 409 5.95 18.02 40.04
C PRO F 409 5.74 19.47 40.42
N ILE F 410 6.05 20.41 39.52
CA ILE F 410 5.89 21.85 39.83
C ILE F 410 4.53 22.42 39.39
N PRO F 411 3.78 23.01 40.36
CA PRO F 411 2.45 23.58 40.07
C PRO F 411 2.56 24.80 39.17
N GLN F 412 1.90 24.75 38.01
CA GLN F 412 1.93 25.83 37.04
C GLN F 412 0.86 26.89 37.36
N ALA F 413 1.17 27.76 38.31
CA ALA F 413 0.29 28.87 38.72
C ALA F 413 -0.15 29.73 37.55
N VAL F 414 0.82 30.23 36.78
CA VAL F 414 0.55 30.91 35.50
C VAL F 414 0.98 30.02 34.34
N ASP F 415 0.12 29.87 33.33
CA ASP F 415 0.51 29.15 32.12
C ASP F 415 1.50 30.02 31.32
N LEU F 416 2.67 29.47 31.06
CA LEU F 416 3.68 30.18 30.31
C LEU F 416 3.30 30.26 28.84
N PHE F 417 2.47 29.32 28.36
CA PHE F 417 2.10 29.31 26.93
C PHE F 417 0.86 30.15 26.59
N GLY F 418 0.38 30.95 27.54
CA GLY F 418 -0.69 31.95 27.32
C GLY F 418 -1.94 31.40 26.66
N GLY F 419 -2.39 30.24 27.13
CA GLY F 419 -3.60 29.62 26.60
C GLY F 419 -3.37 28.86 25.33
N LYS F 420 -2.23 29.10 24.68
CA LYS F 420 -1.90 28.43 23.44
C LYS F 420 -1.27 27.08 23.69
N PRO F 421 -1.31 26.21 22.68
CA PRO F 421 -0.60 24.94 22.81
C PRO F 421 0.92 25.15 22.71
N GLN F 422 1.70 24.26 23.34
CA GLN F 422 3.17 24.33 23.26
C GLN F 422 3.60 24.57 21.81
N GLN F 423 3.15 23.68 20.93
CA GLN F 423 3.61 23.61 19.55
C GLN F 423 3.50 24.94 18.81
N GLU F 424 2.53 25.74 19.18
CA GLU F 424 2.34 27.06 18.59
C GLU F 424 3.45 28.03 19.01
N VAL F 425 3.75 28.10 20.31
CA VAL F 425 4.83 28.98 20.78
C VAL F 425 6.18 28.49 20.29
N ILE F 426 6.40 27.17 20.35
CA ILE F 426 7.63 26.59 19.84
C ILE F 426 7.86 27.02 18.39
N LEU F 427 6.84 26.83 17.54
CA LEU F 427 6.94 27.20 16.12
C LEU F 427 7.15 28.69 15.91
N ALA F 428 6.57 29.51 16.77
CA ALA F 428 6.77 30.95 16.65
C ALA F 428 8.22 31.33 16.92
N ALA F 429 8.84 30.71 17.93
CA ALA F 429 10.23 30.98 18.27
C ALA F 429 11.17 30.48 17.19
N LEU F 430 10.81 29.38 16.51
CA LEU F 430 11.62 28.88 15.39
C LEU F 430 11.59 29.86 14.22
N ASP F 431 10.43 30.46 14.02
CA ASP F 431 10.26 31.47 12.98
C ASP F 431 11.14 32.68 13.29
N ASP F 432 11.19 33.11 14.55
CA ASP F 432 12.12 34.17 14.99
C ASP F 432 13.54 33.74 14.74
N ALA F 433 13.88 32.55 15.22
CA ALA F 433 15.22 32.03 15.08
C ALA F 433 15.64 32.04 13.58
N TRP F 434 14.75 31.58 12.71
CA TRP F 434 15.06 31.57 11.30
C TRP F 434 15.25 32.95 10.71
N GLN F 435 14.42 33.89 11.11
CA GLN F 435 14.54 35.26 10.59
C GLN F 435 15.91 35.82 10.95
N THR F 436 16.26 35.76 12.23
CA THR F 436 17.51 36.35 12.72
C THR F 436 18.79 35.60 12.26
N LEU F 437 18.72 34.28 12.09
CA LEU F 437 19.85 33.49 11.62
C LEU F 437 20.01 33.54 10.09
N SER F 438 18.91 33.64 9.34
CA SER F 438 19.00 33.67 7.88
C SER F 438 19.53 35.01 7.44
N LYS F 439 19.36 36.01 8.29
CA LYS F 439 19.90 37.35 8.03
C LYS F 439 21.41 37.36 8.25
N ARG F 440 21.88 36.62 9.24
CA ARG F 440 23.27 36.70 9.64
C ARG F 440 24.16 35.81 8.79
N TYR F 441 23.82 34.53 8.66
CA TYR F 441 24.68 33.60 7.94
C TYR F 441 24.12 33.21 6.56
N GLY F 442 22.98 33.78 6.17
CA GLY F 442 22.44 33.58 4.84
C GLY F 442 21.44 32.42 4.75
N ASN F 443 20.85 32.25 3.57
CA ASN F 443 19.72 31.33 3.37
C ASN F 443 20.04 29.84 3.15
N ASP F 444 21.31 29.49 2.96
CA ASP F 444 21.74 28.11 2.87
C ASP F 444 22.35 27.66 4.19
N VAL F 445 21.62 26.81 4.92
CA VAL F 445 22.08 26.26 6.20
C VAL F 445 23.41 25.50 6.12
N THR F 446 23.65 24.79 5.02
CA THR F 446 24.87 23.98 4.90
C THR F 446 26.15 24.81 4.73
N GLY F 447 26.01 26.12 4.56
CA GLY F 447 27.16 27.00 4.50
C GLY F 447 27.37 27.79 5.77
N TRP F 448 26.58 27.52 6.81
CA TRP F 448 26.64 28.34 8.01
C TRP F 448 27.91 28.13 8.82
N LYS F 449 28.67 29.20 9.00
CA LYS F 449 29.91 29.21 9.78
C LYS F 449 29.72 29.99 11.08
N THR F 450 29.25 29.32 12.13
CA THR F 450 28.86 30.02 13.34
C THR F 450 30.02 30.19 14.31
N PRO F 451 30.09 31.33 15.00
CA PRO F 451 31.25 31.63 15.88
C PRO F 451 31.48 30.58 16.93
N ALA F 452 32.69 30.02 16.96
CA ALA F 452 33.11 29.17 18.06
C ALA F 452 33.46 30.02 19.31
N MET F 453 33.25 29.48 20.50
CA MET F 453 33.54 30.16 21.77
C MET F 453 34.99 30.06 22.12
N ALA F 454 35.61 31.19 22.45
CA ALA F 454 37.03 31.20 22.82
C ALA F 454 37.20 31.11 24.32
N LEU F 455 38.45 30.96 24.75
CA LEU F 455 38.82 30.89 26.18
C LEU F 455 40.00 31.82 26.47
N THR F 456 40.10 32.32 27.70
CA THR F 456 41.12 33.30 28.08
C THR F 456 41.62 33.03 29.48
N PHE F 457 42.88 33.33 29.75
CA PHE F 457 43.39 33.22 31.11
C PHE F 457 43.55 34.64 31.61
N ARG F 458 42.50 35.16 32.23
CA ARG F 458 42.44 36.56 32.50
C ARG F 458 43.52 36.99 33.50
N ALA F 459 44.06 38.18 33.31
CA ALA F 459 45.10 38.71 34.20
C ALA F 459 44.50 39.25 35.52
N ASN F 460 43.20 39.12 35.69
CA ASN F 460 42.51 39.67 36.84
C ASN F 460 41.89 38.55 37.60
N ASN F 461 41.97 38.57 38.93
CA ASN F 461 41.39 37.52 39.73
C ASN F 461 39.88 37.63 39.69
N PHE F 462 39.19 36.67 40.30
CA PHE F 462 37.73 36.64 40.24
C PHE F 462 37.04 37.91 40.78
N PHE F 463 37.63 38.55 41.78
CA PHE F 463 37.11 39.85 42.28
C PHE F 463 37.10 40.95 41.24
N GLY F 464 37.86 40.80 40.18
CA GLY F 464 37.99 41.84 39.17
C GLY F 464 39.21 42.72 39.39
N VAL F 465 40.11 42.23 40.25
CA VAL F 465 41.33 42.93 40.65
C VAL F 465 42.51 42.28 39.93
N PRO F 466 43.43 43.08 39.37
CA PRO F 466 44.55 42.51 38.62
C PRO F 466 45.53 41.75 39.51
N GLN F 467 46.02 40.63 38.97
CA GLN F 467 47.00 39.81 39.68
C GLN F 467 48.17 39.55 38.76
N ALA F 468 48.29 40.39 37.74
CA ALA F 468 49.31 40.27 36.69
C ALA F 468 49.13 41.45 35.72
N ALA F 469 50.05 41.65 34.78
CA ALA F 469 49.91 42.75 33.85
C ALA F 469 48.90 42.37 32.77
N ALA F 470 48.21 43.37 32.24
CA ALA F 470 47.21 43.14 31.21
C ALA F 470 47.75 42.31 30.06
N LYS F 471 49.04 42.47 29.77
CA LYS F 471 49.73 41.68 28.72
C LYS F 471 49.77 40.13 28.96
N GLU F 472 49.75 39.73 30.23
CA GLU F 472 49.97 38.34 30.61
C GLU F 472 48.78 37.44 30.32
N ALA F 473 47.68 38.03 29.89
CA ALA F 473 46.51 37.28 29.45
C ALA F 473 46.84 36.34 28.32
N ARG F 474 46.43 35.09 28.42
CA ARG F 474 46.71 34.07 27.43
C ARG F 474 45.43 33.67 26.74
N HIS F 475 45.50 33.33 25.47
CA HIS F 475 44.35 32.96 24.70
C HIS F 475 44.35 31.46 24.38
N GLN F 476 43.18 30.93 24.07
CA GLN F 476 43.03 29.55 23.65
C GLN F 476 41.81 29.49 22.74
N ALA F 477 42.00 29.04 21.51
CA ALA F 477 40.92 29.09 20.53
C ALA F 477 39.68 28.37 21.05
N GLU F 478 39.84 27.16 21.59
CA GLU F 478 38.67 26.36 21.96
C GLU F 478 38.30 26.49 23.44
N TYR F 479 37.20 27.19 23.74
CA TYR F 479 36.57 27.11 25.05
C TYR F 479 36.22 25.66 25.33
N GLN F 480 36.45 25.26 26.57
CA GLN F 480 36.20 23.91 27.01
C GLN F 480 35.51 23.96 28.35
N ASN F 481 34.35 23.31 28.43
CA ASN F 481 33.53 23.35 29.61
C ASN F 481 34.09 22.36 30.61
N ARG F 482 35.12 22.80 31.33
CA ARG F 482 35.89 21.91 32.17
C ARG F 482 36.56 22.65 33.29
N GLY F 483 37.17 21.88 34.18
CA GLY F 483 37.80 22.42 35.36
C GLY F 483 38.90 23.40 35.02
N THR F 484 39.01 24.44 35.82
CA THR F 484 40.14 25.35 35.77
C THR F 484 41.43 24.52 35.70
N GLU F 485 41.52 23.57 36.63
CA GLU F 485 42.50 22.50 36.59
C GLU F 485 41.74 21.18 36.54
N ASN F 486 42.43 20.13 36.13
CA ASN F 486 41.88 18.80 36.21
C ASN F 486 42.93 17.95 36.92
N ASP F 487 42.50 17.14 37.87
CA ASP F 487 43.38 16.14 38.48
C ASP F 487 42.73 14.76 38.46
N MET F 488 43.55 13.73 38.38
CA MET F 488 43.10 12.35 38.46
C MET F 488 44.01 11.58 39.37
N ILE F 489 43.40 10.79 40.27
CA ILE F 489 44.09 9.79 41.05
C ILE F 489 43.56 8.41 40.66
N VAL F 490 44.46 7.44 40.52
CA VAL F 490 44.10 6.05 40.20
C VAL F 490 44.70 5.14 41.24
N PHE F 491 43.85 4.36 41.89
CA PHE F 491 44.28 3.50 42.98
C PHE F 491 44.44 2.03 42.57
N SER F 492 45.54 1.44 43.07
CA SER F 492 45.91 0.07 42.84
C SER F 492 45.84 -0.29 41.36
N PRO F 493 46.63 0.39 40.54
CA PRO F 493 46.66 0.04 39.13
C PRO F 493 47.30 -1.33 38.93
N THR F 494 46.65 -2.18 38.12
CA THR F 494 47.12 -3.57 37.95
C THR F 494 48.52 -3.63 37.36
N SER F 495 48.83 -2.69 36.45
CA SER F 495 50.16 -2.60 35.86
C SER F 495 51.02 -1.64 36.66
N GLY F 496 52.27 -2.04 36.91
CA GLY F 496 53.23 -1.16 37.51
C GLY F 496 53.56 -1.52 38.94
N ASN F 497 54.56 -0.82 39.46
CA ASN F 497 55.05 -1.04 40.81
C ASN F 497 54.43 -0.08 41.82
N ARG F 498 53.67 0.91 41.34
CA ARG F 498 53.12 1.93 42.23
C ARG F 498 51.70 1.61 42.70
N PRO F 499 51.43 1.82 44.01
CA PRO F 499 50.07 1.65 44.52
C PRO F 499 49.05 2.70 44.02
N VAL F 500 49.51 3.94 43.83
CA VAL F 500 48.68 5.05 43.39
C VAL F 500 49.40 5.84 42.27
N LEU F 501 48.66 6.22 41.23
CA LEU F 501 49.18 7.05 40.17
C LEU F 501 48.36 8.32 40.10
N ALA F 502 49.01 9.47 40.17
CA ALA F 502 48.32 10.74 40.10
C ALA F 502 48.80 11.60 38.92
N TRP F 503 47.88 12.40 38.41
CA TRP F 503 48.15 13.34 37.33
C TRP F 503 47.38 14.63 37.61
N ASP F 504 47.85 15.73 37.05
CA ASP F 504 47.06 16.95 37.00
C ASP F 504 47.61 17.94 35.97
N VAL F 505 47.03 19.13 35.88
CA VAL F 505 47.45 20.15 34.93
C VAL F 505 47.12 21.54 35.45
N VAL F 506 48.16 22.29 35.81
CA VAL F 506 48.05 23.65 36.34
C VAL F 506 48.51 24.63 35.27
N ALA F 507 47.60 25.03 34.39
CA ALA F 507 47.89 25.99 33.32
C ALA F 507 47.68 27.41 33.83
N PRO F 508 48.46 28.38 33.34
CA PRO F 508 49.45 28.28 32.24
C PRO F 508 50.70 27.45 32.65
N GLY F 509 51.11 27.63 33.91
CA GLY F 509 52.23 26.90 34.49
C GLY F 509 52.27 27.10 36.01
N GLN F 510 53.25 26.49 36.63
CA GLN F 510 53.42 26.56 38.07
C GLN F 510 53.81 27.96 38.55
N SER F 511 54.66 28.65 37.79
CA SER F 511 55.22 29.95 38.19
C SER F 511 54.50 31.15 37.59
N GLY F 512 54.54 32.26 38.33
CA GLY F 512 54.03 33.53 37.82
C GLY F 512 55.12 34.59 37.83
N PHE F 513 56.35 34.15 37.97
CA PHE F 513 57.48 35.05 38.15
C PHE F 513 57.96 35.65 36.83
N ILE F 514 58.09 36.98 36.82
CA ILE F 514 58.76 37.71 35.78
C ILE F 514 59.78 38.61 36.44
N ALA F 515 61.03 38.48 36.02
CA ALA F 515 62.11 39.23 36.62
C ALA F 515 62.01 40.69 36.21
N PRO F 516 62.64 41.60 36.97
CA PRO F 516 62.64 43.01 36.58
C PRO F 516 63.00 43.29 35.13
N ASP F 517 63.90 42.51 34.55
CA ASP F 517 64.29 42.71 33.16
C ASP F 517 63.25 42.13 32.24
N GLY F 518 62.25 41.50 32.83
CA GLY F 518 61.09 41.04 32.10
C GLY F 518 61.24 39.62 31.64
N LYS F 519 62.22 38.91 32.22
CA LYS F 519 62.49 37.52 31.86
C LYS F 519 61.56 36.58 32.58
N ALA F 520 60.78 35.83 31.81
CA ALA F 520 59.82 34.87 32.37
C ALA F 520 60.51 33.61 32.85
N ASP F 521 60.03 33.07 33.98
CA ASP F 521 60.53 31.80 34.55
C ASP F 521 60.32 30.65 33.56
N LYS F 522 61.14 29.61 33.72
CA LYS F 522 61.09 28.41 32.89
C LYS F 522 59.69 27.81 32.88
N HIS F 523 59.02 27.89 34.04
CA HIS F 523 57.71 27.26 34.30
C HIS F 523 56.58 28.29 34.41
N TYR F 524 56.73 29.39 33.69
CA TYR F 524 55.72 30.39 33.52
C TYR F 524 54.58 29.95 32.56
N ASP F 525 54.81 28.96 31.70
CA ASP F 525 53.94 28.77 30.55
C ASP F 525 53.89 27.35 29.99
N ASP F 526 54.58 26.42 30.65
CA ASP F 526 54.87 25.09 30.10
C ASP F 526 53.75 24.06 30.24
N GLN F 527 52.63 24.46 30.84
CA GLN F 527 51.45 23.59 30.92
C GLN F 527 50.30 24.09 30.06
N LEU F 528 50.49 25.26 29.47
CA LEU F 528 49.44 25.97 28.71
C LEU F 528 49.01 25.29 27.44
N LYS F 529 49.92 24.60 26.77
CA LYS F 529 49.59 23.79 25.58
C LYS F 529 49.09 22.43 26.00
N MET F 530 49.56 22.00 27.16
CA MET F 530 49.15 20.73 27.74
C MET F 530 47.65 20.79 28.07
N TYR F 531 47.25 21.87 28.76
CA TYR F 531 45.84 22.10 29.08
C TYR F 531 44.95 21.98 27.80
N GLU F 532 45.28 22.74 26.77
CA GLU F 532 44.51 22.84 25.56
C GLU F 532 44.28 21.50 24.84
N SER F 533 45.21 20.57 24.99
CA SER F 533 45.16 19.27 24.31
C SER F 533 44.63 18.14 25.20
N PHE F 534 44.13 18.45 26.40
CA PHE F 534 43.68 17.45 27.40
C PHE F 534 44.85 16.57 27.89
N GLY F 535 46.06 17.10 27.81
CA GLY F 535 47.20 16.42 28.36
C GLY F 535 47.28 16.59 29.88
N ARG F 536 48.33 16.02 30.47
CA ARG F 536 48.51 15.98 31.91
C ARG F 536 49.93 15.59 32.27
N LYS F 537 50.38 16.03 33.42
CA LYS F 537 51.70 15.70 33.93
C LYS F 537 51.50 14.79 35.11
N SER F 538 52.55 14.12 35.53
CA SER F 538 52.46 13.21 36.67
C SER F 538 52.70 13.97 37.97
N LEU F 539 52.00 13.54 39.01
CA LEU F 539 52.24 14.02 40.37
C LEU F 539 53.04 12.97 41.10
N TRP F 540 54.08 13.41 41.79
CA TRP F 540 54.99 12.49 42.46
C TRP F 540 54.72 12.57 43.94
N LEU F 541 54.81 11.42 44.61
CA LEU F 541 54.62 11.37 46.05
C LEU F 541 55.83 10.82 46.78
N THR F 542 56.27 9.62 46.36
CA THR F 542 57.36 8.88 47.04
C THR F 542 58.70 9.59 46.88
N PRO F 543 59.58 9.50 47.88
CA PRO F 543 60.93 10.11 47.82
C PRO F 543 61.81 9.70 46.63
N GLN F 544 61.65 8.49 46.11
CA GLN F 544 62.36 8.08 44.90
C GLN F 544 61.83 8.89 43.74
N ASP F 545 60.53 8.76 43.46
CA ASP F 545 59.91 9.44 42.32
C ASP F 545 60.26 10.94 42.32
N VAL F 546 60.23 11.56 43.50
CA VAL F 546 60.57 12.97 43.63
C VAL F 546 62.01 13.25 43.28
N ASP F 547 62.92 12.51 43.89
CA ASP F 547 64.35 12.65 43.65
C ASP F 547 64.76 12.30 42.22
N GLU F 548 64.15 11.27 41.66
CA GLU F 548 64.45 10.89 40.30
C GLU F 548 64.04 11.95 39.31
N HIS F 549 63.07 12.80 39.63
CA HIS F 549 62.65 13.87 38.73
C HIS F 549 63.00 15.26 39.24
N LYS F 550 63.95 15.37 40.16
CA LYS F 550 64.33 16.67 40.71
C LYS F 550 64.94 17.55 39.63
N GLU F 551 64.64 18.85 39.64
CA GLU F 551 65.30 19.82 38.74
C GLU F 551 66.12 20.75 39.56
N SER F 552 65.74 20.93 40.81
CA SER F 552 66.50 21.75 41.75
C SER F 552 66.29 21.21 43.16
N GLN F 553 67.20 21.58 44.06
CA GLN F 553 67.15 21.13 45.44
C GLN F 553 67.83 22.11 46.33
N GLU F 554 67.07 22.62 47.29
CA GLU F 554 67.51 23.68 48.19
C GLU F 554 67.31 23.20 49.61
N VAL F 555 68.20 23.61 50.49
CA VAL F 555 68.13 23.22 51.90
C VAL F 555 68.30 24.48 52.72
N LEU F 556 67.30 24.78 53.55
CA LEU F 556 67.41 25.91 54.48
C LEU F 556 67.68 25.42 55.89
N GLN F 557 68.21 26.30 56.72
CA GLN F 557 68.29 26.07 58.16
C GLN F 557 67.39 27.11 58.79
N VAL F 558 66.33 26.67 59.46
CA VAL F 558 65.32 27.59 60.02
C VAL F 558 65.38 27.56 61.54
N GLN F 559 65.51 28.73 62.14
CA GLN F 559 65.62 28.81 63.58
C GLN F 559 64.28 29.23 64.14
N ARG F 560 64.07 28.96 65.43
CA ARG F 560 62.78 29.20 66.06
C ARG F 560 62.83 29.12 67.60
N PRO G 29 -67.01 13.53 -28.37
CA PRO G 29 -65.96 13.76 -27.36
C PRO G 29 -64.60 13.19 -27.82
N PRO G 30 -63.51 13.94 -27.59
CA PRO G 30 -62.20 13.52 -28.12
C PRO G 30 -61.59 12.33 -27.37
N THR G 31 -61.82 12.26 -26.05
CA THR G 31 -61.28 11.20 -25.20
C THR G 31 -62.09 9.88 -25.26
N GLU G 32 -63.16 9.89 -26.04
CA GLU G 32 -64.06 8.76 -26.09
C GLU G 32 -63.47 7.65 -26.93
N VAL G 33 -63.66 6.42 -26.48
CA VAL G 33 -63.40 5.25 -27.31
C VAL G 33 -64.63 4.37 -27.25
N LYS G 34 -65.22 4.11 -28.40
CA LYS G 34 -66.43 3.32 -28.44
C LYS G 34 -66.08 1.90 -28.88
N ILE G 35 -66.49 0.91 -28.09
CA ILE G 35 -66.36 -0.50 -28.46
C ILE G 35 -67.73 -1.11 -28.76
N VAL G 36 -67.89 -1.69 -29.96
CA VAL G 36 -69.11 -2.38 -30.33
C VAL G 36 -68.75 -3.81 -30.71
N ARG G 37 -69.59 -4.80 -30.34
CA ARG G 37 -69.34 -6.19 -30.70
C ARG G 37 -70.43 -6.74 -31.58
N ASP G 38 -70.06 -7.67 -32.47
CA ASP G 38 -71.01 -8.22 -33.42
C ASP G 38 -71.62 -9.53 -32.93
N GLU G 39 -72.42 -10.16 -33.77
CA GLU G 39 -73.23 -11.29 -33.34
C GLU G 39 -72.43 -12.53 -33.03
N TYR G 40 -71.16 -12.54 -33.45
CA TYR G 40 -70.25 -13.62 -33.11
C TYR G 40 -69.15 -13.18 -32.13
N GLY G 41 -69.27 -11.98 -31.56
CA GLY G 41 -68.40 -11.55 -30.46
C GLY G 41 -67.28 -10.64 -30.89
N MET G 42 -67.18 -10.40 -32.20
CA MET G 42 -66.03 -9.68 -32.78
C MET G 42 -66.11 -8.18 -32.55
N PRO G 43 -65.11 -7.61 -31.87
CA PRO G 43 -65.16 -6.22 -31.50
C PRO G 43 -64.80 -5.27 -32.63
N HIS G 44 -65.43 -4.11 -32.65
CA HIS G 44 -65.01 -2.99 -33.46
C HIS G 44 -64.71 -1.79 -32.57
N ILE G 45 -63.59 -1.12 -32.80
CA ILE G 45 -63.12 -0.08 -31.90
C ILE G 45 -63.27 1.24 -32.64
N TYR G 46 -63.78 2.27 -31.93
CA TYR G 46 -63.89 3.61 -32.48
C TYR G 46 -63.17 4.67 -31.59
N ALA G 47 -62.14 5.29 -32.17
CA ALA G 47 -61.35 6.33 -31.54
C ALA G 47 -60.73 7.25 -32.60
N ASP G 48 -60.36 8.46 -32.18
CA ASP G 48 -59.95 9.52 -33.11
C ASP G 48 -58.49 9.87 -32.94
N ASP G 49 -57.73 8.98 -32.32
CA ASP G 49 -56.29 9.12 -32.26
C ASP G 49 -55.65 7.75 -32.04
N THR G 50 -54.43 7.61 -32.55
CA THR G 50 -53.71 6.35 -32.51
C THR G 50 -53.66 5.72 -31.12
N TYR G 51 -53.30 6.49 -30.11
CA TYR G 51 -53.12 5.94 -28.77
C TYR G 51 -54.39 5.33 -28.24
N ARG G 52 -55.49 6.05 -28.45
CA ARG G 52 -56.81 5.58 -28.03
C ARG G 52 -57.32 4.42 -28.86
N LEU G 53 -56.91 4.36 -30.11
CA LEU G 53 -57.43 3.32 -31.02
C LEU G 53 -56.94 1.95 -30.61
N PHE G 54 -55.65 1.85 -30.38
CA PHE G 54 -55.04 0.61 -29.95
C PHE G 54 -55.25 0.32 -28.47
N TYR G 55 -55.65 1.32 -27.72
CA TYR G 55 -56.03 1.13 -26.32
C TYR G 55 -57.30 0.28 -26.31
N GLY G 56 -58.27 0.70 -27.11
CA GLY G 56 -59.45 -0.11 -27.37
C GLY G 56 -59.08 -1.52 -27.74
N TYR G 57 -58.17 -1.65 -28.70
CA TYR G 57 -57.73 -3.00 -29.10
C TYR G 57 -57.21 -3.79 -27.89
N GLY G 58 -56.25 -3.21 -27.18
CA GLY G 58 -55.65 -3.88 -26.01
C GLY G 58 -56.70 -4.29 -25.01
N TYR G 59 -57.65 -3.40 -24.76
CA TYR G 59 -58.78 -3.70 -23.89
C TYR G 59 -59.54 -4.98 -24.27
N VAL G 60 -60.04 -5.06 -25.50
CA VAL G 60 -60.97 -6.15 -25.88
C VAL G 60 -60.24 -7.50 -25.89
N VAL G 61 -58.96 -7.45 -26.25
CA VAL G 61 -58.11 -8.62 -26.22
C VAL G 61 -57.96 -9.16 -24.80
N ALA G 62 -57.70 -8.28 -23.84
CA ALA G 62 -57.55 -8.72 -22.42
C ALA G 62 -58.85 -9.30 -21.88
N GLN G 63 -59.98 -8.92 -22.46
CA GLN G 63 -61.24 -9.54 -22.05
C GLN G 63 -61.36 -10.93 -22.67
N ASP G 64 -60.98 -11.07 -23.94
CA ASP G 64 -61.28 -12.30 -24.66
C ASP G 64 -60.21 -13.40 -24.43
N ARG G 65 -58.95 -12.99 -24.35
CA ARG G 65 -57.83 -13.92 -24.44
C ARG G 65 -56.74 -13.66 -23.38
N LEU G 66 -57.11 -13.11 -22.24
CA LEU G 66 -56.10 -12.73 -21.25
C LEU G 66 -55.14 -13.85 -20.88
N PHE G 67 -55.63 -15.08 -20.76
CA PHE G 67 -54.77 -16.18 -20.34
C PHE G 67 -53.89 -16.64 -21.46
N GLN G 68 -54.46 -16.82 -22.66
CA GLN G 68 -53.70 -17.22 -23.85
C GLN G 68 -52.60 -16.22 -24.10
N MET G 69 -52.92 -14.94 -24.01
CA MET G 69 -51.96 -13.85 -24.28
C MET G 69 -50.85 -13.76 -23.23
N GLU G 70 -51.18 -14.06 -21.97
CA GLU G 70 -50.18 -14.09 -20.93
C GLU G 70 -49.21 -15.22 -21.17
N MET G 71 -49.70 -16.36 -21.67
CA MET G 71 -48.83 -17.51 -21.92
C MET G 71 -48.10 -17.41 -23.28
N ALA G 72 -48.47 -16.45 -24.12
CA ALA G 72 -47.66 -16.11 -25.27
C ALA G 72 -46.51 -15.19 -24.78
N ARG G 73 -46.80 -14.29 -23.86
CA ARG G 73 -45.79 -13.38 -23.32
C ARG G 73 -44.71 -14.13 -22.60
N ARG G 74 -45.07 -15.15 -21.84
CA ARG G 74 -44.07 -15.97 -21.13
C ARG G 74 -43.27 -16.88 -22.08
N SER G 75 -43.93 -17.34 -23.13
CA SER G 75 -43.28 -18.17 -24.16
C SER G 75 -42.29 -17.37 -25.01
N THR G 76 -42.66 -16.18 -25.44
CA THR G 76 -41.78 -15.37 -26.31
C THR G 76 -40.59 -14.78 -25.56
N GLN G 77 -40.68 -14.69 -24.23
CA GLN G 77 -39.60 -14.17 -23.42
C GLN G 77 -38.91 -15.21 -22.57
N GLY G 78 -39.35 -16.47 -22.67
CA GLY G 78 -38.75 -17.55 -21.88
C GLY G 78 -38.87 -17.36 -20.37
N THR G 79 -40.07 -16.97 -19.91
CA THR G 79 -40.41 -16.95 -18.49
C THR G 79 -41.43 -18.03 -18.04
N VAL G 80 -41.60 -19.10 -18.83
CA VAL G 80 -42.70 -20.09 -18.60
C VAL G 80 -42.54 -20.88 -17.31
N SER G 81 -41.30 -21.14 -16.92
CA SER G 81 -41.01 -21.93 -15.72
C SER G 81 -41.21 -21.15 -14.41
N GLU G 82 -41.31 -19.83 -14.50
CA GLU G 82 -41.67 -18.99 -13.34
C GLU G 82 -43.03 -19.38 -12.74
N VAL G 83 -43.92 -19.89 -13.58
CA VAL G 83 -45.21 -20.30 -13.09
C VAL G 83 -45.48 -21.80 -13.28
N LEU G 84 -44.79 -22.44 -14.22
CA LEU G 84 -45.06 -23.84 -14.58
C LEU G 84 -44.02 -24.83 -14.07
N GLY G 85 -42.96 -24.34 -13.43
CA GLY G 85 -41.95 -25.20 -12.81
C GLY G 85 -40.87 -25.73 -13.75
N LYS G 86 -40.09 -26.69 -13.24
CA LYS G 86 -38.82 -27.12 -13.86
C LYS G 86 -38.91 -27.75 -15.27
N ALA G 87 -40.04 -28.33 -15.64
CA ALA G 87 -40.11 -29.02 -16.95
C ALA G 87 -39.82 -28.12 -18.13
N PHE G 88 -39.83 -26.81 -17.90
CA PHE G 88 -39.72 -25.82 -18.98
C PHE G 88 -38.41 -25.02 -18.96
N VAL G 89 -37.43 -25.48 -18.19
CA VAL G 89 -36.15 -24.80 -18.09
C VAL G 89 -35.36 -24.84 -19.40
N SER G 90 -35.19 -26.01 -19.97
CA SER G 90 -34.54 -26.08 -21.29
C SER G 90 -35.23 -25.14 -22.25
N PHE G 91 -36.54 -25.26 -22.35
CA PHE G 91 -37.31 -24.41 -23.26
C PHE G 91 -37.02 -22.96 -22.96
N ASP G 92 -37.07 -22.60 -21.69
CA ASP G 92 -36.83 -21.21 -21.30
C ASP G 92 -35.46 -20.75 -21.79
N LYS G 93 -34.44 -21.57 -21.55
CA LYS G 93 -33.06 -21.26 -22.01
C LYS G 93 -32.97 -21.07 -23.53
N ASP G 94 -33.54 -21.98 -24.29
CA ASP G 94 -33.49 -21.90 -25.74
C ASP G 94 -34.03 -20.59 -26.21
N ILE G 95 -35.18 -20.19 -25.68
CA ILE G 95 -35.81 -18.94 -26.08
C ILE G 95 -34.88 -17.75 -25.82
N ARG G 96 -34.27 -17.68 -24.63
CA ARG G 96 -33.43 -16.51 -24.28
C ARG G 96 -32.15 -16.42 -25.10
N GLN G 97 -31.52 -17.57 -25.30
CA GLN G 97 -30.34 -17.66 -26.13
C GLN G 97 -30.64 -17.34 -27.58
N ASN G 98 -31.90 -17.44 -27.99
CA ASN G 98 -32.22 -17.20 -29.38
C ASN G 98 -32.53 -15.74 -29.71
N TYR G 99 -32.31 -14.82 -28.80
CA TYR G 99 -32.44 -13.41 -29.16
C TYR G 99 -31.71 -12.47 -28.19
N TRP G 100 -31.66 -11.19 -28.59
CA TRP G 100 -30.95 -10.16 -27.87
C TRP G 100 -31.95 -9.04 -27.54
N PRO G 101 -32.55 -9.10 -26.34
CA PRO G 101 -33.62 -8.16 -26.05
C PRO G 101 -33.21 -6.68 -26.11
N ASP G 102 -31.96 -6.37 -25.80
CA ASP G 102 -31.52 -4.99 -25.80
C ASP G 102 -31.55 -4.37 -27.20
N SER G 103 -31.37 -5.20 -28.23
CA SER G 103 -31.62 -4.77 -29.60
C SER G 103 -33.06 -4.28 -29.81
N ILE G 104 -34.01 -5.13 -29.44
CA ILE G 104 -35.43 -4.81 -29.55
C ILE G 104 -35.84 -3.65 -28.63
N ARG G 105 -35.32 -3.60 -27.42
CA ARG G 105 -35.46 -2.43 -26.55
C ARG G 105 -35.09 -1.15 -27.29
N ALA G 106 -33.87 -1.15 -27.84
CA ALA G 106 -33.34 0.04 -28.53
C ALA G 106 -34.14 0.38 -29.78
N GLN G 107 -34.71 -0.62 -30.45
CA GLN G 107 -35.54 -0.32 -31.61
C GLN G 107 -36.78 0.45 -31.21
N ILE G 108 -37.37 0.06 -30.08
CA ILE G 108 -38.59 0.67 -29.60
C ILE G 108 -38.31 2.10 -29.16
N ALA G 109 -37.13 2.32 -28.62
CA ALA G 109 -36.76 3.62 -28.08
C ALA G 109 -36.60 4.67 -29.17
N SER G 110 -36.27 4.23 -30.37
CA SER G 110 -36.00 5.16 -31.46
C SER G 110 -37.20 5.37 -32.34
N LEU G 111 -38.36 4.95 -31.88
CA LEU G 111 -39.57 5.15 -32.67
C LEU G 111 -40.07 6.58 -32.57
N SER G 112 -40.77 7.01 -33.62
CA SER G 112 -41.57 8.22 -33.63
C SER G 112 -42.64 8.13 -32.58
N ALA G 113 -43.11 9.28 -32.12
CA ALA G 113 -44.13 9.32 -31.05
C ALA G 113 -45.39 8.61 -31.49
N GLU G 114 -45.72 8.71 -32.77
CA GLU G 114 -46.94 8.13 -33.29
C GLU G 114 -46.83 6.61 -33.37
N ASP G 115 -45.72 6.11 -33.91
CA ASP G 115 -45.45 4.67 -33.90
C ASP G 115 -45.50 4.08 -32.49
N LYS G 116 -44.87 4.78 -31.55
CA LYS G 116 -44.79 4.38 -30.15
C LYS G 116 -46.18 4.30 -29.52
N SER G 117 -47.06 5.20 -29.92
CA SER G 117 -48.47 5.20 -29.46
C SER G 117 -49.20 3.89 -29.68
N ILE G 118 -48.91 3.22 -30.79
CA ILE G 118 -49.53 1.93 -31.05
C ILE G 118 -49.18 1.05 -29.87
N LEU G 119 -47.89 0.85 -29.65
CA LEU G 119 -47.44 -0.09 -28.60
C LEU G 119 -47.83 0.36 -27.19
N GLN G 120 -47.58 1.63 -26.86
CA GLN G 120 -48.01 2.21 -25.58
C GLN G 120 -49.50 2.05 -25.28
N GLY G 121 -50.33 2.31 -26.28
CA GLY G 121 -51.76 2.24 -26.11
C GLY G 121 -52.29 0.81 -25.96
N TYR G 122 -51.83 -0.09 -26.82
CA TYR G 122 -52.22 -1.49 -26.74
C TYR G 122 -51.93 -1.99 -25.32
N ALA G 123 -50.73 -1.68 -24.82
CA ALA G 123 -50.34 -2.10 -23.46
C ALA G 123 -51.25 -1.52 -22.39
N ASP G 124 -51.57 -0.24 -22.51
CA ASP G 124 -52.42 0.45 -21.54
C ASP G 124 -53.85 -0.08 -21.60
N GLY G 125 -54.35 -0.31 -22.81
CA GLY G 125 -55.64 -0.98 -23.01
C GLY G 125 -55.73 -2.30 -22.29
N MET G 126 -54.73 -3.16 -22.48
CA MET G 126 -54.65 -4.42 -21.75
C MET G 126 -54.70 -4.23 -20.23
N ASN G 127 -53.79 -3.38 -19.73
CA ASN G 127 -53.68 -3.07 -18.30
C ASN G 127 -54.95 -2.54 -17.65
N ALA G 128 -55.70 -1.73 -18.37
CA ALA G 128 -56.95 -1.18 -17.81
C ALA G 128 -57.91 -2.29 -17.40
N TRP G 129 -58.11 -3.27 -18.31
CA TRP G 129 -58.96 -4.44 -18.00
C TRP G 129 -58.36 -5.42 -16.97
N ILE G 130 -57.04 -5.46 -16.87
CA ILE G 130 -56.40 -6.32 -15.90
C ILE G 130 -56.58 -5.74 -14.50
N ASP G 131 -56.46 -4.43 -14.40
CA ASP G 131 -56.80 -3.72 -13.16
C ASP G 131 -58.21 -4.09 -12.66
N LYS G 132 -59.15 -4.22 -13.59
CA LYS G 132 -60.53 -4.62 -13.25
C LYS G 132 -60.64 -6.12 -12.92
N VAL G 133 -59.78 -6.92 -13.52
CA VAL G 133 -59.75 -8.32 -13.20
C VAL G 133 -59.17 -8.51 -11.81
N ASN G 134 -58.12 -7.77 -11.49
CA ASN G 134 -57.54 -7.82 -10.16
C ASN G 134 -58.40 -7.21 -9.07
N ALA G 135 -59.29 -6.29 -9.44
CA ALA G 135 -60.19 -5.66 -8.47
C ALA G 135 -61.39 -6.57 -8.14
N SER G 136 -61.66 -7.56 -9.01
CA SER G 136 -62.82 -8.44 -8.83
C SER G 136 -62.60 -9.83 -9.40
N PRO G 137 -61.67 -10.59 -8.80
CA PRO G 137 -61.24 -11.90 -9.32
C PRO G 137 -62.25 -13.05 -9.15
N ASP G 138 -63.20 -12.93 -8.20
CA ASP G 138 -64.26 -13.95 -8.07
C ASP G 138 -65.25 -13.89 -9.21
N LYS G 139 -65.17 -12.83 -10.01
CA LYS G 139 -66.10 -12.62 -11.09
C LYS G 139 -65.43 -12.52 -12.47
N LEU G 140 -64.20 -12.00 -12.51
CA LEU G 140 -63.57 -11.66 -13.80
C LEU G 140 -62.28 -12.41 -14.16
N LEU G 141 -61.56 -12.91 -13.15
CA LEU G 141 -60.34 -13.68 -13.39
C LEU G 141 -60.61 -14.98 -14.17
N PRO G 142 -60.01 -15.12 -15.36
CA PRO G 142 -60.18 -16.40 -16.08
C PRO G 142 -59.86 -17.62 -15.22
N GLN G 143 -60.66 -18.66 -15.35
CA GLN G 143 -60.52 -19.86 -14.52
C GLN G 143 -59.09 -20.37 -14.58
N GLN G 144 -58.50 -20.30 -15.78
CA GLN G 144 -57.19 -20.87 -16.01
C GLN G 144 -56.12 -20.35 -15.05
N PHE G 145 -56.19 -19.08 -14.68
CA PHE G 145 -55.22 -18.53 -13.74
C PHE G 145 -55.28 -19.28 -12.42
N SER G 146 -56.49 -19.47 -11.92
CA SER G 146 -56.76 -20.26 -10.72
C SER G 146 -56.23 -21.71 -10.83
N THR G 147 -56.57 -22.38 -11.92
CA THR G 147 -56.10 -23.74 -12.20
C THR G 147 -54.58 -23.83 -12.20
N PHE G 148 -53.91 -22.89 -12.86
CA PHE G 148 -52.46 -22.88 -12.95
C PHE G 148 -51.73 -22.10 -11.85
N GLY G 149 -52.46 -21.32 -11.06
CA GLY G 149 -51.94 -20.83 -9.79
C GLY G 149 -51.14 -19.53 -9.80
N PHE G 150 -51.42 -18.63 -10.73
CA PHE G 150 -50.81 -17.29 -10.69
C PHE G 150 -51.80 -16.22 -11.15
N LYS G 151 -51.42 -14.95 -10.96
CA LYS G 151 -52.25 -13.82 -11.40
C LYS G 151 -51.62 -13.12 -12.60
N PRO G 152 -52.43 -12.48 -13.46
CA PRO G 152 -51.88 -11.66 -14.54
C PRO G 152 -51.22 -10.39 -14.02
N LYS G 153 -50.27 -9.89 -14.78
CA LYS G 153 -49.52 -8.70 -14.43
C LYS G 153 -49.68 -7.74 -15.58
N HIS G 154 -49.26 -6.49 -15.37
CA HIS G 154 -49.37 -5.47 -16.42
C HIS G 154 -48.42 -5.73 -17.57
N TRP G 155 -48.66 -5.03 -18.67
CA TRP G 155 -47.86 -5.13 -19.87
C TRP G 155 -47.09 -3.85 -20.16
N GLU G 156 -46.09 -3.96 -21.01
CA GLU G 156 -45.35 -2.85 -21.57
C GLU G 156 -45.32 -2.92 -23.09
N PRO G 157 -44.90 -1.82 -23.74
CA PRO G 157 -44.70 -1.89 -25.19
C PRO G 157 -43.75 -3.01 -25.64
N PHE G 158 -42.73 -3.31 -24.82
CA PHE G 158 -41.77 -4.38 -25.09
C PHE G 158 -42.46 -5.75 -25.17
N ASP G 159 -43.32 -6.03 -24.21
CA ASP G 159 -44.06 -7.27 -24.16
C ASP G 159 -44.92 -7.40 -25.41
N VAL G 160 -45.53 -6.31 -25.83
CA VAL G 160 -46.44 -6.33 -26.97
C VAL G 160 -45.65 -6.64 -28.24
N ALA G 161 -44.62 -5.83 -28.47
CA ALA G 161 -43.67 -6.06 -29.55
C ALA G 161 -43.19 -7.50 -29.51
N MET G 162 -42.75 -7.92 -28.33
CA MET G 162 -42.21 -9.27 -28.18
C MET G 162 -43.16 -10.37 -28.59
N ILE G 163 -44.46 -10.11 -28.58
CA ILE G 163 -45.43 -11.15 -28.96
C ILE G 163 -45.27 -11.47 -30.45
N PHE G 164 -45.05 -10.41 -31.23
CA PHE G 164 -44.78 -10.51 -32.66
C PHE G 164 -43.39 -11.07 -32.92
N VAL G 165 -42.40 -10.52 -32.22
CA VAL G 165 -41.02 -10.88 -32.52
C VAL G 165 -40.71 -12.29 -32.08
N GLY G 166 -41.33 -12.70 -30.99
CA GLY G 166 -41.17 -14.06 -30.52
C GLY G 166 -41.76 -15.09 -31.47
N THR G 167 -42.78 -14.70 -32.24
CA THR G 167 -43.52 -15.62 -33.08
C THR G 167 -43.16 -15.51 -34.55
N MET G 168 -43.48 -14.38 -35.17
CA MET G 168 -43.20 -14.19 -36.60
C MET G 168 -41.70 -14.25 -36.93
N ALA G 169 -40.89 -13.68 -36.05
CA ALA G 169 -39.47 -13.47 -36.36
C ALA G 169 -38.56 -14.55 -35.83
N ASN G 170 -38.48 -14.64 -34.51
CA ASN G 170 -37.60 -15.58 -33.83
C ASN G 170 -38.00 -17.03 -34.06
N ARG G 171 -39.25 -17.26 -34.46
CA ARG G 171 -39.73 -18.60 -34.74
C ARG G 171 -39.89 -18.90 -36.20
N PHE G 172 -40.68 -18.12 -36.88
CA PHE G 172 -41.13 -18.47 -38.24
C PHE G 172 -40.28 -17.91 -39.40
N SER G 173 -39.58 -16.79 -39.18
CA SER G 173 -38.70 -16.28 -40.21
C SER G 173 -37.25 -16.63 -39.92
N ASP G 174 -37.02 -17.67 -39.12
CA ASP G 174 -35.67 -17.99 -38.61
C ASP G 174 -35.30 -19.42 -38.90
N SER G 175 -35.73 -19.92 -40.06
CA SER G 175 -35.65 -21.36 -40.36
C SER G 175 -34.32 -21.70 -41.00
N THR G 176 -33.44 -22.35 -40.24
CA THR G 176 -32.16 -22.79 -40.75
C THR G 176 -31.78 -24.12 -40.13
N SER G 177 -31.04 -24.94 -40.88
CA SER G 177 -30.50 -26.18 -40.34
C SER G 177 -29.08 -26.34 -40.85
N GLU G 178 -28.39 -25.22 -41.10
CA GLU G 178 -27.05 -25.26 -41.68
C GLU G 178 -26.09 -26.14 -40.84
N ILE G 179 -26.13 -26.09 -39.51
CA ILE G 179 -25.31 -27.00 -38.68
C ILE G 179 -25.76 -28.50 -38.75
N ASP G 180 -27.07 -28.75 -38.81
CA ASP G 180 -27.57 -30.10 -39.18
C ASP G 180 -27.13 -30.50 -40.60
N ASN G 181 -27.00 -29.51 -41.49
CA ASN G 181 -26.58 -29.77 -42.88
C ASN G 181 -25.10 -30.16 -42.96
N LEU G 182 -24.27 -29.48 -42.16
CA LEU G 182 -22.82 -29.78 -42.08
C LEU G 182 -22.51 -31.15 -41.47
N ALA G 183 -23.33 -31.58 -40.50
CA ALA G 183 -23.23 -32.90 -39.92
C ALA G 183 -23.62 -33.96 -40.95
N LEU G 184 -24.63 -33.68 -41.76
CA LEU G 184 -25.01 -34.58 -42.86
C LEU G 184 -23.87 -34.61 -43.88
N LEU G 185 -23.26 -33.44 -44.12
CA LEU G 185 -22.21 -33.37 -45.11
C LEU G 185 -20.98 -34.15 -44.63
N THR G 186 -20.66 -33.99 -43.35
CA THR G 186 -19.52 -34.68 -42.79
C THR G 186 -19.71 -36.17 -42.96
N ALA G 187 -20.87 -36.68 -42.60
CA ALA G 187 -21.13 -38.11 -42.70
C ALA G 187 -21.19 -38.56 -44.16
N LEU G 188 -21.73 -37.73 -45.05
CA LEU G 188 -21.77 -38.07 -46.49
C LEU G 188 -20.35 -38.25 -47.08
N LYS G 189 -19.40 -37.45 -46.57
CA LYS G 189 -18.03 -37.48 -47.08
C LYS G 189 -17.24 -38.65 -46.52
N ASP G 190 -17.58 -39.05 -45.28
CA ASP G 190 -16.98 -40.22 -44.63
C ASP G 190 -17.46 -41.53 -45.27
N LYS G 191 -18.51 -41.47 -46.09
CA LYS G 191 -19.06 -42.65 -46.72
C LYS G 191 -18.74 -42.73 -48.21
N TYR G 192 -18.80 -41.58 -48.89
CA TYR G 192 -18.51 -41.51 -50.35
C TYR G 192 -17.15 -40.87 -50.71
N GLY G 193 -16.49 -40.24 -49.75
CA GLY G 193 -15.32 -39.44 -50.05
C GLY G 193 -15.68 -37.96 -50.23
N LYS G 194 -14.68 -37.10 -50.27
CA LYS G 194 -14.93 -35.65 -50.31
C LYS G 194 -15.75 -35.22 -51.52
N GLN G 195 -15.29 -35.60 -52.70
CA GLN G 195 -15.93 -35.19 -53.94
C GLN G 195 -17.33 -35.75 -54.08
N GLN G 196 -17.48 -37.05 -53.96
CA GLN G 196 -18.76 -37.70 -54.23
C GLN G 196 -19.75 -37.40 -53.09
N GLY G 197 -19.24 -37.18 -51.89
CA GLY G 197 -20.07 -36.77 -50.77
C GLY G 197 -20.78 -35.47 -51.07
N MET G 198 -20.03 -34.48 -51.54
CA MET G 198 -20.60 -33.18 -51.88
C MET G 198 -21.55 -33.28 -53.09
N ALA G 199 -21.29 -34.17 -54.02
CA ALA G 199 -22.25 -34.44 -55.11
C ALA G 199 -23.55 -35.08 -54.60
N VAL G 200 -23.48 -35.90 -53.57
CA VAL G 200 -24.70 -36.50 -53.02
C VAL G 200 -25.46 -35.46 -52.19
N PHE G 201 -24.74 -34.60 -51.47
CA PHE G 201 -25.37 -33.48 -50.74
C PHE G 201 -26.19 -32.56 -51.66
N ASN G 202 -25.72 -32.33 -52.87
CA ASN G 202 -26.46 -31.57 -53.89
C ASN G 202 -27.65 -32.33 -54.46
N GLN G 203 -27.63 -33.65 -54.36
CA GLN G 203 -28.77 -34.48 -54.77
C GLN G 203 -29.90 -34.49 -53.73
N LEU G 204 -29.56 -34.29 -52.45
CA LEU G 204 -30.53 -34.30 -51.33
C LEU G 204 -31.07 -32.93 -50.88
N LYS G 205 -30.26 -31.88 -51.12
CA LYS G 205 -30.59 -30.52 -50.71
C LYS G 205 -30.11 -29.65 -51.82
N TRP G 206 -30.87 -29.66 -52.93
CA TRP G 206 -30.43 -29.00 -54.15
C TRP G 206 -30.47 -27.50 -53.98
N LEU G 207 -29.56 -26.79 -54.63
CA LEU G 207 -29.43 -25.37 -54.44
C LEU G 207 -30.54 -24.63 -55.15
N VAL G 208 -30.85 -25.06 -56.38
CA VAL G 208 -32.01 -24.58 -57.14
C VAL G 208 -32.53 -25.66 -58.05
N ASN G 209 -33.80 -25.62 -58.33
CA ASN G 209 -34.40 -26.61 -59.20
C ASN G 209 -35.31 -25.83 -60.12
N PRO G 210 -34.91 -25.68 -61.38
CA PRO G 210 -35.72 -24.94 -62.35
C PRO G 210 -37.08 -25.57 -62.75
N SER G 211 -37.36 -26.82 -62.35
CA SER G 211 -38.67 -27.46 -62.67
C SER G 211 -39.76 -27.22 -61.61
N ALA G 212 -39.44 -26.43 -60.58
CA ALA G 212 -40.32 -26.15 -59.45
C ALA G 212 -41.43 -25.18 -59.79
N PRO G 213 -42.70 -25.49 -59.43
CA PRO G 213 -43.80 -24.54 -59.66
C PRO G 213 -43.66 -23.25 -58.83
N THR G 214 -43.90 -22.13 -59.49
CA THR G 214 -43.64 -20.80 -58.97
C THR G 214 -44.89 -19.96 -59.10
N THR G 215 -45.17 -19.11 -58.11
CA THR G 215 -46.44 -18.32 -58.14
C THR G 215 -46.36 -17.32 -59.27
N ILE G 216 -45.24 -16.60 -59.36
CA ILE G 216 -44.95 -15.76 -60.51
C ILE G 216 -44.54 -16.66 -61.67
N ALA G 217 -45.28 -16.61 -62.76
CA ALA G 217 -44.97 -17.44 -63.92
C ALA G 217 -43.63 -17.01 -64.45
N ALA G 218 -42.93 -17.95 -65.09
CA ALA G 218 -41.58 -17.70 -65.60
C ALA G 218 -41.57 -16.62 -66.69
N ARG G 219 -42.67 -16.45 -67.40
CA ARG G 219 -42.70 -15.43 -68.44
C ARG G 219 -42.87 -14.03 -67.90
N GLU G 220 -43.31 -13.90 -66.66
CA GLU G 220 -43.49 -12.55 -66.09
C GLU G 220 -42.10 -12.05 -65.73
N SER G 221 -41.32 -12.87 -65.05
CA SER G 221 -39.97 -12.53 -64.67
C SER G 221 -39.23 -13.75 -64.19
N ALA G 222 -37.95 -13.56 -63.87
CA ALA G 222 -37.14 -14.59 -63.23
C ALA G 222 -36.15 -13.95 -62.27
N TYR G 223 -35.59 -14.76 -61.38
CA TYR G 223 -34.70 -14.25 -60.35
C TYR G 223 -33.28 -14.08 -60.92
N PRO G 224 -32.81 -12.82 -60.98
CA PRO G 224 -31.61 -12.46 -61.73
C PRO G 224 -30.30 -12.94 -61.10
N LEU G 225 -30.28 -13.17 -59.80
CA LEU G 225 -29.07 -13.70 -59.16
C LEU G 225 -28.94 -15.19 -59.47
N LYS G 226 -27.86 -15.56 -60.16
CA LYS G 226 -27.65 -16.94 -60.55
C LYS G 226 -26.50 -17.54 -59.78
N PHE G 227 -26.84 -18.57 -59.02
CA PHE G 227 -25.87 -19.42 -58.34
C PHE G 227 -25.43 -20.40 -59.42
N ASP G 228 -24.13 -20.58 -59.62
CA ASP G 228 -23.63 -21.65 -60.48
C ASP G 228 -22.81 -22.67 -59.68
N LEU G 229 -23.08 -23.92 -59.98
CA LEU G 229 -22.75 -25.03 -59.08
C LEU G 229 -21.28 -25.45 -59.08
N GLN G 230 -20.52 -25.09 -60.13
CA GLN G 230 -19.07 -25.17 -60.09
C GLN G 230 -18.44 -23.99 -59.31
N ASN G 231 -19.14 -22.85 -59.31
CA ASN G 231 -18.65 -21.62 -58.71
C ASN G 231 -18.80 -21.61 -57.17
N THR G 232 -19.53 -22.59 -56.61
CA THR G 232 -19.67 -22.72 -55.15
C THR G 232 -18.45 -23.41 -54.56
N GLN G 233 -17.82 -22.78 -53.57
CA GLN G 233 -16.59 -23.34 -52.99
C GLN G 233 -16.22 -22.84 -51.56
N THR G 234 -17.25 -22.62 -50.74
CA THR G 234 -17.08 -22.28 -49.32
C THR G 234 -17.16 -23.52 -48.43
N ALA G 235 -17.79 -24.57 -48.96
CA ALA G 235 -18.02 -25.81 -48.23
C ALA G 235 -16.75 -26.56 -47.89
N ALA G 236 -15.75 -26.48 -48.77
CA ALA G 236 -14.48 -27.18 -48.55
C ALA G 236 -13.52 -26.40 -47.62
N LEU G 237 -14.01 -25.35 -46.97
CA LEU G 237 -13.22 -24.62 -45.96
C LEU G 237 -13.65 -24.96 -44.53
N LEU G 238 -14.64 -25.85 -44.39
CA LEU G 238 -15.32 -26.06 -43.13
C LEU G 238 -14.73 -27.19 -42.32
N PRO G 239 -14.70 -27.04 -40.98
CA PRO G 239 -14.36 -28.16 -40.12
C PRO G 239 -15.37 -29.30 -40.25
N ARG G 240 -15.12 -30.39 -39.53
CA ARG G 240 -16.04 -31.51 -39.46
C ARG G 240 -17.07 -31.24 -38.37
N TYR G 241 -18.24 -31.85 -38.52
CA TYR G 241 -19.24 -31.82 -37.46
C TYR G 241 -19.55 -33.24 -37.02
N ASP G 242 -18.86 -33.66 -35.95
CA ASP G 242 -18.97 -35.03 -35.48
C ASP G 242 -19.99 -35.16 -34.37
N GLN G 243 -20.55 -34.04 -33.94
CA GLN G 243 -21.55 -34.02 -32.87
C GLN G 243 -22.88 -34.57 -33.34
N PRO G 244 -23.77 -34.89 -32.40
CA PRO G 244 -25.16 -35.08 -32.76
C PRO G 244 -25.72 -33.80 -33.40
N ALA G 245 -26.47 -33.95 -34.50
CA ALA G 245 -27.10 -32.82 -35.18
C ALA G 245 -27.98 -32.03 -34.21
N PRO G 246 -27.85 -30.68 -34.18
CA PRO G 246 -28.66 -29.84 -33.29
C PRO G 246 -30.16 -30.07 -33.35
N MET G 247 -30.68 -30.45 -34.52
CA MET G 247 -32.11 -30.72 -34.67
C MET G 247 -32.60 -31.79 -33.68
N LEU G 248 -31.70 -32.59 -33.14
CA LEU G 248 -32.03 -33.59 -32.13
C LEU G 248 -32.21 -33.01 -30.75
N ASP G 249 -31.69 -31.81 -30.50
CA ASP G 249 -31.79 -31.19 -29.15
C ASP G 249 -32.94 -30.23 -29.01
N ARG G 250 -33.82 -30.20 -30.00
CA ARG G 250 -35.05 -29.42 -29.91
C ARG G 250 -36.01 -30.12 -28.94
N PRO G 251 -36.64 -29.37 -28.05
CA PRO G 251 -37.48 -30.06 -27.06
C PRO G 251 -38.64 -30.80 -27.69
N ALA G 252 -38.71 -32.12 -27.48
CA ALA G 252 -39.79 -32.93 -28.07
C ALA G 252 -41.14 -32.65 -27.45
N LYS G 253 -42.19 -32.78 -28.27
CA LYS G 253 -43.58 -32.54 -27.87
C LYS G 253 -44.40 -33.81 -28.00
N GLY G 254 -45.35 -34.02 -27.08
CA GLY G 254 -46.25 -35.18 -27.14
C GLY G 254 -47.45 -34.97 -28.09
N THR G 255 -48.36 -35.92 -28.12
CA THR G 255 -49.43 -35.93 -29.14
C THR G 255 -50.42 -34.77 -28.89
N ASP G 256 -50.51 -34.31 -27.65
CA ASP G 256 -51.40 -33.17 -27.34
C ASP G 256 -50.72 -31.82 -27.62
N GLY G 257 -49.46 -31.86 -28.03
CA GLY G 257 -48.71 -30.69 -28.37
C GLY G 257 -47.95 -30.13 -27.19
N ALA G 258 -47.98 -30.79 -26.02
CA ALA G 258 -47.22 -30.29 -24.87
C ALA G 258 -45.73 -30.72 -24.88
N LEU G 259 -44.85 -29.87 -24.33
CA LEU G 259 -43.45 -30.22 -24.11
C LEU G 259 -43.28 -31.39 -23.18
N LEU G 260 -42.36 -32.32 -23.52
CA LEU G 260 -42.29 -33.62 -22.84
C LEU G 260 -41.40 -33.73 -21.60
N ALA G 261 -40.52 -32.81 -21.32
CA ALA G 261 -39.67 -32.99 -20.11
C ALA G 261 -38.98 -34.36 -20.04
N LEU G 262 -38.26 -34.71 -21.10
CA LEU G 262 -37.42 -35.91 -21.14
C LEU G 262 -36.01 -35.57 -20.70
N THR G 263 -35.15 -36.59 -20.58
CA THR G 263 -33.70 -36.36 -20.44
C THR G 263 -33.08 -36.01 -21.80
N ALA G 264 -31.84 -35.51 -21.76
CA ALA G 264 -31.17 -35.03 -22.97
C ALA G 264 -31.00 -36.19 -23.92
N ASP G 265 -30.55 -37.32 -23.40
CA ASP G 265 -30.47 -38.54 -24.21
C ASP G 265 -31.83 -38.89 -24.78
N GLN G 266 -32.80 -39.01 -23.88
CA GLN G 266 -34.11 -39.48 -24.26
C GLN G 266 -34.70 -38.57 -25.31
N ASN G 267 -34.53 -37.27 -25.10
CA ASN G 267 -35.11 -36.29 -25.99
C ASN G 267 -34.58 -36.46 -27.41
N ARG G 268 -33.27 -36.69 -27.51
CA ARG G 268 -32.65 -36.94 -28.78
C ARG G 268 -33.21 -38.18 -29.41
N GLU G 269 -33.39 -39.23 -28.61
CA GLU G 269 -33.90 -40.47 -29.16
C GLU G 269 -35.32 -40.29 -29.71
N THR G 270 -36.10 -39.50 -28.99
CA THR G 270 -37.48 -39.25 -29.33
C THR G 270 -37.61 -38.48 -30.63
N ILE G 271 -37.00 -37.28 -30.64
CA ILE G 271 -36.90 -36.44 -31.83
C ILE G 271 -36.51 -37.25 -33.06
N ALA G 272 -35.46 -38.03 -32.93
CA ALA G 272 -35.08 -38.95 -33.98
C ALA G 272 -36.28 -39.79 -34.37
N ALA G 273 -36.81 -40.50 -33.41
CA ALA G 273 -37.87 -41.49 -33.69
C ALA G 273 -39.08 -40.91 -34.41
N GLN G 274 -39.57 -39.76 -33.94
CA GLN G 274 -40.78 -39.21 -34.56
C GLN G 274 -40.50 -38.48 -35.86
N PHE G 275 -39.31 -37.91 -36.03
CA PHE G 275 -38.98 -37.33 -37.33
C PHE G 275 -38.88 -38.42 -38.38
N ALA G 276 -38.37 -39.57 -37.97
CA ALA G 276 -38.20 -40.69 -38.85
C ALA G 276 -39.52 -41.19 -39.37
N GLN G 277 -40.54 -41.08 -38.53
CA GLN G 277 -41.88 -41.58 -38.86
C GLN G 277 -42.74 -40.58 -39.66
N SER G 278 -42.71 -39.31 -39.26
CA SER G 278 -43.66 -38.30 -39.70
C SER G 278 -43.03 -37.14 -40.49
N GLY G 279 -41.77 -36.82 -40.20
CA GLY G 279 -41.05 -35.82 -40.99
C GLY G 279 -41.43 -34.38 -40.69
N ALA G 280 -41.19 -33.50 -41.66
CA ALA G 280 -41.35 -32.04 -41.46
C ALA G 280 -42.78 -31.68 -41.09
N ASN G 281 -43.72 -32.57 -41.39
CA ASN G 281 -45.09 -32.36 -41.02
C ASN G 281 -45.54 -33.23 -39.83
N GLY G 282 -44.62 -33.54 -38.92
CA GLY G 282 -44.93 -34.29 -37.71
C GLY G 282 -44.56 -33.54 -36.44
N LEU G 283 -44.74 -34.19 -35.29
CA LEU G 283 -44.49 -33.57 -34.00
C LEU G 283 -43.13 -32.92 -33.86
N ALA G 284 -42.12 -33.43 -34.56
CA ALA G 284 -40.77 -32.86 -34.53
C ALA G 284 -40.46 -32.04 -35.80
N GLY G 285 -41.49 -31.85 -36.64
CA GLY G 285 -41.33 -31.21 -37.93
C GLY G 285 -41.16 -29.73 -37.79
N TYR G 286 -41.60 -28.97 -38.77
CA TYR G 286 -41.62 -27.52 -38.54
C TYR G 286 -41.84 -27.23 -37.05
N PRO H 1 -46.50 -21.77 -39.34
CA PRO H 1 -46.82 -21.77 -40.76
C PRO H 1 -45.95 -22.76 -41.44
N THR H 2 -46.07 -24.01 -40.98
CA THR H 2 -45.40 -25.17 -41.63
C THR H 2 -45.62 -25.00 -43.14
N THR H 3 -46.86 -24.64 -43.41
CA THR H 3 -47.32 -24.27 -44.67
C THR H 3 -48.18 -22.97 -44.61
N GLY H 4 -49.28 -22.95 -45.37
CA GLY H 4 -50.14 -21.79 -45.55
C GLY H 4 -50.47 -21.68 -47.01
N ASN H 5 -51.74 -21.51 -47.37
CA ASN H 5 -52.12 -21.32 -48.80
C ASN H 5 -52.96 -20.08 -49.09
N MET H 6 -53.04 -19.75 -50.38
CA MET H 6 -53.69 -18.52 -50.86
C MET H 6 -54.01 -18.64 -52.33
N TRP H 7 -55.12 -18.06 -52.76
CA TRP H 7 -55.38 -17.86 -54.18
C TRP H 7 -56.14 -16.57 -54.37
N VAL H 8 -55.46 -15.58 -54.94
CA VAL H 8 -56.07 -14.33 -55.32
C VAL H 8 -56.53 -14.49 -56.77
N ILE H 9 -57.71 -13.96 -57.08
CA ILE H 9 -58.32 -14.14 -58.39
C ILE H 9 -58.73 -12.80 -58.95
N GLY H 10 -58.08 -12.37 -60.02
CA GLY H 10 -58.32 -11.07 -60.63
C GLY H 10 -59.47 -11.05 -61.61
N LYS H 11 -59.75 -9.83 -62.07
CA LYS H 11 -60.83 -9.52 -63.01
C LYS H 11 -61.07 -10.57 -64.08
N ASN H 12 -60.00 -11.06 -64.67
CA ASN H 12 -60.12 -11.99 -65.81
C ASN H 12 -60.59 -13.37 -65.40
N LYS H 13 -60.41 -13.71 -64.12
CA LYS H 13 -60.77 -15.03 -63.61
C LYS H 13 -61.94 -14.99 -62.62
N ALA H 14 -62.36 -13.79 -62.24
CA ALA H 14 -63.51 -13.63 -61.37
C ALA H 14 -64.82 -13.56 -62.16
N GLN H 15 -65.90 -14.08 -61.57
CA GLN H 15 -67.24 -14.09 -62.15
C GLN H 15 -68.20 -13.38 -61.19
N ASP H 16 -68.94 -12.40 -61.69
CA ASP H 16 -69.88 -11.62 -60.87
C ASP H 16 -69.17 -10.82 -59.79
N ALA H 17 -67.87 -10.63 -59.95
CA ALA H 17 -67.12 -9.75 -59.07
C ALA H 17 -65.90 -9.28 -59.84
N LYS H 18 -65.15 -8.32 -59.30
CA LYS H 18 -63.87 -7.92 -59.91
C LYS H 18 -62.62 -8.64 -59.34
N ALA H 19 -62.66 -9.04 -58.08
CA ALA H 19 -61.58 -9.85 -57.49
C ALA H 19 -62.07 -10.65 -56.29
N ILE H 20 -61.40 -11.77 -56.04
CA ILE H 20 -61.70 -12.65 -54.93
C ILE H 20 -60.42 -13.14 -54.28
N MET H 21 -60.12 -12.72 -53.05
CA MET H 21 -58.94 -13.19 -52.32
C MET H 21 -59.35 -14.23 -51.28
N VAL H 22 -58.86 -15.45 -51.41
CA VAL H 22 -59.16 -16.52 -50.43
C VAL H 22 -57.87 -16.95 -49.75
N ASN H 23 -57.75 -16.67 -48.45
CA ASN H 23 -56.53 -16.94 -47.73
C ASN H 23 -56.78 -18.02 -46.68
N GLY H 24 -55.79 -18.89 -46.49
CA GLY H 24 -55.87 -20.03 -45.56
C GLY H 24 -54.54 -20.34 -44.90
N PRO H 25 -54.10 -19.47 -43.98
CA PRO H 25 -52.85 -19.66 -43.26
C PRO H 25 -52.93 -20.87 -42.37
N GLN H 26 -51.86 -21.66 -42.30
CA GLN H 26 -51.83 -22.91 -41.54
C GLN H 26 -50.79 -22.87 -40.44
N PHE H 27 -51.20 -22.54 -39.22
CA PHE H 27 -50.28 -22.55 -38.09
C PHE H 27 -50.63 -23.62 -37.10
N GLY H 28 -51.46 -24.58 -37.49
CA GLY H 28 -51.96 -25.57 -36.55
C GLY H 28 -53.27 -25.12 -35.94
N TRP H 29 -53.92 -25.99 -35.17
CA TRP H 29 -55.23 -25.73 -34.65
C TRP H 29 -55.22 -25.70 -33.16
N TYR H 30 -55.72 -24.60 -32.59
CA TYR H 30 -55.56 -24.37 -31.14
C TYR H 30 -56.82 -23.94 -30.40
N ALA H 31 -56.76 -24.02 -29.09
CA ALA H 31 -57.86 -23.65 -28.24
C ALA H 31 -57.26 -22.83 -27.09
N PRO H 32 -57.59 -21.52 -27.04
CA PRO H 32 -58.48 -20.81 -27.95
C PRO H 32 -57.79 -20.49 -29.27
N ALA H 33 -58.56 -19.99 -30.22
CA ALA H 33 -58.17 -19.95 -31.61
C ALA H 33 -56.89 -19.15 -31.74
N TYR H 34 -56.10 -19.51 -32.74
CA TYR H 34 -54.80 -18.89 -32.97
C TYR H 34 -54.92 -17.42 -33.36
N THR H 35 -55.89 -17.16 -34.25
CA THR H 35 -56.17 -15.82 -34.73
C THR H 35 -57.24 -15.14 -33.88
N TYR H 36 -57.34 -13.83 -34.04
CA TYR H 36 -58.25 -12.99 -33.28
C TYR H 36 -58.95 -12.01 -34.21
N GLY H 37 -60.27 -12.00 -34.19
CA GLY H 37 -61.07 -11.04 -34.96
C GLY H 37 -61.04 -9.64 -34.33
N ILE H 38 -60.91 -8.64 -35.18
CA ILE H 38 -60.89 -7.25 -34.73
C ILE H 38 -61.22 -6.31 -35.91
N GLY H 39 -61.99 -5.26 -35.60
CA GLY H 39 -62.20 -4.12 -36.49
C GLY H 39 -61.71 -2.81 -35.85
N LEU H 40 -60.99 -2.01 -36.64
CA LEU H 40 -60.43 -0.76 -36.18
C LEU H 40 -60.90 0.39 -37.05
N HIS H 41 -61.46 1.42 -36.43
CA HIS H 41 -62.12 2.51 -37.12
C HIS H 41 -61.79 3.85 -36.50
N GLY H 42 -61.07 4.67 -37.26
CA GLY H 42 -60.59 5.97 -36.80
C GLY H 42 -59.08 6.13 -36.90
N ALA H 43 -58.64 7.37 -36.69
CA ALA H 43 -57.23 7.70 -36.62
C ALA H 43 -56.46 7.28 -37.86
N GLY H 44 -57.16 7.23 -39.00
CA GLY H 44 -56.56 6.78 -40.25
C GLY H 44 -57.01 5.40 -40.68
N TYR H 45 -57.30 4.51 -39.71
CA TYR H 45 -57.62 3.12 -40.05
C TYR H 45 -59.09 2.91 -40.35
N ASP H 46 -59.39 1.85 -41.07
CA ASP H 46 -60.76 1.53 -41.42
C ASP H 46 -60.78 0.10 -41.90
N VAL H 47 -60.47 -0.79 -40.97
CA VAL H 47 -60.15 -2.18 -41.30
C VAL H 47 -61.02 -3.14 -40.53
N THR H 48 -61.18 -4.31 -41.13
CA THR H 48 -61.79 -5.44 -40.49
C THR H 48 -61.02 -6.69 -40.93
N GLY H 49 -60.92 -7.68 -40.04
CA GLY H 49 -60.25 -8.94 -40.35
C GLY H 49 -59.94 -9.77 -39.12
N ASN H 50 -58.94 -10.64 -39.23
CA ASN H 50 -58.43 -11.40 -38.08
C ASN H 50 -56.91 -11.56 -38.16
N THR H 51 -56.27 -11.63 -36.99
CA THR H 51 -54.82 -11.57 -36.94
C THR H 51 -54.28 -12.51 -35.85
N PRO H 52 -53.22 -13.26 -36.15
CA PRO H 52 -52.55 -14.08 -35.14
C PRO H 52 -52.14 -13.33 -33.89
N PHE H 53 -52.35 -13.97 -32.74
CA PHE H 53 -51.94 -13.42 -31.41
C PHE H 53 -52.27 -11.95 -31.25
N ALA H 54 -53.30 -11.48 -31.95
CA ALA H 54 -53.80 -10.13 -31.78
C ALA H 54 -52.78 -9.08 -32.03
N TYR H 55 -51.88 -9.33 -32.98
CA TYR H 55 -50.91 -8.32 -33.39
C TYR H 55 -51.61 -7.02 -33.69
N PRO H 56 -50.99 -5.89 -33.36
CA PRO H 56 -51.56 -4.60 -33.74
C PRO H 56 -51.87 -4.54 -35.24
N GLY H 57 -51.06 -5.19 -36.04
CA GLY H 57 -51.30 -5.25 -37.48
C GLY H 57 -52.15 -6.44 -37.84
N LEU H 58 -53.04 -6.26 -38.79
CA LEU H 58 -53.95 -7.32 -39.21
C LEU H 58 -53.36 -8.09 -40.37
N VAL H 59 -52.80 -9.25 -40.07
CA VAL H 59 -52.18 -10.09 -41.08
C VAL H 59 -53.20 -10.48 -42.16
N PHE H 60 -54.48 -10.51 -41.82
CA PHE H 60 -55.49 -10.83 -42.84
C PHE H 60 -56.72 -9.92 -42.74
N GLY H 61 -56.91 -9.05 -43.72
CA GLY H 61 -58.08 -8.19 -43.71
C GLY H 61 -58.34 -7.37 -44.96
N HIS H 62 -59.11 -6.31 -44.82
CA HIS H 62 -59.37 -5.39 -45.90
C HIS H 62 -59.79 -4.05 -45.30
N ASN H 63 -59.75 -2.99 -46.10
CA ASN H 63 -60.10 -1.67 -45.63
C ASN H 63 -61.11 -0.96 -46.51
N GLY H 64 -61.76 -1.71 -47.40
CA GLY H 64 -62.82 -1.19 -48.22
C GLY H 64 -62.33 -1.07 -49.62
N THR H 65 -61.10 -0.62 -49.76
CA THR H 65 -60.50 -0.41 -51.09
C THR H 65 -59.60 -1.58 -51.53
N ILE H 66 -58.75 -2.04 -50.60
CA ILE H 66 -57.84 -3.16 -50.85
C ILE H 66 -57.94 -4.22 -49.75
N SER H 67 -57.58 -5.44 -50.11
CA SER H 67 -57.41 -6.53 -49.14
C SER H 67 -56.02 -7.16 -49.19
N TRP H 68 -55.67 -7.88 -48.13
CA TRP H 68 -54.36 -8.45 -48.07
C TRP H 68 -54.35 -9.77 -47.32
N GLY H 69 -53.22 -10.47 -47.45
CA GLY H 69 -53.00 -11.73 -46.77
C GLY H 69 -51.55 -12.13 -46.85
N SER H 70 -51.18 -13.23 -46.21
CA SER H 70 -49.80 -13.66 -46.13
C SER H 70 -49.71 -15.15 -46.11
N THR H 71 -48.62 -15.67 -46.66
CA THR H 71 -48.20 -17.06 -46.40
C THR H 71 -46.72 -17.00 -46.01
N ALA H 72 -46.20 -18.13 -45.54
CA ALA H 72 -44.80 -18.25 -45.19
C ALA H 72 -43.96 -18.28 -46.46
N GLY H 73 -42.98 -17.37 -46.49
CA GLY H 73 -42.12 -17.14 -47.64
C GLY H 73 -41.12 -18.26 -47.85
N PHE H 74 -40.36 -18.57 -46.79
CA PHE H 74 -39.34 -19.63 -46.85
C PHE H 74 -38.22 -19.28 -47.83
N GLY H 75 -37.59 -18.13 -47.60
CA GLY H 75 -36.36 -17.74 -48.31
C GLY H 75 -35.16 -17.86 -47.37
N ASP H 76 -33.96 -18.00 -47.94
CA ASP H 76 -32.75 -18.07 -47.11
C ASP H 76 -32.36 -16.65 -46.66
N ASP H 77 -32.80 -16.28 -45.47
CA ASP H 77 -32.51 -14.94 -44.88
C ASP H 77 -31.69 -15.08 -43.65
N VAL H 78 -31.13 -16.28 -43.49
CA VAL H 78 -30.37 -16.66 -42.30
C VAL H 78 -29.23 -17.57 -42.69
N ASP H 79 -28.05 -17.20 -42.24
CA ASP H 79 -26.84 -17.95 -42.51
C ASP H 79 -26.06 -18.09 -41.23
N ILE H 80 -25.20 -19.09 -41.19
CA ILE H 80 -24.49 -19.41 -39.97
C ILE H 80 -23.00 -19.19 -40.13
N PHE H 81 -22.42 -18.35 -39.27
CA PHE H 81 -21.02 -18.03 -39.34
C PHE H 81 -20.18 -18.88 -38.38
N ALA H 82 -19.28 -19.69 -38.92
CA ALA H 82 -18.45 -20.58 -38.11
C ALA H 82 -17.29 -19.80 -37.57
N GLU H 83 -17.40 -19.31 -36.35
CA GLU H 83 -16.35 -18.49 -35.73
C GLU H 83 -15.09 -19.26 -35.40
N LYS H 84 -13.95 -18.61 -35.51
CA LYS H 84 -12.67 -19.20 -35.09
C LYS H 84 -12.36 -18.83 -33.63
N LEU H 85 -12.18 -19.84 -32.78
CA LEU H 85 -11.93 -19.64 -31.35
C LEU H 85 -10.52 -20.03 -30.92
N SER H 86 -10.22 -19.79 -29.65
CA SER H 86 -8.97 -20.21 -29.03
C SER H 86 -9.21 -20.71 -27.62
N ALA H 87 -8.69 -21.90 -27.30
CA ALA H 87 -8.86 -22.50 -25.97
C ALA H 87 -8.13 -21.73 -24.88
N GLU H 88 -7.08 -21.01 -25.28
CA GLU H 88 -6.36 -20.12 -24.36
C GLU H 88 -7.08 -18.76 -24.20
N LYS H 89 -7.94 -18.39 -25.16
CA LYS H 89 -8.65 -17.10 -25.14
C LYS H 89 -10.19 -17.28 -25.16
N PRO H 90 -10.79 -17.58 -23.99
CA PRO H 90 -12.24 -17.82 -23.90
C PRO H 90 -13.07 -16.58 -24.16
N GLY H 91 -14.13 -16.74 -24.94
CA GLY H 91 -15.04 -15.62 -25.22
C GLY H 91 -14.47 -14.64 -26.22
N TYR H 92 -13.47 -15.06 -26.97
CA TYR H 92 -12.87 -14.28 -28.06
C TYR H 92 -12.95 -15.05 -29.36
N TYR H 93 -13.08 -14.33 -30.47
CA TYR H 93 -13.06 -14.95 -31.78
C TYR H 93 -12.20 -14.10 -32.73
N GLN H 94 -11.72 -14.74 -33.79
CA GLN H 94 -10.82 -14.10 -34.71
C GLN H 94 -11.57 -13.56 -35.91
N HIS H 95 -11.49 -12.25 -36.09
CA HIS H 95 -12.11 -11.57 -37.22
C HIS H 95 -11.21 -10.49 -37.86
N ASN H 96 -11.01 -10.57 -39.18
CA ASN H 96 -10.08 -9.70 -39.90
C ASN H 96 -8.74 -9.64 -39.16
N GLY H 97 -8.18 -10.82 -38.94
CA GLY H 97 -6.87 -10.95 -38.31
C GLY H 97 -6.78 -10.28 -36.95
N GLU H 98 -7.77 -10.48 -36.10
CA GLU H 98 -7.67 -9.98 -34.73
C GLU H 98 -8.64 -10.67 -33.80
N TRP H 99 -8.28 -10.76 -32.52
CA TRP H 99 -9.13 -11.44 -31.55
C TRP H 99 -10.14 -10.47 -30.94
N VAL H 100 -11.37 -10.54 -31.45
CA VAL H 100 -12.48 -9.69 -31.03
C VAL H 100 -13.18 -10.34 -29.85
N LYS H 101 -13.47 -9.56 -28.83
CA LYS H 101 -14.19 -10.10 -27.68
C LYS H 101 -15.70 -10.26 -27.95
N MET H 102 -16.27 -11.37 -27.50
CA MET H 102 -17.70 -11.65 -27.69
C MET H 102 -18.56 -10.81 -26.75
N LEU H 103 -19.75 -10.51 -27.22
CA LEU H 103 -20.76 -9.89 -26.39
C LEU H 103 -21.51 -11.00 -25.61
N SER H 104 -21.69 -10.77 -24.31
CA SER H 104 -22.36 -11.71 -23.46
C SER H 104 -23.38 -11.02 -22.59
N ARG H 105 -24.49 -11.71 -22.33
CA ARG H 105 -25.40 -11.31 -21.25
C ARG H 105 -25.65 -12.51 -20.38
N LYS H 106 -25.86 -12.23 -19.12
CA LYS H 106 -26.20 -13.27 -18.16
C LYS H 106 -27.71 -13.34 -17.88
N GLU H 107 -28.25 -14.56 -17.92
CA GLU H 107 -29.69 -14.80 -17.75
C GLU H 107 -29.92 -15.81 -16.65
N THR H 108 -30.78 -15.49 -15.69
CA THR H 108 -31.20 -16.43 -14.66
C THR H 108 -32.68 -16.75 -14.83
N ILE H 109 -33.02 -18.02 -14.70
CA ILE H 109 -34.38 -18.50 -14.91
C ILE H 109 -35.02 -18.89 -13.62
N ALA H 110 -36.07 -18.17 -13.24
CA ALA H 110 -36.78 -18.47 -11.99
C ALA H 110 -37.60 -19.72 -12.22
N VAL H 111 -37.68 -20.56 -11.22
CA VAL H 111 -38.44 -21.81 -11.32
C VAL H 111 -39.44 -21.93 -10.16
N LYS H 112 -40.70 -22.28 -10.45
CA LYS H 112 -41.73 -22.31 -9.43
C LYS H 112 -41.42 -23.24 -8.24
N ASP H 113 -41.31 -24.54 -8.49
CA ASP H 113 -41.11 -25.51 -7.39
C ASP H 113 -39.68 -26.03 -7.34
N GLY H 114 -38.72 -25.20 -7.74
CA GLY H 114 -37.33 -25.65 -7.86
C GLY H 114 -36.32 -24.53 -7.69
N GLN H 115 -35.10 -24.78 -8.16
CA GLN H 115 -33.98 -23.87 -7.94
C GLN H 115 -33.65 -23.06 -9.23
N PRO H 116 -33.26 -21.78 -9.06
CA PRO H 116 -32.94 -20.93 -10.20
C PRO H 116 -31.84 -21.54 -11.04
N GLU H 117 -32.01 -21.49 -12.36
CA GLU H 117 -31.03 -21.98 -13.32
C GLU H 117 -30.40 -20.74 -13.94
N THR H 118 -29.07 -20.64 -13.91
CA THR H 118 -28.34 -19.48 -14.41
C THR H 118 -27.45 -19.87 -15.56
N PHE H 119 -27.45 -19.10 -16.64
CA PHE H 119 -26.52 -19.35 -17.76
C PHE H 119 -26.10 -18.08 -18.51
N THR H 120 -25.21 -18.23 -19.49
CA THR H 120 -24.79 -17.09 -20.32
C THR H 120 -25.10 -17.33 -21.79
N VAL H 121 -25.40 -16.24 -22.49
CA VAL H 121 -25.66 -16.30 -23.92
C VAL H 121 -24.63 -15.39 -24.59
N TRP H 122 -24.00 -15.88 -25.66
CA TRP H 122 -22.90 -15.17 -26.31
C TRP H 122 -23.34 -14.69 -27.69
N ARG H 123 -22.91 -13.48 -28.04
CA ARG H 123 -23.19 -12.87 -29.32
C ARG H 123 -21.87 -12.43 -29.95
N THR H 124 -21.70 -12.71 -31.23
CA THR H 124 -20.62 -12.12 -32.03
C THR H 124 -21.15 -11.00 -32.90
N LEU H 125 -20.27 -10.38 -33.68
CA LEU H 125 -20.67 -9.39 -34.66
C LEU H 125 -21.56 -10.03 -35.73
N HIS H 126 -21.59 -11.36 -35.83
CA HIS H 126 -22.52 -12.05 -36.75
C HIS H 126 -23.86 -12.40 -36.10
N GLY H 127 -23.88 -12.38 -34.76
CA GLY H 127 -25.10 -12.69 -34.01
C GLY H 127 -24.90 -13.67 -32.88
N ASN H 128 -26.01 -14.08 -32.27
CA ASN H 128 -26.01 -15.05 -31.17
C ASN H 128 -25.32 -16.35 -31.48
N VAL H 129 -24.55 -16.85 -30.52
CA VAL H 129 -23.87 -18.13 -30.67
C VAL H 129 -24.86 -19.29 -30.36
N ILE H 130 -25.21 -20.04 -31.41
CA ILE H 130 -26.03 -21.25 -31.29
C ILE H 130 -25.28 -22.37 -30.58
N LYS H 131 -24.07 -22.64 -31.03
CA LYS H 131 -23.33 -23.80 -30.50
C LYS H 131 -21.82 -23.66 -30.57
N THR H 132 -21.15 -24.11 -29.51
CA THR H 132 -19.70 -24.20 -29.46
C THR H 132 -19.21 -25.64 -29.54
N ASP H 133 -18.59 -26.02 -30.67
CA ASP H 133 -17.95 -27.33 -30.80
C ASP H 133 -16.48 -27.17 -30.40
N THR H 134 -16.14 -27.67 -29.22
CA THR H 134 -14.81 -27.47 -28.65
C THR H 134 -13.71 -28.30 -29.36
N ALA H 135 -14.08 -29.46 -29.90
CA ALA H 135 -13.14 -30.33 -30.60
C ALA H 135 -12.54 -29.70 -31.86
N THR H 136 -13.15 -28.63 -32.36
CA THR H 136 -12.70 -27.98 -33.59
C THR H 136 -12.45 -26.50 -33.34
N GLN H 137 -12.43 -26.06 -32.08
CA GLN H 137 -12.18 -24.65 -31.77
C GLN H 137 -13.20 -23.73 -32.45
N THR H 138 -14.41 -24.22 -32.65
CA THR H 138 -15.40 -23.53 -33.47
C THR H 138 -16.61 -23.12 -32.64
N ALA H 139 -17.09 -21.90 -32.87
CA ALA H 139 -18.43 -21.46 -32.41
C ALA H 139 -19.29 -21.06 -33.61
N TYR H 140 -20.52 -21.57 -33.71
CA TYR H 140 -21.42 -21.10 -34.78
C TYR H 140 -22.38 -19.99 -34.30
N ALA H 141 -22.46 -18.89 -35.04
CA ALA H 141 -23.35 -17.75 -34.71
C ALA H 141 -24.40 -17.52 -35.79
N LYS H 142 -25.62 -17.23 -35.37
CA LYS H 142 -26.69 -17.10 -36.34
C LYS H 142 -26.73 -15.66 -36.84
N ALA H 143 -26.84 -15.54 -38.16
CA ALA H 143 -26.94 -14.26 -38.83
C ALA H 143 -28.24 -14.20 -39.60
N ARG H 144 -29.06 -13.23 -39.25
CA ARG H 144 -30.38 -13.06 -39.82
C ARG H 144 -30.38 -11.79 -40.60
N ALA H 145 -30.80 -11.89 -41.86
CA ALA H 145 -30.86 -10.70 -42.72
C ALA H 145 -31.75 -9.62 -42.09
N TRP H 146 -32.73 -10.07 -41.30
CA TRP H 146 -33.69 -9.18 -40.67
C TRP H 146 -33.32 -8.70 -39.26
N ASP H 147 -32.13 -9.00 -38.75
CA ASP H 147 -31.78 -8.53 -37.40
C ASP H 147 -31.84 -6.99 -37.31
N GLY H 148 -32.41 -6.47 -36.25
CA GLY H 148 -32.49 -5.02 -36.08
C GLY H 148 -33.67 -4.35 -36.74
N LYS H 149 -34.43 -5.10 -37.56
CA LYS H 149 -35.62 -4.60 -38.25
C LYS H 149 -36.94 -5.24 -37.78
N GLU H 150 -36.97 -5.82 -36.58
CA GLU H 150 -38.13 -6.62 -36.17
C GLU H 150 -39.35 -5.74 -35.90
N VAL H 151 -39.15 -4.72 -35.10
CA VAL H 151 -40.20 -3.78 -34.77
C VAL H 151 -40.69 -3.02 -36.00
N ALA H 152 -39.77 -2.58 -36.85
CA ALA H 152 -40.16 -1.97 -38.11
C ALA H 152 -41.06 -2.91 -38.91
N SER H 153 -40.75 -4.20 -38.90
CA SER H 153 -41.60 -5.20 -39.58
C SER H 153 -43.03 -5.26 -39.01
N LEU H 154 -43.12 -5.07 -37.70
CA LEU H 154 -44.41 -4.98 -37.01
C LEU H 154 -45.18 -3.75 -37.49
N LEU H 155 -44.55 -2.59 -37.46
CA LEU H 155 -45.20 -1.35 -37.87
C LEU H 155 -45.46 -1.30 -39.39
N ALA H 156 -44.71 -2.08 -40.15
CA ALA H 156 -45.01 -2.18 -41.56
C ALA H 156 -46.37 -2.87 -41.75
N TRP H 157 -46.60 -3.93 -40.97
CA TRP H 157 -47.81 -4.74 -41.12
C TRP H 157 -49.03 -3.97 -40.67
N THR H 158 -48.77 -3.00 -39.82
CA THR H 158 -49.80 -2.11 -39.33
C THR H 158 -50.16 -1.00 -40.30
N HIS H 159 -49.14 -0.38 -40.91
CA HIS H 159 -49.33 0.78 -41.76
C HIS H 159 -49.94 0.41 -43.09
N GLN H 160 -49.61 -0.76 -43.61
CA GLN H 160 -50.21 -1.19 -44.88
C GLN H 160 -51.73 -1.26 -44.85
N MET H 161 -52.30 -1.35 -43.66
CA MET H 161 -53.74 -1.38 -43.51
C MET H 161 -54.40 -0.10 -44.04
N LYS H 162 -53.66 1.01 -43.90
CA LYS H 162 -54.09 2.35 -44.38
C LYS H 162 -53.89 2.59 -45.87
N ALA H 163 -53.38 1.60 -46.59
CA ALA H 163 -52.99 1.81 -47.97
C ALA H 163 -54.20 1.67 -48.83
N LYS H 164 -54.34 2.51 -49.84
CA LYS H 164 -55.52 2.48 -50.69
C LYS H 164 -55.20 2.24 -52.19
N ASN H 165 -53.94 1.95 -52.49
CA ASN H 165 -53.49 1.64 -53.85
C ASN H 165 -52.20 0.83 -53.86
N TRP H 166 -51.85 0.30 -55.02
CA TRP H 166 -50.63 -0.55 -55.11
C TRP H 166 -49.33 0.09 -54.62
N PRO H 167 -49.02 1.36 -55.03
CA PRO H 167 -47.78 2.04 -54.57
C PRO H 167 -47.69 2.27 -53.06
N GLU H 168 -48.76 2.80 -52.47
CA GLU H 168 -48.78 3.05 -51.05
C GLU H 168 -48.62 1.73 -50.30
N TRP H 169 -49.08 0.63 -50.92
CA TRP H 169 -48.96 -0.70 -50.31
C TRP H 169 -47.55 -1.21 -50.38
N THR H 170 -47.02 -1.31 -51.60
CA THR H 170 -45.68 -1.86 -51.77
C THR H 170 -44.63 -1.12 -50.92
N GLN H 171 -44.72 0.18 -50.71
CA GLN H 171 -43.70 0.85 -49.93
C GLN H 171 -43.73 0.46 -48.44
N GLN H 172 -44.80 -0.19 -48.02
CA GLN H 172 -44.85 -0.80 -46.71
C GLN H 172 -44.26 -2.23 -46.77
N ALA H 173 -44.61 -2.95 -47.84
CA ALA H 173 -44.02 -4.25 -48.09
C ALA H 173 -42.51 -4.22 -48.01
N ALA H 174 -41.91 -3.16 -48.56
CA ALA H 174 -40.46 -2.99 -48.59
C ALA H 174 -39.84 -2.61 -47.22
N LYS H 175 -40.69 -2.31 -46.23
CA LYS H 175 -40.24 -2.13 -44.85
C LYS H 175 -40.44 -3.41 -44.04
N GLN H 176 -41.06 -4.42 -44.66
CA GLN H 176 -41.30 -5.69 -43.98
C GLN H 176 -40.14 -6.64 -44.24
N ALA H 177 -39.38 -6.92 -43.17
CA ALA H 177 -38.05 -7.53 -43.25
C ALA H 177 -37.99 -9.08 -43.13
N LEU H 178 -39.11 -9.70 -42.75
CA LEU H 178 -39.18 -11.14 -42.57
C LEU H 178 -39.58 -11.80 -43.88
N THR H 179 -39.28 -13.09 -44.03
CA THR H 179 -39.56 -13.81 -45.28
C THR H 179 -41.04 -14.26 -45.35
N ILE H 180 -41.87 -13.39 -45.89
CA ILE H 180 -43.32 -13.58 -45.88
C ILE H 180 -43.90 -13.25 -47.24
N ASN H 181 -44.66 -14.16 -47.81
CA ASN H 181 -45.44 -13.78 -48.99
C ASN H 181 -46.55 -12.81 -48.60
N TRP H 182 -46.59 -11.61 -49.20
CA TRP H 182 -47.76 -10.72 -49.11
C TRP H 182 -48.57 -10.73 -50.40
N TYR H 183 -49.86 -10.44 -50.28
CA TYR H 183 -50.75 -10.46 -51.40
C TYR H 183 -51.68 -9.25 -51.38
N TYR H 184 -52.17 -8.91 -52.57
CA TYR H 184 -52.89 -7.68 -52.79
C TYR H 184 -54.09 -7.98 -53.66
N ALA H 185 -55.20 -7.32 -53.35
CA ALA H 185 -56.36 -7.23 -54.26
C ALA H 185 -57.01 -5.88 -54.01
N ASP H 186 -57.73 -5.33 -55.00
CA ASP H 186 -58.44 -4.08 -54.80
C ASP H 186 -59.76 -3.97 -55.54
N VAL H 187 -60.52 -2.95 -55.18
CA VAL H 187 -61.90 -2.74 -55.64
C VAL H 187 -62.08 -2.81 -57.18
N ASN H 188 -61.05 -2.40 -57.92
CA ASN H 188 -61.13 -2.38 -59.37
C ASN H 188 -60.66 -3.68 -60.05
N GLY H 189 -60.32 -4.69 -59.25
CA GLY H 189 -59.96 -6.03 -59.76
C GLY H 189 -58.46 -6.26 -59.95
N ASN H 190 -57.67 -5.31 -59.46
CA ASN H 190 -56.23 -5.41 -59.48
C ASN H 190 -55.78 -6.36 -58.38
N ILE H 191 -54.81 -7.22 -58.68
CA ILE H 191 -54.22 -8.12 -57.71
C ILE H 191 -52.71 -8.09 -57.85
N GLY H 192 -52.01 -8.38 -56.76
CA GLY H 192 -50.54 -8.34 -56.74
C GLY H 192 -49.91 -9.34 -55.81
N TYR H 193 -48.59 -9.43 -55.84
CA TYR H 193 -47.83 -10.38 -55.00
C TYR H 193 -46.42 -9.85 -54.71
N VAL H 194 -46.01 -9.86 -53.46
CA VAL H 194 -44.63 -9.48 -53.12
C VAL H 194 -44.02 -10.42 -52.09
N HIS H 195 -43.12 -11.30 -52.55
CA HIS H 195 -42.29 -12.14 -51.66
C HIS H 195 -41.36 -11.24 -50.87
N THR H 196 -41.88 -10.70 -49.77
CA THR H 196 -41.17 -9.64 -49.02
C THR H 196 -40.03 -10.21 -48.20
N GLY H 197 -39.26 -9.32 -47.58
CA GLY H 197 -38.18 -9.70 -46.66
C GLY H 197 -36.83 -9.08 -47.01
N ALA H 198 -36.04 -8.79 -45.98
CA ALA H 198 -34.64 -8.47 -46.10
C ALA H 198 -33.84 -9.74 -46.45
N TYR H 199 -32.85 -9.59 -47.33
CA TYR H 199 -32.01 -10.70 -47.73
C TYR H 199 -30.58 -10.22 -47.90
N PRO H 200 -29.59 -11.10 -47.62
CA PRO H 200 -28.20 -10.72 -47.58
C PRO H 200 -27.57 -10.71 -48.95
N ASP H 201 -26.68 -9.75 -49.18
CA ASP H 201 -25.87 -9.68 -50.38
C ASP H 201 -24.58 -10.45 -50.09
N ARG H 202 -24.52 -11.67 -50.63
CA ARG H 202 -23.48 -12.60 -50.27
C ARG H 202 -22.28 -12.43 -51.17
N GLN H 203 -21.12 -12.85 -50.66
CA GLN H 203 -19.90 -12.97 -51.46
C GLN H 203 -20.09 -14.00 -52.57
N PRO H 204 -19.43 -13.79 -53.70
CA PRO H 204 -19.40 -14.87 -54.68
C PRO H 204 -18.72 -16.15 -54.14
N GLY H 205 -19.29 -17.30 -54.43
CA GLY H 205 -18.80 -18.55 -53.88
C GLY H 205 -19.54 -18.98 -52.62
N HIS H 206 -20.26 -18.06 -51.98
CA HIS H 206 -20.99 -18.35 -50.74
C HIS H 206 -22.11 -19.35 -50.99
N ASP H 207 -21.91 -20.58 -50.55
CA ASP H 207 -22.97 -21.60 -50.54
C ASP H 207 -23.92 -21.43 -49.33
N PRO H 208 -25.15 -20.97 -49.57
CA PRO H 208 -26.09 -20.63 -48.49
C PRO H 208 -26.69 -21.83 -47.72
N ARG H 209 -26.46 -23.05 -48.20
CA ARG H 209 -26.93 -24.24 -47.52
C ARG H 209 -26.06 -24.63 -46.32
N LEU H 210 -24.86 -24.10 -46.22
CA LEU H 210 -23.91 -24.54 -45.19
C LEU H 210 -23.24 -23.36 -44.51
N PRO H 211 -22.74 -23.56 -43.28
CA PRO H 211 -22.13 -22.42 -42.60
C PRO H 211 -21.00 -21.82 -43.45
N VAL H 212 -20.52 -20.64 -43.07
CA VAL H 212 -19.31 -20.06 -43.66
C VAL H 212 -18.36 -19.60 -42.56
N PRO H 213 -17.06 -19.51 -42.86
CA PRO H 213 -16.17 -19.01 -41.82
C PRO H 213 -16.48 -17.57 -41.46
N GLY H 214 -16.28 -17.21 -40.19
CA GLY H 214 -16.56 -15.85 -39.75
C GLY H 214 -15.31 -15.11 -39.36
N THR H 215 -14.28 -15.28 -40.18
CA THR H 215 -12.96 -14.69 -39.88
C THR H 215 -12.74 -13.36 -40.61
N GLY H 216 -13.57 -13.10 -41.62
CA GLY H 216 -13.65 -11.79 -42.25
C GLY H 216 -14.01 -11.85 -43.72
N LYS H 217 -13.37 -12.76 -44.44
CA LYS H 217 -13.51 -12.80 -45.88
C LYS H 217 -14.90 -13.16 -46.39
N TRP H 218 -15.74 -13.76 -45.54
CA TRP H 218 -17.06 -14.23 -46.00
C TRP H 218 -18.28 -13.40 -45.52
N ASP H 219 -18.01 -12.33 -44.78
CA ASP H 219 -19.04 -11.42 -44.33
C ASP H 219 -19.95 -10.97 -45.46
N TRP H 220 -21.22 -10.78 -45.13
CA TRP H 220 -22.18 -10.25 -46.09
C TRP H 220 -21.75 -8.84 -46.49
N LYS H 221 -22.04 -8.49 -47.74
CA LYS H 221 -21.72 -7.17 -48.26
C LYS H 221 -22.73 -6.12 -47.79
N GLY H 222 -23.89 -6.59 -47.34
CA GLY H 222 -25.04 -5.73 -47.05
C GLY H 222 -26.29 -6.48 -47.52
N LEU H 223 -27.37 -5.74 -47.74
CA LEU H 223 -28.66 -6.33 -48.09
C LEU H 223 -29.01 -6.16 -49.56
N LEU H 224 -29.48 -7.24 -50.16
CA LEU H 224 -30.03 -7.19 -51.50
C LEU H 224 -31.10 -6.12 -51.59
N SER H 225 -31.23 -5.52 -52.77
CA SER H 225 -32.21 -4.47 -52.99
C SER H 225 -33.64 -5.04 -53.08
N PHE H 226 -34.61 -4.24 -52.65
CA PHE H 226 -36.01 -4.59 -52.75
C PHE H 226 -36.40 -4.79 -54.24
N ASP H 227 -35.63 -4.24 -55.17
CA ASP H 227 -35.85 -4.47 -56.60
C ASP H 227 -35.73 -5.95 -56.93
N LEU H 228 -34.97 -6.70 -56.11
CA LEU H 228 -34.76 -8.13 -56.36
C LEU H 228 -35.84 -9.06 -55.78
N ASN H 229 -36.53 -8.60 -54.72
CA ASN H 229 -37.67 -9.31 -54.16
C ASN H 229 -38.70 -9.61 -55.26
N PRO H 230 -39.01 -10.90 -55.52
CA PRO H 230 -40.00 -11.32 -56.47
C PRO H 230 -41.31 -10.52 -56.38
N LYS H 231 -41.84 -10.08 -57.53
CA LYS H 231 -43.06 -9.27 -57.59
C LYS H 231 -43.82 -9.53 -58.83
N VAL H 232 -45.13 -9.47 -58.75
CA VAL H 232 -45.94 -9.46 -59.95
C VAL H 232 -47.19 -8.66 -59.64
N TYR H 233 -47.71 -7.97 -60.64
CA TYR H 233 -48.92 -7.14 -60.54
C TYR H 233 -49.76 -7.37 -61.80
N ASN H 234 -50.98 -7.86 -61.61
CA ASN H 234 -51.87 -8.19 -62.72
C ASN H 234 -51.25 -9.14 -63.70
N PRO H 235 -50.75 -10.27 -63.21
CA PRO H 235 -50.19 -11.25 -64.12
C PRO H 235 -51.20 -11.76 -65.15
N GLN H 236 -50.70 -12.35 -66.23
CA GLN H 236 -51.50 -12.70 -67.38
C GLN H 236 -52.28 -14.00 -67.18
N SER H 237 -51.98 -14.75 -66.11
CA SER H 237 -52.70 -16.00 -65.83
C SER H 237 -54.05 -15.68 -65.25
N GLY H 238 -54.16 -14.43 -64.81
CA GLY H 238 -55.36 -13.94 -64.17
C GLY H 238 -55.47 -14.38 -62.73
N TYR H 239 -54.39 -14.92 -62.17
CA TYR H 239 -54.39 -15.29 -60.78
C TYR H 239 -53.01 -15.44 -60.19
N ILE H 240 -52.99 -15.68 -58.89
CA ILE H 240 -51.78 -15.78 -58.08
C ILE H 240 -52.03 -16.85 -57.01
N ALA H 241 -51.50 -18.05 -57.21
CA ALA H 241 -51.70 -19.13 -56.28
C ALA H 241 -50.41 -19.44 -55.56
N ASN H 242 -50.50 -19.88 -54.31
CA ASN H 242 -49.32 -20.24 -53.55
C ASN H 242 -49.67 -21.21 -52.41
N TRP H 243 -48.80 -22.19 -52.17
CA TRP H 243 -48.91 -23.00 -50.98
C TRP H 243 -47.48 -23.24 -50.46
N ASN H 244 -46.80 -22.13 -50.13
CA ASN H 244 -45.39 -22.13 -49.72
C ASN H 244 -44.44 -22.68 -50.75
N ASN H 245 -44.75 -22.41 -52.03
CA ASN H 245 -43.92 -22.82 -53.15
C ASN H 245 -43.05 -21.66 -53.62
N SER H 246 -42.17 -21.97 -54.56
CA SER H 246 -41.26 -21.00 -55.09
C SER H 246 -42.00 -19.78 -55.61
N PRO H 247 -41.61 -18.59 -55.14
CA PRO H 247 -42.19 -17.38 -55.67
C PRO H 247 -42.00 -17.18 -57.16
N GLN H 248 -40.92 -17.70 -57.70
CA GLN H 248 -40.41 -17.19 -58.98
C GLN H 248 -39.26 -18.06 -59.50
N LYS H 249 -39.14 -18.16 -60.84
CA LYS H 249 -38.04 -18.95 -61.45
C LYS H 249 -36.64 -18.58 -60.92
N ASP H 250 -35.80 -19.58 -60.74
CA ASP H 250 -34.44 -19.43 -60.20
C ASP H 250 -34.37 -18.81 -58.78
N TYR H 251 -35.45 -18.87 -58.03
CA TYR H 251 -35.43 -18.33 -56.70
C TYR H 251 -35.05 -19.46 -55.76
N PRO H 252 -33.99 -19.25 -54.96
CA PRO H 252 -33.45 -20.30 -54.10
C PRO H 252 -34.15 -20.36 -52.73
N ALA H 253 -34.47 -21.57 -52.26
CA ALA H 253 -35.22 -21.78 -51.03
C ALA H 253 -34.42 -21.59 -49.76
N SER H 254 -35.10 -21.69 -48.63
CA SER H 254 -34.43 -21.70 -47.33
C SER H 254 -33.57 -22.94 -47.24
N ASP H 255 -32.50 -22.85 -46.42
CA ASP H 255 -31.51 -23.91 -46.31
C ASP H 255 -31.96 -25.15 -45.50
N LEU H 256 -33.18 -25.14 -45.01
CA LEU H 256 -33.75 -26.25 -44.23
C LEU H 256 -33.69 -27.57 -44.99
N PHE H 257 -32.98 -28.53 -44.45
CA PHE H 257 -32.81 -29.80 -45.16
C PHE H 257 -34.12 -30.48 -45.56
N ALA H 258 -35.16 -30.34 -44.74
CA ALA H 258 -36.44 -30.98 -45.03
C ALA H 258 -37.31 -30.19 -46.02
N PHE H 259 -36.79 -29.04 -46.49
CA PHE H 259 -37.51 -28.14 -47.38
C PHE H 259 -36.97 -28.15 -48.81
N LEU H 260 -37.84 -28.35 -49.79
CA LEU H 260 -37.39 -28.36 -51.19
C LEU H 260 -38.43 -27.80 -52.13
N TRP H 261 -37.98 -27.12 -53.20
CA TRP H 261 -38.87 -26.71 -54.30
C TRP H 261 -38.51 -27.49 -55.53
N GLY H 262 -39.20 -28.59 -55.76
CA GLY H 262 -38.92 -29.46 -56.91
C GLY H 262 -40.08 -29.53 -57.87
N GLY H 263 -40.04 -30.48 -58.78
CA GLY H 263 -41.10 -30.66 -59.74
C GLY H 263 -42.34 -31.23 -59.08
N ALA H 264 -42.14 -31.97 -57.99
CA ALA H 264 -43.28 -32.43 -57.17
C ALA H 264 -43.67 -31.33 -56.18
N ASP H 265 -44.85 -30.76 -56.36
CA ASP H 265 -45.34 -29.69 -55.49
C ASP H 265 -46.84 -29.66 -55.37
N ARG H 266 -47.29 -29.48 -54.13
CA ARG H 266 -48.71 -29.57 -53.80
C ARG H 266 -49.56 -28.40 -54.37
N VAL H 267 -48.89 -27.31 -54.76
CA VAL H 267 -49.59 -26.12 -55.27
C VAL H 267 -50.16 -26.40 -56.65
N THR H 268 -49.66 -27.42 -57.31
CA THR H 268 -50.27 -27.92 -58.55
C THR H 268 -51.72 -28.36 -58.29
N GLU H 269 -52.01 -28.84 -57.08
CA GLU H 269 -53.37 -29.25 -56.74
C GLU H 269 -54.31 -28.06 -56.71
N ILE H 270 -53.76 -26.88 -56.45
CA ILE H 270 -54.52 -25.62 -56.52
C ILE H 270 -54.62 -25.24 -57.99
N ASP H 271 -53.47 -25.20 -58.65
CA ASP H 271 -53.36 -24.76 -60.03
C ASP H 271 -54.26 -25.55 -60.97
N THR H 272 -54.28 -26.86 -60.82
CA THR H 272 -55.09 -27.67 -61.71
C THR H 272 -56.57 -27.28 -61.59
N ILE H 273 -57.02 -26.92 -60.38
CA ILE H 273 -58.41 -26.49 -60.16
C ILE H 273 -58.70 -25.15 -60.84
N LEU H 274 -57.78 -24.21 -60.64
CA LEU H 274 -57.91 -22.86 -61.17
C LEU H 274 -57.75 -22.77 -62.69
N ASP H 275 -57.55 -23.91 -63.35
CA ASP H 275 -57.44 -23.95 -64.79
C ASP H 275 -58.49 -24.84 -65.43
N LYS H 276 -59.27 -25.54 -64.62
CA LYS H 276 -60.28 -26.46 -65.14
C LYS H 276 -61.45 -25.67 -65.74
N GLN H 277 -61.60 -24.42 -65.32
CA GLN H 277 -62.65 -23.57 -65.89
C GLN H 277 -62.24 -22.10 -65.98
N PRO H 278 -62.87 -21.35 -66.93
CA PRO H 278 -62.45 -19.97 -67.22
C PRO H 278 -62.67 -18.97 -66.10
N ARG H 279 -63.80 -19.03 -65.38
CA ARG H 279 -64.03 -18.08 -64.27
C ARG H 279 -64.60 -18.67 -62.97
N PHE H 280 -64.52 -17.87 -61.92
CA PHE H 280 -64.94 -18.26 -60.59
C PHE H 280 -65.86 -17.22 -59.93
N THR H 281 -66.97 -17.71 -59.36
CA THR H 281 -67.81 -16.92 -58.45
C THR H 281 -67.17 -16.98 -57.08
N ALA H 282 -67.64 -16.14 -56.16
CA ALA H 282 -67.10 -16.12 -54.79
C ALA H 282 -67.34 -17.47 -54.10
N ASP H 283 -68.39 -18.17 -54.56
CA ASP H 283 -68.77 -19.48 -54.00
C ASP H 283 -67.82 -20.57 -54.47
N GLN H 284 -67.49 -20.56 -55.75
CA GLN H 284 -66.56 -21.54 -56.31
C GLN H 284 -65.13 -21.35 -55.75
N ALA H 285 -64.72 -20.09 -55.59
CA ALA H 285 -63.44 -19.71 -54.95
C ALA H 285 -63.33 -20.26 -53.54
N TRP H 286 -64.40 -20.12 -52.74
CA TRP H 286 -64.41 -20.66 -51.38
C TRP H 286 -64.44 -22.17 -51.37
N ASP H 287 -65.15 -22.74 -52.34
CA ASP H 287 -65.22 -24.20 -52.56
C ASP H 287 -63.87 -24.90 -52.89
N VAL H 288 -62.80 -24.14 -52.99
CA VAL H 288 -61.48 -24.71 -53.26
C VAL H 288 -60.88 -25.16 -51.91
N ILE H 289 -61.25 -24.49 -50.82
CA ILE H 289 -60.83 -24.93 -49.51
C ILE H 289 -61.30 -26.36 -49.25
N ARG H 290 -62.50 -26.69 -49.70
CA ARG H 290 -63.03 -28.03 -49.55
C ARG H 290 -62.14 -28.96 -50.39
N GLN H 291 -61.91 -28.58 -51.64
CA GLN H 291 -61.28 -29.50 -52.61
C GLN H 291 -59.88 -29.89 -52.19
N THR H 292 -59.08 -28.87 -51.94
CA THR H 292 -57.72 -29.07 -51.49
C THR H 292 -57.64 -29.70 -50.10
N SER H 293 -58.63 -29.45 -49.25
CA SER H 293 -58.67 -30.06 -47.91
C SER H 293 -58.54 -31.58 -47.87
N ARG H 294 -59.25 -32.24 -48.79
CA ARG H 294 -59.42 -33.69 -48.73
C ARG H 294 -58.62 -34.36 -49.83
N ARG H 295 -57.75 -33.58 -50.46
CA ARG H 295 -56.99 -34.00 -51.61
C ARG H 295 -55.77 -34.78 -51.16
N ASP H 296 -55.64 -36.05 -51.61
CA ASP H 296 -54.39 -36.82 -51.40
C ASP H 296 -53.28 -36.25 -52.28
N LEU H 297 -52.17 -35.88 -51.64
CA LEU H 297 -51.14 -35.06 -52.31
C LEU H 297 -50.11 -35.86 -53.11
N ASN H 298 -50.05 -37.18 -52.90
CA ASN H 298 -49.06 -38.05 -53.59
C ASN H 298 -49.62 -38.86 -54.77
N LEU H 299 -50.94 -39.02 -54.89
CA LEU H 299 -51.47 -39.85 -55.96
C LEU H 299 -51.03 -39.39 -57.37
N ARG H 300 -51.16 -38.09 -57.62
CA ARG H 300 -50.80 -37.49 -58.91
C ARG H 300 -49.34 -37.73 -59.27
N LEU H 301 -48.47 -37.75 -58.25
CA LEU H 301 -47.03 -37.85 -58.45
C LEU H 301 -46.57 -39.24 -58.87
N PHE H 302 -47.07 -40.29 -58.20
CA PHE H 302 -46.50 -41.64 -58.37
C PHE H 302 -47.39 -42.63 -59.13
N LEU H 303 -48.57 -42.18 -59.55
CA LEU H 303 -49.48 -43.08 -60.22
C LEU H 303 -49.05 -43.45 -61.63
N PRO H 304 -48.43 -42.51 -62.37
CA PRO H 304 -47.89 -42.97 -63.66
C PRO H 304 -46.91 -44.15 -63.48
N ALA H 305 -45.93 -43.97 -62.59
CA ALA H 305 -44.91 -45.00 -62.32
C ALA H 305 -45.49 -46.32 -61.82
N LEU H 306 -46.49 -46.28 -60.95
CA LEU H 306 -47.11 -47.50 -60.49
C LEU H 306 -47.88 -48.16 -61.63
N LYS H 307 -48.50 -47.36 -62.48
CA LYS H 307 -49.34 -47.88 -63.54
C LYS H 307 -48.56 -48.71 -64.55
N ASP H 308 -47.33 -48.29 -64.85
CA ASP H 308 -46.55 -48.95 -65.89
C ASP H 308 -45.58 -49.99 -65.33
N ALA H 309 -45.33 -49.94 -64.03
CA ALA H 309 -44.55 -50.96 -63.35
C ALA H 309 -45.35 -52.25 -63.20
N THR H 310 -46.66 -52.13 -63.19
CA THR H 310 -47.54 -53.29 -63.02
C THR H 310 -48.35 -53.59 -64.29
N ALA H 311 -48.04 -52.92 -65.39
CA ALA H 311 -48.82 -53.06 -66.62
C ALA H 311 -48.80 -54.49 -67.17
N ASN H 312 -47.71 -55.19 -66.89
CA ASN H 312 -47.45 -56.54 -67.40
C ASN H 312 -47.96 -57.64 -66.48
N LEU H 313 -48.36 -57.29 -65.26
CA LEU H 313 -48.79 -58.27 -64.28
C LEU H 313 -50.22 -58.69 -64.53
N ALA H 314 -50.57 -59.87 -64.04
CA ALA H 314 -51.94 -60.36 -64.12
C ALA H 314 -52.79 -59.68 -63.04
N GLU H 315 -54.11 -59.70 -63.26
CA GLU H 315 -55.06 -59.04 -62.35
C GLU H 315 -55.12 -59.66 -60.97
N ASN H 316 -54.96 -60.98 -60.91
CA ASN H 316 -54.93 -61.66 -59.62
C ASN H 316 -53.69 -61.29 -58.78
N ASP H 317 -52.69 -60.65 -59.39
CA ASP H 317 -51.50 -60.24 -58.66
C ASP H 317 -51.87 -59.08 -57.75
N PRO H 318 -51.70 -59.27 -56.44
CA PRO H 318 -51.95 -58.22 -55.45
C PRO H 318 -51.30 -56.88 -55.78
N ARG H 319 -50.08 -56.92 -56.31
CA ARG H 319 -49.36 -55.69 -56.63
C ARG H 319 -50.09 -54.92 -57.72
N ARG H 320 -50.67 -55.63 -58.68
CA ARG H 320 -51.51 -54.94 -59.66
C ARG H 320 -52.84 -54.54 -59.04
N GLN H 321 -53.39 -55.43 -58.21
CA GLN H 321 -54.69 -55.16 -57.59
C GLN H 321 -54.65 -53.84 -56.88
N LEU H 322 -53.62 -53.65 -56.05
CA LEU H 322 -53.43 -52.38 -55.37
C LEU H 322 -53.47 -51.23 -56.35
N VAL H 323 -52.66 -51.30 -57.41
CA VAL H 323 -52.55 -50.21 -58.38
C VAL H 323 -53.86 -49.95 -59.14
N ASP H 324 -54.65 -51.00 -59.40
CA ASP H 324 -55.97 -50.83 -60.08
C ASP H 324 -56.94 -50.12 -59.18
N LYS H 325 -56.78 -50.33 -57.89
CA LYS H 325 -57.57 -49.66 -56.88
C LYS H 325 -57.24 -48.16 -56.91
N LEU H 326 -55.96 -47.84 -56.81
CA LEU H 326 -55.52 -46.45 -56.97
C LEU H 326 -55.95 -45.83 -58.30
N ALA H 327 -55.88 -46.60 -59.38
CA ALA H 327 -56.29 -46.11 -60.69
C ALA H 327 -57.79 -45.79 -60.79
N SER H 328 -58.61 -46.42 -59.94
CA SER H 328 -60.06 -46.19 -59.97
C SER H 328 -60.50 -45.16 -58.91
N TRP H 329 -59.58 -44.32 -58.46
CA TRP H 329 -59.81 -43.42 -57.32
C TRP H 329 -59.69 -42.00 -57.80
N ASP H 330 -60.62 -41.14 -57.40
CA ASP H 330 -60.56 -39.74 -57.83
C ASP H 330 -59.59 -38.91 -57.00
N GLY H 331 -58.97 -39.51 -56.00
CA GLY H 331 -57.91 -38.86 -55.27
C GLY H 331 -58.38 -37.93 -54.19
N GLU H 332 -59.66 -38.06 -53.79
CA GLU H 332 -60.22 -37.28 -52.70
C GLU H 332 -60.65 -38.21 -51.55
N ASN H 333 -60.30 -37.85 -50.33
CA ASN H 333 -60.65 -38.66 -49.16
C ASN H 333 -61.91 -38.17 -48.47
N LEU H 334 -62.90 -39.03 -48.36
CA LEU H 334 -64.11 -38.71 -47.64
C LEU H 334 -64.30 -39.72 -46.55
N VAL H 335 -64.60 -39.23 -45.35
CA VAL H 335 -64.76 -40.09 -44.17
C VAL H 335 -66.19 -40.57 -44.11
N ASN H 336 -66.36 -41.82 -43.72
CA ASN H 336 -67.67 -42.47 -43.55
C ASN H 336 -68.48 -41.93 -42.35
N ASP H 337 -69.74 -42.36 -42.28
CA ASP H 337 -70.65 -41.93 -41.19
C ASP H 337 -70.20 -42.39 -39.81
N ASP H 338 -69.57 -43.55 -39.71
CA ASP H 338 -69.00 -43.99 -38.44
C ASP H 338 -67.99 -42.97 -37.94
N GLY H 339 -67.43 -42.17 -38.86
CA GLY H 339 -66.53 -41.08 -38.53
C GLY H 339 -65.09 -41.49 -38.22
N LYS H 340 -64.73 -42.75 -38.48
CA LYS H 340 -63.40 -43.26 -38.11
C LYS H 340 -62.63 -43.89 -39.26
N THR H 341 -63.22 -43.92 -40.45
CA THR H 341 -62.63 -44.59 -41.62
C THR H 341 -62.83 -43.78 -42.88
N TYR H 342 -61.99 -44.01 -43.88
CA TYR H 342 -62.18 -43.37 -45.18
C TYR H 342 -62.98 -44.30 -46.08
N GLN H 343 -63.72 -43.72 -47.01
CA GLN H 343 -64.45 -44.49 -48.01
C GLN H 343 -63.52 -45.32 -48.89
N GLN H 344 -62.32 -44.79 -49.17
CA GLN H 344 -61.35 -45.44 -50.04
C GLN H 344 -60.01 -45.63 -49.33
N PRO H 345 -59.39 -46.81 -49.52
CA PRO H 345 -58.11 -47.11 -48.87
C PRO H 345 -56.85 -46.47 -49.55
N GLY H 346 -57.07 -45.61 -50.55
CA GLY H 346 -55.99 -45.05 -51.34
C GLY H 346 -54.81 -44.53 -50.54
N SER H 347 -55.06 -43.65 -49.57
CA SER H 347 -53.95 -43.06 -48.81
C SER H 347 -53.18 -44.12 -48.03
N ALA H 348 -53.89 -45.01 -47.33
CA ALA H 348 -53.22 -46.08 -46.63
C ALA H 348 -52.27 -46.86 -47.58
N ILE H 349 -52.77 -47.17 -48.78
CA ILE H 349 -52.01 -47.90 -49.78
C ILE H 349 -50.75 -47.15 -50.17
N LEU H 350 -50.92 -45.91 -50.60
CA LEU H 350 -49.78 -45.06 -50.94
C LEU H 350 -48.82 -44.88 -49.76
N ASN H 351 -49.33 -44.74 -48.53
CA ASN H 351 -48.47 -44.58 -47.34
C ASN H 351 -47.52 -45.77 -47.16
N ALA H 352 -48.11 -46.97 -47.29
CA ALA H 352 -47.37 -48.22 -47.25
C ALA H 352 -46.32 -48.25 -48.35
N TRP H 353 -46.78 -48.17 -49.59
CA TRP H 353 -45.85 -48.22 -50.71
C TRP H 353 -44.74 -47.21 -50.55
N LEU H 354 -45.12 -45.95 -50.37
CA LEU H 354 -44.14 -44.86 -50.29
C LEU H 354 -43.14 -45.13 -49.18
N THR H 355 -43.60 -45.58 -48.03
CA THR H 355 -42.70 -45.87 -46.89
C THR H 355 -41.65 -46.92 -47.25
N SER H 356 -42.11 -48.00 -47.89
CA SER H 356 -41.23 -49.05 -48.40
C SER H 356 -40.23 -48.54 -49.47
N MET H 357 -40.71 -47.72 -50.40
CA MET H 357 -39.87 -47.13 -51.45
C MET H 357 -38.74 -46.27 -50.91
N LEU H 358 -39.07 -45.40 -49.97
CA LEU H 358 -38.04 -44.56 -49.33
C LEU H 358 -37.00 -45.37 -48.55
N LYS H 359 -37.43 -46.44 -47.91
CA LYS H 359 -36.54 -47.34 -47.18
C LYS H 359 -35.53 -48.05 -48.14
N ARG H 360 -35.91 -48.23 -49.40
CA ARG H 360 -35.08 -48.88 -50.41
C ARG H 360 -34.21 -47.92 -51.23
N THR H 361 -34.65 -46.67 -51.39
CA THR H 361 -33.92 -45.70 -52.20
C THR H 361 -33.17 -44.65 -51.32
N VAL H 362 -33.85 -43.53 -51.07
CA VAL H 362 -33.20 -42.34 -50.54
C VAL H 362 -32.49 -42.64 -49.23
N VAL H 363 -33.20 -43.35 -48.37
CA VAL H 363 -32.69 -43.77 -47.04
C VAL H 363 -31.47 -44.69 -47.13
N ALA H 364 -31.55 -45.69 -48.01
CA ALA H 364 -30.41 -46.59 -48.21
C ALA H 364 -29.16 -45.83 -48.61
N ALA H 365 -29.30 -44.82 -49.44
CA ALA H 365 -28.14 -44.08 -49.95
C ALA H 365 -27.55 -43.13 -48.94
N VAL H 366 -28.19 -43.00 -47.80
CA VAL H 366 -27.75 -42.05 -46.81
C VAL H 366 -27.21 -42.83 -45.65
N PRO H 367 -26.05 -42.42 -45.11
CA PRO H 367 -25.49 -43.06 -43.93
C PRO H 367 -26.39 -42.92 -42.69
N ALA H 368 -26.65 -44.04 -42.02
CA ALA H 368 -27.37 -44.06 -40.76
C ALA H 368 -26.56 -43.25 -39.74
N PRO H 369 -27.20 -42.39 -38.92
CA PRO H 369 -28.64 -42.23 -38.65
C PRO H 369 -29.39 -41.18 -39.46
N PHE H 370 -28.73 -40.61 -40.46
CA PHE H 370 -29.34 -39.50 -41.22
C PHE H 370 -30.45 -39.96 -42.18
N GLY H 371 -30.54 -41.26 -42.44
CA GLY H 371 -31.66 -41.84 -43.19
C GLY H 371 -33.01 -41.64 -42.53
N LYS H 372 -33.02 -41.31 -41.23
CA LYS H 372 -34.28 -40.96 -40.56
C LYS H 372 -34.85 -39.60 -41.04
N TRP H 373 -34.02 -38.81 -41.72
CA TRP H 373 -34.44 -37.55 -42.27
C TRP H 373 -35.24 -37.70 -43.55
N TYR H 374 -35.23 -38.89 -44.15
CA TYR H 374 -35.86 -39.11 -45.46
C TYR H 374 -36.76 -40.33 -45.43
N SER H 375 -37.01 -40.86 -44.23
CA SER H 375 -37.85 -42.05 -44.09
C SER H 375 -39.33 -41.76 -44.23
N ALA H 376 -39.76 -40.56 -43.78
CA ALA H 376 -41.19 -40.25 -43.69
C ALA H 376 -41.90 -40.30 -45.04
N SER H 377 -43.05 -40.96 -45.08
CA SER H 377 -43.88 -40.95 -46.28
C SER H 377 -44.85 -39.76 -46.31
N GLY H 378 -44.81 -38.94 -45.27
CA GLY H 378 -45.66 -37.75 -45.17
C GLY H 378 -47.09 -37.99 -44.74
N TYR H 379 -47.42 -39.21 -44.30
CA TYR H 379 -48.79 -39.63 -43.91
C TYR H 379 -48.91 -40.02 -42.46
N GLU H 380 -47.90 -40.70 -41.95
CA GLU H 380 -47.98 -41.28 -40.62
C GLU H 380 -48.15 -40.20 -39.60
N THR H 381 -49.23 -40.32 -38.81
CA THR H 381 -49.43 -39.40 -37.73
C THR H 381 -50.07 -40.05 -36.51
N THR H 382 -49.89 -39.37 -35.39
CA THR H 382 -50.37 -39.81 -34.08
C THR H 382 -51.88 -39.64 -33.93
N GLN H 383 -52.40 -40.08 -32.79
CA GLN H 383 -53.84 -40.22 -32.59
C GLN H 383 -54.57 -38.87 -32.72
N ASP H 384 -54.01 -37.81 -32.16
CA ASP H 384 -54.68 -36.52 -32.15
C ASP H 384 -54.68 -35.87 -33.54
N GLY H 385 -54.02 -36.47 -34.50
CA GLY H 385 -54.01 -35.96 -35.84
C GLY H 385 -52.92 -34.95 -36.12
N PRO H 386 -52.79 -34.55 -37.40
CA PRO H 386 -51.66 -33.73 -37.79
C PRO H 386 -51.54 -32.39 -37.02
N THR H 387 -50.29 -31.99 -36.85
CA THR H 387 -49.90 -30.86 -36.02
C THR H 387 -50.09 -29.56 -36.84
N GLY H 388 -50.16 -29.70 -38.15
CA GLY H 388 -50.26 -28.56 -39.08
C GLY H 388 -50.78 -29.07 -40.41
N SER H 389 -50.22 -28.59 -41.51
CA SER H 389 -50.71 -29.00 -42.82
C SER H 389 -50.11 -30.33 -43.21
N LEU H 390 -50.56 -30.85 -44.35
CA LEU H 390 -49.90 -32.00 -44.90
C LEU H 390 -49.20 -31.58 -46.15
N ASN H 391 -48.06 -32.20 -46.40
CA ASN H 391 -47.26 -31.90 -47.54
C ASN H 391 -46.68 -33.16 -48.17
N ILE H 392 -46.14 -32.99 -49.36
CA ILE H 392 -45.32 -34.01 -49.97
C ILE H 392 -44.04 -33.97 -49.14
N SER H 393 -43.53 -35.13 -48.75
CA SER H 393 -42.35 -35.20 -47.89
C SER H 393 -41.07 -35.04 -48.70
N VAL H 394 -40.00 -34.70 -47.98
CA VAL H 394 -38.73 -34.47 -48.60
C VAL H 394 -38.23 -35.74 -49.28
N GLY H 395 -38.49 -36.89 -48.68
CA GLY H 395 -38.14 -38.16 -49.28
C GLY H 395 -38.85 -38.38 -50.59
N ALA H 396 -40.15 -38.18 -50.58
CA ALA H 396 -40.99 -38.34 -51.76
C ALA H 396 -40.55 -37.45 -52.92
N LYS H 397 -40.11 -36.23 -52.60
CA LYS H 397 -39.76 -35.22 -53.60
C LYS H 397 -38.48 -35.60 -54.29
N ILE H 398 -37.46 -35.92 -53.50
CA ILE H 398 -36.23 -36.52 -54.02
C ILE H 398 -36.48 -37.76 -54.88
N LEU H 399 -37.32 -38.68 -54.41
CA LEU H 399 -37.63 -39.90 -55.14
C LEU H 399 -38.27 -39.55 -56.50
N TYR H 400 -39.17 -38.57 -56.47
CA TYR H 400 -39.84 -38.11 -57.66
C TYR H 400 -38.85 -37.62 -58.72
N GLU H 401 -37.80 -36.93 -58.31
CA GLU H 401 -36.80 -36.48 -59.26
C GLU H 401 -36.13 -37.71 -59.89
N ALA H 402 -35.88 -38.74 -59.08
CA ALA H 402 -35.19 -39.94 -59.55
C ALA H 402 -36.07 -40.76 -60.48
N LEU H 403 -37.35 -40.75 -60.22
CA LEU H 403 -38.32 -41.40 -61.08
C LEU H 403 -38.45 -40.69 -62.44
N GLN H 404 -38.15 -39.40 -62.45
CA GLN H 404 -38.17 -38.60 -63.65
C GLN H 404 -36.95 -38.87 -64.52
N GLY H 405 -35.83 -39.16 -63.86
CA GLY H 405 -34.61 -39.51 -64.57
C GLY H 405 -34.00 -38.33 -65.29
N ASP H 406 -33.82 -38.46 -66.60
CA ASP H 406 -33.19 -37.39 -67.39
C ASP H 406 -34.12 -36.18 -67.57
N LYS H 407 -35.42 -36.35 -67.29
CA LYS H 407 -36.35 -35.24 -67.30
C LYS H 407 -36.18 -34.36 -66.06
N SER H 408 -35.37 -34.79 -65.08
CA SER H 408 -35.07 -33.95 -63.92
C SER H 408 -33.80 -33.21 -64.19
N PRO H 409 -33.79 -31.90 -63.92
CA PRO H 409 -32.58 -31.13 -64.00
C PRO H 409 -31.58 -31.40 -62.86
N ILE H 410 -31.89 -32.35 -61.97
CA ILE H 410 -31.00 -32.67 -60.87
C ILE H 410 -30.05 -33.82 -61.17
N PRO H 411 -28.74 -33.56 -61.03
CA PRO H 411 -27.72 -34.58 -61.32
C PRO H 411 -27.78 -35.73 -60.32
N GLN H 412 -28.00 -36.96 -60.80
CA GLN H 412 -28.08 -38.15 -59.93
C GLN H 412 -26.70 -38.74 -59.65
N ALA H 413 -25.98 -38.11 -58.72
CA ALA H 413 -24.67 -38.55 -58.29
C ALA H 413 -24.65 -40.04 -57.89
N VAL H 414 -25.52 -40.43 -56.99
CA VAL H 414 -25.74 -41.84 -56.65
C VAL H 414 -27.07 -42.30 -57.23
N ASP H 415 -27.09 -43.46 -57.88
CA ASP H 415 -28.34 -44.02 -58.35
C ASP H 415 -29.11 -44.53 -57.12
N LEU H 416 -30.32 -44.04 -56.95
CA LEU H 416 -31.17 -44.51 -55.87
C LEU H 416 -31.70 -45.95 -56.13
N PHE H 417 -31.78 -46.38 -57.38
CA PHE H 417 -32.32 -47.68 -57.70
C PHE H 417 -31.28 -48.82 -57.68
N GLY H 418 -30.08 -48.54 -57.16
CA GLY H 418 -29.01 -49.55 -56.98
C GLY H 418 -28.71 -50.45 -58.18
N GLY H 419 -28.57 -49.84 -59.36
CA GLY H 419 -28.14 -50.53 -60.56
C GLY H 419 -29.31 -50.98 -61.44
N LYS H 420 -30.30 -50.10 -61.55
CA LYS H 420 -31.49 -50.25 -62.43
C LYS H 420 -32.36 -51.34 -61.83
N PRO H 421 -33.57 -51.59 -62.40
CA PRO H 421 -34.52 -50.68 -63.09
C PRO H 421 -35.56 -50.17 -62.11
N GLN H 422 -36.15 -49.00 -62.37
CA GLN H 422 -37.23 -48.47 -61.51
C GLN H 422 -38.26 -49.56 -61.18
N GLN H 423 -38.81 -50.15 -62.24
CA GLN H 423 -39.94 -51.07 -62.15
C GLN H 423 -39.71 -52.19 -61.17
N GLU H 424 -38.44 -52.58 -61.00
CA GLU H 424 -38.08 -53.63 -60.06
C GLU H 424 -38.20 -53.17 -58.60
N VAL H 425 -37.68 -52.00 -58.29
CA VAL H 425 -37.81 -51.47 -56.93
C VAL H 425 -39.27 -51.12 -56.62
N ILE H 426 -39.95 -50.51 -57.59
CA ILE H 426 -41.36 -50.18 -57.43
C ILE H 426 -42.15 -51.44 -57.06
N LEU H 427 -41.98 -52.51 -57.82
CA LEU H 427 -42.67 -53.77 -57.57
C LEU H 427 -42.30 -54.38 -56.24
N ALA H 428 -41.06 -54.22 -55.81
CA ALA H 428 -40.64 -54.73 -54.50
C ALA H 428 -41.37 -54.03 -53.37
N ALA H 429 -41.50 -52.71 -53.47
CA ALA H 429 -42.20 -51.94 -52.45
C ALA H 429 -43.68 -52.27 -52.43
N LEU H 430 -44.25 -52.61 -53.58
CA LEU H 430 -45.68 -52.98 -53.63
C LEU H 430 -45.88 -54.30 -52.91
N ASP H 431 -44.90 -55.18 -53.06
CA ASP H 431 -44.92 -56.47 -52.39
C ASP H 431 -44.85 -56.29 -50.88
N ASP H 432 -43.99 -55.38 -50.41
CA ASP H 432 -43.98 -54.97 -48.99
C ASP H 432 -45.32 -54.41 -48.58
N ALA H 433 -45.81 -53.44 -49.35
CA ALA H 433 -47.07 -52.80 -49.04
C ALA H 433 -48.17 -53.86 -48.90
N TRP H 434 -48.21 -54.80 -49.83
CA TRP H 434 -49.23 -55.84 -49.76
C TRP H 434 -49.11 -56.73 -48.55
N GLN H 435 -47.89 -57.09 -48.19
CA GLN H 435 -47.67 -57.96 -47.05
C GLN H 435 -48.22 -57.28 -45.81
N THR H 436 -47.79 -56.05 -45.58
CA THR H 436 -48.15 -55.32 -44.37
C THR H 436 -49.63 -54.89 -44.30
N LEU H 437 -50.23 -54.60 -45.45
CA LEU H 437 -51.65 -54.21 -45.50
C LEU H 437 -52.59 -55.42 -45.47
N SER H 438 -52.17 -56.55 -46.05
CA SER H 438 -53.03 -57.73 -46.08
C SER H 438 -53.09 -58.34 -44.70
N LYS H 439 -52.06 -58.07 -43.91
CA LYS H 439 -52.02 -58.53 -42.52
C LYS H 439 -52.95 -57.71 -41.66
N ARG H 440 -53.04 -56.41 -41.94
CA ARG H 440 -53.79 -55.50 -41.07
C ARG H 440 -55.29 -55.48 -41.38
N TYR H 441 -55.66 -55.29 -42.64
CA TYR H 441 -57.08 -55.22 -43.00
C TYR H 441 -57.61 -56.46 -43.70
N GLY H 442 -56.77 -57.47 -43.91
CA GLY H 442 -57.22 -58.75 -44.49
C GLY H 442 -57.08 -58.82 -45.99
N ASN H 443 -57.40 -59.99 -46.56
CA ASN H 443 -57.06 -60.31 -47.97
C ASN H 443 -58.06 -59.85 -49.03
N ASP H 444 -59.23 -59.35 -48.62
CA ASP H 444 -60.17 -58.76 -49.55
C ASP H 444 -60.11 -57.23 -49.51
N VAL H 445 -59.56 -56.64 -50.56
CA VAL H 445 -59.38 -55.19 -50.67
C VAL H 445 -60.70 -54.41 -50.58
N THR H 446 -61.78 -54.97 -51.10
CA THR H 446 -63.07 -54.26 -51.10
C THR H 446 -63.72 -54.15 -49.71
N GLY H 447 -63.14 -54.81 -48.72
CA GLY H 447 -63.62 -54.69 -47.35
C GLY H 447 -62.72 -53.83 -46.49
N TRP H 448 -61.70 -53.21 -47.08
CA TRP H 448 -60.73 -52.47 -46.28
C TRP H 448 -61.31 -51.17 -45.71
N LYS H 449 -61.28 -51.06 -44.39
CA LYS H 449 -61.70 -49.88 -43.66
C LYS H 449 -60.49 -49.21 -43.04
N THR H 450 -59.87 -48.30 -43.78
CA THR H 450 -58.64 -47.70 -43.30
C THR H 450 -58.88 -46.48 -42.43
N PRO H 451 -58.09 -46.30 -41.36
CA PRO H 451 -58.27 -45.17 -40.41
C PRO H 451 -58.31 -43.80 -41.08
N ALA H 452 -59.39 -43.06 -40.89
CA ALA H 452 -59.42 -41.66 -41.27
C ALA H 452 -58.61 -40.80 -40.29
N MET H 453 -58.01 -39.71 -40.80
CA MET H 453 -57.21 -38.77 -39.98
C MET H 453 -58.11 -37.80 -39.23
N ALA H 454 -57.88 -37.67 -37.92
CA ALA H 454 -58.69 -36.78 -37.11
C ALA H 454 -58.02 -35.43 -36.98
N LEU H 455 -58.74 -34.49 -36.38
CA LEU H 455 -58.24 -33.12 -36.12
C LEU H 455 -58.51 -32.69 -34.69
N THR H 456 -57.64 -31.86 -34.12
CA THR H 456 -57.73 -31.45 -32.72
C THR H 456 -57.43 -29.95 -32.59
N PHE H 457 -58.06 -29.29 -31.63
CA PHE H 457 -57.71 -27.92 -31.33
C PHE H 457 -56.93 -27.94 -30.02
N ARG H 458 -55.62 -28.04 -30.13
CA ARG H 458 -54.81 -28.37 -28.98
C ARG H 458 -54.83 -27.26 -27.95
N ALA H 459 -54.81 -27.63 -26.67
CA ALA H 459 -54.80 -26.66 -25.58
C ALA H 459 -53.41 -26.04 -25.33
N ASN H 460 -52.44 -26.40 -26.16
CA ASN H 460 -51.09 -25.91 -26.02
C ASN H 460 -50.71 -25.14 -27.26
N ASN H 461 -50.01 -24.02 -27.08
CA ASN H 461 -49.61 -23.22 -28.21
C ASN H 461 -48.49 -23.93 -28.96
N PHE H 462 -48.06 -23.38 -30.09
CA PHE H 462 -47.09 -24.06 -30.95
C PHE H 462 -45.74 -24.33 -30.26
N PHE H 463 -45.35 -23.48 -29.30
CA PHE H 463 -44.16 -23.77 -28.47
C PHE H 463 -44.25 -25.03 -27.61
N GLY H 464 -45.45 -25.53 -27.40
CA GLY H 464 -45.65 -26.66 -26.52
C GLY H 464 -46.02 -26.25 -25.12
N VAL H 465 -46.39 -24.98 -24.96
CA VAL H 465 -46.73 -24.38 -23.67
C VAL H 465 -48.25 -24.27 -23.61
N PRO H 466 -48.85 -24.61 -22.47
CA PRO H 466 -50.30 -24.56 -22.38
C PRO H 466 -50.86 -23.13 -22.37
N GLN H 467 -51.99 -22.96 -23.08
CA GLN H 467 -52.66 -21.67 -23.19
C GLN H 467 -54.11 -21.84 -22.82
N ALA H 468 -54.41 -22.94 -22.14
CA ALA H 468 -55.76 -23.32 -21.75
C ALA H 468 -55.67 -24.60 -20.94
N ALA H 469 -56.76 -25.06 -20.34
CA ALA H 469 -56.70 -26.31 -19.59
C ALA H 469 -56.73 -27.48 -20.54
N ALA H 470 -56.10 -28.57 -20.14
CA ALA H 470 -56.09 -29.78 -20.97
C ALA H 470 -57.49 -30.16 -21.46
N LYS H 471 -58.51 -29.89 -20.63
CA LYS H 471 -59.93 -30.19 -20.95
C LYS H 471 -60.47 -29.44 -22.18
N GLU H 472 -59.92 -28.26 -22.46
CA GLU H 472 -60.49 -27.35 -23.46
C GLU H 472 -60.19 -27.78 -24.88
N ALA H 473 -59.38 -28.82 -25.03
CA ALA H 473 -59.10 -29.42 -26.34
C ALA H 473 -60.37 -29.87 -27.01
N ARG H 474 -60.54 -29.50 -28.27
CA ARG H 474 -61.75 -29.83 -29.04
C ARG H 474 -61.41 -30.79 -30.15
N HIS H 475 -62.32 -31.70 -30.47
CA HIS H 475 -62.10 -32.72 -31.46
C HIS H 475 -62.92 -32.45 -32.70
N GLN H 476 -62.48 -33.01 -33.81
CA GLN H 476 -63.19 -32.92 -35.08
C GLN H 476 -62.86 -34.18 -35.86
N ALA H 477 -63.88 -34.94 -36.22
CA ALA H 477 -63.64 -36.22 -36.85
C ALA H 477 -62.76 -36.06 -38.09
N GLU H 478 -63.07 -35.11 -38.97
CA GLU H 478 -62.38 -35.04 -40.26
C GLU H 478 -61.24 -34.03 -40.24
N TYR H 479 -60.00 -34.52 -40.27
CA TYR H 479 -58.86 -33.66 -40.58
C TYR H 479 -59.08 -33.05 -41.96
N GLN H 480 -58.72 -31.79 -42.08
CA GLN H 480 -58.88 -31.04 -43.31
C GLN H 480 -57.63 -30.25 -43.54
N ASN H 481 -57.04 -30.46 -44.72
CA ASN H 481 -55.77 -29.83 -45.04
C ASN H 481 -56.04 -28.42 -45.48
N ARG H 482 -56.23 -27.56 -44.49
CA ARG H 482 -56.68 -26.19 -44.75
C ARG H 482 -56.22 -25.24 -43.66
N GLY H 483 -56.49 -23.96 -43.89
CA GLY H 483 -56.02 -22.92 -43.02
C GLY H 483 -56.56 -23.06 -41.64
N THR H 484 -55.74 -22.68 -40.66
CA THR H 484 -56.17 -22.59 -39.28
C THR H 484 -57.45 -21.80 -39.22
N GLU H 485 -57.43 -20.65 -39.89
CA GLU H 485 -58.64 -19.93 -40.27
C GLU H 485 -58.72 -19.87 -41.81
N ASN H 486 -59.88 -19.53 -42.34
CA ASN H 486 -60.00 -19.17 -43.72
C ASN H 486 -60.68 -17.82 -43.77
N ASP H 487 -60.15 -16.91 -44.59
CA ASP H 487 -60.90 -15.69 -44.93
C ASP H 487 -61.06 -15.50 -46.44
N MET H 488 -62.15 -14.86 -46.84
CA MET H 488 -62.39 -14.48 -48.24
C MET H 488 -62.88 -13.04 -48.34
N ILE H 489 -62.29 -12.28 -49.25
CA ILE H 489 -62.75 -10.95 -49.63
C ILE H 489 -63.16 -10.99 -51.09
N VAL H 490 -64.31 -10.38 -51.41
CA VAL H 490 -64.85 -10.31 -52.78
C VAL H 490 -65.10 -8.87 -53.14
N PHE H 491 -64.48 -8.41 -54.22
CA PHE H 491 -64.52 -7.00 -54.61
C PHE H 491 -65.48 -6.73 -55.76
N SER H 492 -66.23 -5.64 -55.60
CA SER H 492 -67.22 -5.18 -56.55
C SER H 492 -68.15 -6.29 -57.00
N PRO H 493 -68.89 -6.88 -56.04
CA PRO H 493 -69.83 -7.92 -56.41
C PRO H 493 -70.97 -7.34 -57.24
N THR H 494 -71.33 -7.99 -58.36
CA THR H 494 -72.34 -7.43 -59.26
C THR H 494 -73.70 -7.29 -58.57
N SER H 495 -74.03 -8.24 -57.70
CA SER H 495 -75.27 -8.18 -56.92
C SER H 495 -75.02 -7.49 -55.57
N GLY H 496 -75.94 -6.61 -55.18
CA GLY H 496 -75.92 -6.00 -53.85
C GLY H 496 -75.50 -4.55 -53.84
N ASN H 497 -75.63 -3.94 -52.68
CA ASN H 497 -75.32 -2.54 -52.49
C ASN H 497 -73.90 -2.31 -51.96
N ARG H 498 -73.21 -3.40 -51.61
CA ARG H 498 -71.88 -3.29 -51.00
C ARG H 498 -70.72 -3.41 -52.01
N PRO H 499 -69.71 -2.54 -51.87
CA PRO H 499 -68.55 -2.60 -52.78
C PRO H 499 -67.67 -3.85 -52.53
N VAL H 500 -67.57 -4.25 -51.28
CA VAL H 500 -66.74 -5.36 -50.85
C VAL H 500 -67.53 -6.26 -49.89
N LEU H 501 -67.42 -7.56 -50.05
CA LEU H 501 -68.04 -8.51 -49.14
C LEU H 501 -66.97 -9.39 -48.52
N ALA H 502 -66.91 -9.46 -47.20
CA ALA H 502 -65.88 -10.27 -46.55
C ALA H 502 -66.51 -11.35 -45.65
N TRP H 503 -65.79 -12.46 -45.52
CA TRP H 503 -66.17 -13.57 -44.68
C TRP H 503 -64.94 -14.15 -44.04
N ASP H 504 -65.09 -14.80 -42.89
CA ASP H 504 -64.03 -15.60 -42.32
C ASP H 504 -64.58 -16.56 -41.28
N VAL H 505 -63.70 -17.31 -40.61
CA VAL H 505 -64.10 -18.29 -39.61
C VAL H 505 -62.97 -18.52 -38.59
N VAL H 506 -63.18 -18.07 -37.37
CA VAL H 506 -62.22 -18.14 -36.27
C VAL H 506 -62.73 -19.17 -35.26
N ALA H 507 -62.39 -20.44 -35.49
CA ALA H 507 -62.79 -21.54 -34.62
C ALA H 507 -61.74 -21.75 -33.53
N PRO H 508 -62.15 -22.18 -32.33
CA PRO H 508 -63.51 -22.58 -31.94
C PRO H 508 -64.52 -21.41 -31.89
N GLY H 509 -64.03 -20.25 -31.43
CA GLY H 509 -64.81 -19.04 -31.36
C GLY H 509 -63.94 -17.83 -31.05
N GLN H 510 -64.55 -16.67 -30.98
CA GLN H 510 -63.86 -15.41 -30.74
C GLN H 510 -63.29 -15.34 -29.32
N SER H 511 -64.01 -15.86 -28.33
CA SER H 511 -63.61 -15.75 -26.91
C SER H 511 -62.92 -17.01 -26.35
N GLY H 512 -62.04 -16.79 -25.39
CA GLY H 512 -61.40 -17.89 -24.65
C GLY H 512 -61.73 -17.81 -23.17
N PHE H 513 -62.73 -17.02 -22.82
CA PHE H 513 -63.04 -16.73 -21.44
C PHE H 513 -63.86 -17.82 -20.77
N ILE H 514 -63.41 -18.24 -19.59
CA ILE H 514 -64.15 -19.09 -18.68
C ILE H 514 -64.11 -18.47 -17.29
N ALA H 515 -65.31 -18.26 -16.73
CA ALA H 515 -65.46 -17.54 -15.47
C ALA H 515 -65.01 -18.45 -14.34
N PRO H 516 -64.65 -17.89 -13.17
CA PRO H 516 -64.20 -18.75 -12.06
C PRO H 516 -65.15 -19.90 -11.74
N ASP H 517 -66.45 -19.71 -11.93
CA ASP H 517 -67.40 -20.79 -11.67
C ASP H 517 -67.42 -21.76 -12.83
N GLY H 518 -66.67 -21.43 -13.87
CA GLY H 518 -66.41 -22.36 -14.95
C GLY H 518 -67.37 -22.14 -16.11
N LYS H 519 -68.06 -21.00 -16.09
CA LYS H 519 -69.06 -20.68 -17.09
C LYS H 519 -68.37 -20.12 -18.32
N ALA H 520 -68.58 -20.81 -19.44
CA ALA H 520 -67.99 -20.42 -20.69
C ALA H 520 -68.75 -19.26 -21.32
N ASP H 521 -68.03 -18.34 -21.97
CA ASP H 521 -68.61 -17.21 -22.70
C ASP H 521 -69.50 -17.71 -23.85
N LYS H 522 -70.45 -16.86 -24.23
CA LYS H 522 -71.39 -17.14 -25.29
C LYS H 522 -70.64 -17.52 -26.59
N HIS H 523 -69.49 -16.87 -26.82
CA HIS H 523 -68.68 -16.97 -28.04
C HIS H 523 -67.39 -17.75 -27.83
N TYR H 524 -67.45 -18.70 -26.90
CA TYR H 524 -66.36 -19.63 -26.64
C TYR H 524 -66.26 -20.73 -27.70
N ASP H 525 -67.32 -20.97 -28.44
CA ASP H 525 -67.43 -22.25 -29.17
C ASP H 525 -68.32 -22.22 -30.40
N ASP H 526 -68.84 -21.04 -30.74
CA ASP H 526 -69.93 -20.87 -31.72
C ASP H 526 -69.49 -20.84 -33.19
N GLN H 527 -68.20 -20.98 -33.44
CA GLN H 527 -67.69 -21.12 -34.81
C GLN H 527 -67.11 -22.51 -35.08
N LEU H 528 -67.07 -23.35 -34.04
CA LEU H 528 -66.47 -24.66 -34.09
C LEU H 528 -67.17 -25.67 -34.99
N LYS H 529 -68.49 -25.59 -35.10
CA LYS H 529 -69.24 -26.42 -36.06
C LYS H 529 -69.23 -25.79 -37.43
N MET H 530 -69.09 -24.48 -37.46
CA MET H 530 -69.04 -23.72 -38.70
C MET H 530 -67.77 -24.10 -39.44
N TYR H 531 -66.65 -24.08 -38.72
CA TYR H 531 -65.37 -24.54 -39.29
C TYR H 531 -65.43 -25.92 -39.96
N GLU H 532 -65.92 -26.90 -39.21
CA GLU H 532 -66.01 -28.28 -39.67
C GLU H 532 -66.81 -28.48 -40.97
N SER H 533 -67.80 -27.63 -41.22
CA SER H 533 -68.70 -27.77 -42.36
C SER H 533 -68.36 -26.84 -43.52
N PHE H 534 -67.20 -26.18 -43.45
CA PHE H 534 -66.76 -25.20 -44.46
C PHE H 534 -67.68 -23.96 -44.51
N GLY H 535 -68.32 -23.68 -43.39
CA GLY H 535 -69.13 -22.48 -43.30
C GLY H 535 -68.29 -21.24 -43.05
N ARG H 536 -68.97 -20.12 -42.90
CA ARG H 536 -68.33 -18.82 -42.72
C ARG H 536 -69.30 -17.78 -42.23
N LYS H 537 -68.79 -16.80 -41.50
CA LYS H 537 -69.58 -15.70 -40.98
C LYS H 537 -69.16 -14.46 -41.74
N SER H 538 -69.98 -13.42 -41.70
CA SER H 538 -69.68 -12.19 -42.41
C SER H 538 -68.80 -11.29 -41.58
N LEU H 539 -67.91 -10.57 -42.25
CA LEU H 539 -67.10 -9.52 -41.65
C LEU H 539 -67.73 -8.21 -42.03
N TRP H 540 -67.90 -7.33 -41.04
CA TRP H 540 -68.57 -6.05 -41.25
C TRP H 540 -67.52 -4.99 -41.22
N LEU H 541 -67.69 -3.99 -42.07
CA LEU H 541 -66.77 -2.85 -42.12
C LEU H 541 -67.47 -1.53 -41.87
N THR H 542 -68.52 -1.26 -42.64
CA THR H 542 -69.27 0.02 -42.58
C THR H 542 -70.03 0.21 -41.27
N PRO H 543 -70.20 1.47 -40.82
CA PRO H 543 -70.89 1.78 -39.53
C PRO H 543 -72.34 1.29 -39.43
N GLN H 544 -73.05 1.24 -40.56
CA GLN H 544 -74.39 0.70 -40.59
C GLN H 544 -74.33 -0.78 -40.32
N ASP H 545 -73.62 -1.52 -41.17
CA ASP H 545 -73.49 -2.96 -41.01
C ASP H 545 -73.10 -3.34 -39.59
N VAL H 546 -72.15 -2.60 -39.02
CA VAL H 546 -71.68 -2.86 -37.65
C VAL H 546 -72.80 -2.67 -36.64
N ASP H 547 -73.43 -1.49 -36.70
CA ASP H 547 -74.51 -1.15 -35.79
C ASP H 547 -75.73 -2.05 -35.95
N GLU H 548 -76.05 -2.40 -37.19
CA GLU H 548 -77.20 -3.26 -37.45
C GLU H 548 -77.01 -4.64 -36.86
N HIS H 549 -75.77 -5.07 -36.67
CA HIS H 549 -75.49 -6.39 -36.09
C HIS H 549 -74.82 -6.31 -34.72
N LYS H 550 -74.96 -5.20 -34.02
CA LYS H 550 -74.37 -5.06 -32.69
C LYS H 550 -75.05 -6.02 -31.73
N GLU H 551 -74.28 -6.63 -30.85
CA GLU H 551 -74.85 -7.42 -29.76
C GLU H 551 -74.60 -6.69 -28.45
N SER H 552 -73.54 -5.89 -28.40
CA SER H 552 -73.26 -5.06 -27.21
C SER H 552 -72.53 -3.82 -27.64
N GLN H 553 -72.51 -2.82 -26.77
CA GLN H 553 -71.87 -1.54 -27.08
C GLN H 553 -71.42 -0.85 -25.81
N GLU H 554 -70.13 -0.59 -25.72
CA GLU H 554 -69.51 -0.02 -24.53
C GLU H 554 -68.76 1.24 -24.95
N VAL H 555 -68.72 2.22 -24.06
CA VAL H 555 -68.06 3.47 -24.33
C VAL H 555 -67.18 3.77 -23.14
N LEU H 556 -65.88 3.93 -23.38
CA LEU H 556 -64.96 4.33 -22.33
C LEU H 556 -64.54 5.78 -22.50
N GLN H 557 -64.09 6.39 -21.40
CA GLN H 557 -63.43 7.69 -21.46
C GLN H 557 -62.00 7.42 -21.04
N VAL H 558 -61.06 7.66 -21.95
CA VAL H 558 -59.65 7.38 -21.70
C VAL H 558 -58.87 8.68 -21.62
N GLN H 559 -58.15 8.83 -20.53
CA GLN H 559 -57.42 10.05 -20.30
C GLN H 559 -55.96 9.78 -20.62
N ARG H 560 -55.20 10.85 -20.84
CA ARG H 560 -53.82 10.70 -21.29
C ARG H 560 -53.05 12.02 -21.19
#